data_7PC2
#
_entry.id   7PC2
#
_cell.length_a   1.00
_cell.length_b   1.00
_cell.length_c   1.00
_cell.angle_alpha   90.00
_cell.angle_beta   90.00
_cell.angle_gamma   90.00
#
_symmetry.space_group_name_H-M   'P 1'
#
loop_
_entity.id
_entity.type
_entity.pdbx_description
1 polymer '7-269 IgA Fab heavy chain'
2 polymer '7-269 IgA Fab light chain'
3 polymer 'gp120, BG505 SOSIP.664 T332N'
4 polymer 'gp41 BG505 T332N SOSIP.664'
5 polymer '3BNC IgG Fab heavy chain'
6 polymer '3BNC117 IgG Fab light chain'
7 branched 2-acetamido-2-deoxy-beta-D-glucopyranose-(1-4)-2-acetamido-2-deoxy-beta-D-glucopyranose
8 branched alpha-D-mannopyranose-(1-2)-alpha-D-mannopyranose-(1-6)-[alpha-D-mannopyranose-(1-3)]alpha-D-mannopyranose-(1-6)-[alpha-D-mannopyranose-(1-2)-alpha-D-mannopyranose-(1-3)]beta-D-mannopyranose-(1-4)-2-acetamido-2-deoxy-beta-D-glucopyranose-(1-4)-2-acetamido-2-deoxy-beta-D-glucopyranose
9 branched alpha-D-mannopyranose-(1-2)-alpha-D-mannopyranose-(1-3)-[alpha-D-mannopyranose-(1-3)-[alpha-D-mannopyranose-(1-6)]alpha-D-mannopyranose-(1-6)]beta-D-mannopyranose-(1-4)-2-acetamido-2-deoxy-beta-D-glucopyranose-(1-4)-2-acetamido-2-deoxy-beta-D-glucopyranose
10 branched beta-D-mannopyranose-(1-4)-2-acetamido-2-deoxy-beta-D-glucopyranose-(1-4)-2-acetamido-2-deoxy-beta-D-glucopyranose
11 branched alpha-D-mannopyranose-(1-2)-alpha-D-mannopyranose-(1-2)-alpha-D-mannopyranose-(1-3)-[alpha-D-mannopyranose-(1-2)-alpha-D-mannopyranose-(1-3)-[alpha-D-mannopyranose-(1-2)-alpha-D-mannopyranose-(1-6)]alpha-D-mannopyranose-(1-6)]beta-D-mannopyranose-(1-4)-2-acetamido-2-deoxy-beta-D-glucopyranose-(1-4)-2-acetamido-2-deoxy-beta-D-glucopyranose
12 branched alpha-D-mannopyranose-(1-2)-alpha-D-mannopyranose-(1-3)-alpha-D-mannopyranose-(1-6)-[alpha-D-mannopyranose-(1-3)]beta-D-mannopyranose-(1-4)-2-acetamido-2-deoxy-beta-D-glucopyranose-(1-4)-2-acetamido-2-deoxy-beta-D-glucopyranose
13 branched alpha-D-mannopyranose-(1-3)-[alpha-D-mannopyranose-(1-6)]beta-D-mannopyranose-(1-4)-2-acetamido-2-deoxy-beta-D-glucopyranose-(1-4)-2-acetamido-2-deoxy-beta-D-glucopyranose
14 branched alpha-D-mannopyranose-(1-2)-alpha-D-mannopyranose-(1-3)-alpha-D-mannopyranose-(1-6)-[alpha-D-mannopyranose-(1-2)-alpha-D-mannopyranose-(1-3)]beta-D-mannopyranose-(1-4)-2-acetamido-2-deoxy-beta-D-glucopyranose-(1-4)-2-acetamido-2-deoxy-beta-D-glucopyranose
15 non-polymer 2-acetamido-2-deoxy-beta-D-glucopyranose
#
loop_
_entity_poly.entity_id
_entity_poly.type
_entity_poly.pdbx_seq_one_letter_code
_entity_poly.pdbx_strand_id
1 'polypeptide(L)'
;QMQLVESGGGVVQPGRSLRLSCAASRFDFNRFGMHWVRQAPGKGLEWVAYMSYDGGDRYYADSVKGRFTISRDNSKSTLH
LQMDSLRPEDTAVYYCAKDDILGDCSTSHCYWGYYYQGMDVWGHGTTVTVSSASTTSPKVFPLSLCSTQPDGNVVIACLV
QGFFPQEPLSVTWSESGQGVTARNFPPSQDASGDLYTTSSQLTLPATQCLAGKSVTCHVKHYTNPSQDVTVPCPHHHHHH
;
O,M,Q
2 'polypeptide(L)'
;EIVMTQSPDTLSVSPGERVTLSCRASQSVGSNLVWYQQKPGQSTRVLIYGASTRAATVPARFSGGGSGTEFTLTISSVQS
EDFAVYYCYHYNNWPRGSFGQGTKLEIKRTVAAPSVFIFPPSDEQLKSGTASVVCLLNNFYPREAKVQWKVDNALQSGNS
QESVTEQDSKDSTYSLSSTLTLSKADYEKHKVYACEVTHQGLSSPVTKSFNRGEC
;
P,N,R
3 'polypeptide(L)'
;AENLWVTVYYGVPVWKDAETTLFCASDAKAYETEKHNVWATHACVPTDPNPQEIHLENVTEEFNMWKNNMVEQMHTDIIS
LWDQSLKPCVKLTPLCVTLQCTNVTNNITDDMRGELKNCSFNMTTELRDKKQKVYSLFYRLDVVQINENQGNRSNNSNKE
YRLINCNTSAITQACPKVSFEPIPIHYCAPAGFAILKCKDKKFNGTGPCPSVSTVQCTHGIKPVVSTQLLLNGSLAEEEV
MIRSENITNNAKNILVQFNTPVQINCTRPNNNTRKSIRIGPGQAFYATGDIIGDIRQAHCNVSKATWNETLGKVVKQLRK
HFGNNTIIRFANSSGGDLEVTTHSFNCGGEFFYCNTSGLFNSTWISNTSVQGSNSTGSNDSITLPCRIKQIINMWQRIGQ
AMYAPPIQGVIRCVSNITGLILTRDGGSTNSTTETFRPGGGDMRDNWRSELYKYKVVKIEPLGVAPTRCKRRVVGRRRRR
R
;
A,B,C
4 'polypeptide(L)'
;AVGIGAVFLGFLGAAGSTMGAASMTLTVQARNLLSGIVQQQSNLLRAPEAQQHLLKLTVWGIKQLQARVLAVERYLRDQQ
LLGIWGCSGKLICCTNVPWNSSWSNRNLSEIWDNMTWLQWDKEISNYTQIIYGLLEESQNQQEKNEQDLLALD
;
D,E,F
5 'polypeptide(L)'
;QVQLLQSGAAVTKPGASVRVSCEASGYNIRDYFIHWWRQAPGQGLQWVGWINPKTGQPNNPRQFQGRVSLTRHASWDFDT
YSFYMDLKALRSDDTAVYFCARQRSDYWDFDVWGSGTQVTVSSASTKGPSVFPLAPSSKSTSGGTAALGCLVKDYFPEPV
TVSWNSGALTSGVHTFPAVLQSSGLYSLSSVVTVPSSSLGTQTYICNVNHKPSNTKVDKKVEPKSC
;
K,G,I
6 'polypeptide(L)'
;DIQMTQSPSSLSASVGDTVTITCQANGYLNWYQQRRGKAPKLLIYDGSKLERGVPSRFSGRRWGQEYNLTINNLQPEDIA
TYFCQVYEFVVPGTRLDLKRTVAAPSVFIFPPSDEQLKSGTASVVCLLNNFYPREAKVQWKVDNALQSGNSQESVTEQDS
KDSTYSLSSTLTLSKADYEKHKVYACEVTHQGLSSPVTKSFNRGEC
;
L,H,J
#
# COMPACT_ATOMS: atom_id res chain seq x y z
N GLN A 1 -16.08 31.64 56.54
CA GLN A 1 -15.16 31.44 55.41
C GLN A 1 -14.07 30.44 55.78
N MET A 2 -14.38 29.16 55.59
CA MET A 2 -13.47 28.07 55.92
C MET A 2 -13.04 28.15 57.39
N GLN A 3 -14.04 28.01 58.25
CA GLN A 3 -13.83 28.04 59.70
C GLN A 3 -14.54 26.88 60.35
N LEU A 4 -14.16 26.59 61.58
CA LEU A 4 -14.77 25.53 62.37
C LEU A 4 -15.42 26.15 63.60
N VAL A 5 -16.44 25.48 64.13
CA VAL A 5 -17.11 25.91 65.35
C VAL A 5 -17.03 24.79 66.37
N GLU A 6 -17.01 25.17 67.65
CA GLU A 6 -16.87 24.23 68.74
C GLU A 6 -18.12 24.26 69.62
N SER A 7 -18.52 23.09 70.12
CA SER A 7 -19.73 22.97 70.93
C SER A 7 -19.49 22.00 72.08
N GLY A 8 -20.01 22.37 73.24
CA GLY A 8 -19.85 21.60 74.46
C GLY A 8 -19.13 22.40 75.53
N GLY A 9 -18.72 21.68 76.58
CA GLY A 9 -17.92 22.27 77.63
C GLY A 9 -18.71 23.06 78.65
N GLY A 10 -18.26 23.03 79.90
CA GLY A 10 -18.94 23.74 80.97
C GLY A 10 -18.30 23.52 82.32
N VAL A 11 -19.11 23.27 83.34
CA VAL A 11 -18.62 23.01 84.69
C VAL A 11 -18.98 21.58 85.06
N VAL A 12 -17.96 20.79 85.45
CA VAL A 12 -18.14 19.41 85.88
C VAL A 12 -17.14 19.12 86.99
N GLN A 13 -17.52 18.24 87.90
CA GLN A 13 -16.64 17.76 88.95
C GLN A 13 -15.91 16.50 88.46
N PRO A 14 -14.83 16.10 89.15
CA PRO A 14 -14.10 14.90 88.71
C PRO A 14 -14.98 13.67 88.68
N GLY A 15 -14.46 12.62 88.04
CA GLY A 15 -15.19 11.37 87.93
C GLY A 15 -16.38 11.42 87.01
N ARG A 16 -16.37 12.29 85.99
CA ARG A 16 -17.47 12.38 85.05
C ARG A 16 -16.98 12.22 83.63
N SER A 17 -17.87 12.41 82.65
CA SER A 17 -17.54 12.21 81.25
C SER A 17 -18.23 13.25 80.40
N LEU A 18 -17.52 13.77 79.41
CA LEU A 18 -18.01 14.78 78.48
C LEU A 18 -17.89 14.28 77.05
N ARG A 19 -18.44 15.05 76.12
CA ARG A 19 -18.30 14.76 74.70
C ARG A 19 -18.41 16.07 73.95
N LEU A 20 -17.29 16.54 73.40
CA LEU A 20 -17.25 17.81 72.70
C LEU A 20 -17.31 17.60 71.19
N SER A 21 -17.78 18.62 70.49
CA SER A 21 -18.05 18.51 69.06
C SER A 21 -17.41 19.67 68.33
N CYS A 22 -16.94 19.43 67.11
CA CYS A 22 -16.37 20.46 66.26
C CYS A 22 -16.97 20.31 64.87
N ALA A 23 -17.65 21.35 64.40
CA ALA A 23 -18.36 21.32 63.13
C ALA A 23 -17.61 22.14 62.09
N ALA A 24 -17.39 21.54 60.92
CA ALA A 24 -16.70 22.19 59.82
C ALA A 24 -17.72 22.86 58.91
N SER A 25 -17.33 23.99 58.31
CA SER A 25 -18.28 24.82 57.60
C SER A 25 -18.32 24.54 56.10
N ARG A 26 -17.23 24.78 55.39
CA ARG A 26 -17.31 24.90 53.93
C ARG A 26 -16.32 24.03 53.16
N PHE A 27 -15.08 23.90 53.62
CA PHE A 27 -14.04 23.36 52.75
C PHE A 27 -14.28 21.90 52.37
N ASP A 28 -14.16 20.99 53.34
CA ASP A 28 -14.33 19.56 53.12
C ASP A 28 -14.09 18.83 54.43
N PHE A 29 -14.57 17.59 54.55
CA PHE A 29 -14.24 16.83 55.75
C PHE A 29 -13.95 15.37 55.43
N ASN A 30 -13.46 15.10 54.23
CA ASN A 30 -13.15 13.73 53.88
C ASN A 30 -11.77 13.59 53.24
N ARG A 31 -10.96 14.64 53.25
CA ARG A 31 -9.66 14.63 52.60
C ARG A 31 -8.56 15.08 53.54
N PHE A 32 -8.93 15.49 54.75
CA PHE A 32 -7.98 16.10 55.68
C PHE A 32 -8.01 15.39 57.03
N GLY A 33 -6.88 15.39 57.71
CA GLY A 33 -6.79 14.93 59.08
C GLY A 33 -6.97 16.09 60.03
N MET A 34 -7.49 15.80 61.22
CA MET A 34 -7.84 16.84 62.17
C MET A 34 -7.07 16.65 63.47
N HIS A 35 -7.00 17.73 64.25
CA HIS A 35 -6.34 17.73 65.54
C HIS A 35 -7.24 18.31 66.61
N TRP A 36 -7.05 17.84 67.84
CA TRP A 36 -7.58 18.45 69.05
C TRP A 36 -6.39 18.91 69.88
N VAL A 37 -6.37 20.19 70.23
CA VAL A 37 -5.25 20.80 70.94
C VAL A 37 -5.78 21.63 72.10
N ARG A 38 -5.15 21.48 73.26
CA ARG A 38 -5.61 22.15 74.46
C ARG A 38 -4.52 23.05 75.03
N GLN A 39 -4.96 23.99 75.86
CA GLN A 39 -4.04 24.91 76.54
C GLN A 39 -4.59 25.18 77.94
N ALA A 40 -3.77 24.94 78.95
CA ALA A 40 -4.12 25.20 80.33
C ALA A 40 -3.90 26.66 80.68
N PRO A 41 -4.68 27.22 81.60
CA PRO A 41 -4.47 28.62 82.01
C PRO A 41 -3.08 28.81 82.62
N GLY A 42 -2.40 29.85 82.17
CA GLY A 42 -1.06 30.15 82.64
C GLY A 42 0.04 29.34 81.98
N LYS A 43 -0.28 28.50 81.01
CA LYS A 43 0.67 27.64 80.34
C LYS A 43 0.60 27.84 78.82
N GLY A 44 1.32 27.00 78.08
CA GLY A 44 1.28 26.99 76.64
C GLY A 44 0.36 25.91 76.10
N LEU A 45 0.30 25.83 74.78
CA LEU A 45 -0.57 24.84 74.15
C LEU A 45 0.03 23.44 74.29
N GLU A 46 -0.79 22.46 73.94
CA GLU A 46 -0.33 21.08 73.90
C GLU A 46 -1.25 20.27 73.00
N TRP A 47 -0.65 19.54 72.07
CA TRP A 47 -1.38 18.64 71.18
C TRP A 47 -1.90 17.46 71.98
N VAL A 48 -3.20 17.18 71.84
CA VAL A 48 -3.84 16.11 72.60
C VAL A 48 -4.30 14.97 71.71
N ALA A 49 -4.74 15.25 70.48
CA ALA A 49 -5.27 14.17 69.67
C ALA A 49 -5.10 14.50 68.19
N TYR A 50 -4.89 13.45 67.40
CA TYR A 50 -4.87 13.55 65.95
C TYR A 50 -5.69 12.40 65.35
N MET A 51 -6.43 12.72 64.30
CA MET A 51 -7.23 11.71 63.61
C MET A 51 -7.03 11.84 62.11
N SER A 52 -6.97 10.71 61.43
CA SER A 52 -6.76 10.68 59.98
C SER A 52 -8.00 11.19 59.25
N TYR A 53 -7.91 11.19 57.91
CA TYR A 53 -9.02 11.69 57.10
C TYR A 53 -10.10 10.64 56.94
N ASP A 54 -9.72 9.37 56.77
CA ASP A 54 -10.67 8.28 56.66
C ASP A 54 -10.84 7.52 57.97
N GLY A 55 -10.13 7.91 59.01
CA GLY A 55 -10.21 7.21 60.28
C GLY A 55 -9.35 5.97 60.38
N GLY A 56 -8.41 5.78 59.45
CA GLY A 56 -7.57 4.60 59.51
C GLY A 56 -6.51 4.65 60.59
N ASP A 57 -6.32 5.80 61.21
CA ASP A 57 -5.34 5.94 62.28
C ASP A 57 -5.79 7.00 63.25
N ARG A 58 -5.55 6.75 64.54
CA ARG A 58 -5.85 7.69 65.61
C ARG A 58 -4.67 7.72 66.58
N TYR A 59 -4.28 8.91 67.02
CA TYR A 59 -3.18 9.05 67.95
C TYR A 59 -3.54 10.01 69.06
N TYR A 60 -3.06 9.72 70.26
CA TYR A 60 -3.27 10.57 71.43
C TYR A 60 -1.95 10.74 72.17
N ALA A 61 -1.81 11.89 72.81
CA ALA A 61 -0.69 12.06 73.73
C ALA A 61 -0.88 11.16 74.94
N ASP A 62 0.21 10.90 75.66
CA ASP A 62 0.13 9.91 76.74
C ASP A 62 -0.57 10.48 77.97
N SER A 63 -0.60 11.80 78.12
CA SER A 63 -1.29 12.41 79.25
C SER A 63 -2.76 12.04 79.27
N VAL A 64 -3.42 12.06 78.11
CA VAL A 64 -4.82 11.70 78.02
C VAL A 64 -4.99 10.30 77.41
N LYS A 65 -3.95 9.47 77.50
CA LYS A 65 -4.00 8.12 76.95
C LYS A 65 -5.04 7.27 77.69
N GLY A 66 -5.85 6.56 76.92
CA GLY A 66 -6.81 5.63 77.49
C GLY A 66 -8.18 6.20 77.75
N ARG A 67 -8.26 7.26 78.57
CA ARG A 67 -9.53 7.83 78.98
C ARG A 67 -10.14 8.75 77.92
N PHE A 68 -9.51 8.89 76.77
CA PHE A 68 -10.00 9.74 75.70
C PHE A 68 -10.25 8.91 74.45
N THR A 69 -11.22 9.34 73.64
CA THR A 69 -11.51 8.66 72.39
C THR A 69 -11.96 9.68 71.36
N ILE A 70 -11.31 9.67 70.21
CA ILE A 70 -11.61 10.63 69.14
C ILE A 70 -12.33 9.89 68.02
N SER A 71 -13.21 10.61 67.33
CA SER A 71 -13.86 10.03 66.16
C SER A 71 -14.41 11.18 65.31
N ARG A 72 -14.91 10.81 64.13
CA ARG A 72 -15.43 11.81 63.20
C ARG A 72 -16.53 11.16 62.37
N ASP A 73 -17.31 12.01 61.71
CA ASP A 73 -18.24 11.56 60.67
C ASP A 73 -18.25 12.64 59.60
N ASN A 74 -18.00 12.22 58.35
CA ASN A 74 -17.85 13.17 57.25
C ASN A 74 -19.19 13.61 56.69
N SER A 75 -20.16 12.70 56.60
CA SER A 75 -21.46 13.05 56.02
C SER A 75 -22.12 14.19 56.78
N LYS A 76 -21.97 14.21 58.10
CA LYS A 76 -22.42 15.33 58.90
C LYS A 76 -21.33 16.39 59.08
N SER A 77 -20.10 16.08 58.68
CA SER A 77 -18.98 17.03 58.75
C SER A 77 -18.73 17.49 60.18
N THR A 78 -18.39 16.53 61.03
CA THR A 78 -18.22 16.82 62.45
C THR A 78 -17.18 15.89 63.04
N LEU A 79 -16.47 16.40 64.04
CA LEU A 79 -15.41 15.67 64.75
C LEU A 79 -15.74 15.70 66.24
N HIS A 80 -15.92 14.51 66.83
CA HIS A 80 -16.30 14.38 68.22
C HIS A 80 -15.16 13.81 69.05
N LEU A 81 -15.09 14.26 70.31
CA LEU A 81 -14.10 13.75 71.25
C LEU A 81 -14.80 13.44 72.57
N GLN A 82 -14.68 12.19 73.01
CA GLN A 82 -15.25 11.74 74.28
C GLN A 82 -14.14 11.68 75.32
N MET A 83 -14.38 12.33 76.46
CA MET A 83 -13.37 12.46 77.52
C MET A 83 -13.97 11.97 78.83
N ASP A 84 -13.43 10.87 79.36
CA ASP A 84 -13.92 10.29 80.60
C ASP A 84 -12.83 10.33 81.67
N SER A 85 -13.23 10.08 82.92
CA SER A 85 -12.32 10.03 84.07
C SER A 85 -11.53 11.34 84.20
N LEU A 86 -12.26 12.42 84.46
CA LEU A 86 -11.64 13.73 84.52
C LEU A 86 -10.74 13.84 85.74
N ARG A 87 -9.81 14.79 85.67
CA ARG A 87 -8.85 15.06 86.74
C ARG A 87 -8.64 16.56 86.81
N PRO A 88 -8.38 17.10 88.00
CA PRO A 88 -8.30 18.56 88.15
C PRO A 88 -7.18 19.22 87.36
N GLU A 89 -6.40 18.45 86.61
CA GLU A 89 -5.35 18.98 85.76
C GLU A 89 -5.80 19.14 84.31
N ASP A 90 -7.06 18.81 84.01
CA ASP A 90 -7.61 18.96 82.67
C ASP A 90 -8.47 20.21 82.53
N THR A 91 -8.33 21.17 83.44
CA THR A 91 -9.02 22.45 83.30
C THR A 91 -8.26 23.30 82.29
N ALA A 92 -8.88 23.56 81.15
CA ALA A 92 -8.15 24.15 80.02
C ALA A 92 -9.14 24.50 78.91
N VAL A 93 -8.61 25.15 77.88
CA VAL A 93 -9.38 25.48 76.69
C VAL A 93 -8.98 24.51 75.57
N TYR A 94 -9.94 24.19 74.70
CA TYR A 94 -9.74 23.19 73.66
C TYR A 94 -10.12 23.77 72.30
N TYR A 95 -9.28 23.50 71.29
CA TYR A 95 -9.53 23.90 69.92
C TYR A 95 -9.38 22.70 68.99
N CYS A 96 -10.07 22.79 67.85
CA CYS A 96 -9.90 21.84 66.75
C CYS A 96 -9.22 22.54 65.59
N ALA A 97 -8.27 21.85 64.96
CA ALA A 97 -7.47 22.43 63.89
C ALA A 97 -7.39 21.45 62.72
N LYS A 98 -7.12 22.00 61.54
CA LYS A 98 -7.05 21.22 60.31
C LYS A 98 -5.62 21.13 59.82
N ASP A 99 -5.36 20.11 59.00
CA ASP A 99 -4.02 19.88 58.46
C ASP A 99 -3.90 20.47 57.06
N ASP A 100 -2.85 21.26 56.84
CA ASP A 100 -2.63 21.92 55.55
C ASP A 100 -1.90 20.97 54.61
N ILE A 101 -2.48 19.79 54.44
CA ILE A 101 -1.97 18.78 53.51
C ILE A 101 -3.08 17.77 53.27
N LEU A 102 -3.24 17.37 52.01
CA LEU A 102 -4.24 16.38 51.68
C LEU A 102 -3.86 15.03 52.27
N GLY A 103 -4.87 14.20 52.57
CA GLY A 103 -4.61 12.98 53.29
C GLY A 103 -4.14 11.84 52.40
N ASP A 104 -4.86 11.58 51.31
CA ASP A 104 -4.56 10.43 50.49
C ASP A 104 -3.18 10.53 49.85
N CYS A 105 -2.72 11.74 49.53
CA CYS A 105 -1.40 11.91 48.94
C CYS A 105 -0.27 11.91 49.96
N SER A 106 -0.58 12.18 51.24
CA SER A 106 0.42 12.59 52.21
C SER A 106 1.55 11.58 52.43
N THR A 107 1.50 10.44 51.74
CA THR A 107 2.57 9.47 51.83
C THR A 107 3.09 8.97 50.48
N SER A 108 2.51 9.40 49.35
CA SER A 108 2.90 8.85 48.06
C SER A 108 3.60 9.86 47.17
N HIS A 109 2.94 10.95 46.80
CA HIS A 109 3.55 11.98 45.96
C HIS A 109 3.33 13.36 46.56
N CYS A 110 3.15 13.40 47.86
CA CYS A 110 2.71 14.58 48.59
C CYS A 110 3.49 14.60 49.89
N TYR A 111 4.60 13.86 49.90
CA TYR A 111 5.24 13.41 51.12
C TYR A 111 5.45 14.55 52.11
N TRP A 112 5.01 14.31 53.34
CA TRP A 112 5.12 15.31 54.40
C TRP A 112 6.54 15.74 54.66
N GLY A 113 7.52 14.88 54.40
CA GLY A 113 8.90 15.26 54.61
C GLY A 113 9.34 16.44 53.78
N TYR A 114 8.73 16.63 52.62
CA TYR A 114 9.07 17.74 51.73
C TYR A 114 8.02 18.84 51.71
N TYR A 115 6.74 18.49 51.61
CA TYR A 115 5.70 19.45 51.27
C TYR A 115 4.64 19.62 52.35
N TYR A 116 5.02 19.61 53.62
CA TYR A 116 4.03 19.77 54.68
C TYR A 116 3.96 21.22 55.12
N GLN A 117 2.75 21.77 55.15
CA GLN A 117 2.47 23.04 55.79
C GLN A 117 1.69 22.77 57.06
N GLY A 118 1.88 23.61 58.07
CA GLY A 118 1.53 23.17 59.41
C GLY A 118 0.05 22.97 59.72
N MET A 119 -0.70 24.06 59.88
CA MET A 119 -2.10 23.99 60.30
C MET A 119 -2.76 25.30 59.89
N ASP A 120 -3.47 25.29 58.76
CA ASP A 120 -3.87 26.56 58.14
C ASP A 120 -4.98 27.26 58.92
N VAL A 121 -6.04 26.53 59.27
CA VAL A 121 -7.21 27.13 59.91
C VAL A 121 -7.39 26.53 61.29
N TRP A 122 -7.83 27.36 62.23
CA TRP A 122 -8.05 26.96 63.61
C TRP A 122 -9.47 27.30 64.02
N GLY A 123 -9.86 26.80 65.19
CA GLY A 123 -11.10 27.18 65.82
C GLY A 123 -10.88 28.28 66.84
N HIS A 124 -11.88 28.46 67.70
CA HIS A 124 -11.77 29.44 68.79
C HIS A 124 -11.64 28.80 70.16
N GLY A 125 -12.10 27.56 70.32
CA GLY A 125 -11.87 26.82 71.54
C GLY A 125 -12.87 27.10 72.64
N THR A 126 -13.30 26.03 73.31
CA THR A 126 -14.21 26.14 74.44
C THR A 126 -13.49 25.74 75.72
N THR A 127 -13.92 26.31 76.84
CA THR A 127 -13.27 26.09 78.12
C THR A 127 -13.95 24.96 78.88
N VAL A 128 -13.16 24.17 79.62
CA VAL A 128 -13.67 23.10 80.46
C VAL A 128 -12.95 23.18 81.80
N THR A 129 -13.69 22.88 82.86
CA THR A 129 -13.22 22.98 84.24
C THR A 129 -13.45 21.65 84.95
N VAL A 130 -12.51 21.27 85.81
CA VAL A 130 -12.64 20.03 86.56
C VAL A 130 -12.73 20.32 88.06
N GLU B 1 12.44 11.02 73.25
CA GLU B 1 11.45 12.09 73.27
C GLU B 1 12.12 13.45 73.11
N ILE B 2 11.54 14.30 72.26
CA ILE B 2 12.09 15.60 71.94
C ILE B 2 11.18 16.68 72.53
N VAL B 3 11.78 17.65 73.21
CA VAL B 3 11.08 18.84 73.66
C VAL B 3 11.99 20.04 73.47
N MET B 4 11.40 21.16 73.06
CA MET B 4 12.15 22.38 72.77
C MET B 4 11.79 23.45 73.80
N THR B 5 12.75 24.35 74.03
CA THR B 5 12.61 25.37 75.05
C THR B 5 12.88 26.74 74.45
N GLN B 6 11.92 27.65 74.59
CA GLN B 6 12.07 29.02 74.11
C GLN B 6 12.50 29.93 75.25
N SER B 7 13.34 30.90 74.92
CA SER B 7 13.83 31.86 75.89
C SER B 7 14.25 33.12 75.15
N PRO B 8 13.85 34.31 75.64
CA PRO B 8 13.06 34.45 76.86
C PRO B 8 11.57 34.30 76.59
N ASP B 9 10.82 33.86 77.60
CA ASP B 9 9.39 33.69 77.48
C ASP B 9 8.62 35.01 77.48
N THR B 10 9.32 36.13 77.71
CA THR B 10 8.71 37.45 77.62
C THR B 10 9.84 38.44 77.33
N LEU B 11 9.71 39.17 76.22
CA LEU B 11 10.72 40.13 75.81
C LEU B 11 10.03 41.46 75.51
N SER B 12 10.34 42.48 76.30
CA SER B 12 9.75 43.79 76.16
C SER B 12 10.56 44.60 75.16
N VAL B 13 9.92 44.97 74.04
CA VAL B 13 10.61 45.61 72.92
C VAL B 13 9.73 46.72 72.35
N SER B 14 10.34 47.85 72.05
CA SER B 14 9.64 48.97 71.44
C SER B 14 9.35 48.69 69.97
N PRO B 15 8.23 49.19 69.44
CA PRO B 15 7.94 49.00 68.01
C PRO B 15 8.84 49.84 67.11
N GLY B 16 9.47 49.20 66.12
CA GLY B 16 10.31 49.92 65.19
C GLY B 16 11.66 49.27 64.95
N GLU B 17 12.11 48.45 65.90
CA GLU B 17 13.44 47.87 65.86
C GLU B 17 13.38 46.40 65.44
N ARG B 18 14.52 45.73 65.48
CA ARG B 18 14.65 44.32 65.15
C ARG B 18 14.60 43.48 66.41
N VAL B 19 14.11 42.25 66.28
CA VAL B 19 14.12 41.31 67.39
C VAL B 19 14.19 39.89 66.83
N THR B 20 15.04 39.07 67.44
CA THR B 20 15.20 37.69 67.01
C THR B 20 14.95 36.77 68.19
N LEU B 21 14.06 35.79 67.99
CA LEU B 21 13.76 34.77 68.98
C LEU B 21 14.50 33.49 68.62
N SER B 22 14.78 32.69 69.64
CA SER B 22 15.48 31.42 69.44
C SER B 22 14.70 30.31 70.14
N CYS B 23 14.74 29.13 69.55
CA CYS B 23 14.06 27.96 70.10
C CYS B 23 14.96 26.76 69.86
N ARG B 24 15.59 26.26 70.92
CA ARG B 24 16.50 25.12 70.80
C ARG B 24 15.84 23.84 71.32
N ALA B 25 16.25 22.72 70.75
CA ALA B 25 15.67 21.42 71.02
C ALA B 25 16.58 20.60 71.93
N SER B 26 15.97 19.62 72.60
CA SER B 26 16.72 18.68 73.40
C SER B 26 17.69 17.88 72.54
N GLN B 27 17.15 17.09 71.60
CA GLN B 27 17.93 16.35 70.63
C GLN B 27 17.67 16.92 69.25
N SER B 28 18.63 16.71 68.34
CA SER B 28 18.54 17.28 67.00
C SER B 28 17.28 16.82 66.29
N VAL B 29 16.52 17.77 65.75
CA VAL B 29 15.21 17.50 65.16
C VAL B 29 15.23 17.56 63.65
N GLY B 30 16.28 18.08 63.03
CA GLY B 30 16.35 18.17 61.59
C GLY B 30 15.90 19.52 61.08
N SER B 31 14.97 19.52 60.12
CA SER B 31 14.40 20.75 59.60
C SER B 31 12.88 20.78 59.75
N ASN B 32 12.31 19.89 60.56
CA ASN B 32 10.86 19.78 60.71
C ASN B 32 10.40 20.71 61.84
N LEU B 33 10.32 21.99 61.52
CA LEU B 33 9.91 23.01 62.47
C LEU B 33 8.88 23.94 61.85
N VAL B 34 7.95 24.40 62.69
CA VAL B 34 6.91 25.34 62.29
C VAL B 34 6.85 26.45 63.34
N TRP B 35 6.61 27.67 62.87
CA TRP B 35 6.46 28.82 63.74
C TRP B 35 5.02 29.30 63.74
N TYR B 36 4.36 29.19 64.87
CA TYR B 36 2.97 29.63 65.03
C TYR B 36 2.93 30.97 65.74
N GLN B 37 1.94 31.78 65.38
CA GLN B 37 1.68 33.05 66.03
C GLN B 37 0.22 33.10 66.46
N GLN B 38 -0.02 33.50 67.71
CA GLN B 38 -1.37 33.56 68.26
C GLN B 38 -1.61 34.94 68.85
N LYS B 39 -2.69 35.59 68.42
CA LYS B 39 -3.20 36.81 69.00
C LYS B 39 -4.52 36.54 69.70
N PRO B 40 -4.75 37.11 70.88
CA PRO B 40 -6.01 36.89 71.57
C PRO B 40 -7.18 37.45 70.76
N GLY B 41 -8.32 36.76 70.86
CA GLY B 41 -9.47 37.14 70.05
C GLY B 41 -9.22 37.03 68.57
N GLN B 42 -8.41 36.06 68.16
CA GLN B 42 -8.05 35.90 66.75
C GLN B 42 -7.52 34.49 66.55
N SER B 43 -7.84 33.91 65.39
CA SER B 43 -7.32 32.60 65.05
C SER B 43 -5.81 32.67 64.83
N THR B 44 -5.15 31.56 65.12
CA THR B 44 -3.70 31.46 64.93
C THR B 44 -3.37 31.17 63.48
N ARG B 45 -2.28 31.78 63.01
CA ARG B 45 -1.82 31.62 61.65
C ARG B 45 -0.42 31.00 61.66
N VAL B 46 -0.08 30.34 60.56
CA VAL B 46 1.23 29.74 60.37
C VAL B 46 2.15 30.77 59.74
N LEU B 47 3.34 30.94 60.30
CA LEU B 47 4.30 31.89 59.78
C LEU B 47 5.35 31.24 58.89
N ILE B 48 5.91 30.12 59.32
CA ILE B 48 7.04 29.50 58.63
C ILE B 48 6.98 28.00 58.85
N TYR B 49 7.10 27.24 57.77
CA TYR B 49 7.17 25.79 57.82
C TYR B 49 8.46 25.33 57.14
N GLY B 50 8.82 24.08 57.38
CA GLY B 50 10.06 23.54 56.86
C GLY B 50 11.29 24.21 57.44
N ALA B 51 11.06 24.99 58.50
CA ALA B 51 12.07 25.67 59.29
C ALA B 51 12.69 26.85 58.55
N SER B 52 12.44 26.96 57.26
CA SER B 52 12.67 28.23 56.55
C SER B 52 11.81 28.22 55.28
N THR B 53 10.60 28.77 55.39
CA THR B 53 9.75 29.02 54.24
C THR B 53 8.63 29.95 54.64
N ARG B 54 8.60 31.16 54.09
CA ARG B 54 7.54 32.09 54.42
C ARG B 54 6.23 31.63 53.80
N ALA B 55 5.22 31.42 54.63
CA ALA B 55 3.92 31.05 54.12
C ALA B 55 3.34 32.18 53.28
N ALA B 56 2.34 31.86 52.48
CA ALA B 56 1.73 32.85 51.60
C ALA B 56 0.95 33.86 52.42
N THR B 57 0.85 35.08 51.86
CA THR B 57 0.14 36.21 52.47
C THR B 57 0.74 36.61 53.81
N VAL B 58 2.03 36.39 54.00
CA VAL B 58 2.74 36.80 55.22
C VAL B 58 3.65 37.96 54.86
N PRO B 59 3.65 39.04 55.64
CA PRO B 59 4.53 40.18 55.33
C PRO B 59 6.00 39.77 55.28
N ALA B 60 6.80 40.62 54.64
CA ALA B 60 8.19 40.30 54.31
C ALA B 60 9.16 40.74 55.40
N ARG B 61 8.72 40.82 56.65
CA ARG B 61 9.61 41.11 57.76
C ARG B 61 9.90 39.90 58.63
N PHE B 62 9.21 38.79 58.42
CA PHE B 62 9.45 37.57 59.18
C PHE B 62 10.46 36.71 58.43
N SER B 63 11.45 36.20 59.14
CA SER B 63 12.48 35.39 58.48
C SER B 63 12.95 34.31 59.45
N GLY B 64 12.74 33.05 59.07
CA GLY B 64 13.21 31.94 59.86
C GLY B 64 14.59 31.49 59.43
N GLY B 65 15.18 30.62 60.24
CA GLY B 65 16.48 30.07 59.90
C GLY B 65 16.95 29.09 60.95
N GLY B 66 18.06 28.44 60.63
CA GLY B 66 18.68 27.47 61.53
C GLY B 66 18.30 26.04 61.19
N SER B 67 19.13 25.13 61.67
CA SER B 67 18.91 23.71 61.45
C SER B 67 19.63 22.93 62.55
N GLY B 68 19.30 21.65 62.66
CA GLY B 68 19.87 20.82 63.69
C GLY B 68 19.08 20.87 64.97
N THR B 69 19.54 21.67 65.93
CA THR B 69 18.80 21.85 67.17
C THR B 69 18.78 23.29 67.66
N GLU B 70 19.06 24.26 66.79
CA GLU B 70 19.05 25.68 67.18
C GLU B 70 18.40 26.46 66.05
N PHE B 71 17.17 26.90 66.27
CA PHE B 71 16.40 27.60 65.25
C PHE B 71 16.08 29.02 65.69
N THR B 72 15.96 29.90 64.71
CA THR B 72 15.82 31.34 64.95
C THR B 72 14.70 31.89 64.09
N LEU B 73 14.02 32.90 64.63
CA LEU B 73 12.97 33.62 63.91
C LEU B 73 13.16 35.11 64.16
N THR B 74 13.33 35.88 63.09
CA THR B 74 13.65 37.30 63.21
C THR B 74 12.56 38.15 62.60
N ILE B 75 12.22 39.24 63.29
CA ILE B 75 11.39 40.30 62.76
C ILE B 75 12.25 41.55 62.68
N SER B 76 12.09 42.33 61.60
CA SER B 76 13.04 43.40 61.33
C SER B 76 12.58 44.75 61.86
N SER B 77 11.32 45.12 61.65
CA SER B 77 10.85 46.49 61.85
C SER B 77 9.54 46.49 62.64
N VAL B 78 9.51 45.78 63.75
CA VAL B 78 8.29 45.46 64.50
C VAL B 78 7.31 46.63 64.56
N GLN B 79 6.06 46.38 64.18
CA GLN B 79 5.01 47.38 64.18
C GLN B 79 3.90 46.97 65.15
N SER B 80 2.78 47.71 65.08
CA SER B 80 1.72 47.54 66.07
C SER B 80 1.07 46.17 65.99
N GLU B 81 0.96 45.58 64.80
CA GLU B 81 0.26 44.31 64.66
C GLU B 81 1.08 43.13 65.16
N ASP B 82 2.40 43.28 65.26
CA ASP B 82 3.29 42.18 65.57
C ASP B 82 3.27 41.77 67.04
N PHE B 83 2.36 42.31 67.84
CA PHE B 83 2.31 42.00 69.28
C PHE B 83 1.40 40.80 69.47
N ALA B 84 2.00 39.65 69.75
CA ALA B 84 1.28 38.39 69.92
C ALA B 84 2.17 37.46 70.73
N VAL B 85 1.82 36.17 70.75
CA VAL B 85 2.65 35.16 71.39
C VAL B 85 3.06 34.13 70.33
N TYR B 86 4.34 33.76 70.34
CA TYR B 86 4.93 32.93 69.29
C TYR B 86 5.37 31.60 69.85
N TYR B 87 5.18 30.54 69.06
CA TYR B 87 5.51 29.19 69.48
C TYR B 87 6.28 28.47 68.38
N CYS B 88 7.18 27.58 68.79
CA CYS B 88 7.91 26.71 67.88
C CYS B 88 7.39 25.29 68.07
N TYR B 89 6.96 24.67 66.98
CA TYR B 89 6.35 23.35 66.98
C TYR B 89 7.18 22.43 66.10
N HIS B 90 7.26 21.16 66.47
CA HIS B 90 8.06 20.20 65.73
C HIS B 90 7.23 18.96 65.40
N TYR B 91 7.59 18.32 64.30
CA TYR B 91 6.86 17.15 63.81
C TYR B 91 7.81 16.09 63.30
N ASN B 92 8.93 15.89 64.00
CA ASN B 92 9.89 14.87 63.59
C ASN B 92 9.28 13.48 63.54
N ASN B 93 8.19 13.27 64.26
CA ASN B 93 7.45 12.00 64.24
C ASN B 93 6.03 12.21 63.75
N TRP B 94 5.91 12.96 62.65
CA TRP B 94 4.62 13.20 62.00
C TRP B 94 3.82 11.90 61.92
N PRO B 95 2.50 11.93 62.15
CA PRO B 95 1.69 13.13 62.40
C PRO B 95 1.76 13.68 63.82
N ARG B 96 2.47 12.99 64.72
CA ARG B 96 2.51 13.40 66.11
C ARG B 96 3.69 14.33 66.36
N GLY B 97 3.44 15.41 67.09
CA GLY B 97 4.48 16.37 67.40
C GLY B 97 4.15 17.14 68.65
N SER B 98 5.17 17.81 69.20
CA SER B 98 5.04 18.57 70.43
C SER B 98 5.24 20.06 70.17
N PHE B 99 4.86 20.87 71.15
CA PHE B 99 4.91 22.31 71.06
C PHE B 99 6.11 22.87 71.83
N GLY B 100 6.17 24.18 71.90
CA GLY B 100 7.05 24.89 72.80
C GLY B 100 6.30 25.40 74.01
N GLN B 101 6.83 26.45 74.62
CA GLN B 101 6.14 27.10 75.72
C GLN B 101 5.63 28.50 75.38
N GLY B 102 6.28 29.21 74.48
CA GLY B 102 5.76 30.48 74.02
C GLY B 102 6.63 31.64 74.46
N THR B 103 6.40 32.77 73.79
CA THR B 103 7.09 34.02 74.11
C THR B 103 6.15 35.17 73.75
N LYS B 104 5.75 35.94 74.75
CA LYS B 104 4.83 37.07 74.55
C LYS B 104 5.63 38.36 74.70
N LEU B 105 5.82 39.07 73.60
CA LEU B 105 6.55 40.32 73.63
C LEU B 105 5.63 41.46 74.04
N GLU B 106 6.23 42.50 74.63
CA GLU B 106 5.49 43.67 75.09
C GLU B 106 6.30 44.91 74.73
N ILE B 107 5.64 46.08 74.79
CA ILE B 107 6.35 47.34 74.66
C ILE B 107 7.14 47.59 75.93
N LYS B 108 8.30 48.23 75.79
CA LYS B 108 9.13 48.59 76.94
C LYS B 108 8.35 49.44 77.95
N GLN C 1 -56.23 6.87 -33.26
CA GLN C 1 -56.08 7.04 -31.83
C GLN C 1 -56.47 5.77 -31.09
N MET C 2 -55.66 4.73 -31.25
CA MET C 2 -55.91 3.42 -30.69
C MET C 2 -57.26 2.88 -31.16
N GLN C 3 -57.41 2.85 -32.49
CA GLN C 3 -58.62 2.33 -33.11
C GLN C 3 -58.25 1.42 -34.27
N LEU C 4 -59.16 0.51 -34.59
CA LEU C 4 -59.01 -0.41 -35.71
C LEU C 4 -60.15 -0.14 -36.69
N VAL C 5 -59.87 -0.33 -37.98
CA VAL C 5 -60.89 -0.15 -39.00
C VAL C 5 -60.95 -1.40 -39.87
N GLU C 6 -62.14 -1.70 -40.37
CA GLU C 6 -62.39 -2.94 -41.11
C GLU C 6 -62.71 -2.63 -42.57
N SER C 7 -62.27 -3.52 -43.46
CA SER C 7 -62.45 -3.34 -44.89
C SER C 7 -62.85 -4.65 -45.54
N GLY C 8 -63.84 -4.58 -46.42
CA GLY C 8 -64.39 -5.72 -47.11
C GLY C 8 -65.86 -5.93 -46.80
N GLY C 9 -66.36 -7.09 -47.18
CA GLY C 9 -67.73 -7.47 -46.87
C GLY C 9 -68.75 -6.95 -47.84
N GLY C 10 -69.75 -7.77 -48.16
CA GLY C 10 -70.80 -7.39 -49.07
C GLY C 10 -71.84 -8.46 -49.29
N VAL C 11 -72.34 -8.59 -50.51
CA VAL C 11 -73.36 -9.58 -50.86
C VAL C 11 -72.72 -10.61 -51.78
N VAL C 12 -72.68 -11.86 -51.33
CA VAL C 12 -72.14 -12.98 -52.11
C VAL C 12 -73.02 -14.20 -51.88
N GLN C 13 -73.10 -15.06 -52.89
CA GLN C 13 -73.81 -16.31 -52.80
C GLN C 13 -72.90 -17.43 -52.31
N PRO C 14 -73.45 -18.56 -51.88
CA PRO C 14 -72.60 -19.66 -51.41
C PRO C 14 -71.62 -20.13 -52.47
N GLY C 15 -70.70 -20.99 -52.04
CA GLY C 15 -69.70 -21.52 -52.93
C GLY C 15 -68.69 -20.51 -53.44
N ARG C 16 -68.45 -19.43 -52.69
CA ARG C 16 -67.51 -18.41 -53.10
C ARG C 16 -66.47 -18.18 -52.00
N SER C 17 -65.63 -17.16 -52.17
CA SER C 17 -64.56 -16.90 -51.22
C SER C 17 -64.33 -15.39 -51.10
N LEU C 18 -64.06 -14.93 -49.89
CA LEU C 18 -63.79 -13.53 -49.60
C LEU C 18 -62.44 -13.40 -48.90
N ARG C 19 -62.05 -12.15 -48.66
CA ARG C 19 -60.84 -11.86 -47.89
C ARG C 19 -61.02 -10.48 -47.26
N LEU C 20 -61.15 -10.45 -45.94
CA LEU C 20 -61.39 -9.22 -45.22
C LEU C 20 -60.10 -8.72 -44.58
N SER C 21 -60.07 -7.42 -44.28
CA SER C 21 -58.87 -6.81 -43.74
C SER C 21 -59.22 -5.94 -42.54
N CYS C 22 -58.27 -5.82 -41.61
CA CYS C 22 -58.38 -4.94 -40.47
C CYS C 22 -57.09 -4.11 -40.38
N ALA C 23 -57.23 -2.80 -40.44
CA ALA C 23 -56.09 -1.88 -40.41
C ALA C 23 -55.99 -1.26 -39.03
N ALA C 24 -54.77 -1.28 -38.48
CA ALA C 24 -54.49 -0.70 -37.17
C ALA C 24 -53.99 0.72 -37.35
N SER C 25 -54.30 1.59 -36.39
CA SER C 25 -54.03 3.01 -36.56
C SER C 25 -52.70 3.45 -35.98
N ARG C 26 -52.54 3.37 -34.66
CA ARG C 26 -51.43 4.08 -34.02
C ARG C 26 -50.60 3.24 -33.05
N PHE C 27 -51.23 2.36 -32.27
CA PHE C 27 -50.53 1.80 -31.11
C PHE C 27 -49.30 0.98 -31.50
N ASP C 28 -49.52 -0.18 -32.13
CA ASP C 28 -48.45 -1.06 -32.59
C ASP C 28 -49.07 -2.29 -33.24
N PHE C 29 -48.30 -3.01 -34.05
CA PHE C 29 -48.82 -4.24 -34.61
C PHE C 29 -47.76 -5.33 -34.64
N ASN C 30 -46.78 -5.23 -33.75
CA ASN C 30 -45.74 -6.25 -33.70
C ASN C 30 -45.52 -6.75 -32.29
N ARG C 31 -46.38 -6.42 -31.33
CA ARG C 31 -46.19 -6.78 -29.94
C ARG C 31 -47.44 -7.41 -29.35
N PHE C 32 -48.51 -7.50 -30.14
CA PHE C 32 -49.81 -7.93 -29.65
C PHE C 32 -50.38 -9.03 -30.53
N GLY C 33 -51.17 -9.91 -29.94
CA GLY C 33 -51.95 -10.88 -30.67
C GLY C 33 -53.33 -10.34 -30.95
N MET C 34 -53.93 -10.79 -32.05
CA MET C 34 -55.20 -10.25 -32.52
C MET C 34 -56.25 -11.34 -32.57
N HIS C 35 -57.51 -10.91 -32.60
CA HIS C 35 -58.65 -11.81 -32.69
C HIS C 35 -59.58 -11.38 -33.81
N TRP C 36 -60.26 -12.37 -34.39
CA TRP C 36 -61.41 -12.16 -35.25
C TRP C 36 -62.62 -12.78 -34.57
N VAL C 37 -63.67 -11.98 -34.39
CA VAL C 37 -64.85 -12.40 -33.64
C VAL C 37 -66.10 -12.01 -34.42
N ARG C 38 -67.05 -12.93 -34.52
CA ARG C 38 -68.25 -12.70 -35.31
C ARG C 38 -69.49 -12.83 -34.44
N GLN C 39 -70.58 -12.25 -34.94
CA GLN C 39 -71.88 -12.33 -34.27
C GLN C 39 -72.96 -12.45 -35.33
N ALA C 40 -73.79 -13.48 -35.21
CA ALA C 40 -74.90 -13.70 -36.13
C ALA C 40 -76.12 -12.89 -35.69
N PRO C 41 -76.96 -12.47 -36.64
CA PRO C 41 -78.18 -11.73 -36.27
C PRO C 41 -79.08 -12.58 -35.40
N GLY C 42 -79.56 -11.98 -34.31
CA GLY C 42 -80.42 -12.68 -33.37
C GLY C 42 -79.72 -13.55 -32.36
N LYS C 43 -78.39 -13.58 -32.37
CA LYS C 43 -77.60 -14.42 -31.48
C LYS C 43 -76.56 -13.57 -30.75
N GLY C 44 -75.66 -14.25 -30.04
CA GLY C 44 -74.55 -13.61 -29.37
C GLY C 44 -73.27 -13.71 -30.18
N LEU C 45 -72.20 -13.17 -29.60
CA LEU C 45 -70.92 -13.20 -30.27
C LEU C 45 -70.30 -14.60 -30.23
N GLU C 46 -69.23 -14.76 -30.99
CA GLU C 46 -68.46 -15.99 -30.98
C GLU C 46 -67.07 -15.72 -31.50
N TRP C 47 -66.07 -16.16 -30.74
CA TRP C 47 -64.68 -16.07 -31.15
C TRP C 47 -64.42 -17.04 -32.30
N VAL C 48 -63.83 -16.53 -33.37
CA VAL C 48 -63.60 -17.32 -34.57
C VAL C 48 -62.12 -17.56 -34.83
N ALA C 49 -61.25 -16.59 -34.51
CA ALA C 49 -59.84 -16.77 -34.85
C ALA C 49 -58.97 -15.99 -33.89
N TYR C 50 -57.79 -16.53 -33.63
CA TYR C 50 -56.76 -15.84 -32.86
C TYR C 50 -55.42 -16.02 -33.56
N MET C 51 -54.63 -14.95 -33.57
CA MET C 51 -53.30 -14.98 -34.18
C MET C 51 -52.30 -14.33 -33.26
N SER C 52 -51.10 -14.91 -33.19
CA SER C 52 -50.05 -14.41 -32.31
C SER C 52 -49.50 -13.08 -32.80
N TYR C 53 -48.51 -12.56 -32.07
CA TYR C 53 -47.91 -11.28 -32.42
C TYR C 53 -46.87 -11.44 -33.52
N ASP C 54 -46.08 -12.51 -33.46
CA ASP C 54 -45.07 -12.78 -34.48
C ASP C 54 -45.56 -13.79 -35.51
N GLY C 55 -46.77 -14.32 -35.36
CA GLY C 55 -47.28 -15.32 -36.27
C GLY C 55 -46.83 -16.73 -35.96
N GLY C 56 -46.26 -16.97 -34.79
CA GLY C 56 -45.80 -18.31 -34.46
C GLY C 56 -46.91 -19.28 -34.13
N ASP C 57 -48.13 -18.78 -33.92
CA ASP C 57 -49.25 -19.65 -33.59
C ASP C 57 -50.53 -19.05 -34.16
N ARG C 58 -51.41 -19.92 -34.65
CA ARG C 58 -52.71 -19.54 -35.17
C ARG C 58 -53.74 -20.54 -34.66
N TYR C 59 -54.88 -20.04 -34.20
CA TYR C 59 -55.95 -20.92 -33.71
C TYR C 59 -57.28 -20.48 -34.29
N TYR C 60 -58.12 -21.47 -34.59
CA TYR C 60 -59.47 -21.23 -35.09
C TYR C 60 -60.45 -22.10 -34.31
N ALA C 61 -61.68 -21.60 -34.19
CA ALA C 61 -62.75 -22.46 -33.71
C ALA C 61 -63.04 -23.53 -34.76
N ASP C 62 -63.68 -24.61 -34.32
CA ASP C 62 -63.85 -25.75 -35.22
C ASP C 62 -64.95 -25.49 -36.25
N SER C 63 -65.84 -24.54 -35.98
CA SER C 63 -66.90 -24.21 -36.93
C SER C 63 -66.34 -23.78 -38.27
N VAL C 64 -65.38 -22.87 -38.27
CA VAL C 64 -64.74 -22.41 -39.50
C VAL C 64 -63.38 -23.07 -39.70
N LYS C 65 -63.16 -24.23 -39.07
CA LYS C 65 -61.91 -24.95 -39.24
C LYS C 65 -61.73 -25.41 -40.68
N GLY C 66 -60.53 -25.20 -41.22
CA GLY C 66 -60.22 -25.67 -42.55
C GLY C 66 -60.45 -24.64 -43.65
N ARG C 67 -61.69 -24.16 -43.78
CA ARG C 67 -62.04 -23.23 -44.84
C ARG C 67 -61.67 -21.79 -44.53
N PHE C 68 -61.01 -21.54 -43.40
CA PHE C 68 -60.61 -20.20 -42.99
C PHE C 68 -59.10 -20.15 -42.79
N THR C 69 -58.51 -19.00 -43.09
CA THR C 69 -57.07 -18.83 -42.91
C THR C 69 -56.77 -17.40 -42.50
N ILE C 70 -56.08 -17.23 -41.39
CA ILE C 70 -55.76 -15.91 -40.85
C ILE C 70 -54.28 -15.61 -41.08
N SER C 71 -53.96 -14.33 -41.25
CA SER C 71 -52.58 -13.90 -41.37
C SER C 71 -52.52 -12.41 -41.08
N ARG C 72 -51.29 -11.89 -41.03
CA ARG C 72 -51.08 -10.49 -40.71
C ARG C 72 -49.81 -10.01 -41.39
N ASP C 73 -49.63 -8.69 -41.40
CA ASP C 73 -48.38 -8.07 -41.81
C ASP C 73 -48.15 -6.86 -40.92
N ASN C 74 -47.01 -6.83 -40.23
CA ASN C 74 -46.71 -5.75 -39.30
C ASN C 74 -46.19 -4.52 -40.01
N SER C 75 -45.37 -4.71 -41.05
CA SER C 75 -44.74 -3.57 -41.73
C SER C 75 -45.80 -2.61 -42.26
N LYS C 76 -46.84 -3.14 -42.90
CA LYS C 76 -47.98 -2.32 -43.30
C LYS C 76 -49.09 -2.31 -42.26
N SER C 77 -48.96 -3.10 -41.20
CA SER C 77 -49.83 -2.99 -40.02
C SER C 77 -51.29 -3.30 -40.36
N THR C 78 -51.55 -4.56 -40.71
CA THR C 78 -52.91 -5.00 -40.98
C THR C 78 -53.03 -6.50 -40.77
N LEU C 79 -54.27 -6.96 -40.72
CA LEU C 79 -54.60 -8.34 -40.40
C LEU C 79 -55.65 -8.83 -41.40
N HIS C 80 -55.30 -9.86 -42.16
CA HIS C 80 -56.15 -10.39 -43.22
C HIS C 80 -56.75 -11.73 -42.81
N LEU C 81 -57.99 -11.95 -43.26
CA LEU C 81 -58.69 -13.23 -43.03
C LEU C 81 -59.31 -13.68 -44.35
N GLN C 82 -58.88 -14.84 -44.82
CA GLN C 82 -59.42 -15.45 -46.04
C GLN C 82 -60.46 -16.48 -45.67
N MET C 83 -61.67 -16.35 -46.24
CA MET C 83 -62.80 -17.19 -45.90
C MET C 83 -63.32 -17.83 -47.17
N ASP C 84 -63.17 -19.14 -47.30
CA ASP C 84 -63.60 -19.89 -48.46
C ASP C 84 -64.72 -20.86 -48.08
N SER C 85 -65.39 -21.40 -49.11
CA SER C 85 -66.45 -22.39 -48.95
C SER C 85 -67.53 -21.91 -47.98
N LEU C 86 -68.17 -20.81 -48.36
CA LEU C 86 -69.12 -20.16 -47.46
C LEU C 86 -70.33 -21.06 -47.22
N ARG C 87 -71.03 -20.77 -46.12
CA ARG C 87 -72.20 -21.52 -45.69
C ARG C 87 -73.30 -20.52 -45.41
N PRO C 88 -74.56 -20.89 -45.62
CA PRO C 88 -75.67 -19.97 -45.30
C PRO C 88 -75.77 -19.63 -43.83
N GLU C 89 -74.92 -20.21 -42.98
CA GLU C 89 -74.88 -19.89 -41.56
C GLU C 89 -73.76 -18.93 -41.21
N ASP C 90 -73.00 -18.46 -42.20
CA ASP C 90 -71.96 -17.47 -41.98
C ASP C 90 -72.43 -16.04 -42.23
N THR C 91 -73.74 -15.82 -42.26
CA THR C 91 -74.28 -14.47 -42.39
C THR C 91 -74.19 -13.79 -41.03
N ALA C 92 -73.32 -12.79 -40.91
CA ALA C 92 -73.00 -12.26 -39.58
C ALA C 92 -72.14 -11.01 -39.73
N VAL C 93 -71.90 -10.36 -38.61
CA VAL C 93 -71.01 -9.22 -38.54
C VAL C 93 -69.69 -9.67 -37.95
N TYR C 94 -68.59 -9.05 -38.38
CA TYR C 94 -67.25 -9.46 -38.02
C TYR C 94 -66.46 -8.26 -37.48
N TYR C 95 -65.76 -8.47 -36.37
CA TYR C 95 -64.90 -7.47 -35.75
C TYR C 95 -63.51 -8.03 -35.53
N CYS C 96 -62.53 -7.12 -35.49
CA CYS C 96 -61.17 -7.44 -35.08
C CYS C 96 -60.88 -6.78 -33.75
N ALA C 97 -60.23 -7.51 -32.85
CA ALA C 97 -59.97 -7.02 -31.50
C ALA C 97 -58.53 -7.29 -31.13
N LYS C 98 -58.03 -6.53 -30.17
CA LYS C 98 -56.64 -6.60 -29.72
C LYS C 98 -56.57 -7.21 -28.32
N ASP C 99 -55.41 -7.76 -27.99
CA ASP C 99 -55.19 -8.39 -26.69
C ASP C 99 -54.49 -7.42 -25.75
N ASP C 100 -55.09 -7.21 -24.59
CA ASP C 100 -54.56 -6.31 -23.60
C ASP C 100 -53.47 -6.93 -22.79
N ILE C 101 -52.48 -7.52 -23.43
CA ILE C 101 -51.38 -8.10 -22.72
C ILE C 101 -50.25 -8.33 -23.66
N LEU C 102 -49.13 -7.70 -23.41
CA LEU C 102 -47.92 -7.79 -24.20
C LEU C 102 -47.58 -9.16 -24.69
N GLY C 103 -47.24 -9.24 -25.94
CA GLY C 103 -46.97 -10.50 -26.57
C GLY C 103 -45.86 -11.39 -26.13
N ASP C 104 -44.64 -10.98 -26.42
CA ASP C 104 -43.45 -11.78 -26.16
C ASP C 104 -43.39 -12.42 -24.83
N CYS C 105 -43.47 -11.59 -23.83
CA CYS C 105 -43.36 -12.06 -22.48
C CYS C 105 -44.64 -12.51 -21.84
N SER C 106 -45.64 -12.98 -22.57
CA SER C 106 -46.85 -13.38 -21.91
C SER C 106 -46.93 -14.80 -21.42
N THR C 107 -45.80 -15.47 -21.32
CA THR C 107 -45.69 -16.79 -20.79
C THR C 107 -44.48 -16.85 -19.87
N SER C 108 -43.73 -15.74 -19.77
CA SER C 108 -42.57 -15.69 -18.94
C SER C 108 -42.27 -14.95 -17.68
N HIS C 109 -42.32 -13.63 -17.68
CA HIS C 109 -42.57 -12.77 -16.54
C HIS C 109 -43.75 -11.86 -16.60
N CYS C 110 -44.81 -12.30 -17.24
CA CYS C 110 -46.00 -11.54 -17.32
C CYS C 110 -47.09 -12.53 -17.61
N TYR C 111 -47.02 -13.69 -17.00
CA TYR C 111 -47.85 -14.82 -17.28
C TYR C 111 -49.33 -14.48 -17.27
N TRP C 112 -50.05 -14.91 -18.28
CA TRP C 112 -51.47 -14.65 -18.44
C TRP C 112 -52.30 -15.16 -17.27
N GLY C 113 -51.83 -16.20 -16.58
CA GLY C 113 -52.59 -16.73 -15.47
C GLY C 113 -52.84 -15.73 -14.37
N TYR C 114 -51.95 -14.76 -14.21
CA TYR C 114 -52.08 -13.73 -13.20
C TYR C 114 -52.48 -12.38 -13.76
N TYR C 115 -51.82 -11.91 -14.82
CA TYR C 115 -51.89 -10.52 -15.23
C TYR C 115 -52.55 -10.32 -16.59
N TYR C 116 -53.58 -11.07 -16.92
CA TYR C 116 -54.23 -10.91 -18.21
C TYR C 116 -55.45 -10.00 -18.08
N GLN C 117 -55.50 -8.97 -18.91
CA GLN C 117 -56.69 -8.15 -19.10
C GLN C 117 -57.31 -8.54 -20.43
N GLY C 118 -58.63 -8.42 -20.54
CA GLY C 118 -59.30 -9.15 -21.61
C GLY C 118 -59.04 -8.70 -23.04
N MET C 119 -59.60 -7.57 -23.44
CA MET C 119 -59.52 -7.11 -24.83
C MET C 119 -59.81 -5.61 -24.81
N ASP C 120 -58.76 -4.79 -24.88
CA ASP C 120 -58.92 -3.37 -24.59
C ASP C 120 -59.71 -2.64 -25.66
N VAL C 121 -59.29 -2.74 -26.92
CA VAL C 121 -59.88 -1.97 -28.00
C VAL C 121 -60.53 -2.91 -29.00
N TRP C 122 -61.66 -2.48 -29.56
CA TRP C 122 -62.41 -3.24 -30.54
C TRP C 122 -62.55 -2.44 -31.83
N GLY C 123 -63.07 -3.10 -32.85
CA GLY C 123 -63.46 -2.45 -34.08
C GLY C 123 -64.94 -2.17 -34.10
N HIS C 124 -65.46 -1.90 -35.29
CA HIS C 124 -66.88 -1.70 -35.49
C HIS C 124 -67.55 -2.83 -36.25
N GLY C 125 -66.80 -3.60 -37.02
CA GLY C 125 -67.32 -4.80 -37.66
C GLY C 125 -68.07 -4.53 -38.95
N THR C 126 -67.84 -5.38 -39.95
CA THR C 126 -68.54 -5.31 -41.22
C THR C 126 -69.48 -6.50 -41.34
N THR C 127 -70.58 -6.30 -42.05
CA THR C 127 -71.59 -7.35 -42.22
C THR C 127 -71.31 -8.13 -43.50
N VAL C 128 -71.54 -9.44 -43.44
CA VAL C 128 -71.40 -10.32 -44.60
C VAL C 128 -72.61 -11.23 -44.66
N THR C 129 -73.03 -11.55 -45.89
CA THR C 129 -74.24 -12.30 -46.17
C THR C 129 -73.93 -13.45 -47.10
N VAL C 130 -74.56 -14.60 -46.86
CA VAL C 130 -74.35 -15.77 -47.70
C VAL C 130 -75.67 -16.19 -48.35
N GLU D 1 -64.87 -29.33 -23.67
CA GLU D 1 -65.42 -28.04 -24.08
C GLU D 1 -66.27 -27.46 -22.95
N ILE D 2 -66.03 -26.20 -22.61
CA ILE D 2 -66.73 -25.52 -21.54
C ILE D 2 -67.63 -24.46 -22.15
N VAL D 3 -68.89 -24.41 -21.71
CA VAL D 3 -69.84 -23.42 -22.17
C VAL D 3 -70.64 -22.91 -20.98
N MET D 4 -70.79 -21.59 -20.90
CA MET D 4 -71.48 -20.95 -19.80
C MET D 4 -72.82 -20.40 -20.29
N THR D 5 -73.78 -20.33 -19.36
CA THR D 5 -75.14 -19.92 -19.72
C THR D 5 -75.58 -18.80 -18.79
N GLN D 6 -75.95 -17.67 -19.38
CA GLN D 6 -76.50 -16.54 -18.64
C GLN D 6 -78.01 -16.60 -18.61
N SER D 7 -78.59 -16.23 -17.48
CA SER D 7 -80.03 -16.21 -17.32
C SER D 7 -80.38 -15.17 -16.27
N PRO D 8 -81.37 -14.30 -16.53
CA PRO D 8 -82.14 -14.32 -17.77
C PRO D 8 -81.45 -13.53 -18.88
N ASP D 9 -81.72 -13.89 -20.14
CA ASP D 9 -81.16 -13.15 -21.26
C ASP D 9 -81.83 -11.81 -21.47
N THR D 10 -82.95 -11.55 -20.79
CA THR D 10 -83.64 -10.26 -20.85
C THR D 10 -84.18 -9.98 -19.45
N LEU D 11 -83.66 -8.94 -18.81
CA LEU D 11 -84.14 -8.50 -17.51
C LEU D 11 -84.43 -7.01 -17.58
N SER D 12 -85.70 -6.66 -17.74
CA SER D 12 -86.13 -5.28 -17.85
C SER D 12 -86.25 -4.66 -16.47
N VAL D 13 -85.47 -3.62 -16.21
CA VAL D 13 -85.32 -3.05 -14.87
C VAL D 13 -85.28 -1.53 -14.96
N SER D 14 -86.02 -0.88 -14.06
CA SER D 14 -86.06 0.58 -14.02
C SER D 14 -84.72 1.13 -13.56
N PRO D 15 -84.33 2.32 -14.02
CA PRO D 15 -83.07 2.92 -13.56
C PRO D 15 -83.17 3.52 -12.17
N GLY D 16 -82.15 3.30 -11.35
CA GLY D 16 -82.13 3.85 -10.00
C GLY D 16 -81.90 2.80 -8.94
N GLU D 17 -82.22 1.55 -9.25
CA GLU D 17 -82.17 0.46 -8.29
C GLU D 17 -80.92 -0.40 -8.52
N ARG D 18 -80.83 -1.50 -7.79
CA ARG D 18 -79.74 -2.45 -7.88
C ARG D 18 -80.14 -3.63 -8.77
N VAL D 19 -79.14 -4.21 -9.45
CA VAL D 19 -79.35 -5.39 -10.27
C VAL D 19 -78.16 -6.30 -10.13
N THR D 20 -78.41 -7.62 -10.20
CA THR D 20 -77.36 -8.62 -10.14
C THR D 20 -77.59 -9.65 -11.22
N LEU D 21 -76.58 -9.86 -12.06
CA LEU D 21 -76.60 -10.87 -13.11
C LEU D 21 -75.72 -12.05 -12.70
N SER D 22 -76.07 -13.23 -13.21
CA SER D 22 -75.31 -14.43 -12.90
C SER D 22 -74.97 -15.17 -14.17
N CYS D 23 -73.83 -15.85 -14.17
CA CYS D 23 -73.39 -16.62 -15.33
C CYS D 23 -72.69 -17.86 -14.81
N ARG D 24 -73.34 -19.01 -14.92
CA ARG D 24 -72.78 -20.26 -14.44
C ARG D 24 -72.23 -21.09 -15.60
N ALA D 25 -71.23 -21.90 -15.28
CA ALA D 25 -70.51 -22.68 -16.26
C ALA D 25 -70.92 -24.15 -16.20
N SER D 26 -70.68 -24.86 -17.30
CA SER D 26 -70.91 -26.29 -17.34
C SER D 26 -70.00 -27.00 -16.34
N GLN D 27 -68.69 -26.89 -16.54
CA GLN D 27 -67.69 -27.42 -15.62
C GLN D 27 -66.92 -26.27 -14.99
N SER D 28 -66.32 -26.54 -13.83
CA SER D 28 -65.61 -25.50 -13.09
C SER D 28 -64.49 -24.91 -13.93
N VAL D 29 -64.45 -23.58 -14.01
CA VAL D 29 -63.51 -22.88 -14.88
C VAL D 29 -62.41 -22.18 -14.09
N GLY D 30 -62.56 -22.01 -12.78
CA GLY D 30 -61.55 -21.35 -11.98
C GLY D 30 -61.89 -19.89 -11.72
N SER D 31 -60.94 -19.00 -11.99
CA SER D 31 -61.17 -17.57 -11.86
C SER D 31 -60.90 -16.84 -13.16
N ASN D 32 -60.78 -17.55 -14.28
CA ASN D 32 -60.48 -16.96 -15.57
C ASN D 32 -61.78 -16.53 -16.26
N LEU D 33 -62.27 -15.38 -15.84
CA LEU D 33 -63.52 -14.84 -16.37
C LEU D 33 -63.40 -13.35 -16.63
N VAL D 34 -64.06 -12.90 -17.69
CA VAL D 34 -64.10 -11.51 -18.09
C VAL D 34 -65.55 -11.11 -18.35
N TRP D 35 -65.88 -9.89 -17.97
CA TRP D 35 -67.22 -9.34 -18.20
C TRP D 35 -67.14 -8.24 -19.25
N TYR D 36 -67.75 -8.49 -20.40
CA TYR D 36 -67.80 -7.52 -21.49
C TYR D 36 -69.13 -6.81 -21.51
N GLN D 37 -69.11 -5.55 -21.91
CA GLN D 37 -70.33 -4.77 -22.09
C GLN D 37 -70.31 -4.15 -23.48
N GLN D 38 -71.45 -4.24 -24.18
CA GLN D 38 -71.59 -3.73 -25.54
C GLN D 38 -72.80 -2.82 -25.61
N LYS D 39 -72.59 -1.59 -26.07
CA LYS D 39 -73.63 -0.65 -26.42
C LYS D 39 -73.66 -0.48 -27.94
N PRO D 40 -74.84 -0.49 -28.55
CA PRO D 40 -74.90 -0.33 -30.00
C PRO D 40 -74.40 1.03 -30.44
N GLY D 41 -73.76 1.07 -31.60
CA GLY D 41 -73.14 2.30 -32.08
C GLY D 41 -71.98 2.75 -31.23
N GLN D 42 -71.28 1.82 -30.58
CA GLN D 42 -70.18 2.15 -29.70
C GLN D 42 -69.35 0.89 -29.49
N SER D 43 -68.03 1.07 -29.44
CA SER D 43 -67.13 -0.05 -29.21
C SER D 43 -67.34 -0.60 -27.81
N THR D 44 -67.02 -1.89 -27.65
CA THR D 44 -67.20 -2.58 -26.39
C THR D 44 -66.01 -2.34 -25.47
N ARG D 45 -66.28 -2.31 -24.17
CA ARG D 45 -65.26 -2.11 -23.15
C ARG D 45 -65.26 -3.28 -22.18
N VAL D 46 -64.14 -3.46 -21.49
CA VAL D 46 -63.98 -4.50 -20.49
C VAL D 46 -64.34 -3.92 -19.13
N LEU D 47 -65.10 -4.68 -18.35
CA LEU D 47 -65.53 -4.24 -17.02
C LEU D 47 -64.78 -4.96 -15.91
N ILE D 48 -64.62 -6.27 -16.01
CA ILE D 48 -64.02 -7.07 -14.95
C ILE D 48 -63.17 -8.14 -15.60
N TYR D 49 -61.94 -8.30 -15.12
CA TYR D 49 -61.08 -9.42 -15.49
C TYR D 49 -60.59 -10.11 -14.22
N GLY D 50 -60.12 -11.34 -14.39
CA GLY D 50 -59.71 -12.14 -13.25
C GLY D 50 -60.87 -12.50 -12.36
N ALA D 51 -62.09 -12.27 -12.86
CA ALA D 51 -63.36 -12.63 -12.25
C ALA D 51 -63.71 -11.76 -11.05
N SER D 52 -62.75 -10.97 -10.57
CA SER D 52 -63.08 -9.83 -9.71
C SER D 52 -61.91 -8.86 -9.75
N THR D 53 -61.99 -7.88 -10.66
CA THR D 53 -61.04 -6.78 -10.70
C THR D 53 -61.60 -5.68 -11.59
N ARG D 54 -61.90 -4.52 -11.03
CA ARG D 54 -62.44 -3.44 -11.82
C ARG D 54 -61.34 -2.85 -12.70
N ALA D 55 -61.57 -2.81 -14.00
CA ALA D 55 -60.62 -2.21 -14.90
C ALA D 55 -60.55 -0.70 -14.65
N ALA D 56 -59.51 -0.08 -15.18
CA ALA D 56 -59.32 1.34 -14.98
C ALA D 56 -60.36 2.14 -15.75
N THR D 57 -60.67 3.33 -15.22
CA THR D 57 -61.64 4.26 -15.80
C THR D 57 -63.05 3.67 -15.85
N VAL D 58 -63.36 2.74 -14.96
CA VAL D 58 -64.70 2.15 -14.85
C VAL D 58 -65.36 2.71 -13.60
N PRO D 59 -66.60 3.18 -13.68
CA PRO D 59 -67.26 3.72 -12.48
C PRO D 59 -67.33 2.69 -11.36
N ALA D 60 -67.56 3.21 -10.14
CA ALA D 60 -67.48 2.41 -8.93
C ALA D 60 -68.81 1.77 -8.53
N ARG D 61 -69.69 1.51 -9.50
CA ARG D 61 -70.93 0.81 -9.22
C ARG D 61 -70.93 -0.61 -9.76
N PHE D 62 -70.00 -0.97 -10.62
CA PHE D 62 -69.88 -2.32 -11.14
C PHE D 62 -68.99 -3.12 -10.21
N SER D 63 -69.42 -4.34 -9.87
CA SER D 63 -68.61 -5.19 -9.01
C SER D 63 -68.85 -6.65 -9.37
N GLY D 64 -67.79 -7.34 -9.79
CA GLY D 64 -67.87 -8.76 -10.05
C GLY D 64 -67.59 -9.56 -8.80
N GLY D 65 -67.82 -10.86 -8.91
CA GLY D 65 -67.53 -11.75 -7.79
C GLY D 65 -67.86 -13.18 -8.14
N GLY D 66 -67.51 -14.07 -7.22
CA GLY D 66 -67.75 -15.49 -7.38
C GLY D 66 -66.54 -16.23 -7.92
N SER D 67 -66.56 -17.54 -7.74
CA SER D 67 -65.48 -18.40 -8.20
C SER D 67 -66.03 -19.81 -8.36
N GLY D 68 -65.22 -20.65 -9.02
CA GLY D 68 -65.64 -22.02 -9.27
C GLY D 68 -66.42 -22.15 -10.55
N THR D 69 -67.75 -22.22 -10.44
CA THR D 69 -68.60 -22.23 -11.63
C THR D 69 -69.85 -21.38 -11.46
N GLU D 70 -69.86 -20.43 -10.53
CA GLU D 70 -71.01 -19.55 -10.33
C GLU D 70 -70.50 -18.14 -10.11
N PHE D 71 -70.59 -17.31 -11.14
CA PHE D 71 -70.06 -15.96 -11.10
C PHE D 71 -71.18 -14.94 -11.19
N THR D 72 -70.97 -13.80 -10.55
CA THR D 72 -71.99 -12.78 -10.39
C THR D 72 -71.40 -11.41 -10.74
N LEU D 73 -72.26 -10.53 -11.22
CA LEU D 73 -71.90 -9.16 -11.53
C LEU D 73 -73.02 -8.24 -11.08
N THR D 74 -72.71 -7.28 -10.21
CA THR D 74 -73.72 -6.44 -9.61
C THR D 74 -73.50 -4.98 -9.99
N ILE D 75 -74.59 -4.30 -10.33
CA ILE D 75 -74.63 -2.86 -10.47
C ILE D 75 -75.51 -2.31 -9.36
N SER D 76 -75.10 -1.20 -8.76
CA SER D 76 -75.77 -0.71 -7.56
C SER D 76 -76.87 0.29 -7.86
N SER D 77 -76.60 1.26 -8.74
CA SER D 77 -77.45 2.44 -8.90
C SER D 77 -77.70 2.72 -10.39
N VAL D 78 -78.18 1.70 -11.11
CA VAL D 78 -78.31 1.74 -12.57
C VAL D 78 -78.87 3.06 -13.06
N GLN D 79 -78.16 3.69 -14.00
CA GLN D 79 -78.54 4.96 -14.59
C GLN D 79 -78.70 4.83 -16.10
N SER D 80 -78.83 5.98 -16.75
CA SER D 80 -79.18 6.02 -18.17
C SER D 80 -78.12 5.36 -19.06
N GLU D 81 -76.84 5.48 -18.69
CA GLU D 81 -75.79 4.92 -19.54
C GLU D 81 -75.67 3.42 -19.41
N ASP D 82 -76.12 2.84 -18.30
CA ASP D 82 -75.90 1.44 -17.99
C ASP D 82 -76.77 0.49 -18.82
N PHE D 83 -77.49 0.99 -19.82
CA PHE D 83 -78.38 0.15 -20.62
C PHE D 83 -77.60 -0.36 -21.83
N ALA D 84 -77.25 -1.64 -21.80
CA ALA D 84 -76.43 -2.25 -22.84
C ALA D 84 -76.68 -3.76 -22.78
N VAL D 85 -75.82 -4.53 -23.44
CA VAL D 85 -75.89 -5.99 -23.37
C VAL D 85 -74.57 -6.51 -22.81
N TYR D 86 -74.65 -7.43 -21.85
CA TYR D 86 -73.50 -7.89 -21.10
C TYR D 86 -73.21 -9.35 -21.40
N TYR D 87 -71.94 -9.71 -21.41
CA TYR D 87 -71.50 -11.06 -21.71
C TYR D 87 -70.44 -11.52 -20.74
N CYS D 88 -70.44 -12.81 -20.44
CA CYS D 88 -69.41 -13.44 -19.62
C CYS D 88 -68.55 -14.32 -20.53
N TYR D 89 -67.25 -14.06 -20.54
CA TYR D 89 -66.29 -14.72 -21.40
C TYR D 89 -65.28 -15.46 -20.53
N HIS D 90 -64.80 -16.60 -21.00
CA HIS D 90 -63.85 -17.40 -20.23
C HIS D 90 -62.66 -17.77 -21.10
N TYR D 91 -61.52 -17.96 -20.46
CA TYR D 91 -60.26 -18.24 -21.15
C TYR D 91 -59.47 -19.30 -20.41
N ASN D 92 -60.15 -20.35 -19.93
CA ASN D 92 -59.46 -21.43 -19.22
C ASN D 92 -58.40 -22.09 -20.09
N ASN D 93 -58.56 -22.02 -21.41
CA ASN D 93 -57.59 -22.57 -22.35
C ASN D 93 -57.01 -21.47 -23.22
N TRP D 94 -56.60 -20.37 -22.57
CA TRP D 94 -55.95 -19.26 -23.25
C TRP D 94 -54.89 -19.78 -24.22
N PRO D 95 -54.75 -19.17 -25.41
CA PRO D 95 -55.46 -17.97 -25.86
C PRO D 95 -56.89 -18.22 -26.36
N ARG D 96 -57.32 -19.47 -26.41
CA ARG D 96 -58.65 -19.79 -26.93
C ARG D 96 -59.68 -19.75 -25.80
N GLY D 97 -60.85 -19.22 -26.11
CA GLY D 97 -61.92 -19.12 -25.13
C GLY D 97 -63.26 -18.97 -25.80
N SER D 98 -64.32 -19.21 -25.03
CA SER D 98 -65.69 -19.14 -25.52
C SER D 98 -66.44 -18.01 -24.84
N PHE D 99 -67.58 -17.66 -25.41
CA PHE D 99 -68.40 -16.55 -24.94
C PHE D 99 -69.61 -17.07 -24.17
N GLY D 100 -70.49 -16.14 -23.84
CA GLY D 100 -71.82 -16.45 -23.33
C GLY D 100 -72.87 -16.22 -24.38
N GLN D 101 -74.10 -15.96 -23.94
CA GLN D 101 -75.17 -15.62 -24.86
C GLN D 101 -75.66 -14.18 -24.73
N GLY D 102 -75.50 -13.56 -23.57
CA GLY D 102 -75.83 -12.16 -23.44
C GLY D 102 -77.04 -11.93 -22.53
N THR D 103 -77.20 -10.68 -22.14
CA THR D 103 -78.34 -10.25 -21.33
C THR D 103 -78.56 -8.77 -21.58
N LYS D 104 -79.73 -8.44 -22.13
CA LYS D 104 -80.07 -7.07 -22.49
C LYS D 104 -81.15 -6.58 -21.53
N LEU D 105 -80.82 -5.57 -20.74
CA LEU D 105 -81.78 -5.01 -19.79
C LEU D 105 -82.55 -3.86 -20.43
N GLU D 106 -83.79 -3.65 -19.97
CA GLU D 106 -84.65 -2.61 -20.51
C GLU D 106 -85.34 -1.89 -19.35
N ILE D 107 -85.99 -0.77 -19.65
CA ILE D 107 -86.75 -0.06 -18.63
C ILE D 107 -88.22 -0.45 -18.70
N LYS D 108 -88.76 -0.93 -17.59
CA LYS D 108 -90.20 -1.09 -17.40
C LYS D 108 -90.50 -1.52 -15.97
N GLN E 1 34.74 48.45 -27.99
CA GLN E 1 33.57 47.74 -28.49
C GLN E 1 33.97 46.72 -29.55
N MET E 2 34.40 45.55 -29.11
CA MET E 2 34.85 44.49 -30.01
C MET E 2 35.96 44.98 -30.91
N GLN E 3 37.02 45.54 -30.32
CA GLN E 3 38.13 46.08 -31.09
C GLN E 3 39.45 45.63 -30.48
N LEU E 4 40.49 45.63 -31.32
CA LEU E 4 41.84 45.32 -30.91
C LEU E 4 42.71 46.53 -31.22
N VAL E 5 43.74 46.75 -30.39
CA VAL E 5 44.68 47.86 -30.62
C VAL E 5 46.08 47.29 -30.69
N GLU E 6 46.94 47.96 -31.45
CA GLU E 6 48.29 47.50 -31.70
C GLU E 6 49.30 48.53 -31.22
N SER E 7 50.44 48.05 -30.69
CA SER E 7 51.48 48.92 -30.18
C SER E 7 52.85 48.35 -30.53
N GLY E 8 53.76 49.23 -30.89
CA GLY E 8 55.10 48.88 -31.30
C GLY E 8 55.39 49.35 -32.71
N GLY E 9 56.51 48.85 -33.26
CA GLY E 9 56.85 49.13 -34.63
C GLY E 9 57.47 50.48 -34.87
N GLY E 10 58.30 50.59 -35.91
CA GLY E 10 58.94 51.84 -36.27
C GLY E 10 60.05 51.66 -37.29
N VAL E 11 61.19 52.32 -37.06
CA VAL E 11 62.37 52.15 -37.90
C VAL E 11 63.40 51.35 -37.10
N VAL E 12 64.03 50.38 -37.74
CA VAL E 12 64.98 49.49 -37.08
C VAL E 12 65.90 48.88 -38.14
N GLN E 13 67.19 48.77 -37.80
CA GLN E 13 68.17 48.19 -38.70
C GLN E 13 68.25 46.68 -38.50
N PRO E 14 68.73 45.94 -39.51
CA PRO E 14 68.78 44.48 -39.39
C PRO E 14 69.62 44.02 -38.21
N GLY E 15 69.54 42.73 -37.93
CA GLY E 15 70.26 42.14 -36.82
C GLY E 15 69.81 42.58 -35.45
N ARG E 16 68.56 43.02 -35.32
CA ARG E 16 68.02 43.45 -34.03
C ARG E 16 66.75 42.67 -33.70
N SER E 17 66.07 43.08 -32.63
CA SER E 17 64.89 42.36 -32.16
C SER E 17 63.84 43.35 -31.69
N LEU E 18 62.58 43.05 -31.98
CA LEU E 18 61.42 43.86 -31.61
C LEU E 18 60.45 43.01 -30.81
N ARG E 19 59.39 43.66 -30.32
CA ARG E 19 58.31 42.97 -29.62
C ARG E 19 57.06 43.81 -29.76
N LEU E 20 56.11 43.32 -30.55
CA LEU E 20 54.85 44.01 -30.77
C LEU E 20 53.78 43.49 -29.82
N SER E 21 52.82 44.36 -29.52
CA SER E 21 51.78 44.05 -28.55
C SER E 21 50.42 44.33 -29.17
N CYS E 22 49.44 43.50 -28.84
CA CYS E 22 48.07 43.68 -29.30
C CYS E 22 47.14 43.52 -28.10
N ALA E 23 46.45 44.59 -27.75
CA ALA E 23 45.58 44.61 -26.58
C ALA E 23 44.13 44.48 -27.01
N ALA E 24 43.40 43.58 -26.33
CA ALA E 24 42.00 43.35 -26.60
C ALA E 24 41.16 44.25 -25.71
N SER E 25 40.00 44.68 -26.22
CA SER E 25 39.20 45.68 -25.52
C SER E 25 38.17 45.07 -24.59
N ARG E 26 37.18 44.35 -25.13
CA ARG E 26 36.00 44.02 -24.33
C ARG E 26 35.59 42.57 -24.37
N PHE E 27 35.69 41.88 -25.50
CA PHE E 27 34.99 40.60 -25.65
C PHE E 27 35.48 39.54 -24.66
N ASP E 28 36.72 39.07 -24.85
CA ASP E 28 37.34 38.06 -24.01
C ASP E 28 38.73 37.73 -24.54
N PHE E 29 39.58 37.15 -23.71
CA PHE E 29 40.88 36.72 -24.22
C PHE E 29 41.29 35.38 -23.63
N ASN E 30 40.30 34.59 -23.20
CA ASN E 30 40.61 33.27 -22.66
C ASN E 30 39.78 32.19 -23.32
N ARG E 31 39.06 32.50 -24.39
CA ARG E 31 38.17 31.54 -25.03
C ARG E 31 38.38 31.48 -26.52
N PHE E 32 39.35 32.24 -27.04
CA PHE E 32 39.56 32.39 -28.46
C PHE E 32 41.03 32.25 -28.82
N GLY E 33 41.29 31.74 -30.02
CA GLY E 33 42.63 31.70 -30.57
C GLY E 33 42.85 32.93 -31.43
N MET E 34 44.09 33.39 -31.47
CA MET E 34 44.43 34.64 -32.14
C MET E 34 45.39 34.38 -33.29
N HIS E 35 45.46 35.36 -34.19
CA HIS E 35 46.36 35.31 -35.33
C HIS E 35 47.18 36.60 -35.42
N TRP E 36 48.38 36.46 -35.96
CA TRP E 36 49.19 37.58 -36.42
C TRP E 36 49.36 37.44 -37.92
N VAL E 37 48.98 38.49 -38.65
CA VAL E 37 49.01 38.50 -40.10
C VAL E 37 49.79 39.73 -40.54
N ARG E 38 50.46 39.63 -41.69
CA ARG E 38 51.25 40.74 -42.20
C ARG E 38 50.97 40.92 -43.69
N GLN E 39 51.29 42.13 -44.17
CA GLN E 39 51.15 42.45 -45.59
C GLN E 39 52.30 43.38 -45.97
N ALA E 40 53.05 42.99 -47.00
CA ALA E 40 54.15 43.79 -47.52
C ALA E 40 53.64 44.81 -48.54
N PRO E 41 54.29 45.96 -48.66
CA PRO E 41 53.86 46.96 -49.65
C PRO E 41 53.94 46.39 -51.06
N GLY E 42 52.87 46.61 -51.82
CA GLY E 42 52.79 46.12 -53.18
C GLY E 42 52.38 44.67 -53.31
N LYS E 43 52.09 43.98 -52.21
CA LYS E 43 51.75 42.57 -52.22
C LYS E 43 50.42 42.35 -51.51
N GLY E 44 50.06 41.08 -51.31
CA GLY E 44 48.89 40.71 -50.55
C GLY E 44 49.24 40.30 -49.14
N LEU E 45 48.22 39.91 -48.39
CA LEU E 45 48.44 39.53 -47.00
C LEU E 45 49.09 38.14 -46.93
N GLU E 46 49.53 37.80 -45.71
CA GLU E 46 50.05 36.47 -45.45
C GLU E 46 49.96 36.20 -43.95
N TRP E 47 49.39 35.05 -43.62
CA TRP E 47 49.30 34.60 -42.24
C TRP E 47 50.69 34.24 -41.73
N VAL E 48 51.06 34.79 -40.59
CA VAL E 48 52.39 34.60 -40.03
C VAL E 48 52.38 33.77 -38.75
N ALA E 49 51.33 33.90 -37.93
CA ALA E 49 51.34 33.19 -36.66
C ALA E 49 49.93 32.91 -36.19
N TYR E 50 49.77 31.79 -35.50
CA TYR E 50 48.52 31.45 -34.84
C TYR E 50 48.81 30.93 -33.44
N MET E 51 47.97 31.33 -32.49
CA MET E 51 48.13 30.89 -31.12
C MET E 51 46.77 30.45 -30.58
N SER E 52 46.78 29.38 -29.79
CA SER E 52 45.55 28.83 -29.22
C SER E 52 44.99 29.76 -28.15
N TYR E 53 43.87 29.33 -27.55
CA TYR E 53 43.22 30.14 -26.53
C TYR E 53 43.88 29.96 -25.17
N ASP E 54 44.32 28.75 -24.86
CA ASP E 54 45.04 28.47 -23.61
C ASP E 54 46.54 28.38 -23.80
N GLY E 55 47.03 28.54 -25.01
CA GLY E 55 48.45 28.43 -25.29
C GLY E 55 48.95 27.01 -25.46
N GLY E 56 48.04 26.04 -25.61
CA GLY E 56 48.48 24.66 -25.77
C GLY E 56 49.09 24.36 -27.12
N ASP E 57 48.93 25.27 -28.08
CA ASP E 57 49.49 25.05 -29.41
C ASP E 57 49.86 26.40 -30.02
N ARG E 58 50.99 26.42 -30.72
CA ARG E 58 51.48 27.60 -31.42
C ARG E 58 51.95 27.17 -32.81
N TYR E 59 51.62 27.95 -33.82
CA TYR E 59 52.04 27.64 -35.18
C TYR E 59 52.55 28.90 -35.87
N TYR E 60 53.57 28.71 -36.70
CA TYR E 60 54.15 29.79 -37.49
C TYR E 60 54.34 29.32 -38.91
N ALA E 61 54.21 30.25 -39.85
CA ALA E 61 54.61 29.96 -41.21
C ALA E 61 56.13 29.76 -41.27
N ASP E 62 56.60 29.16 -42.36
CA ASP E 62 58.02 28.82 -42.42
C ASP E 62 58.88 30.04 -42.73
N SER E 63 58.29 31.09 -43.29
CA SER E 63 59.06 32.29 -43.59
C SER E 63 59.69 32.89 -42.34
N VAL E 64 58.91 33.04 -41.27
CA VAL E 64 59.42 33.54 -40.00
C VAL E 64 59.65 32.41 -39.00
N LYS E 65 59.84 31.19 -39.49
CA LYS E 65 60.10 30.05 -38.62
C LYS E 65 61.40 30.23 -37.85
N GLY E 66 61.35 29.98 -36.55
CA GLY E 66 62.53 30.02 -35.73
C GLY E 66 62.80 31.34 -35.05
N ARG E 67 62.95 32.41 -35.84
CA ARG E 67 63.31 33.71 -35.31
C ARG E 67 62.12 34.47 -34.73
N PHE E 68 60.95 33.85 -34.68
CA PHE E 68 59.74 34.48 -34.15
C PHE E 68 59.20 33.67 -32.97
N THR E 69 58.55 34.36 -32.04
CA THR E 69 57.97 33.69 -30.89
C THR E 69 56.71 34.44 -30.46
N ILE E 70 55.59 33.74 -30.43
CA ILE E 70 54.30 34.33 -30.08
C ILE E 70 53.92 33.88 -28.67
N SER E 71 53.21 34.75 -27.96
CA SER E 71 52.69 34.38 -26.64
C SER E 71 51.55 35.33 -26.29
N ARG E 72 50.88 35.04 -25.18
CA ARG E 72 49.73 35.84 -24.76
C ARG E 72 49.65 35.79 -23.24
N ASP E 73 48.84 36.70 -22.71
CA ASP E 73 48.45 36.66 -21.30
C ASP E 73 47.02 37.17 -21.21
N ASN E 74 46.16 36.36 -20.60
CA ASN E 74 44.73 36.66 -20.58
C ASN E 74 44.38 37.65 -19.48
N SER E 75 45.00 37.52 -18.30
CA SER E 75 44.69 38.42 -17.19
C SER E 75 44.95 39.87 -17.56
N LYS E 76 46.03 40.12 -18.31
CA LYS E 76 46.28 41.44 -18.88
C LYS E 76 45.61 41.63 -20.23
N SER E 77 45.11 40.55 -20.83
CA SER E 77 44.35 40.61 -22.08
C SER E 77 45.20 41.21 -23.21
N THR E 78 46.32 40.55 -23.49
CA THR E 78 47.23 41.07 -24.51
C THR E 78 48.04 39.94 -25.12
N LEU E 79 48.30 40.08 -26.43
CA LEU E 79 49.03 39.09 -27.22
C LEU E 79 50.32 39.73 -27.71
N HIS E 80 51.45 39.14 -27.35
CA HIS E 80 52.76 39.68 -27.69
C HIS E 80 53.47 38.79 -28.71
N LEU E 81 54.27 39.44 -29.55
CA LEU E 81 55.06 38.71 -30.55
C LEU E 81 56.48 39.28 -30.57
N GLN E 82 57.47 38.41 -30.35
CA GLN E 82 58.87 38.78 -30.35
C GLN E 82 59.50 38.33 -31.66
N MET E 83 60.14 39.27 -32.38
CA MET E 83 60.74 39.00 -33.67
C MET E 83 62.21 39.40 -33.62
N ASP E 84 63.09 38.42 -33.74
CA ASP E 84 64.54 38.64 -33.74
C ASP E 84 65.13 38.33 -35.11
N SER E 85 66.37 38.76 -35.31
CA SER E 85 67.13 38.52 -36.53
C SER E 85 66.34 38.99 -37.76
N LEU E 86 66.10 40.30 -37.80
CA LEU E 86 65.26 40.87 -38.84
C LEU E 86 65.96 40.76 -40.20
N ARG E 87 65.15 40.82 -41.25
CA ARG E 87 65.61 40.71 -42.63
C ARG E 87 64.99 41.85 -43.42
N PRO E 88 65.69 42.37 -44.43
CA PRO E 88 65.14 43.49 -45.21
C PRO E 88 63.87 43.14 -45.98
N GLU E 89 63.41 41.90 -45.93
CA GLU E 89 62.16 41.48 -46.56
C GLU E 89 60.99 41.48 -45.59
N ASP E 90 61.22 41.84 -44.32
CA ASP E 90 60.17 41.89 -43.32
C ASP E 90 59.61 43.30 -43.13
N THR E 91 59.81 44.19 -44.08
CA THR E 91 59.21 45.53 -44.02
C THR E 91 57.77 45.42 -44.49
N ALA E 92 56.83 45.63 -43.57
CA ALA E 92 55.43 45.33 -43.84
C ALA E 92 54.58 45.87 -42.69
N VAL E 93 53.28 45.79 -42.86
CA VAL E 93 52.33 46.19 -41.84
C VAL E 93 51.71 44.94 -41.23
N TYR E 94 51.49 44.97 -39.91
CA TYR E 94 51.09 43.80 -39.15
C TYR E 94 49.77 44.06 -38.43
N TYR E 95 48.87 43.08 -38.49
CA TYR E 95 47.58 43.12 -37.79
C TYR E 95 47.43 41.88 -36.90
N CYS E 96 46.59 42.02 -35.88
CA CYS E 96 46.15 40.90 -35.06
C CYS E 96 44.66 40.68 -35.28
N ALA E 97 44.26 39.42 -35.35
CA ALA E 97 42.88 39.07 -35.64
C ALA E 97 42.41 37.95 -34.71
N LYS E 98 41.09 37.84 -34.57
CA LYS E 98 40.47 36.88 -33.68
C LYS E 98 39.74 35.81 -34.48
N ASP E 99 39.51 34.66 -33.83
CA ASP E 99 38.84 33.54 -34.48
C ASP E 99 37.36 33.55 -34.14
N ASP E 100 36.52 33.45 -35.18
CA ASP E 100 35.06 33.44 -35.01
C ASP E 100 34.59 32.02 -34.69
N ILE E 101 35.21 31.45 -33.67
CA ILE E 101 34.85 30.13 -33.15
C ILE E 101 35.45 29.99 -31.77
N LEU E 102 34.67 29.43 -30.85
CA LEU E 102 35.14 29.23 -29.50
C LEU E 102 36.23 28.17 -29.48
N GLY E 103 37.13 28.28 -28.50
CA GLY E 103 38.32 27.43 -28.51
C GLY E 103 38.06 26.05 -27.95
N ASP E 104 37.43 25.97 -26.78
CA ASP E 104 37.29 24.68 -26.12
C ASP E 104 36.39 23.73 -26.89
N CYS E 105 35.38 24.26 -27.60
CA CYS E 105 34.49 23.40 -28.35
C CYS E 105 35.05 22.99 -29.70
N SER E 106 36.04 23.72 -30.22
CA SER E 106 36.41 23.69 -31.63
C SER E 106 36.78 22.29 -32.14
N THR E 107 36.85 21.30 -31.25
CA THR E 107 37.13 19.94 -31.68
C THR E 107 36.14 18.90 -31.19
N SER E 108 35.13 19.26 -30.38
CA SER E 108 34.26 18.27 -29.79
C SER E 108 32.83 18.33 -30.31
N HIS E 109 32.12 19.44 -30.11
CA HIS E 109 30.75 19.56 -30.58
C HIS E 109 30.55 20.87 -31.30
N CYS E 110 31.64 21.43 -31.81
CA CYS E 110 31.72 22.78 -32.29
C CYS E 110 32.65 22.73 -33.50
N TYR E 111 32.75 21.53 -34.06
CA TYR E 111 33.84 21.15 -34.95
C TYR E 111 34.02 22.14 -36.09
N TRP E 112 35.27 22.54 -36.31
CA TRP E 112 35.61 23.50 -37.35
C TRP E 112 35.25 23.00 -38.74
N GLY E 113 35.25 21.69 -38.97
CA GLY E 113 34.90 21.17 -40.27
C GLY E 113 33.52 21.55 -40.73
N TYR E 114 32.60 21.75 -39.79
CA TYR E 114 31.23 22.12 -40.10
C TYR E 114 30.91 23.57 -39.78
N TYR E 115 31.30 24.06 -38.60
CA TYR E 115 30.77 25.31 -38.08
C TYR E 115 31.82 26.39 -37.89
N TYR E 116 32.81 26.49 -38.77
CA TYR E 116 33.84 27.51 -38.63
C TYR E 116 33.47 28.75 -39.43
N GLN E 117 33.53 29.90 -38.78
CA GLN E 117 33.46 31.20 -39.43
C GLN E 117 34.84 31.82 -39.38
N GLY E 118 35.18 32.63 -40.38
CA GLY E 118 36.59 32.90 -40.61
C GLY E 118 37.31 33.72 -39.56
N MET E 119 37.06 35.03 -39.53
CA MET E 119 37.80 35.94 -38.65
C MET E 119 36.95 37.21 -38.50
N ASP E 120 36.24 37.34 -37.39
CA ASP E 120 35.21 38.36 -37.30
C ASP E 120 35.79 39.76 -37.13
N VAL E 121 36.72 39.94 -36.19
CA VAL E 121 37.23 41.26 -35.84
C VAL E 121 38.71 41.33 -36.17
N TRP E 122 39.12 42.44 -36.78
CA TRP E 122 40.50 42.70 -37.12
C TRP E 122 41.01 43.94 -36.39
N GLY E 123 42.31 44.13 -36.43
CA GLY E 123 42.93 45.34 -35.95
C GLY E 123 43.18 46.32 -37.08
N HIS E 124 44.03 47.30 -36.82
CA HIS E 124 44.42 48.27 -37.84
C HIS E 124 45.85 48.09 -38.33
N GLY E 125 46.72 47.49 -37.54
CA GLY E 125 48.05 47.15 -38.00
C GLY E 125 49.05 48.27 -37.88
N THR E 126 50.25 47.94 -37.42
CA THR E 126 51.34 48.89 -37.32
C THR E 126 52.42 48.54 -38.35
N THR E 127 53.14 49.56 -38.80
CA THR E 127 54.15 49.39 -39.84
C THR E 127 55.52 49.12 -39.22
N VAL E 128 56.31 48.28 -39.89
CA VAL E 128 57.67 47.97 -39.47
C VAL E 128 58.56 48.01 -40.69
N THR E 129 59.74 48.60 -40.55
CA THR E 129 60.69 48.82 -41.64
C THR E 129 62.04 48.23 -41.26
N VAL E 130 62.65 47.51 -42.18
CA VAL E 130 63.96 46.90 -41.93
C VAL E 130 65.02 47.54 -42.81
N GLU F 1 51.73 21.21 -50.54
CA GLU F 1 51.25 22.53 -50.12
C GLU F 1 50.24 23.06 -51.13
N ILE F 2 49.25 23.80 -50.63
CA ILE F 2 48.18 24.33 -51.46
C ILE F 2 48.34 25.84 -51.56
N VAL F 3 48.24 26.36 -52.78
CA VAL F 3 48.24 27.80 -53.02
C VAL F 3 47.23 28.11 -54.11
N MET F 4 46.49 29.20 -53.93
CA MET F 4 45.43 29.59 -54.85
C MET F 4 45.80 30.88 -55.56
N THR F 5 45.28 31.03 -56.78
CA THR F 5 45.61 32.17 -57.63
C THR F 5 44.33 32.84 -58.10
N GLN F 6 44.19 34.12 -57.81
CA GLN F 6 43.05 34.91 -58.27
C GLN F 6 43.40 35.63 -59.57
N SER F 7 42.39 35.76 -60.43
CA SER F 7 42.58 36.43 -61.70
C SER F 7 41.24 36.98 -62.15
N PRO F 8 41.20 38.24 -62.62
CA PRO F 8 42.37 39.10 -62.69
C PRO F 8 42.60 39.84 -61.38
N ASP F 9 43.84 40.23 -61.11
CA ASP F 9 44.15 41.04 -59.93
C ASP F 9 43.68 42.48 -60.09
N THR F 10 43.19 42.87 -61.28
CA THR F 10 42.70 44.22 -61.53
C THR F 10 41.55 44.09 -62.52
N LEU F 11 40.38 44.57 -62.13
CA LEU F 11 39.21 44.56 -62.99
C LEU F 11 38.43 45.85 -62.77
N SER F 12 38.53 46.78 -63.72
CA SER F 12 37.84 48.05 -63.65
C SER F 12 36.43 47.88 -64.22
N VAL F 13 35.42 48.17 -63.39
CA VAL F 13 34.03 47.87 -63.73
C VAL F 13 33.15 49.03 -63.28
N SER F 14 32.22 49.42 -64.16
CA SER F 14 31.31 50.52 -63.86
C SER F 14 30.32 50.11 -62.77
N PRO F 15 29.89 51.05 -61.92
CA PRO F 15 28.90 50.72 -60.89
C PRO F 15 27.49 50.49 -61.47
N GLY F 16 26.84 49.42 -61.04
CA GLY F 16 25.48 49.16 -61.46
C GLY F 16 25.26 47.78 -62.04
N GLU F 17 26.32 47.16 -62.54
CA GLU F 17 26.24 45.91 -63.28
C GLU F 17 26.62 44.72 -62.39
N ARG F 18 26.68 43.54 -62.99
CA ARG F 18 27.08 42.31 -62.34
C ARG F 18 28.53 41.99 -62.65
N VAL F 19 29.22 41.37 -61.69
CA VAL F 19 30.61 40.96 -61.91
C VAL F 19 30.91 39.75 -61.05
N THR F 20 31.65 38.80 -61.61
CA THR F 20 32.00 37.57 -60.91
C THR F 20 33.51 37.40 -60.91
N LEU F 21 34.06 37.10 -59.75
CA LEU F 21 35.48 36.83 -59.56
C LEU F 21 35.70 35.33 -59.39
N SER F 22 36.90 34.88 -59.71
CA SER F 22 37.24 33.47 -59.64
C SER F 22 38.56 33.30 -58.90
N CYS F 23 38.66 32.19 -58.17
CA CYS F 23 39.88 31.88 -57.41
C CYS F 23 40.03 30.36 -57.44
N ARG F 24 41.01 29.88 -58.20
CA ARG F 24 41.25 28.44 -58.31
C ARG F 24 42.50 28.04 -57.54
N ALA F 25 42.52 26.80 -57.08
CA ALA F 25 43.55 26.27 -56.21
C ALA F 25 44.52 25.39 -56.98
N SER F 26 45.71 25.23 -56.40
CA SER F 26 46.68 24.29 -56.95
C SER F 26 46.14 22.86 -56.92
N GLN F 27 45.87 22.36 -55.72
CA GLN F 27 45.26 21.05 -55.53
C GLN F 27 43.88 21.23 -54.90
N SER F 28 43.03 20.22 -55.07
CA SER F 28 41.65 20.31 -54.60
C SER F 28 41.60 20.52 -53.09
N VAL F 29 40.86 21.55 -52.67
CA VAL F 29 40.84 21.97 -51.27
C VAL F 29 39.56 21.59 -50.56
N GLY F 30 38.52 21.18 -51.28
CA GLY F 30 37.27 20.80 -50.66
C GLY F 30 36.26 21.92 -50.64
N SER F 31 35.72 22.21 -49.46
CA SER F 31 34.81 23.34 -49.29
C SER F 31 35.30 24.33 -48.24
N ASN F 32 36.56 24.23 -47.83
CA ASN F 32 37.11 25.08 -46.78
C ASN F 32 37.68 26.36 -47.40
N LEU F 33 36.77 27.29 -47.69
CA LEU F 33 37.14 28.56 -48.29
C LEU F 33 36.40 29.70 -47.62
N VAL F 34 37.08 30.84 -47.51
CA VAL F 34 36.52 32.07 -46.95
C VAL F 34 36.82 33.21 -47.91
N TRP F 35 35.88 34.12 -48.03
CA TRP F 35 36.04 35.30 -48.86
C TRP F 35 36.15 36.54 -47.98
N TYR F 36 37.33 37.14 -47.95
CA TYR F 36 37.57 38.35 -47.18
C TYR F 36 37.48 39.58 -48.08
N GLN F 37 37.03 40.68 -47.49
CA GLN F 37 36.99 41.97 -48.18
C GLN F 37 37.65 43.01 -47.30
N GLN F 38 38.54 43.82 -47.89
CA GLN F 38 39.27 44.84 -47.16
C GLN F 38 39.11 46.19 -47.87
N LYS F 39 38.63 47.19 -47.13
CA LYS F 39 38.59 48.57 -47.57
C LYS F 39 39.64 49.37 -46.80
N PRO F 40 40.36 50.26 -47.48
CA PRO F 40 41.39 51.05 -46.78
C PRO F 40 40.75 51.97 -45.74
N GLY F 41 41.47 52.17 -44.64
CA GLY F 41 40.93 52.95 -43.54
C GLY F 41 39.73 52.32 -42.89
N GLN F 42 39.66 50.99 -42.89
CA GLN F 42 38.51 50.28 -42.33
C GLN F 42 38.92 48.83 -42.10
N SER F 43 38.44 48.26 -41.01
CA SER F 43 38.72 46.87 -40.70
C SER F 43 38.09 45.96 -41.75
N THR F 44 38.73 44.82 -41.96
CA THR F 44 38.24 43.85 -42.94
C THR F 44 37.12 43.02 -42.33
N ARG F 45 36.18 42.62 -43.18
CA ARG F 45 35.02 41.84 -42.79
C ARG F 45 34.98 40.54 -43.58
N VAL F 46 34.32 39.54 -42.99
CA VAL F 46 34.16 38.23 -43.62
C VAL F 46 32.86 38.24 -44.41
N LEU F 47 32.94 37.81 -45.68
CA LEU F 47 31.79 37.79 -46.55
C LEU F 47 31.12 36.43 -46.63
N ILE F 48 31.90 35.36 -46.81
CA ILE F 48 31.35 34.03 -47.04
C ILE F 48 32.32 33.01 -46.46
N TYR F 49 31.79 32.07 -45.68
CA TYR F 49 32.56 30.96 -45.16
C TYR F 49 31.92 29.65 -45.61
N GLY F 50 32.66 28.56 -45.46
CA GLY F 50 32.20 27.26 -45.90
C GLY F 50 32.05 27.19 -47.41
N ALA F 51 32.58 28.20 -48.10
CA ALA F 51 32.64 28.31 -49.55
C ALA F 51 31.28 28.60 -50.18
N SER F 52 30.21 28.47 -49.40
CA SER F 52 28.92 29.06 -49.79
C SER F 52 28.09 29.23 -48.52
N THR F 53 28.19 30.40 -47.89
CA THR F 53 27.32 30.78 -46.78
C THR F 53 27.46 32.26 -46.53
N ARG F 54 26.41 33.03 -46.74
CA ARG F 54 26.49 34.46 -46.50
C ARG F 54 26.53 34.72 -45.00
N ALA F 55 27.54 35.44 -44.55
CA ALA F 55 27.62 35.79 -43.15
C ALA F 55 26.51 36.76 -42.79
N ALA F 56 26.26 36.89 -41.49
CA ALA F 56 25.20 37.77 -41.03
C ALA F 56 25.56 39.23 -41.27
N THR F 57 24.53 40.06 -41.41
CA THR F 57 24.65 41.49 -41.66
C THR F 57 25.39 41.81 -42.95
N VAL F 58 25.33 40.93 -43.93
CA VAL F 58 25.93 41.13 -45.24
C VAL F 58 24.80 41.35 -46.25
N PRO F 59 24.88 42.37 -47.11
CA PRO F 59 23.82 42.59 -48.09
C PRO F 59 23.62 41.38 -48.99
N ALA F 60 22.45 41.35 -49.64
CA ALA F 60 22.00 40.18 -50.39
C ALA F 60 22.40 40.21 -51.85
N ARG F 61 23.52 40.85 -52.18
CA ARG F 61 24.04 40.83 -53.54
C ARG F 61 25.31 39.99 -53.68
N PHE F 62 25.96 39.64 -52.59
CA PHE F 62 27.14 38.80 -52.62
C PHE F 62 26.71 37.34 -52.59
N SER F 63 27.29 36.53 -53.47
CA SER F 63 26.96 35.10 -53.48
C SER F 63 28.17 34.30 -53.94
N GLY F 64 28.65 33.42 -53.08
CA GLY F 64 29.74 32.54 -53.43
C GLY F 64 29.23 31.24 -54.04
N GLY F 65 30.17 30.45 -54.53
CA GLY F 65 29.81 29.16 -55.09
C GLY F 65 31.02 28.41 -55.58
N GLY F 66 30.81 27.15 -55.94
CA GLY F 66 31.86 26.29 -56.43
C GLY F 66 32.41 25.37 -55.36
N SER F 67 33.05 24.30 -55.81
CA SER F 67 33.64 23.32 -54.90
C SER F 67 34.76 22.61 -55.65
N GLY F 68 35.58 21.90 -54.88
CA GLY F 68 36.71 21.21 -55.47
C GLY F 68 37.94 22.09 -55.53
N THR F 69 38.21 22.65 -56.72
CA THR F 69 39.32 23.59 -56.85
C THR F 69 38.97 24.78 -57.74
N GLU F 70 37.68 25.06 -57.94
CA GLU F 70 37.27 26.20 -58.78
C GLU F 70 36.13 26.92 -58.06
N PHE F 71 36.47 28.00 -57.36
CA PHE F 71 35.50 28.75 -56.58
C PHE F 71 35.28 30.12 -57.20
N THR F 72 34.05 30.62 -57.06
CA THR F 72 33.65 31.88 -57.66
C THR F 72 32.84 32.69 -56.66
N LEU F 73 32.81 34.00 -56.89
CA LEU F 73 32.08 34.94 -56.04
C LEU F 73 31.46 36.01 -56.92
N THR F 74 30.15 36.19 -56.83
CA THR F 74 29.44 37.09 -57.73
C THR F 74 28.79 38.22 -56.94
N ILE F 75 28.89 39.43 -57.49
CA ILE F 75 28.15 40.60 -57.03
C ILE F 75 27.19 41.01 -58.14
N SER F 76 25.98 41.43 -57.75
CA SER F 76 24.91 41.58 -58.74
C SER F 76 24.79 43.00 -59.26
N SER F 77 24.81 44.01 -58.38
CA SER F 77 24.43 45.38 -58.74
C SER F 77 25.43 46.38 -58.16
N VAL F 78 26.73 46.15 -58.41
CA VAL F 78 27.83 46.84 -57.74
C VAL F 78 27.56 48.32 -57.55
N GLN F 79 27.69 48.80 -56.33
CA GLN F 79 27.45 50.20 -55.98
C GLN F 79 28.71 50.83 -55.43
N SER F 80 28.55 52.03 -54.85
CA SER F 80 29.69 52.83 -54.42
C SER F 80 30.48 52.17 -53.31
N GLU F 81 29.82 51.44 -52.41
CA GLU F 81 30.53 50.87 -51.27
C GLU F 81 31.34 49.65 -51.64
N ASP F 82 31.00 48.98 -52.74
CA ASP F 82 31.60 47.70 -53.09
C ASP F 82 33.02 47.82 -53.63
N PHE F 83 33.64 49.00 -53.56
CA PHE F 83 34.98 49.19 -54.08
C PHE F 83 35.98 48.91 -52.97
N ALA F 84 36.66 47.77 -53.06
CA ALA F 84 37.60 47.31 -52.05
C ALA F 84 38.53 46.32 -52.71
N VAL F 85 39.26 45.55 -51.91
CA VAL F 85 40.11 44.48 -52.43
C VAL F 85 39.67 43.17 -51.78
N TYR F 86 39.52 42.12 -52.58
CA TYR F 86 38.94 40.87 -52.15
C TYR F 86 39.99 39.76 -52.17
N TYR F 87 39.87 38.83 -51.24
CA TYR F 87 40.81 37.73 -51.11
C TYR F 87 40.08 36.43 -50.85
N CYS F 88 40.64 35.33 -51.36
CA CYS F 88 40.16 33.99 -51.09
C CYS F 88 41.16 33.30 -50.19
N TYR F 89 40.70 32.83 -49.04
CA TYR F 89 41.53 32.24 -48.01
C TYR F 89 41.09 30.80 -47.81
N HIS F 90 42.02 29.90 -47.51
CA HIS F 90 41.71 28.50 -47.33
C HIS F 90 42.27 28.00 -46.02
N TYR F 91 41.61 26.99 -45.45
CA TYR F 91 41.99 26.44 -44.15
C TYR F 91 41.89 24.92 -44.16
N ASN F 92 42.30 24.29 -45.27
CA ASN F 92 42.24 22.83 -45.35
C ASN F 92 43.08 22.18 -44.25
N ASN F 93 44.07 22.88 -43.73
CA ASN F 93 44.89 22.39 -42.62
C ASN F 93 44.70 23.24 -41.38
N TRP F 94 43.44 23.55 -41.07
CA TRP F 94 43.09 24.34 -39.89
C TRP F 94 43.87 23.82 -38.68
N PRO F 95 44.38 24.70 -37.81
CA PRO F 95 44.21 26.16 -37.83
C PRO F 95 45.09 26.90 -38.83
N ARG F 96 45.99 26.20 -39.50
CA ARG F 96 46.93 26.86 -40.42
C ARG F 96 46.34 26.93 -41.82
N GLY F 97 46.43 28.11 -42.42
CA GLY F 97 45.91 28.30 -43.76
C GLY F 97 46.63 29.42 -44.47
N SER F 98 46.51 29.43 -45.80
CA SER F 98 47.19 30.41 -46.64
C SER F 98 46.17 31.31 -47.31
N PHE F 99 46.65 32.43 -47.84
CA PHE F 99 45.81 33.46 -48.45
C PHE F 99 45.86 33.34 -49.97
N GLY F 100 45.25 34.33 -50.61
CA GLY F 100 45.39 34.55 -52.04
C GLY F 100 46.34 35.70 -52.31
N GLN F 101 46.17 36.33 -53.46
CA GLN F 101 46.95 37.52 -53.79
C GLN F 101 46.11 38.79 -53.84
N GLY F 102 44.83 38.70 -54.12
CA GLY F 102 43.96 39.85 -54.07
C GLY F 102 43.44 40.23 -55.44
N THR F 103 42.43 41.08 -55.44
CA THR F 103 41.83 41.63 -56.66
C THR F 103 41.21 42.98 -56.31
N LYS F 104 41.71 44.03 -56.94
CA LYS F 104 41.25 45.39 -56.70
C LYS F 104 40.42 45.83 -57.90
N LEU F 105 39.11 45.95 -57.69
CA LEU F 105 38.22 46.42 -58.75
C LEU F 105 38.21 47.94 -58.79
N GLU F 106 38.00 48.49 -59.97
CA GLU F 106 37.96 49.94 -60.15
C GLU F 106 36.81 50.30 -61.08
N ILE F 107 36.68 51.61 -61.35
CA ILE F 107 35.71 52.08 -62.32
C ILE F 107 36.38 52.19 -63.68
N LYS F 108 35.59 52.07 -64.75
CA LYS F 108 36.08 52.25 -66.11
C LYS F 108 36.89 53.53 -66.27
N GLU G 2 19.32 -60.93 -19.00
CA GLU G 2 19.58 -60.06 -20.15
C GLU G 2 18.55 -58.94 -20.22
N ASN G 3 17.29 -59.32 -20.02
CA ASN G 3 16.17 -58.40 -20.18
C ASN G 3 16.44 -57.09 -19.46
N LEU G 4 16.52 -56.02 -20.24
CA LEU G 4 16.89 -54.72 -19.70
C LEU G 4 15.90 -54.27 -18.63
N TRP G 5 16.39 -53.50 -17.68
CA TRP G 5 15.58 -52.97 -16.60
C TRP G 5 15.60 -51.44 -16.66
N VAL G 6 14.69 -50.83 -15.91
CA VAL G 6 14.60 -49.38 -15.84
C VAL G 6 15.65 -48.87 -14.86
N THR G 7 16.39 -47.85 -15.25
CA THR G 7 17.30 -47.15 -14.36
C THR G 7 16.93 -45.68 -14.34
N VAL G 8 17.25 -45.02 -13.22
CA VAL G 8 16.79 -43.66 -12.96
C VAL G 8 18.00 -42.76 -12.85
N TYR G 9 17.96 -41.62 -13.54
CA TYR G 9 19.02 -40.63 -13.53
C TYR G 9 18.48 -39.30 -13.03
N TYR G 10 19.26 -38.62 -12.20
CA TYR G 10 18.88 -37.32 -11.68
C TYR G 10 19.99 -36.32 -12.02
N GLY G 11 19.68 -35.37 -12.89
CA GLY G 11 20.66 -34.37 -13.27
C GLY G 11 21.04 -34.41 -14.74
N VAL G 12 20.10 -34.84 -15.58
CA VAL G 12 20.37 -34.96 -17.01
C VAL G 12 20.14 -33.61 -17.68
N PRO G 13 20.90 -33.26 -18.73
CA PRO G 13 20.66 -31.98 -19.40
C PRO G 13 19.46 -32.03 -20.33
N VAL G 14 18.34 -31.45 -19.90
CA VAL G 14 17.10 -31.46 -20.65
C VAL G 14 16.32 -30.20 -20.27
N TRP G 15 15.62 -29.62 -21.25
CA TRP G 15 14.89 -28.40 -20.98
C TRP G 15 13.64 -28.33 -21.83
N LYS G 16 12.66 -27.58 -21.34
CA LYS G 16 11.46 -27.23 -22.09
C LYS G 16 11.28 -25.72 -22.06
N ASP G 17 10.37 -25.22 -22.88
CA ASP G 17 10.05 -23.81 -22.88
C ASP G 17 9.05 -23.50 -21.77
N ALA G 18 9.18 -22.31 -21.18
CA ALA G 18 8.34 -21.96 -20.06
C ALA G 18 8.37 -20.45 -19.87
N GLU G 19 7.43 -19.98 -19.05
CA GLU G 19 7.39 -18.59 -18.59
C GLU G 19 7.71 -18.56 -17.11
N THR G 20 8.41 -17.50 -16.70
CA THR G 20 8.81 -17.37 -15.30
C THR G 20 8.86 -15.89 -14.96
N THR G 21 9.49 -15.56 -13.83
CA THR G 21 9.64 -14.19 -13.37
C THR G 21 11.12 -13.90 -13.22
N LEU G 22 11.68 -13.13 -14.14
CA LEU G 22 13.08 -12.75 -14.04
C LEU G 22 13.23 -11.59 -13.07
N PHE G 23 14.40 -11.49 -12.45
CA PHE G 23 14.71 -10.38 -11.57
C PHE G 23 15.85 -9.57 -12.15
N CYS G 24 15.92 -8.32 -11.75
CA CYS G 24 16.88 -7.38 -12.31
C CYS G 24 18.17 -7.35 -11.51
N ALA G 25 19.25 -6.97 -12.18
CA ALA G 25 20.56 -6.83 -11.57
C ALA G 25 21.28 -5.68 -12.23
N SER G 26 21.92 -4.85 -11.42
CA SER G 26 22.57 -3.64 -11.92
C SER G 26 23.94 -3.50 -11.29
N ASP G 27 24.63 -2.43 -11.66
CA ASP G 27 26.00 -2.17 -11.24
C ASP G 27 26.03 -1.22 -10.05
N ALA G 28 27.10 -1.32 -9.27
CA ALA G 28 27.32 -0.46 -8.10
C ALA G 28 26.15 -0.49 -7.14
N HIS G 36 19.54 9.15 -7.25
CA HIS G 36 18.26 8.50 -7.41
C HIS G 36 17.77 8.61 -8.80
N ASN G 37 16.78 7.84 -9.16
CA ASN G 37 16.68 7.42 -10.53
C ASN G 37 15.38 6.76 -10.80
N VAL G 38 14.65 7.24 -11.78
CA VAL G 38 13.33 6.72 -12.09
C VAL G 38 13.18 5.26 -12.18
N TRP G 39 14.14 4.54 -12.71
CA TRP G 39 13.95 3.11 -12.82
C TRP G 39 14.28 2.41 -11.56
N ALA G 40 14.39 3.16 -10.48
CA ALA G 40 14.67 2.64 -9.17
C ALA G 40 15.74 1.58 -9.09
N THR G 41 16.86 1.82 -9.70
CA THR G 41 17.90 0.84 -9.68
C THR G 41 18.60 0.67 -8.36
N HIS G 42 17.85 0.61 -7.29
CA HIS G 42 18.43 0.39 -6.02
C HIS G 42 17.49 -0.59 -5.40
N ALA G 43 16.90 -1.38 -6.25
CA ALA G 43 16.03 -2.43 -5.88
C ALA G 43 16.47 -3.48 -6.84
N CYS G 44 17.75 -3.78 -6.84
CA CYS G 44 18.32 -4.70 -7.76
C CYS G 44 19.53 -5.24 -7.13
N VAL G 45 19.69 -6.54 -7.16
CA VAL G 45 20.85 -7.15 -6.60
C VAL G 45 22.05 -6.68 -7.38
N PRO G 46 23.09 -6.27 -6.70
CA PRO G 46 24.28 -5.85 -7.43
C PRO G 46 24.80 -6.93 -8.32
N THR G 47 25.28 -6.55 -9.49
CA THR G 47 25.75 -7.50 -10.48
C THR G 47 27.03 -8.19 -10.01
N ASP G 48 27.45 -9.19 -10.77
CA ASP G 48 28.62 -9.99 -10.43
C ASP G 48 29.80 -9.64 -11.32
N PRO G 49 31.02 -9.69 -10.79
CA PRO G 49 32.19 -9.42 -11.62
C PRO G 49 32.69 -10.64 -12.37
N ASN G 50 31.77 -11.39 -12.99
CA ASN G 50 32.14 -12.61 -13.70
C ASN G 50 31.03 -13.04 -14.65
N PRO G 51 30.95 -12.45 -15.82
CA PRO G 51 29.91 -12.86 -16.77
C PRO G 51 30.20 -14.20 -17.41
N GLN G 52 29.85 -15.28 -16.71
CA GLN G 52 30.09 -16.62 -17.24
C GLN G 52 29.25 -16.87 -18.49
N GLU G 53 29.80 -17.68 -19.40
CA GLU G 53 29.08 -18.05 -20.61
C GLU G 53 29.63 -19.37 -21.11
N ILE G 54 28.75 -20.31 -21.39
CA ILE G 54 29.12 -21.66 -21.78
C ILE G 54 28.63 -21.92 -23.19
N HIS G 55 29.50 -22.43 -24.04
CA HIS G 55 29.14 -22.79 -25.39
C HIS G 55 28.62 -24.22 -25.43
N LEU G 56 27.60 -24.44 -26.26
CA LEU G 56 26.94 -25.74 -26.34
C LEU G 56 27.12 -26.27 -27.76
N GLU G 57 28.06 -27.18 -27.97
CA GLU G 57 28.29 -27.73 -29.29
C GLU G 57 27.15 -28.67 -29.68
N ASN G 58 27.01 -28.86 -31.00
CA ASN G 58 26.17 -29.87 -31.62
C ASN G 58 24.68 -29.71 -31.38
N VAL G 59 24.23 -28.59 -30.80
CA VAL G 59 22.83 -28.42 -30.45
C VAL G 59 22.27 -27.20 -31.19
N THR G 60 21.11 -27.36 -31.81
CA THR G 60 20.39 -26.29 -32.48
C THR G 60 19.01 -26.15 -31.87
N GLU G 61 18.60 -24.91 -31.60
CA GLU G 61 17.34 -24.62 -30.94
C GLU G 61 16.49 -23.75 -31.85
N GLU G 62 15.19 -23.64 -31.51
CA GLU G 62 14.24 -22.84 -32.25
C GLU G 62 13.93 -21.56 -31.47
N PHE G 63 14.21 -20.42 -32.09
CA PHE G 63 13.88 -19.13 -31.52
C PHE G 63 12.69 -18.53 -32.26
N ASN G 64 11.97 -17.64 -31.58
CA ASN G 64 10.85 -16.94 -32.22
C ASN G 64 10.59 -15.65 -31.45
N MET G 65 11.04 -14.52 -31.99
CA MET G 65 10.60 -13.24 -31.46
C MET G 65 9.15 -13.02 -31.87
N TRP G 66 8.57 -11.91 -31.41
CA TRP G 66 7.16 -11.58 -31.54
C TRP G 66 6.28 -12.53 -30.75
N LYS G 67 6.86 -13.55 -30.12
CA LYS G 67 6.18 -14.35 -29.11
C LYS G 67 7.05 -14.51 -27.87
N ASN G 68 8.22 -13.90 -27.85
CA ASN G 68 9.08 -13.93 -26.66
C ASN G 68 8.35 -13.33 -25.48
N ASN G 69 8.45 -13.98 -24.34
CA ASN G 69 7.78 -13.52 -23.14
C ASN G 69 8.64 -12.59 -22.30
N MET G 70 9.94 -12.51 -22.55
CA MET G 70 10.77 -11.53 -21.88
C MET G 70 10.41 -10.11 -22.28
N VAL G 71 9.71 -9.93 -23.40
CA VAL G 71 9.33 -8.60 -23.86
C VAL G 71 8.07 -8.11 -23.18
N GLU G 72 7.07 -8.98 -23.02
CA GLU G 72 5.86 -8.58 -22.32
C GLU G 72 6.07 -8.40 -20.83
N GLN G 73 7.21 -8.80 -20.28
CA GLN G 73 7.51 -8.54 -18.89
C GLN G 73 8.38 -7.31 -18.69
N MET G 74 9.26 -7.00 -19.63
CA MET G 74 9.99 -5.75 -19.56
C MET G 74 9.04 -4.57 -19.72
N HIS G 75 7.97 -4.73 -20.49
CA HIS G 75 7.02 -3.65 -20.68
C HIS G 75 6.30 -3.33 -19.39
N THR G 76 5.62 -4.31 -18.80
CA THR G 76 4.82 -4.04 -17.62
C THR G 76 5.66 -3.70 -16.40
N ASP G 77 6.96 -3.94 -16.44
CA ASP G 77 7.79 -3.67 -15.27
C ASP G 77 8.36 -2.27 -15.26
N ILE G 78 8.42 -1.59 -16.39
CA ILE G 78 8.82 -0.18 -16.39
C ILE G 78 7.62 0.75 -16.50
N ILE G 79 6.46 0.25 -16.92
CA ILE G 79 5.24 1.02 -16.72
C ILE G 79 4.93 1.12 -15.25
N SER G 80 5.31 0.11 -14.47
CA SER G 80 5.01 0.07 -13.05
C SER G 80 6.03 0.80 -12.21
N LEU G 81 7.29 0.84 -12.61
CA LEU G 81 8.27 1.64 -11.89
C LEU G 81 8.06 3.12 -12.14
N TRP G 82 7.45 3.47 -13.27
CA TRP G 82 7.20 4.87 -13.59
C TRP G 82 6.18 5.48 -12.64
N ASP G 83 5.11 4.75 -12.35
CA ASP G 83 4.11 5.26 -11.42
C ASP G 83 4.59 5.25 -9.99
N GLN G 84 5.48 4.32 -9.65
CA GLN G 84 6.00 4.28 -8.29
C GLN G 84 6.77 5.54 -7.93
N SER G 85 7.38 6.20 -8.91
CA SER G 85 8.14 7.40 -8.66
C SER G 85 7.31 8.67 -8.73
N LEU G 86 6.03 8.57 -9.06
CA LEU G 86 5.15 9.73 -9.08
C LEU G 86 4.18 9.77 -7.90
N LYS G 87 4.00 8.66 -7.20
CA LYS G 87 3.11 8.64 -6.03
C LYS G 87 3.48 9.66 -4.97
N PRO G 88 4.74 9.81 -4.55
CA PRO G 88 5.01 10.63 -3.36
C PRO G 88 5.26 12.11 -3.60
N CYS G 89 4.96 12.67 -4.77
CA CYS G 89 5.35 14.04 -5.05
C CYS G 89 4.14 14.88 -5.44
N VAL G 90 4.40 16.15 -5.74
CA VAL G 90 3.41 17.23 -5.56
C VAL G 90 2.26 17.10 -6.55
N LYS G 91 1.03 17.18 -6.04
CA LYS G 91 -0.14 17.28 -6.89
C LYS G 91 -0.38 18.74 -7.25
N LEU G 92 -0.57 19.01 -8.54
CA LEU G 92 -0.74 20.38 -9.04
C LEU G 92 -2.19 20.73 -9.26
N THR G 93 -3.06 20.27 -8.37
CA THR G 93 -4.49 20.59 -8.47
C THR G 93 -4.81 22.07 -8.62
N PRO G 94 -4.20 23.00 -7.88
CA PRO G 94 -4.61 24.41 -8.01
C PRO G 94 -4.15 25.07 -9.29
N LEU G 95 -3.45 24.37 -10.17
CA LEU G 95 -2.91 24.98 -11.38
C LEU G 95 -3.92 25.04 -12.51
N CYS G 96 -5.05 24.35 -12.40
CA CYS G 96 -6.11 24.44 -13.39
C CYS G 96 -6.97 25.66 -13.04
N VAL G 97 -6.47 26.83 -13.42
CA VAL G 97 -7.20 28.08 -13.33
C VAL G 97 -7.14 28.74 -14.69
N THR G 98 -7.71 29.93 -14.82
CA THR G 98 -7.64 30.67 -16.06
C THR G 98 -6.41 31.55 -16.05
N LEU G 99 -5.64 31.52 -17.13
CA LEU G 99 -4.43 32.30 -17.26
C LEU G 99 -4.68 33.51 -18.15
N GLN G 100 -3.80 34.51 -18.03
CA GLN G 100 -3.85 35.68 -18.88
C GLN G 100 -2.49 35.84 -19.54
N CYS G 101 -2.41 35.53 -20.82
CA CYS G 101 -1.14 35.35 -21.50
C CYS G 101 -0.86 36.47 -22.48
N THR G 102 0.41 36.60 -22.83
CA THR G 102 0.91 37.63 -23.73
C THR G 102 2.11 37.08 -24.48
N ASN G 103 2.27 37.52 -25.73
CA ASN G 103 3.37 37.05 -26.55
C ASN G 103 4.71 37.50 -25.97
N VAL G 104 5.74 36.68 -26.20
CA VAL G 104 7.11 37.01 -25.85
C VAL G 104 7.79 37.51 -27.12
N THR G 105 8.26 38.76 -27.09
CA THR G 105 8.88 39.36 -28.28
C THR G 105 10.20 40.03 -27.95
N ASN G 106 10.85 39.66 -26.86
CA ASN G 106 12.05 40.34 -26.37
C ASN G 106 13.27 39.60 -26.91
N ASN G 107 13.92 40.19 -27.92
CA ASN G 107 15.17 39.67 -28.45
C ASN G 107 14.98 38.28 -29.05
N ILE G 108 14.06 38.19 -29.99
CA ILE G 108 13.60 36.91 -30.52
C ILE G 108 13.91 36.82 -32.00
N THR G 109 14.05 35.58 -32.49
CA THR G 109 14.20 35.30 -33.90
C THR G 109 12.90 34.71 -34.44
N ASP G 110 12.72 34.80 -35.75
CA ASP G 110 11.43 34.49 -36.33
C ASP G 110 11.21 33.00 -36.59
N ASP G 111 12.26 32.18 -36.59
CA ASP G 111 12.08 30.76 -36.90
C ASP G 111 11.53 29.98 -35.72
N MET G 112 10.78 31.99 -33.68
CA MET G 112 10.16 31.62 -32.42
C MET G 112 8.94 32.49 -32.18
N ARG G 113 8.46 33.13 -33.22
CA ARG G 113 7.31 34.02 -33.10
C ARG G 113 6.07 33.19 -32.78
N GLY G 114 5.57 33.33 -31.55
CA GLY G 114 4.41 32.61 -31.12
C GLY G 114 4.68 31.30 -30.39
N GLU G 115 5.94 30.94 -30.19
CA GLU G 115 6.27 29.69 -29.54
C GLU G 115 6.30 29.80 -28.03
N LEU G 116 6.43 31.00 -27.48
CA LEU G 116 6.49 31.20 -26.04
C LEU G 116 5.40 32.17 -25.62
N LYS G 117 4.82 31.95 -24.45
CA LYS G 117 3.77 32.79 -23.92
C LYS G 117 4.09 33.17 -22.48
N ASN G 118 3.68 34.37 -22.10
CA ASN G 118 3.96 34.94 -20.79
C ASN G 118 2.64 35.12 -20.06
N CYS G 119 2.33 34.20 -19.14
CA CYS G 119 1.02 34.11 -18.52
C CYS G 119 1.09 34.43 -17.03
N SER G 120 0.05 35.07 -16.51
CA SER G 120 -0.04 35.40 -15.10
C SER G 120 -1.38 34.91 -14.55
N PHE G 121 -1.38 34.56 -13.26
CA PHE G 121 -2.56 33.93 -12.67
C PHE G 121 -2.54 34.14 -11.17
N ASN G 122 -3.60 33.66 -10.51
CA ASN G 122 -3.78 33.75 -9.07
C ASN G 122 -3.53 32.39 -8.45
N MET G 123 -2.62 32.32 -7.49
CA MET G 123 -2.26 31.06 -6.87
C MET G 123 -2.61 31.07 -5.38
N THR G 124 -2.62 29.88 -4.79
CA THR G 124 -2.89 29.72 -3.38
C THR G 124 -1.58 29.78 -2.60
N THR G 125 -1.58 30.50 -1.50
CA THR G 125 -0.40 30.61 -0.65
C THR G 125 -0.44 29.54 0.43
N GLU G 126 0.43 29.66 1.43
CA GLU G 126 0.44 28.70 2.53
C GLU G 126 -0.62 28.98 3.58
N LEU G 127 -1.38 30.07 3.46
CA LEU G 127 -2.52 30.34 4.30
C LEU G 127 -3.79 30.19 3.47
N ARG G 128 -4.75 29.42 3.98
CA ARG G 128 -5.92 29.09 3.18
C ARG G 128 -6.78 30.29 2.82
N ASP G 129 -6.46 31.49 3.31
CA ASP G 129 -7.29 32.66 3.04
C ASP G 129 -6.52 33.77 2.35
N LYS G 130 -5.42 33.46 1.69
CA LYS G 130 -4.64 34.45 0.96
C LYS G 130 -4.28 33.91 -0.42
N LYS G 131 -4.35 34.79 -1.42
CA LYS G 131 -3.92 34.46 -2.77
C LYS G 131 -2.73 35.33 -3.15
N GLN G 132 -2.03 34.92 -4.20
CA GLN G 132 -0.88 35.66 -4.68
C GLN G 132 -0.92 35.72 -6.20
N LYS G 133 -0.42 36.82 -6.75
CA LYS G 133 -0.32 36.98 -8.19
C LYS G 133 1.08 36.58 -8.66
N VAL G 134 1.14 35.85 -9.76
CA VAL G 134 2.33 35.11 -10.16
C VAL G 134 2.33 35.02 -11.69
N TYR G 135 3.52 34.98 -12.28
CA TYR G 135 3.66 34.80 -13.71
C TYR G 135 4.64 33.66 -14.00
N SER G 136 4.60 33.18 -15.23
CA SER G 136 5.44 32.07 -15.68
C SER G 136 5.36 31.98 -17.19
N LEU G 137 6.41 31.42 -17.80
CA LEU G 137 6.46 31.24 -19.24
C LEU G 137 5.99 29.86 -19.62
N PHE G 138 5.20 29.77 -20.68
CA PHE G 138 4.68 28.50 -21.16
C PHE G 138 4.90 28.38 -22.66
N TYR G 139 5.09 27.14 -23.11
CA TYR G 139 5.16 26.87 -24.54
C TYR G 139 3.76 26.82 -25.13
N ARG G 140 3.64 27.20 -26.39
CA ARG G 140 2.32 27.27 -27.00
C ARG G 140 1.68 25.90 -27.13
N LEU G 141 2.46 24.83 -27.06
CA LEU G 141 1.91 23.49 -27.15
C LEU G 141 1.28 23.01 -25.86
N ASP G 142 1.21 23.85 -24.84
CA ASP G 142 0.69 23.43 -23.54
C ASP G 142 -0.52 24.23 -23.09
N VAL G 143 -0.91 25.26 -23.82
CA VAL G 143 -2.06 26.07 -23.46
C VAL G 143 -3.03 26.11 -24.63
N VAL G 144 -4.31 26.31 -24.33
CA VAL G 144 -5.32 26.48 -25.35
C VAL G 144 -6.12 27.72 -25.01
N GLN G 145 -6.63 28.38 -26.05
CA GLN G 145 -7.44 29.57 -25.84
C GLN G 145 -8.79 29.18 -25.30
N ILE G 146 -9.22 29.85 -24.23
CA ILE G 146 -10.40 29.41 -23.49
C ILE G 146 -11.67 29.63 -24.32
N ASN G 147 -11.67 30.62 -25.20
CA ASN G 147 -12.76 30.85 -26.14
C ASN G 147 -12.31 31.88 -27.16
N GLU G 148 -12.63 31.64 -28.42
CA GLU G 148 -12.22 32.55 -29.49
C GLU G 148 -13.02 33.85 -29.44
N GLU G 160 -7.00 35.02 -22.55
CA GLU G 160 -7.37 34.00 -21.57
C GLU G 160 -7.10 32.60 -22.08
N TYR G 161 -6.33 31.83 -21.32
CA TYR G 161 -5.93 30.49 -21.71
C TYR G 161 -6.16 29.54 -20.55
N ARG G 162 -5.79 28.28 -20.76
CA ARG G 162 -5.83 27.27 -19.71
C ARG G 162 -4.89 26.15 -20.13
N LEU G 163 -4.40 25.41 -19.14
CA LEU G 163 -3.54 24.28 -19.45
C LEU G 163 -4.32 23.25 -20.26
N ILE G 164 -3.59 22.52 -21.11
CA ILE G 164 -4.26 21.68 -22.09
C ILE G 164 -4.90 20.44 -21.49
N ASN G 165 -4.50 20.05 -20.28
CA ASN G 165 -4.97 18.81 -19.69
C ASN G 165 -6.17 19.00 -18.77
N CYS G 166 -6.63 20.22 -18.56
CA CYS G 166 -7.61 20.42 -17.51
C CYS G 166 -8.94 19.81 -17.81
N ASN G 167 -9.19 19.10 -18.91
CA ASN G 167 -10.47 18.45 -19.13
C ASN G 167 -10.34 16.96 -19.36
N THR G 168 -9.16 16.38 -19.15
CA THR G 168 -9.02 14.94 -19.30
C THR G 168 -8.33 14.29 -18.10
N SER G 169 -7.43 15.01 -17.43
CA SER G 169 -6.64 14.37 -16.38
C SER G 169 -6.08 15.42 -15.44
N ALA G 170 -5.51 14.93 -14.35
CA ALA G 170 -4.78 15.73 -13.38
C ALA G 170 -3.28 15.56 -13.59
N ILE G 171 -2.51 16.51 -13.08
CA ILE G 171 -1.07 16.54 -13.30
C ILE G 171 -0.34 16.43 -11.98
N THR G 172 0.68 15.58 -11.95
CA THR G 172 1.68 15.53 -10.89
C THR G 172 2.95 16.19 -11.40
N GLN G 173 3.92 16.40 -10.51
CA GLN G 173 5.00 17.31 -10.84
C GLN G 173 6.40 16.70 -10.84
N ALA G 174 6.56 15.52 -11.44
CA ALA G 174 7.86 15.04 -11.92
C ALA G 174 9.00 15.38 -10.97
N CYS G 175 8.94 14.85 -9.78
CA CYS G 175 9.69 15.16 -8.57
C CYS G 175 11.13 15.54 -8.90
N PRO G 176 11.59 16.73 -8.52
CA PRO G 176 12.72 17.35 -9.23
C PRO G 176 14.10 16.76 -8.94
N LYS G 177 14.25 15.87 -7.97
CA LYS G 177 15.56 15.30 -7.68
C LYS G 177 15.72 13.89 -8.22
N VAL G 178 14.87 13.48 -9.14
CA VAL G 178 14.94 12.18 -9.78
C VAL G 178 15.26 12.39 -11.25
N SER G 179 16.27 11.68 -11.73
CA SER G 179 16.74 11.85 -13.10
C SER G 179 16.09 10.87 -14.05
N PHE G 180 16.02 11.25 -15.32
CA PHE G 180 15.46 10.41 -16.37
C PHE G 180 16.54 9.69 -17.17
N GLU G 181 17.76 9.66 -16.66
CA GLU G 181 18.85 9.05 -17.41
C GLU G 181 18.68 7.53 -17.44
N PRO G 182 18.77 6.90 -18.60
CA PRO G 182 18.67 5.44 -18.65
C PRO G 182 19.95 4.78 -18.16
N ILE G 183 19.79 3.62 -17.55
CA ILE G 183 20.91 2.92 -16.92
C ILE G 183 20.84 1.45 -17.34
N PRO G 184 21.96 0.83 -17.70
CA PRO G 184 21.91 -0.57 -18.14
C PRO G 184 21.35 -1.48 -17.08
N ILE G 185 20.64 -2.52 -17.53
CA ILE G 185 19.90 -3.41 -16.66
C ILE G 185 20.08 -4.84 -17.16
N HIS G 186 20.44 -5.75 -16.25
CA HIS G 186 20.60 -7.16 -16.58
C HIS G 186 19.42 -7.96 -16.03
N TYR G 187 18.84 -8.82 -16.86
CA TYR G 187 17.68 -9.61 -16.47
C TYR G 187 18.12 -11.04 -16.21
N CYS G 188 18.17 -11.43 -14.93
CA CYS G 188 18.60 -12.76 -14.55
C CYS G 188 17.42 -13.66 -14.23
N ALA G 189 17.66 -14.95 -14.36
CA ALA G 189 16.75 -16.10 -14.26
C ALA G 189 16.88 -16.77 -12.89
N PRO G 190 15.78 -17.21 -12.31
CA PRO G 190 15.83 -17.86 -10.99
C PRO G 190 16.48 -19.22 -11.06
N ALA G 191 16.54 -19.92 -9.93
CA ALA G 191 17.10 -21.26 -9.95
C ALA G 191 16.16 -22.22 -10.66
N GLY G 192 16.74 -23.25 -11.26
CA GLY G 192 15.96 -24.20 -12.03
C GLY G 192 15.61 -23.76 -13.43
N PHE G 193 16.04 -22.58 -13.85
CA PHE G 193 15.79 -22.05 -15.18
C PHE G 193 17.10 -21.65 -15.82
N ALA G 194 17.06 -21.40 -17.12
CA ALA G 194 18.25 -20.97 -17.84
C ALA G 194 17.85 -20.06 -18.99
N ILE G 195 18.82 -19.28 -19.46
CA ILE G 195 18.64 -18.34 -20.55
C ILE G 195 19.56 -18.76 -21.68
N LEU G 196 18.98 -19.17 -22.80
CA LEU G 196 19.77 -19.50 -23.98
C LEU G 196 20.05 -18.23 -24.78
N LYS G 197 21.04 -18.32 -25.67
CA LYS G 197 21.46 -17.16 -26.43
C LYS G 197 21.98 -17.60 -27.79
N CYS G 198 21.45 -17.00 -28.85
CA CYS G 198 21.87 -17.33 -30.21
C CYS G 198 23.07 -16.49 -30.59
N LYS G 199 24.10 -17.14 -31.13
CA LYS G 199 25.32 -16.45 -31.51
C LYS G 199 25.53 -16.38 -33.01
N ASP G 200 24.50 -16.71 -33.80
CA ASP G 200 24.59 -16.58 -35.24
C ASP G 200 24.63 -15.11 -35.64
N LYS G 201 25.49 -14.79 -36.62
CA LYS G 201 25.66 -13.40 -37.03
C LYS G 201 24.53 -12.94 -37.94
N LYS G 202 24.06 -13.81 -38.82
CA LYS G 202 23.01 -13.47 -39.78
C LYS G 202 21.65 -13.96 -39.32
N PHE G 203 21.39 -13.92 -38.02
CA PHE G 203 20.18 -14.52 -37.49
C PHE G 203 18.94 -13.75 -37.94
N ASN G 204 17.94 -14.52 -38.36
CA ASN G 204 16.63 -13.97 -38.70
C ASN G 204 15.89 -13.65 -37.41
N GLY G 205 14.61 -13.34 -37.54
CA GLY G 205 13.78 -13.29 -36.36
C GLY G 205 13.59 -14.67 -35.76
N THR G 206 12.93 -15.55 -36.49
CA THR G 206 12.62 -16.89 -36.04
C THR G 206 13.49 -17.91 -36.78
N GLY G 207 13.24 -19.18 -36.50
CA GLY G 207 13.94 -20.25 -37.16
C GLY G 207 15.00 -20.89 -36.27
N PRO G 208 15.63 -21.95 -36.78
CA PRO G 208 16.62 -22.70 -35.99
C PRO G 208 17.96 -21.97 -35.95
N CYS G 209 18.45 -21.69 -34.75
CA CYS G 209 19.77 -21.10 -34.56
C CYS G 209 20.75 -22.21 -34.25
N PRO G 210 21.76 -22.46 -35.08
CA PRO G 210 22.66 -23.60 -34.89
C PRO G 210 23.91 -23.34 -34.05
N SER G 211 24.02 -22.21 -33.36
CA SER G 211 25.22 -21.89 -32.60
C SER G 211 24.86 -21.39 -31.21
N VAL G 212 24.00 -22.12 -30.51
CA VAL G 212 23.43 -21.69 -29.24
C VAL G 212 24.48 -21.60 -28.15
N SER G 213 24.15 -20.94 -27.05
CA SER G 213 25.01 -20.79 -25.88
C SER G 213 24.13 -20.38 -24.71
N THR G 214 24.64 -20.56 -23.50
CA THR G 214 23.87 -20.26 -22.30
C THR G 214 24.57 -19.23 -21.44
N VAL G 215 23.77 -18.41 -20.77
CA VAL G 215 24.27 -17.35 -19.88
C VAL G 215 23.40 -17.35 -18.63
N GLN G 216 23.87 -16.62 -17.62
CA GLN G 216 23.09 -16.44 -16.39
C GLN G 216 22.19 -15.22 -16.44
N CYS G 217 22.62 -14.13 -17.07
CA CYS G 217 21.71 -13.06 -17.46
C CYS G 217 22.30 -12.21 -18.57
N THR G 218 21.41 -11.46 -19.20
CA THR G 218 21.65 -10.77 -20.45
C THR G 218 22.68 -9.67 -20.28
N HIS G 219 23.01 -9.03 -21.40
CA HIS G 219 23.88 -7.86 -21.37
C HIS G 219 23.12 -6.65 -20.85
N GLY G 220 23.84 -5.54 -20.71
CA GLY G 220 23.22 -4.33 -20.18
C GLY G 220 22.31 -3.65 -21.17
N ILE G 221 21.01 -3.64 -20.88
CA ILE G 221 20.00 -3.03 -21.75
C ILE G 221 19.62 -1.68 -21.18
N LYS G 222 19.63 -0.67 -22.02
CA LYS G 222 19.21 0.66 -21.61
C LYS G 222 17.75 0.87 -22.00
N PRO G 223 16.89 1.22 -21.06
CA PRO G 223 15.47 1.45 -21.42
C PRO G 223 15.23 2.84 -22.01
N VAL G 224 15.60 3.01 -23.27
CA VAL G 224 15.48 4.29 -23.96
C VAL G 224 14.16 4.33 -24.71
N VAL G 225 13.43 5.43 -24.55
CA VAL G 225 12.15 5.63 -25.22
C VAL G 225 12.36 6.56 -26.40
N SER G 226 11.80 6.19 -27.55
CA SER G 226 11.86 6.98 -28.78
C SER G 226 10.88 6.37 -29.76
N THR G 227 10.61 7.09 -30.86
CA THR G 227 9.54 6.66 -31.76
C THR G 227 10.05 6.26 -33.14
N GLN G 228 10.74 7.13 -33.86
CA GLN G 228 11.05 6.82 -35.25
C GLN G 228 12.44 6.25 -35.44
N LEU G 229 13.40 6.65 -34.61
CA LEU G 229 14.75 6.11 -34.66
C LEU G 229 15.06 5.48 -33.31
N LEU G 230 15.79 4.36 -33.34
CA LEU G 230 16.23 3.72 -32.11
C LEU G 230 17.59 4.28 -31.73
N LEU G 231 17.74 4.66 -30.47
CA LEU G 231 18.91 5.41 -30.02
C LEU G 231 19.69 4.62 -28.98
N ASN G 232 21.01 4.82 -29.00
CA ASN G 232 21.91 4.29 -27.97
C ASN G 232 21.76 2.78 -27.80
N GLY G 233 21.46 2.07 -28.88
CA GLY G 233 21.27 0.63 -28.85
C GLY G 233 22.50 -0.12 -29.29
N SER G 234 22.29 -1.37 -29.70
CA SER G 234 23.36 -2.25 -30.13
C SER G 234 23.37 -2.36 -31.65
N LEU G 235 24.54 -2.67 -32.20
CA LEU G 235 24.74 -2.74 -33.63
C LEU G 235 24.86 -4.19 -34.09
N ALA G 236 24.66 -4.39 -35.39
CA ALA G 236 24.93 -5.68 -35.99
C ALA G 236 26.42 -5.79 -36.32
N GLU G 237 26.87 -7.03 -36.50
CA GLU G 237 28.30 -7.27 -36.70
C GLU G 237 28.69 -7.43 -38.16
N GLU G 238 27.85 -8.04 -38.98
CA GLU G 238 28.25 -8.27 -40.36
C GLU G 238 27.69 -7.23 -41.32
N GLU G 239 26.38 -7.00 -41.30
CA GLU G 239 25.76 -6.08 -42.25
C GLU G 239 24.42 -5.64 -41.67
N VAL G 240 23.63 -4.95 -42.50
CA VAL G 240 22.34 -4.43 -42.07
C VAL G 240 21.32 -5.56 -42.09
N MET G 241 20.54 -5.66 -41.01
CA MET G 241 19.54 -6.71 -40.87
C MET G 241 18.14 -6.11 -40.96
N ILE G 242 17.22 -6.88 -41.52
CA ILE G 242 15.84 -6.45 -41.71
C ILE G 242 14.94 -7.56 -41.22
N ARG G 243 14.19 -7.30 -40.16
CA ARG G 243 13.37 -8.30 -39.51
C ARG G 243 11.93 -7.84 -39.44
N SER G 244 11.01 -8.78 -39.64
CA SER G 244 9.58 -8.53 -39.59
C SER G 244 8.87 -9.87 -39.65
N GLU G 245 7.70 -9.94 -39.05
CA GLU G 245 6.88 -11.14 -39.14
C GLU G 245 5.94 -10.99 -40.31
N ASN G 246 6.16 -11.77 -41.36
CA ASN G 246 5.38 -11.70 -42.59
C ASN G 246 5.43 -10.33 -43.25
N ILE G 247 6.58 -10.02 -43.84
CA ILE G 247 6.81 -8.78 -44.57
C ILE G 247 5.77 -8.53 -45.65
N THR G 248 4.96 -9.54 -45.99
CA THR G 248 3.91 -9.34 -46.97
C THR G 248 2.61 -8.82 -46.36
N ASN G 249 2.51 -8.78 -45.04
CA ASN G 249 1.37 -8.18 -44.35
C ASN G 249 1.71 -6.74 -44.04
N ASN G 250 1.04 -5.79 -44.71
CA ASN G 250 1.42 -4.40 -44.60
C ASN G 250 0.92 -3.73 -43.33
N ALA G 251 0.32 -4.48 -42.41
CA ALA G 251 -0.05 -3.96 -41.11
C ALA G 251 0.98 -4.28 -40.05
N LYS G 252 2.14 -4.78 -40.45
CA LYS G 252 3.22 -5.12 -39.54
C LYS G 252 4.39 -4.17 -39.77
N ASN G 253 4.97 -3.67 -38.68
CA ASN G 253 6.11 -2.79 -38.80
C ASN G 253 7.34 -3.57 -39.27
N ILE G 254 8.36 -2.84 -39.67
CA ILE G 254 9.63 -3.40 -40.08
C ILE G 254 10.71 -2.84 -39.18
N LEU G 255 11.63 -3.68 -38.76
CA LEU G 255 12.71 -3.28 -37.86
C LEU G 255 14.03 -3.36 -38.60
N VAL G 256 14.67 -2.23 -38.78
CA VAL G 256 15.98 -2.16 -39.41
C VAL G 256 17.02 -1.99 -38.32
N GLN G 257 18.21 -2.54 -38.54
CA GLN G 257 19.29 -2.47 -37.56
C GLN G 257 20.59 -2.19 -38.28
N PHE G 258 21.16 -1.02 -38.05
CA PHE G 258 22.40 -0.64 -38.72
C PHE G 258 23.55 -1.48 -38.17
N ASN G 259 24.69 -1.40 -38.87
CA ASN G 259 25.93 -1.98 -38.38
C ASN G 259 27.00 -0.93 -38.12
N THR G 260 26.68 0.34 -38.31
CA THR G 260 27.57 1.45 -38.05
C THR G 260 26.67 2.57 -37.54
N PRO G 261 27.01 3.20 -36.42
CA PRO G 261 26.13 4.22 -35.85
C PRO G 261 26.17 5.50 -36.68
N VAL G 262 25.13 6.30 -36.51
CA VAL G 262 25.06 7.64 -37.07
C VAL G 262 24.83 8.61 -35.92
N GLN G 263 25.67 9.64 -35.84
CA GLN G 263 25.58 10.59 -34.74
C GLN G 263 24.49 11.62 -35.00
N ILE G 264 23.92 12.12 -33.91
CA ILE G 264 22.92 13.18 -34.00
C ILE G 264 23.06 14.10 -32.80
N ASN G 265 23.43 15.35 -33.04
CA ASN G 265 23.73 16.29 -31.97
C ASN G 265 22.56 17.25 -31.80
N CYS G 266 21.95 17.22 -30.62
CA CYS G 266 20.78 18.03 -30.32
C CYS G 266 21.09 19.03 -29.21
N THR G 267 20.33 20.13 -29.18
CA THR G 267 20.62 21.17 -28.22
C THR G 267 19.38 22.01 -27.96
N ARG G 268 19.38 22.70 -26.82
CA ARG G 268 18.35 23.66 -26.44
C ARG G 268 19.10 24.95 -26.11
N PRO G 269 19.26 25.85 -27.09
CA PRO G 269 20.24 26.92 -26.95
C PRO G 269 19.86 28.04 -25.99
N ASN G 270 18.67 28.02 -25.40
CA ASN G 270 18.27 29.09 -24.51
C ASN G 270 18.86 28.89 -23.11
N ASN G 271 19.10 30.01 -22.43
CA ASN G 271 19.63 30.01 -21.07
C ASN G 271 18.44 30.21 -20.13
N ASN G 272 17.99 29.13 -19.53
CA ASN G 272 16.75 29.14 -18.74
C ASN G 272 17.03 29.40 -17.27
N THR G 273 16.07 30.04 -16.63
CA THR G 273 16.07 30.24 -15.19
C THR G 273 14.84 29.57 -14.59
N ARG G 274 14.94 29.20 -13.32
CA ARG G 274 13.87 28.46 -12.65
C ARG G 274 13.49 29.17 -11.37
N LYS G 275 12.23 29.55 -11.26
CA LYS G 275 11.68 30.11 -10.04
C LYS G 275 11.15 29.01 -9.13
N SER G 276 10.85 29.38 -7.89
CA SER G 276 10.23 28.46 -6.95
C SER G 276 9.10 29.19 -6.26
N ILE G 277 7.93 28.58 -6.24
CA ILE G 277 6.72 29.21 -5.75
C ILE G 277 6.11 28.31 -4.69
N ARG G 278 5.94 28.83 -3.48
CA ARG G 278 5.33 28.07 -2.41
C ARG G 278 3.81 28.15 -2.56
N ILE G 279 3.22 27.13 -3.15
CA ILE G 279 1.79 27.13 -3.35
C ILE G 279 1.10 26.73 -2.07
N GLY G 280 0.37 24.37 -0.54
CA GLY G 280 0.39 25.13 0.70
C GLY G 280 1.64 24.86 1.49
N PRO G 281 1.46 24.37 2.72
CA PRO G 281 2.60 24.13 3.60
C PRO G 281 3.48 23.00 3.07
N GLY G 282 4.73 23.33 2.78
CA GLY G 282 5.70 22.32 2.37
C GLY G 282 5.51 21.80 0.96
N GLN G 283 5.09 22.66 0.04
CA GLN G 283 4.83 22.23 -1.33
C GLN G 283 5.22 23.35 -2.27
N ALA G 284 6.14 23.07 -3.20
CA ALA G 284 6.66 24.07 -4.11
C ALA G 284 6.33 23.71 -5.55
N PHE G 285 6.12 24.75 -6.35
CA PHE G 285 5.88 24.62 -7.79
C PHE G 285 7.00 25.36 -8.51
N TYR G 286 7.60 24.71 -9.49
CA TYR G 286 8.80 25.22 -10.16
C TYR G 286 8.40 25.85 -11.49
N ALA G 287 8.28 27.16 -11.51
CA ALA G 287 7.90 27.89 -12.70
C ALA G 287 9.14 28.17 -13.56
N THR G 288 8.98 28.97 -14.59
CA THR G 288 10.07 29.34 -15.48
C THR G 288 10.21 30.86 -15.45
N GLY G 289 11.39 31.33 -15.07
CA GLY G 289 11.66 32.76 -15.05
C GLY G 289 12.08 33.27 -16.41
N ASP G 290 12.58 34.49 -16.41
CA ASP G 290 13.00 35.11 -17.66
C ASP G 290 14.20 34.36 -18.26
N ILE G 291 14.41 34.58 -19.55
CA ILE G 291 15.51 33.96 -20.28
C ILE G 291 16.61 34.99 -20.43
N ILE G 292 17.86 34.55 -20.28
CA ILE G 292 19.01 35.44 -20.25
C ILE G 292 19.69 35.36 -21.61
N GLY G 293 19.32 36.28 -22.50
CA GLY G 293 19.95 36.34 -23.81
C GLY G 293 18.96 36.42 -24.95
N ASP G 294 19.17 35.60 -25.98
CA ASP G 294 18.30 35.55 -27.14
C ASP G 294 17.46 34.28 -27.11
N ILE G 295 16.30 34.34 -27.75
CA ILE G 295 15.40 33.20 -27.85
C ILE G 295 15.59 32.58 -29.22
N ARG G 296 16.16 31.38 -29.26
CA ARG G 296 16.37 30.66 -30.51
C ARG G 296 15.77 29.27 -30.41
N GLN G 297 15.66 28.62 -31.56
CA GLN G 297 14.94 27.37 -31.69
C GLN G 297 15.84 26.17 -31.42
N ALA G 298 15.24 25.12 -30.87
CA ALA G 298 15.96 23.87 -30.65
C ALA G 298 16.03 23.05 -31.93
N HIS G 299 17.07 22.24 -32.05
CA HIS G 299 17.31 21.54 -33.29
C HIS G 299 18.26 20.38 -33.06
N CYS G 300 18.47 19.59 -34.12
CA CYS G 300 19.42 18.49 -34.14
C CYS G 300 20.15 18.52 -35.49
N ASN G 301 21.46 18.38 -35.45
CA ASN G 301 22.28 18.37 -36.66
C ASN G 301 22.78 16.97 -36.94
N VAL G 302 22.73 16.57 -38.21
CA VAL G 302 23.17 15.26 -38.66
C VAL G 302 24.09 15.43 -39.85
N SER G 303 25.15 14.63 -39.91
CA SER G 303 26.08 14.69 -41.03
C SER G 303 25.43 14.15 -42.29
N LYS G 304 25.45 14.95 -43.35
CA LYS G 304 24.69 14.62 -44.55
C LYS G 304 25.35 13.53 -45.37
N ALA G 305 26.68 13.41 -45.30
CA ALA G 305 27.36 12.38 -46.08
C ALA G 305 27.14 11.00 -45.48
N THR G 306 27.30 10.88 -44.16
CA THR G 306 27.16 9.58 -43.52
C THR G 306 25.74 9.06 -43.59
N TRP G 307 24.75 9.94 -43.44
CA TRP G 307 23.36 9.49 -43.48
C TRP G 307 23.00 8.93 -44.85
N ASN G 308 23.29 9.69 -45.90
CA ASN G 308 22.94 9.24 -47.24
C ASN G 308 23.63 7.94 -47.61
N GLU G 309 24.77 7.66 -47.00
CA GLU G 309 25.48 6.42 -47.31
C GLU G 309 24.77 5.20 -46.71
N THR G 310 24.45 5.25 -45.42
CA THR G 310 23.77 4.13 -44.79
C THR G 310 22.38 3.91 -45.37
N LEU G 311 21.73 4.97 -45.85
CA LEU G 311 20.47 4.78 -46.56
C LEU G 311 20.68 3.97 -47.83
N GLY G 312 21.87 4.03 -48.41
CA GLY G 312 22.16 3.18 -49.55
C GLY G 312 22.28 1.73 -49.17
N LYS G 313 22.90 1.45 -48.03
CA LYS G 313 23.05 0.07 -47.58
C LYS G 313 21.73 -0.55 -47.16
N VAL G 314 20.71 0.27 -46.89
CA VAL G 314 19.42 -0.28 -46.51
C VAL G 314 18.63 -0.75 -47.72
N VAL G 315 18.80 -0.09 -48.87
CA VAL G 315 18.01 -0.46 -50.03
C VAL G 315 18.52 -1.72 -50.72
N LYS G 316 19.78 -2.10 -50.50
CA LYS G 316 20.24 -3.38 -51.00
C LYS G 316 19.51 -4.54 -50.31
N GLN G 317 19.50 -4.52 -48.98
CA GLN G 317 18.79 -5.55 -48.23
C GLN G 317 17.29 -5.46 -48.43
N LEU G 318 16.76 -4.26 -48.62
CA LEU G 318 15.32 -4.13 -48.85
C LEU G 318 14.90 -4.69 -50.19
N ARG G 319 15.84 -4.88 -51.11
CA ARG G 319 15.50 -5.38 -52.43
C ARG G 319 15.51 -6.90 -52.51
N LYS G 320 16.09 -7.58 -51.52
CA LYS G 320 16.03 -9.03 -51.52
C LYS G 320 14.61 -9.55 -51.40
N HIS G 321 13.76 -8.86 -50.65
CA HIS G 321 12.40 -9.29 -50.44
C HIS G 321 11.47 -8.87 -51.57
N PHE G 322 11.92 -8.01 -52.47
CA PHE G 322 11.11 -7.59 -53.60
C PHE G 322 11.88 -7.82 -54.89
N GLY G 323 11.38 -7.29 -56.01
CA GLY G 323 12.04 -7.51 -57.28
C GLY G 323 13.45 -6.96 -57.34
N ASN G 324 14.18 -7.29 -58.40
CA ASN G 324 15.52 -6.76 -58.61
C ASN G 324 15.53 -5.39 -59.26
N ASN G 325 14.37 -4.92 -59.73
CA ASN G 325 14.29 -3.66 -60.46
C ASN G 325 13.11 -2.82 -59.98
N THR G 326 12.75 -2.93 -58.72
CA THR G 326 11.70 -2.12 -58.15
C THR G 326 12.26 -0.77 -57.70
N ILE G 327 11.44 0.26 -57.81
CA ILE G 327 11.80 1.57 -57.31
C ILE G 327 11.50 1.61 -55.82
N ILE G 328 12.40 2.21 -55.04
CA ILE G 328 12.27 2.27 -53.60
C ILE G 328 12.27 3.74 -53.19
N ARG G 329 11.21 4.17 -52.51
CA ARG G 329 11.04 5.55 -52.11
C ARG G 329 10.93 5.67 -50.61
N PHE G 330 11.40 6.80 -50.09
CA PHE G 330 11.20 7.18 -48.70
C PHE G 330 10.40 8.48 -48.64
N ALA G 331 9.41 8.51 -47.76
CA ALA G 331 8.58 9.70 -47.59
C ALA G 331 8.41 9.96 -46.10
N ASN G 332 7.87 11.14 -45.78
CA ASN G 332 7.71 11.49 -44.38
C ASN G 332 6.37 10.98 -43.86
N SER G 333 6.21 11.03 -42.54
CA SER G 333 5.05 10.45 -41.90
C SER G 333 3.76 11.07 -42.44
N SER G 334 2.69 10.28 -42.45
CA SER G 334 1.45 10.66 -43.10
C SER G 334 0.41 11.25 -42.17
N GLY G 335 0.57 11.11 -40.87
CA GLY G 335 -0.37 11.69 -39.93
C GLY G 335 -0.37 10.94 -38.63
N GLY G 336 -1.23 11.40 -37.72
CA GLY G 336 -1.35 10.78 -36.42
C GLY G 336 -1.21 11.77 -35.28
N ASP G 337 -0.77 11.29 -34.13
CA ASP G 337 -0.51 12.15 -33.00
C ASP G 337 0.88 12.74 -33.09
N LEU G 338 1.14 13.74 -32.24
CA LEU G 338 2.44 14.40 -32.26
C LEU G 338 3.56 13.44 -31.92
N GLU G 339 3.28 12.43 -31.10
CA GLU G 339 4.32 11.48 -30.73
C GLU G 339 4.74 10.60 -31.88
N VAL G 340 3.89 10.43 -32.89
CA VAL G 340 4.16 9.51 -33.97
C VAL G 340 4.63 10.21 -35.24
N THR G 341 4.18 11.41 -35.51
CA THR G 341 4.62 12.13 -36.70
C THR G 341 6.01 12.74 -36.55
N THR G 342 6.62 12.64 -35.39
CA THR G 342 7.92 13.23 -35.13
C THR G 342 8.80 12.21 -34.44
N HIS G 343 10.10 12.49 -34.41
CA HIS G 343 11.05 11.70 -33.62
C HIS G 343 11.07 12.29 -32.23
N SER G 344 10.41 11.62 -31.29
CA SER G 344 10.27 12.12 -29.93
C SER G 344 11.21 11.37 -29.01
N PHE G 345 11.93 12.11 -28.17
CA PHE G 345 12.89 11.53 -27.25
C PHE G 345 13.03 12.46 -26.06
N ASN G 346 13.92 12.10 -25.14
CA ASN G 346 14.12 12.87 -23.93
C ASN G 346 15.61 13.03 -23.67
N CYS G 347 16.08 14.27 -23.69
CA CYS G 347 17.51 14.57 -23.58
C CYS G 347 17.72 15.54 -22.41
N GLY G 348 18.31 15.05 -21.33
CA GLY G 348 18.68 15.90 -20.23
C GLY G 348 17.54 16.34 -19.33
N GLY G 349 16.35 15.78 -19.50
CA GLY G 349 15.20 16.16 -18.71
C GLY G 349 14.12 16.88 -19.47
N GLU G 350 14.41 17.35 -20.68
CA GLU G 350 13.41 17.95 -21.56
C GLU G 350 12.94 16.93 -22.58
N PHE G 351 11.75 17.17 -23.11
CA PHE G 351 11.14 16.26 -24.07
C PHE G 351 11.05 16.97 -25.42
N PHE G 352 11.69 16.38 -26.43
CA PHE G 352 11.81 16.98 -27.76
C PHE G 352 10.83 16.33 -28.72
N TYR G 353 10.56 17.03 -29.82
CA TYR G 353 9.71 16.50 -30.88
C TYR G 353 10.24 17.08 -32.19
N CYS G 354 11.10 16.33 -32.87
CA CYS G 354 11.85 16.83 -34.01
C CYS G 354 11.21 16.41 -35.32
N ASN G 355 11.29 17.30 -36.31
CA ASN G 355 10.65 17.11 -37.60
C ASN G 355 11.65 16.43 -38.53
N THR G 356 11.48 15.12 -38.73
CA THR G 356 12.40 14.34 -39.53
C THR G 356 12.06 14.35 -41.01
N SER G 357 11.30 15.32 -41.48
CA SER G 357 10.87 15.30 -42.86
C SER G 357 12.00 15.58 -43.84
N GLY G 358 13.22 15.79 -43.36
CA GLY G 358 14.34 16.04 -44.25
C GLY G 358 15.25 14.85 -44.41
N LEU G 359 15.02 13.82 -43.60
CA LEU G 359 15.81 12.59 -43.69
C LEU G 359 15.19 11.59 -44.65
N PHE G 360 13.87 11.41 -44.59
CA PHE G 360 13.18 10.43 -45.41
C PHE G 360 12.60 11.16 -46.63
N ASN G 361 13.49 11.49 -47.56
CA ASN G 361 13.06 12.24 -48.74
C ASN G 361 14.05 11.91 -49.87
N SER G 362 13.72 10.92 -50.69
CA SER G 362 14.60 10.48 -51.75
C SER G 362 13.92 9.37 -52.55
N THR G 363 14.55 8.99 -53.66
CA THR G 363 14.05 7.95 -54.53
C THR G 363 15.23 7.19 -55.09
N TRP G 364 15.21 5.86 -54.94
CA TRP G 364 16.35 5.01 -55.31
C TRP G 364 15.93 4.05 -56.40
N ILE G 365 16.57 4.15 -57.55
CA ILE G 365 16.30 3.27 -58.67
C ILE G 365 17.44 2.26 -58.81
N SER G 366 17.28 1.33 -59.75
CA SER G 366 18.28 0.31 -59.99
C SER G 366 19.43 0.92 -60.78
N ASN G 367 20.27 0.07 -61.36
CA ASN G 367 21.43 0.47 -62.15
C ASN G 367 22.51 1.05 -61.23
N SER G 378 27.69 19.07 -50.21
CA SER G 378 27.46 17.64 -50.04
C SER G 378 28.24 17.09 -48.86
N ASN G 379 29.10 17.91 -48.29
CA ASN G 379 29.88 17.52 -47.13
C ASN G 379 29.55 18.33 -45.91
N ASP G 380 28.28 18.63 -45.71
CA ASP G 380 27.87 19.40 -44.57
C ASP G 380 26.82 18.68 -43.80
N SER G 381 26.05 19.40 -43.02
CA SER G 381 25.05 18.78 -42.21
C SER G 381 23.65 19.15 -42.57
N ILE G 382 22.72 18.51 -41.92
CA ILE G 382 21.29 18.77 -42.02
C ILE G 382 20.79 19.24 -40.67
N THR G 383 19.79 20.12 -40.69
CA THR G 383 19.22 20.66 -39.47
C THR G 383 17.75 20.29 -39.39
N LEU G 384 17.36 19.68 -38.28
CA LEU G 384 15.98 19.31 -38.05
C LEU G 384 15.41 20.17 -36.92
N PRO G 385 14.35 20.92 -37.15
CA PRO G 385 13.79 21.76 -36.08
C PRO G 385 12.93 20.95 -35.13
N CYS G 386 13.04 21.26 -33.84
CA CYS G 386 12.33 20.53 -32.80
C CYS G 386 11.50 21.48 -31.94
N ARG G 387 10.39 20.96 -31.43
CA ARG G 387 9.57 21.65 -30.43
C ARG G 387 9.81 21.03 -29.07
N ILE G 388 9.23 21.66 -28.05
CA ILE G 388 9.37 21.20 -26.68
C ILE G 388 8.01 21.25 -25.99
N LYS G 389 7.76 20.29 -25.12
CA LYS G 389 6.53 20.24 -24.34
C LYS G 389 6.87 19.98 -22.89
N GLN G 390 5.91 20.31 -22.01
CA GLN G 390 6.07 20.07 -20.59
C GLN G 390 4.98 19.21 -19.97
N ILE G 391 3.79 19.18 -20.55
CA ILE G 391 2.73 18.29 -20.09
C ILE G 391 2.86 17.00 -20.88
N ILE G 392 3.22 15.91 -20.21
CA ILE G 392 3.58 14.66 -20.85
C ILE G 392 2.58 13.58 -20.44
N ASN G 393 2.11 12.81 -21.42
CA ASN G 393 1.26 11.65 -21.18
C ASN G 393 2.02 10.46 -21.76
N MET G 394 2.86 9.84 -20.94
CA MET G 394 3.92 8.99 -21.47
C MET G 394 3.36 7.76 -22.17
N TRP G 395 2.65 6.91 -21.44
CA TRP G 395 2.03 5.75 -22.05
C TRP G 395 0.54 6.00 -22.20
N GLN G 396 -0.05 5.40 -23.22
CA GLN G 396 -1.31 5.86 -23.79
C GLN G 396 -2.41 6.08 -22.76
N ARG G 397 -2.23 5.57 -21.54
CA ARG G 397 -3.11 5.92 -20.44
C ARG G 397 -3.38 7.42 -20.43
N ILE G 398 -4.65 7.79 -20.26
CA ILE G 398 -5.05 9.17 -20.43
C ILE G 398 -5.32 9.88 -19.10
N GLY G 399 -5.85 9.18 -18.10
CA GLY G 399 -6.28 9.86 -16.88
C GLY G 399 -5.18 10.27 -15.92
N GLN G 400 -3.94 10.35 -16.40
CA GLN G 400 -2.83 10.67 -15.51
C GLN G 400 -1.71 11.30 -16.34
N ALA G 401 -1.57 12.62 -16.26
CA ALA G 401 -0.52 13.33 -16.97
C ALA G 401 0.64 13.63 -16.03
N MET G 402 1.60 14.39 -16.50
CA MET G 402 2.79 14.71 -15.72
C MET G 402 3.37 16.02 -16.21
N TYR G 403 3.80 16.86 -15.28
CA TYR G 403 4.43 18.14 -15.60
C TYR G 403 5.90 18.05 -15.27
N ALA G 404 6.75 18.27 -16.27
CA ALA G 404 8.19 18.14 -16.09
C ALA G 404 8.79 19.51 -15.80
N PRO G 405 9.50 19.68 -14.69
CA PRO G 405 9.99 21.00 -14.32
C PRO G 405 11.05 21.48 -15.29
N PRO G 406 11.31 22.79 -15.34
CA PRO G 406 12.33 23.30 -16.24
C PRO G 406 13.73 22.97 -15.74
N ILE G 407 14.68 22.99 -16.68
CA ILE G 407 16.07 22.71 -16.39
C ILE G 407 16.85 24.01 -16.49
N GLN G 408 17.89 24.13 -15.67
CA GLN G 408 18.68 25.35 -15.60
C GLN G 408 19.83 25.28 -16.58
N GLY G 409 20.02 26.36 -17.33
CA GLY G 409 21.20 26.51 -18.18
C GLY G 409 20.92 26.13 -19.62
N VAL G 410 21.82 25.34 -20.21
CA VAL G 410 21.76 24.96 -21.61
C VAL G 410 21.89 23.45 -21.71
N ILE G 411 21.10 22.84 -22.57
CA ILE G 411 21.06 21.39 -22.77
C ILE G 411 21.80 21.04 -24.04
N ARG G 412 22.41 19.86 -24.05
CA ARG G 412 22.93 19.28 -25.29
C ARG G 412 23.22 17.81 -25.07
N CYS G 413 22.96 17.00 -26.10
CA CYS G 413 23.18 15.57 -26.07
C CYS G 413 23.88 15.15 -27.35
N VAL G 414 24.49 13.96 -27.31
CA VAL G 414 25.08 13.34 -28.48
C VAL G 414 24.76 11.86 -28.41
N SER G 415 24.08 11.33 -29.43
CA SER G 415 23.60 9.95 -29.37
C SER G 415 23.84 9.26 -30.69
N ASN G 416 23.81 7.93 -30.64
CA ASN G 416 23.97 7.08 -31.80
C ASN G 416 22.60 6.68 -32.33
N ILE G 417 22.39 6.83 -33.63
CA ILE G 417 21.25 6.23 -34.29
C ILE G 417 21.64 4.82 -34.70
N THR G 418 20.87 3.82 -34.27
CA THR G 418 21.24 2.43 -34.54
C THR G 418 20.07 1.63 -35.06
N GLY G 419 19.10 2.25 -35.72
CA GLY G 419 18.00 1.49 -36.28
C GLY G 419 16.82 2.37 -36.61
N LEU G 420 15.88 1.78 -37.33
CA LEU G 420 14.68 2.45 -37.78
C LEU G 420 13.46 1.60 -37.50
N ILE G 421 12.29 2.20 -37.67
CA ILE G 421 11.01 1.50 -37.64
C ILE G 421 10.21 2.00 -38.82
N LEU G 422 9.93 1.13 -39.78
CA LEU G 422 9.33 1.54 -41.03
C LEU G 422 7.95 0.91 -41.21
N THR G 423 7.24 1.39 -42.22
CA THR G 423 5.94 0.86 -42.60
C THR G 423 5.79 1.02 -44.11
N ARG G 424 5.28 -0.02 -44.76
CA ARG G 424 5.16 -0.06 -46.20
C ARG G 424 3.74 0.28 -46.64
N ASP G 425 3.64 1.00 -47.74
CA ASP G 425 2.35 1.41 -48.27
C ASP G 425 1.67 0.24 -48.98
N GLY G 426 0.40 0.01 -48.67
CA GLY G 426 -0.31 -1.12 -49.22
C GLY G 426 -0.81 -0.86 -50.62
N GLY G 427 -1.57 -1.83 -51.13
CA GLY G 427 -2.16 -1.72 -52.43
C GLY G 427 -1.19 -1.65 -53.59
N SER G 428 0.06 -2.03 -53.37
CA SER G 428 1.09 -1.92 -54.39
C SER G 428 1.04 -3.15 -55.29
N THR G 429 0.38 -3.02 -56.43
CA THR G 429 0.40 -4.05 -57.46
C THR G 429 1.31 -3.62 -58.61
N ASN G 430 1.38 -4.46 -59.64
CA ASN G 430 2.27 -4.34 -60.78
C ASN G 430 3.73 -4.54 -60.40
N SER G 431 4.05 -4.73 -59.13
CA SER G 431 5.39 -5.11 -58.67
C SER G 431 6.43 -4.05 -59.01
N THR G 432 6.18 -2.84 -58.53
CA THR G 432 7.11 -1.74 -58.71
C THR G 432 6.76 -0.60 -57.75
N THR G 433 7.78 0.19 -57.42
CA THR G 433 7.61 1.43 -56.64
C THR G 433 6.98 1.15 -55.27
N GLU G 434 7.75 0.47 -54.43
CA GLU G 434 7.40 0.36 -53.02
C GLU G 434 7.79 1.63 -52.27
N THR G 435 6.96 2.02 -51.30
CA THR G 435 7.14 3.25 -50.54
C THR G 435 7.17 2.94 -49.05
N PHE G 436 8.12 3.53 -48.34
CA PHE G 436 8.28 3.31 -46.91
C PHE G 436 8.25 4.63 -46.16
N ARG G 437 7.59 4.63 -45.00
CA ARG G 437 7.47 5.79 -44.15
C ARG G 437 7.81 5.41 -42.71
N PRO G 438 8.30 6.35 -41.91
CA PRO G 438 8.66 6.02 -40.53
C PRO G 438 7.45 5.85 -39.64
N GLY G 439 7.56 4.92 -38.69
CA GLY G 439 6.46 4.64 -37.79
C GLY G 439 6.91 4.56 -36.33
N GLY G 440 6.14 3.87 -35.50
CA GLY G 440 6.47 3.72 -34.11
C GLY G 440 5.22 3.83 -33.25
N GLY G 441 5.41 4.18 -32.00
CA GLY G 441 4.30 4.39 -31.10
C GLY G 441 4.17 3.34 -30.01
N ASP G 442 4.42 2.08 -30.36
CA ASP G 442 4.36 0.98 -29.41
C ASP G 442 5.78 0.69 -28.93
N MET G 443 6.01 0.84 -27.62
CA MET G 443 7.35 0.67 -27.11
C MET G 443 7.80 -0.78 -27.09
N ARG G 444 6.90 -1.74 -27.30
CA ARG G 444 7.33 -3.13 -27.34
C ARG G 444 8.28 -3.38 -28.49
N ASP G 445 8.10 -2.69 -29.61
CA ASP G 445 9.05 -2.81 -30.71
C ASP G 445 10.42 -2.32 -30.32
N ASN G 446 10.53 -1.44 -29.32
CA ASN G 446 11.83 -1.00 -28.86
C ASN G 446 12.53 -2.07 -28.05
N TRP G 447 11.77 -2.89 -27.32
CA TRP G 447 12.41 -3.95 -26.55
C TRP G 447 12.75 -5.16 -27.42
N ARG G 448 11.96 -5.44 -28.45
CA ARG G 448 12.28 -6.56 -29.34
C ARG G 448 13.57 -6.35 -30.08
N SER G 449 14.01 -5.10 -30.24
CA SER G 449 15.27 -4.83 -30.90
C SER G 449 16.47 -5.15 -30.03
N GLU G 450 16.25 -5.52 -28.78
CA GLU G 450 17.33 -5.87 -27.87
C GLU G 450 17.22 -7.28 -27.31
N LEU G 451 16.03 -7.84 -27.23
CA LEU G 451 15.80 -9.16 -26.65
C LEU G 451 15.49 -10.21 -27.71
N TYR G 452 15.96 -10.00 -28.94
CA TYR G 452 15.69 -10.98 -29.98
C TYR G 452 16.64 -12.17 -29.93
N LYS G 453 17.63 -12.15 -29.06
CA LYS G 453 18.66 -13.18 -28.99
C LYS G 453 18.45 -14.18 -27.85
N TYR G 454 17.46 -13.95 -27.00
CA TYR G 454 17.35 -14.71 -25.76
C TYR G 454 16.03 -15.47 -25.70
N LYS G 455 16.01 -16.52 -24.88
CA LYS G 455 14.80 -17.25 -24.56
C LYS G 455 14.99 -17.96 -23.24
N VAL G 456 13.89 -18.25 -22.57
CA VAL G 456 13.88 -18.83 -21.24
C VAL G 456 13.40 -20.27 -21.34
N VAL G 457 14.14 -21.18 -20.71
CA VAL G 457 13.80 -22.60 -20.68
C VAL G 457 13.82 -23.08 -19.24
N LYS G 458 13.08 -24.15 -18.99
CA LYS G 458 12.98 -24.75 -17.67
C LYS G 458 13.68 -26.09 -17.67
N ILE G 459 14.47 -26.35 -16.63
CA ILE G 459 15.26 -27.58 -16.56
C ILE G 459 14.40 -28.70 -16.01
N GLU G 460 14.53 -29.89 -16.61
CA GLU G 460 13.81 -31.09 -16.21
C GLU G 460 14.81 -32.19 -15.91
N PRO G 461 15.26 -32.32 -14.67
CA PRO G 461 16.45 -33.14 -14.39
C PRO G 461 16.19 -34.60 -14.09
N LEU G 462 15.00 -35.12 -14.39
CA LEU G 462 14.66 -36.49 -14.06
C LEU G 462 14.45 -37.29 -15.34
N GLY G 463 15.20 -38.37 -15.50
CA GLY G 463 15.09 -39.19 -16.70
C GLY G 463 15.22 -40.66 -16.38
N VAL G 464 14.62 -41.49 -17.24
CA VAL G 464 14.67 -42.93 -17.12
C VAL G 464 15.21 -43.49 -18.43
N ALA G 465 15.75 -44.70 -18.36
CA ALA G 465 16.40 -45.33 -19.51
C ALA G 465 16.56 -46.81 -19.21
N PRO G 466 16.75 -47.63 -20.24
CA PRO G 466 17.01 -49.05 -20.01
C PRO G 466 18.49 -49.36 -19.90
N THR G 467 18.78 -50.34 -19.04
CA THR G 467 20.15 -50.81 -18.87
C THR G 467 20.11 -52.23 -18.29
N ARG G 468 21.29 -52.77 -18.02
CA ARG G 468 21.43 -54.17 -17.66
C ARG G 468 21.51 -54.42 -16.16
N CYS G 469 22.01 -53.45 -15.39
CA CYS G 469 22.06 -53.61 -13.94
C CYS G 469 20.65 -53.83 -13.38
N LYS G 470 20.56 -54.55 -12.28
CA LYS G 470 19.31 -54.72 -11.58
C LYS G 470 19.57 -54.65 -10.08
N ARG G 471 18.59 -54.11 -9.35
CA ARG G 471 18.75 -53.89 -7.92
C ARG G 471 18.95 -55.20 -7.18
N ARG G 472 19.84 -55.19 -6.20
CA ARG G 472 20.20 -56.39 -5.46
C ARG G 472 19.21 -56.61 -4.32
N VAL G 473 18.44 -57.68 -4.42
CA VAL G 473 17.54 -58.05 -3.32
C VAL G 473 18.37 -58.51 -2.13
N VAL G 474 17.97 -58.07 -0.94
CA VAL G 474 18.67 -58.44 0.29
C VAL G 474 17.75 -59.23 1.20
N GLU H 2 46.54 -46.94 8.24
CA GLU H 2 46.78 -45.96 9.30
C GLU H 2 46.43 -44.56 8.84
N ASN H 3 46.88 -44.24 7.63
CA ASN H 3 46.74 -42.90 7.08
C ASN H 3 45.32 -42.37 7.28
N LEU H 4 45.22 -41.26 8.00
CA LEU H 4 43.93 -40.72 8.38
C LEU H 4 43.10 -40.40 7.14
N TRP H 5 41.78 -40.49 7.29
CA TRP H 5 40.84 -40.18 6.24
C TRP H 5 39.94 -39.03 6.67
N VAL H 6 39.23 -38.47 5.71
CA VAL H 6 38.32 -37.37 5.98
C VAL H 6 36.98 -37.92 6.44
N THR H 7 36.50 -37.43 7.58
CA THR H 7 35.17 -37.76 8.06
C THR H 7 34.37 -36.46 8.19
N VAL H 8 33.05 -36.59 8.09
CA VAL H 8 32.16 -35.45 8.00
C VAL H 8 31.23 -35.44 9.21
N TYR H 9 31.11 -34.29 9.85
CA TYR H 9 30.26 -34.11 11.02
C TYR H 9 29.20 -33.05 10.71
N TYR H 10 27.96 -33.33 11.09
CA TYR H 10 26.86 -32.39 10.89
C TYR H 10 26.25 -32.07 12.24
N GLY H 11 26.35 -30.82 12.66
CA GLY H 11 25.78 -30.39 13.93
C GLY H 11 26.82 -30.01 14.97
N VAL H 12 27.93 -29.43 14.54
CA VAL H 12 29.00 -29.05 15.45
C VAL H 12 28.77 -27.60 15.91
N PRO H 13 29.17 -27.24 17.14
CA PRO H 13 28.96 -25.86 17.59
C PRO H 13 29.99 -24.89 17.04
N VAL H 14 29.63 -24.12 16.05
CA VAL H 14 30.53 -23.17 15.44
C VAL H 14 29.67 -22.01 14.99
N TRP H 15 30.16 -20.79 15.03
CA TRP H 15 29.36 -19.69 14.63
C TRP H 15 30.20 -18.59 14.15
N LYS H 16 29.66 -17.77 13.28
CA LYS H 16 30.34 -16.58 12.81
C LYS H 16 29.51 -15.37 13.08
N ASP H 17 29.96 -14.21 12.65
CA ASP H 17 29.16 -13.03 12.88
C ASP H 17 28.37 -12.76 11.67
N ALA H 18 27.25 -12.12 11.82
CA ALA H 18 26.42 -11.88 10.66
C ALA H 18 25.34 -10.88 11.00
N GLU H 19 24.65 -10.41 9.96
CA GLU H 19 23.47 -9.56 10.08
C GLU H 19 22.25 -10.35 9.64
N THR H 20 21.13 -10.10 10.30
CA THR H 20 19.91 -10.83 9.98
C THR H 20 18.73 -9.91 10.26
N THR H 21 17.53 -10.48 10.31
CA THR H 21 16.31 -9.74 10.58
C THR H 21 15.64 -10.34 11.80
N LEU H 22 15.74 -9.66 12.93
CA LEU H 22 15.08 -10.11 14.14
C LEU H 22 13.61 -9.75 14.11
N PHE H 23 12.81 -10.67 14.57
CA PHE H 23 11.42 -10.39 14.73
C PHE H 23 11.20 -10.09 16.20
N CYS H 24 10.06 -9.57 16.56
CA CYS H 24 9.88 -9.21 17.94
C CYS H 24 8.73 -9.85 18.63
N ALA H 25 8.90 -10.17 19.90
CA ALA H 25 7.87 -10.81 20.66
C ALA H 25 7.37 -9.91 21.72
N SER H 26 6.25 -10.22 22.32
CA SER H 26 5.74 -9.36 23.35
C SER H 26 4.85 -10.13 24.27
N ASP H 27 4.36 -9.46 25.28
CA ASP H 27 3.53 -10.09 26.28
C ASP H 27 2.04 -9.96 26.04
N ALA H 28 1.30 -11.03 26.30
CA ALA H 28 -0.15 -11.08 26.15
C ALA H 28 -0.65 -10.46 24.87
N HIS H 36 -4.68 -0.13 22.42
CA HIS H 36 -3.96 0.04 21.17
C HIS H 36 -2.94 1.07 21.35
N ASN H 37 -1.76 0.90 20.80
CA ASN H 37 -0.79 1.94 20.97
C ASN H 37 0.17 2.04 19.85
N VAL H 38 0.92 3.12 19.84
CA VAL H 38 1.84 3.42 18.78
C VAL H 38 2.75 2.37 18.29
N TRP H 39 3.26 1.49 19.13
CA TRP H 39 4.18 0.46 18.68
C TRP H 39 3.58 -0.76 18.05
N ALA H 40 2.27 -0.77 17.83
CA ALA H 40 1.53 -1.82 17.19
C ALA H 40 1.92 -3.12 17.76
N THR H 41 1.99 -3.16 19.05
CA THR H 41 2.48 -4.38 19.62
C THR H 41 1.40 -5.43 19.66
N HIS H 42 0.49 -5.35 18.72
CA HIS H 42 -0.53 -6.33 18.55
C HIS H 42 -0.22 -6.88 17.19
N ALA H 43 1.07 -7.07 16.95
CA ALA H 43 1.55 -7.56 15.70
C ALA H 43 2.89 -8.11 16.08
N CYS H 44 2.89 -8.96 17.08
CA CYS H 44 4.07 -9.56 17.60
C CYS H 44 3.68 -10.89 18.10
N VAL H 45 4.49 -11.89 17.89
CA VAL H 45 4.19 -13.20 18.39
C VAL H 45 4.17 -13.12 19.89
N PRO H 46 3.18 -13.69 20.53
CA PRO H 46 3.19 -13.52 21.97
C PRO H 46 4.38 -14.23 22.54
N THR H 47 4.87 -13.77 23.67
CA THR H 47 6.04 -14.33 24.32
C THR H 47 5.79 -15.65 24.98
N ASP H 48 6.85 -16.31 25.41
CA ASP H 48 6.71 -17.61 26.03
C ASP H 48 7.00 -17.54 27.52
N PRO H 49 6.38 -18.39 28.33
CA PRO H 49 6.63 -18.40 29.78
C PRO H 49 7.83 -19.27 30.16
N ASN H 50 8.94 -19.10 29.46
CA ASN H 50 10.12 -19.90 29.72
C ASN H 50 11.37 -19.23 29.15
N PRO H 51 11.93 -18.26 29.84
CA PRO H 51 13.16 -17.63 29.34
C PRO H 51 14.37 -18.52 29.52
N GLN H 52 14.59 -19.43 28.56
CA GLN H 52 15.74 -20.33 28.62
C GLN H 52 17.04 -19.55 28.50
N GLU H 53 18.07 -20.04 29.17
CA GLU H 53 19.40 -19.43 29.10
C GLU H 53 20.44 -20.49 29.41
N ILE H 54 21.46 -20.59 28.56
CA ILE H 54 22.48 -21.61 28.67
C ILE H 54 23.83 -20.94 28.89
N HIS H 55 24.60 -21.46 29.84
CA HIS H 55 25.93 -20.96 30.11
C HIS H 55 26.95 -21.72 29.26
N LEU H 56 27.97 -21.02 28.81
CA LEU H 56 28.99 -21.58 27.92
C LEU H 56 30.36 -21.46 28.60
N GLU H 57 30.73 -22.49 29.36
CA GLU H 57 32.01 -22.47 30.04
C GLU H 57 33.16 -22.42 29.03
N ASN H 58 34.28 -21.87 29.49
CA ASN H 58 35.54 -21.84 28.75
C ASN H 58 35.46 -21.07 27.44
N VAL H 59 34.44 -20.25 27.24
CA VAL H 59 34.25 -19.51 26.00
C VAL H 59 34.47 -18.03 26.27
N THR H 60 35.29 -17.39 25.44
CA THR H 60 35.49 -15.95 25.47
C THR H 60 35.28 -15.39 24.08
N GLU H 61 34.38 -14.43 23.94
CA GLU H 61 34.02 -13.85 22.66
C GLU H 61 34.37 -12.36 22.66
N GLU H 62 34.40 -11.76 21.48
CA GLU H 62 34.70 -10.35 21.31
C GLU H 62 33.41 -9.59 21.03
N PHE H 63 33.10 -8.62 21.89
CA PHE H 63 31.97 -7.72 21.70
C PHE H 63 32.46 -6.35 21.27
N ASN H 64 31.59 -5.62 20.57
CA ASN H 64 31.93 -4.25 20.19
C ASN H 64 30.62 -3.50 19.93
N MET H 65 30.21 -2.68 20.89
CA MET H 65 29.14 -1.74 20.61
C MET H 65 29.68 -0.64 19.69
N TRP H 66 28.80 0.28 19.30
CA TRP H 66 29.05 1.31 18.31
C TRP H 66 29.24 0.73 16.91
N LYS H 67 29.27 -0.59 16.78
CA LYS H 67 29.12 -1.27 15.51
C LYS H 67 28.09 -2.38 15.57
N ASN H 68 27.42 -2.55 16.71
CA ASN H 68 26.35 -3.52 16.84
C ASN H 68 25.25 -3.21 15.83
N ASN H 69 24.81 -4.23 15.10
CA ASN H 69 23.79 -4.05 14.08
C ASN H 69 22.39 -4.15 14.64
N MET H 70 22.21 -4.65 15.86
CA MET H 70 20.89 -4.64 16.47
C MET H 70 20.41 -3.22 16.76
N VAL H 71 21.32 -2.25 16.79
CA VAL H 71 20.94 -0.87 17.06
C VAL H 71 20.43 -0.21 15.80
N GLU H 72 21.02 -0.53 14.65
CA GLU H 72 20.58 0.07 13.41
C GLU H 72 19.21 -0.43 12.97
N GLN H 73 18.75 -1.56 13.50
CA GLN H 73 17.45 -2.08 13.14
C GLN H 73 16.37 -1.70 14.13
N MET H 74 16.71 -1.51 15.40
CA MET H 74 15.73 -0.95 16.33
C MET H 74 15.38 0.47 15.96
N HIS H 75 16.32 1.20 15.37
CA HIS H 75 16.05 2.58 14.97
C HIS H 75 15.07 2.64 13.82
N THR H 76 15.39 1.98 12.71
CA THR H 76 14.53 2.09 11.52
C THR H 76 13.17 1.44 11.72
N ASP H 77 13.02 0.57 12.72
CA ASP H 77 11.72 -0.07 12.92
C ASP H 77 10.76 0.83 13.67
N ILE H 78 11.20 1.49 14.74
CA ILE H 78 10.30 2.38 15.46
C ILE H 78 10.12 3.72 14.77
N ILE H 79 10.87 3.98 13.70
CA ILE H 79 10.53 5.12 12.85
C ILE H 79 9.43 4.72 11.88
N SER H 80 9.40 3.45 11.47
CA SER H 80 8.37 3.00 10.54
C SER H 80 7.04 2.74 11.24
N LEU H 81 7.07 2.26 12.49
CA LEU H 81 5.83 2.09 13.22
C LEU H 81 5.20 3.42 13.57
N TRP H 82 6.01 4.46 13.73
CA TRP H 82 5.48 5.78 14.04
C TRP H 82 4.68 6.34 12.88
N ASP H 83 5.15 6.11 11.66
CA ASP H 83 4.43 6.62 10.48
C ASP H 83 3.19 5.79 10.20
N GLN H 84 3.26 4.47 10.41
CA GLN H 84 2.10 3.63 10.18
C GLN H 84 0.91 4.04 11.02
N SER H 85 1.16 4.67 12.16
CA SER H 85 0.09 5.08 13.05
C SER H 85 -0.48 6.45 12.71
N LEU H 86 0.13 7.18 11.79
CA LEU H 86 -0.37 8.48 11.38
C LEU H 86 -1.04 8.46 10.01
N LYS H 87 -0.88 7.38 9.24
CA LYS H 87 -1.54 7.30 7.94
C LYS H 87 -3.06 7.44 8.03
N PRO H 88 -3.76 6.85 9.00
CA PRO H 88 -5.23 6.94 9.01
C PRO H 88 -5.82 8.11 9.77
N CYS H 89 -5.03 9.01 10.36
CA CYS H 89 -5.61 10.06 11.18
C CYS H 89 -5.93 11.29 10.34
N VAL H 90 -6.43 12.34 11.00
CA VAL H 90 -7.05 13.47 10.32
C VAL H 90 -5.97 14.43 9.83
N LYS H 91 -6.09 14.87 8.58
CA LYS H 91 -5.25 15.92 8.05
C LYS H 91 -5.82 17.27 8.46
N LEU H 92 -4.97 18.15 8.99
CA LEU H 92 -5.39 19.44 9.51
C LEU H 92 -5.06 20.57 8.55
N THR H 93 -5.24 20.34 7.25
CA THR H 93 -5.00 21.37 6.25
C THR H 93 -5.78 22.67 6.50
N PRO H 94 -7.05 22.66 6.91
CA PRO H 94 -7.75 23.94 7.09
C PRO H 94 -7.23 24.78 8.24
N LEU H 95 -6.29 24.27 9.03
CA LEU H 95 -5.85 24.98 10.23
C LEU H 95 -4.79 26.04 9.95
N CYS H 96 -4.17 26.02 8.78
CA CYS H 96 -3.23 27.08 8.41
C CYS H 96 -4.03 28.26 7.87
N VAL H 97 -4.52 29.07 8.81
CA VAL H 97 -5.16 30.33 8.52
C VAL H 97 -4.56 31.37 9.45
N THR H 98 -5.06 32.61 9.36
CA THR H 98 -4.61 33.66 10.25
C THR H 98 -5.49 33.65 11.51
N LEU H 99 -4.85 33.68 12.67
CA LEU H 99 -5.54 33.70 13.94
C LEU H 99 -5.51 35.10 14.53
N GLN H 100 -6.43 35.35 15.45
CA GLN H 100 -6.50 36.62 16.17
C GLN H 100 -6.45 36.33 17.66
N CYS H 101 -5.32 36.61 18.30
CA CYS H 101 -5.04 36.13 19.64
C CYS H 101 -4.91 37.28 20.62
N THR H 102 -5.32 37.02 21.86
CA THR H 102 -5.12 37.92 22.98
C THR H 102 -4.49 37.13 24.12
N ASN H 103 -4.09 37.85 25.17
CA ASN H 103 -3.43 37.21 26.30
C ASN H 103 -4.44 36.61 27.26
N VAL H 104 -4.03 35.55 27.94
CA VAL H 104 -4.80 34.94 29.01
C VAL H 104 -4.30 35.52 30.32
N THR H 105 -5.15 36.27 31.01
CA THR H 105 -4.77 36.93 32.26
C THR H 105 -5.73 36.57 33.39
N ASN H 106 -6.53 35.53 33.22
CA ASN H 106 -7.57 35.17 34.19
C ASN H 106 -6.97 34.24 35.22
N ASN H 107 -6.61 34.79 36.39
CA ASN H 107 -6.19 34.01 37.54
C ASN H 107 -4.87 33.27 37.28
N ILE H 108 -3.84 34.01 36.85
CA ILE H 108 -2.55 33.43 36.55
C ILE H 108 -1.55 33.86 37.61
N THR H 109 -0.50 33.07 37.75
CA THR H 109 0.70 33.45 38.49
C THR H 109 1.55 34.34 37.59
N ASP H 110 2.80 34.58 37.99
CA ASP H 110 3.71 35.38 37.18
C ASP H 110 4.91 34.58 36.69
N ASP H 111 4.87 33.25 36.80
CA ASP H 111 5.97 32.39 36.38
C ASP H 111 6.32 32.61 34.92
N MET H 112 3.32 32.58 34.44
CA MET H 112 2.68 32.19 33.20
C MET H 112 2.27 33.41 32.40
N ARG H 113 2.91 34.54 32.68
CA ARG H 113 2.58 35.78 31.99
C ARG H 113 3.10 35.70 30.56
N GLY H 114 2.20 35.49 29.61
CA GLY H 114 2.56 35.40 28.22
C GLY H 114 2.78 34.00 27.69
N GLU H 115 2.48 32.97 28.49
CA GLU H 115 2.69 31.60 28.05
C GLU H 115 1.47 31.00 27.38
N LEU H 116 0.29 31.58 27.54
CA LEU H 116 -0.93 31.08 26.94
C LEU H 116 -1.61 32.18 26.15
N LYS H 117 -2.17 31.81 25.00
CA LYS H 117 -2.84 32.77 24.13
C LYS H 117 -4.24 32.25 23.80
N ASN H 118 -5.16 33.19 23.63
CA ASN H 118 -6.56 32.89 23.38
C ASN H 118 -6.88 33.35 21.97
N CYS H 119 -6.90 32.42 21.01
CA CYS H 119 -6.97 32.72 19.60
C CYS H 119 -8.34 32.38 19.03
N SER H 120 -8.74 33.11 17.99
CA SER H 120 -10.03 32.95 17.35
C SER H 120 -9.85 32.98 15.84
N PHE H 121 -10.60 32.15 15.12
CA PHE H 121 -10.38 32.01 13.69
C PHE H 121 -11.66 31.49 13.02
N ASN H 122 -11.61 31.41 11.70
CA ASN H 122 -12.71 30.93 10.86
C ASN H 122 -12.38 29.52 10.39
N MET H 123 -13.31 28.60 10.58
CA MET H 123 -13.09 27.21 10.24
C MET H 123 -14.17 26.72 9.28
N THR H 124 -13.84 25.67 8.55
CA THR H 124 -14.76 25.07 7.59
C THR H 124 -15.69 24.09 8.30
N THR H 125 -16.98 24.15 7.99
CA THR H 125 -17.96 23.25 8.57
C THR H 125 -18.12 22.04 7.67
N GLU H 126 -19.16 21.24 7.91
CA GLU H 126 -19.42 20.06 7.11
C GLU H 126 -20.12 20.35 5.81
N LEU H 127 -20.61 21.55 5.58
CA LEU H 127 -21.24 21.86 4.35
C LEU H 127 -20.25 22.72 3.70
N ARG H 128 -19.87 22.46 2.47
CA ARG H 128 -18.87 23.27 1.82
C ARG H 128 -19.05 24.73 1.64
N ASP H 129 -20.19 25.35 1.85
CA ASP H 129 -20.28 26.77 1.68
C ASP H 129 -20.61 27.53 2.92
N LYS H 130 -20.34 27.02 4.10
CA LYS H 130 -20.61 27.77 5.29
C LYS H 130 -19.43 27.69 6.19
N LYS H 131 -19.10 28.75 6.92
CA LYS H 131 -17.99 28.70 7.86
C LYS H 131 -18.48 28.94 9.24
N GLN H 132 -17.65 28.66 10.21
CA GLN H 132 -17.95 28.85 11.62
C GLN H 132 -16.81 29.60 12.27
N LYS H 133 -17.13 30.35 13.32
CA LYS H 133 -16.15 31.10 14.07
C LYS H 133 -15.95 30.45 15.43
N VAL H 134 -14.75 29.95 15.68
CA VAL H 134 -14.43 29.19 16.87
C VAL H 134 -13.21 29.81 17.54
N TYR H 135 -12.86 29.28 18.71
CA TYR H 135 -11.69 29.74 19.44
C TYR H 135 -11.04 28.56 20.14
N SER H 136 -9.80 28.77 20.57
CA SER H 136 -9.01 27.73 21.23
C SER H 136 -7.80 28.38 21.88
N LEU H 137 -7.27 27.72 22.90
CA LEU H 137 -6.09 28.18 23.61
C LEU H 137 -4.84 27.55 23.03
N PHE H 138 -3.81 28.35 22.84
CA PHE H 138 -2.56 27.88 22.26
C PHE H 138 -1.39 28.33 23.13
N TYR H 139 -0.38 27.47 23.23
CA TYR H 139 0.86 27.84 23.90
C TYR H 139 1.67 28.78 23.04
N ARG H 140 2.43 29.66 23.69
CA ARG H 140 3.17 30.67 22.93
C ARG H 140 4.26 30.05 22.08
N LEU H 141 4.67 28.82 22.35
CA LEU H 141 5.69 28.16 21.57
C LEU H 141 5.19 27.57 20.28
N ASP H 142 3.92 27.79 19.93
CA ASP H 142 3.34 27.22 18.73
C ASP H 142 2.82 28.24 17.75
N VAL H 143 2.84 29.52 18.07
CA VAL H 143 2.36 30.56 17.19
C VAL H 143 3.47 31.58 16.99
N VAL H 144 3.44 32.25 15.84
CA VAL H 144 4.35 33.33 15.55
C VAL H 144 3.55 34.52 15.07
N GLN H 145 4.07 35.72 15.35
CA GLN H 145 3.38 36.93 14.92
C GLN H 145 3.53 37.10 13.42
N ILE H 146 2.43 37.45 12.75
CA ILE H 146 2.43 37.46 11.29
C ILE H 146 3.28 38.60 10.76
N ASN H 147 3.38 39.71 11.50
CA ASN H 147 4.24 40.83 11.14
C ASN H 147 4.34 41.77 12.32
N GLU H 148 5.53 42.29 12.57
CA GLU H 148 5.73 43.23 13.66
C GLU H 148 4.98 44.53 13.39
N GLU H 160 -2.50 39.32 15.18
CA GLU H 160 -2.54 38.32 14.12
C GLU H 160 -1.37 37.36 14.20
N TYR H 161 -1.66 36.07 14.31
CA TYR H 161 -0.65 35.04 14.44
C TYR H 161 -0.91 33.95 13.41
N ARG H 162 -0.07 32.92 13.45
CA ARG H 162 -0.25 31.74 12.64
C ARG H 162 0.50 30.60 13.30
N LEU H 163 0.09 29.38 12.97
CA LEU H 163 0.80 28.22 13.51
C LEU H 163 2.22 28.22 12.99
N ILE H 164 3.13 27.67 13.79
CA ILE H 164 4.55 27.83 13.50
C ILE H 164 5.02 26.97 12.33
N ASN H 165 4.27 25.96 11.95
CA ASN H 165 4.70 25.01 10.93
C ASN H 165 4.22 25.37 9.54
N CYS H 166 3.39 26.39 9.38
CA CYS H 166 2.69 26.59 8.12
C CYS H 166 3.62 26.99 6.98
N ASN H 167 4.92 27.11 7.19
CA ASN H 167 5.82 27.42 6.08
C ASN H 167 6.89 26.36 5.86
N THR H 168 6.81 25.23 6.56
CA THR H 168 7.78 24.17 6.32
C THR H 168 7.12 22.81 6.08
N SER H 169 5.98 22.55 6.71
CA SER H 169 5.39 21.22 6.64
C SER H 169 3.91 21.30 6.94
N ALA H 170 3.25 20.15 6.79
CA ALA H 170 1.82 20.01 7.06
C ALA H 170 1.62 19.21 8.33
N ILE H 171 0.59 19.55 9.09
CA ILE H 171 0.31 18.88 10.35
C ILE H 171 -0.78 17.85 10.15
N THR H 172 -0.81 16.87 11.04
CA THR H 172 -1.81 15.82 11.01
C THR H 172 -1.84 15.16 12.37
N GLN H 173 -2.99 15.15 13.03
CA GLN H 173 -3.13 14.32 14.21
C GLN H 173 -4.57 14.12 14.57
N ALA H 174 -4.93 12.85 14.70
CA ALA H 174 -6.20 12.38 15.23
C ALA H 174 -5.92 11.07 15.93
N CYS H 175 -6.95 10.27 16.13
CA CYS H 175 -6.80 8.97 16.78
C CYS H 175 -6.31 9.21 18.20
N PRO H 176 -7.08 9.89 19.04
CA PRO H 176 -6.69 10.04 20.45
C PRO H 176 -6.91 8.79 21.28
N LYS H 177 -7.28 7.68 20.67
CA LYS H 177 -7.37 6.40 21.36
C LYS H 177 -6.08 5.60 21.27
N VAL H 178 -5.09 6.10 20.57
CA VAL H 178 -3.77 5.48 20.53
C VAL H 178 -2.89 6.13 21.59
N SER H 179 -2.31 5.32 22.46
CA SER H 179 -1.53 5.82 23.58
C SER H 179 -0.05 5.85 23.24
N PHE H 180 0.69 6.68 23.97
CA PHE H 180 2.11 6.88 23.76
C PHE H 180 2.97 6.17 24.79
N GLU H 181 2.39 5.32 25.62
CA GLU H 181 3.14 4.73 26.70
C GLU H 181 4.00 3.58 26.19
N PRO H 182 5.27 3.52 26.56
CA PRO H 182 6.14 2.45 26.04
C PRO H 182 5.78 1.10 26.64
N ILE H 183 6.04 0.05 25.87
CA ILE H 183 5.73 -1.32 26.26
C ILE H 183 6.98 -2.16 26.07
N PRO H 184 7.35 -3.00 27.04
CA PRO H 184 8.56 -3.81 26.88
C PRO H 184 8.47 -4.71 25.65
N ILE H 185 9.62 -4.87 24.99
CA ILE H 185 9.69 -5.56 23.71
C ILE H 185 10.88 -6.51 23.74
N HIS H 186 10.69 -7.74 23.29
CA HIS H 186 11.74 -8.73 23.19
C HIS H 186 12.11 -8.96 21.72
N TYR H 187 13.39 -8.91 21.41
CA TYR H 187 13.87 -9.10 20.05
C TYR H 187 14.43 -10.52 19.91
N CYS H 188 13.70 -11.37 19.20
CA CYS H 188 14.12 -12.75 19.01
C CYS H 188 14.78 -12.96 17.65
N ALA H 189 15.52 -14.06 17.55
CA ALA H 189 16.32 -14.39 16.38
C ALA H 189 15.70 -15.57 15.63
N PRO H 190 15.84 -15.60 14.31
CA PRO H 190 15.23 -16.68 13.53
C PRO H 190 15.97 -18.00 13.71
N ALA H 191 15.55 -19.03 12.99
CA ALA H 191 16.24 -20.31 13.08
C ALA H 191 17.59 -20.22 12.38
N GLY H 192 18.54 -21.02 12.85
CA GLY H 192 19.88 -20.98 12.32
C GLY H 192 20.76 -19.87 12.86
N PHE H 193 20.22 -19.01 13.72
CA PHE H 193 20.96 -17.92 14.33
C PHE H 193 20.86 -18.02 15.85
N ALA H 194 21.71 -17.25 16.53
CA ALA H 194 21.70 -17.24 17.99
C ALA H 194 22.09 -15.86 18.48
N ILE H 195 21.74 -15.59 19.74
CA ILE H 195 22.04 -14.32 20.39
C ILE H 195 22.92 -14.61 21.59
N LEU H 196 24.15 -14.14 21.55
CA LEU H 196 25.05 -14.27 22.68
C LEU H 196 24.84 -13.12 23.65
N LYS H 197 25.28 -13.32 24.89
CA LYS H 197 25.03 -12.34 25.93
C LYS H 197 26.19 -12.35 26.92
N CYS H 198 26.79 -11.17 27.13
CA CYS H 198 27.91 -11.05 28.06
C CYS H 198 27.39 -10.91 29.48
N LYS H 199 27.93 -11.71 30.40
CA LYS H 199 27.50 -11.68 31.78
C LYS H 199 28.54 -11.08 32.71
N ASP H 200 29.62 -10.53 32.17
CA ASP H 200 30.59 -9.81 32.98
C ASP H 200 29.95 -8.55 33.54
N LYS H 201 30.33 -8.20 34.78
CA LYS H 201 29.69 -7.10 35.48
C LYS H 201 30.42 -5.78 35.30
N LYS H 202 31.74 -5.81 35.12
CA LYS H 202 32.53 -4.61 34.86
C LYS H 202 32.84 -4.46 33.39
N PHE H 203 31.91 -4.85 32.53
CA PHE H 203 32.17 -4.91 31.10
C PHE H 203 32.26 -3.52 30.49
N ASN H 204 33.25 -3.33 29.63
CA ASN H 204 33.37 -2.15 28.80
C ASN H 204 32.41 -2.27 27.63
N GLY H 205 32.57 -1.41 26.64
CA GLY H 205 31.88 -1.64 25.39
C GLY H 205 32.60 -2.67 24.55
N THR H 206 33.86 -2.42 24.26
CA THR H 206 34.68 -3.28 23.43
C THR H 206 35.48 -4.26 24.27
N GLY H 207 36.02 -5.28 23.61
CA GLY H 207 36.94 -6.20 24.25
C GLY H 207 36.37 -7.58 24.47
N PRO H 208 37.21 -8.48 24.98
CA PRO H 208 36.79 -9.89 25.18
C PRO H 208 36.00 -10.05 26.46
N CYS H 209 34.80 -10.61 26.34
CA CYS H 209 33.97 -10.93 27.50
C CYS H 209 34.16 -12.40 27.83
N PRO H 210 34.73 -12.74 28.98
CA PRO H 210 35.05 -14.14 29.30
C PRO H 210 33.95 -14.93 29.99
N SER H 211 32.71 -14.45 30.04
CA SER H 211 31.64 -15.15 30.75
C SER H 211 30.37 -15.20 29.90
N VAL H 212 30.51 -15.60 28.64
CA VAL H 212 29.44 -15.53 27.65
C VAL H 212 28.29 -16.48 28.01
N SER H 213 27.14 -16.27 27.37
CA SER H 213 25.96 -17.10 27.55
C SER H 213 25.04 -16.84 26.37
N THR H 214 24.09 -17.76 26.15
CA THR H 214 23.21 -17.66 25.00
C THR H 214 21.75 -17.66 25.43
N VAL H 215 20.94 -16.89 24.69
CA VAL H 215 19.51 -16.76 24.95
C VAL H 215 18.77 -16.86 23.62
N GLN H 216 17.45 -16.96 23.70
CA GLN H 216 16.62 -16.96 22.51
C GLN H 216 16.09 -15.57 22.15
N CYS H 217 15.82 -14.72 23.13
CA CYS H 217 15.67 -13.30 22.88
C CYS H 217 15.91 -12.49 24.13
N THR H 218 16.16 -11.20 23.91
CA THR H 218 16.61 -10.26 24.92
C THR H 218 15.58 -10.03 26.01
N HIS H 219 15.92 -9.25 27.01
CA HIS H 219 14.98 -8.86 28.05
C HIS H 219 14.02 -7.81 27.50
N GLY H 220 13.09 -7.38 28.34
CA GLY H 220 12.11 -6.39 27.92
C GLY H 220 12.68 -4.99 27.84
N ILE H 221 12.74 -4.44 26.64
CA ILE H 221 13.30 -3.11 26.39
C ILE H 221 12.16 -2.14 26.18
N LYS H 222 12.13 -1.09 26.96
CA LYS H 222 11.13 -0.05 26.77
C LYS H 222 11.66 1.01 25.82
N PRO H 223 10.98 1.31 24.73
CA PRO H 223 11.45 2.35 23.82
C PRO H 223 11.11 3.76 24.27
N VAL H 224 11.89 4.27 25.21
CA VAL H 224 11.66 5.59 25.81
C VAL H 224 12.51 6.61 25.08
N VAL H 225 11.91 7.74 24.72
CA VAL H 225 12.61 8.83 24.05
C VAL H 225 12.88 9.94 25.06
N SER H 226 14.11 10.46 25.04
CA SER H 226 14.54 11.54 25.92
C SER H 226 15.90 12.01 25.42
N THR H 227 16.35 13.15 25.93
CA THR H 227 17.55 13.78 25.39
C THR H 227 18.72 13.79 26.36
N GLN H 228 18.57 14.38 27.55
CA GLN H 228 19.73 14.56 28.42
C GLN H 228 19.82 13.52 29.51
N LEU H 229 18.70 12.95 29.94
CA LEU H 229 18.65 11.98 30.99
C LEU H 229 17.99 10.72 30.44
N LEU H 230 18.56 9.56 30.75
CA LEU H 230 17.97 8.30 30.35
C LEU H 230 17.00 7.84 31.43
N LEU H 231 15.77 7.52 31.04
CA LEU H 231 14.69 7.28 31.98
C LEU H 231 14.20 5.84 31.88
N ASN H 232 13.75 5.32 33.03
CA ASN H 232 13.07 4.02 33.10
C ASN H 232 13.90 2.91 32.47
N GLY H 233 15.22 2.99 32.61
CA GLY H 233 16.13 2.03 32.05
C GLY H 233 16.61 1.01 33.06
N SER H 234 17.72 0.35 32.72
CA SER H 234 18.30 -0.68 33.58
C SER H 234 19.54 -0.13 34.29
N LEU H 235 19.80 -0.66 35.47
CA LEU H 235 20.90 -0.20 36.32
C LEU H 235 22.08 -1.14 36.24
N ALA H 236 23.26 -0.62 36.55
CA ALA H 236 24.43 -1.45 36.71
C ALA H 236 24.36 -2.21 38.03
N GLU H 237 25.18 -3.24 38.15
CA GLU H 237 25.14 -4.13 39.30
C GLU H 237 26.22 -3.82 40.33
N GLU H 238 27.42 -3.43 39.89
CA GLU H 238 28.51 -3.24 40.84
C GLU H 238 28.73 -1.77 41.17
N GLU H 239 28.86 -0.92 40.16
CA GLU H 239 29.19 0.48 40.39
C GLU H 239 28.80 1.28 39.14
N VAL H 240 29.22 2.53 39.11
CA VAL H 240 28.91 3.41 37.98
C VAL H 240 29.86 3.08 36.84
N MET H 241 29.31 2.97 35.64
CA MET H 241 30.09 2.64 34.45
C MET H 241 30.14 3.84 33.51
N ILE H 242 31.24 3.94 32.76
CA ILE H 242 31.47 5.05 31.86
C ILE H 242 32.00 4.48 30.55
N ARG H 243 31.20 4.58 29.50
CA ARG H 243 31.52 3.97 28.21
C ARG H 243 31.54 5.04 27.13
N SER H 244 32.54 4.94 26.25
CA SER H 244 32.68 5.83 25.11
C SER H 244 33.73 5.24 24.20
N GLU H 245 33.60 5.50 22.90
CA GLU H 245 34.60 5.07 21.95
C GLU H 245 35.59 6.20 21.75
N ASN H 246 36.85 5.96 22.10
CA ASN H 246 37.93 6.93 21.96
C ASN H 246 37.62 8.19 22.78
N ILE H 247 37.65 8.00 24.10
CA ILE H 247 37.39 9.07 25.05
C ILE H 247 38.28 10.29 24.86
N THR H 248 39.35 10.17 24.09
CA THR H 248 40.19 11.33 23.81
C THR H 248 39.71 12.12 22.61
N ASN H 249 38.72 11.62 21.89
CA ASN H 249 38.10 12.34 20.78
C ASN H 249 36.89 13.08 21.34
N ASN H 250 36.95 14.40 21.36
CA ASN H 250 35.92 15.18 22.02
C ASN H 250 34.69 15.39 21.17
N ALA H 251 34.59 14.74 20.01
CA ALA H 251 33.38 14.75 19.21
C ALA H 251 32.53 13.53 19.45
N LYS H 252 32.82 12.77 20.51
CA LYS H 252 32.09 11.56 20.85
C LYS H 252 31.40 11.78 22.19
N ASN H 253 30.14 11.38 22.27
CA ASN H 253 29.41 11.50 23.52
C ASN H 253 29.93 10.48 24.53
N ILE H 254 29.57 10.69 25.79
CA ILE H 254 29.94 9.80 26.88
C ILE H 254 28.66 9.30 27.51
N LEU H 255 28.59 7.99 27.76
CA LEU H 255 27.41 7.36 28.33
C LEU H 255 27.72 6.95 29.76
N VAL H 256 26.95 7.49 30.70
CA VAL H 256 27.07 7.15 32.10
C VAL H 256 25.89 6.28 32.48
N GLN H 257 26.11 5.35 33.42
CA GLN H 257 25.06 4.44 33.85
C GLN H 257 25.12 4.30 35.36
N PHE H 258 24.06 4.73 36.03
CA PHE H 258 24.03 4.67 37.49
C PHE H 258 23.84 3.24 37.95
N ASN H 259 24.04 3.02 39.25
CA ASN H 259 23.72 1.75 39.88
C ASN H 259 22.60 1.87 40.89
N THR H 260 22.10 3.08 41.14
CA THR H 260 20.98 3.32 42.01
C THR H 260 20.16 4.41 41.34
N PRO H 261 18.85 4.23 41.19
CA PRO H 261 18.05 5.22 40.47
C PRO H 261 17.85 6.48 41.27
N VAL H 262 17.54 7.55 40.56
CA VAL H 262 17.14 8.83 41.16
C VAL H 262 15.74 9.15 40.66
N GLN H 263 14.83 9.45 41.59
CA GLN H 263 13.46 9.72 41.21
C GLN H 263 13.29 11.15 40.72
N ILE H 264 12.30 11.35 39.86
CA ILE H 264 11.97 12.69 39.39
C ILE H 264 10.46 12.76 39.17
N ASN H 265 9.78 13.62 39.92
CA ASN H 265 8.33 13.70 39.89
C ASN H 265 7.91 14.93 39.12
N CYS H 266 7.18 14.73 38.02
CA CYS H 266 6.77 15.81 37.13
C CYS H 266 5.26 15.91 37.08
N THR H 267 4.75 17.12 36.82
CA THR H 267 3.32 17.35 36.87
C THR H 267 2.93 18.48 35.96
N ARG H 268 1.64 18.50 35.59
CA ARG H 268 1.01 19.58 34.82
C ARG H 268 -0.20 20.00 35.62
N PRO H 269 -0.07 21.01 36.49
CA PRO H 269 -1.07 21.25 37.53
C PRO H 269 -2.38 21.86 37.04
N ASN H 270 -2.53 22.19 35.77
CA ASN H 270 -3.76 22.81 35.30
C ASN H 270 -4.83 21.76 35.05
N ASN H 271 -6.08 22.16 35.22
CA ASN H 271 -7.23 21.30 34.98
C ASN H 271 -7.79 21.63 33.60
N ASN H 272 -7.41 20.85 32.60
CA ASN H 272 -7.71 21.15 31.22
C ASN H 272 -9.05 20.55 30.80
N THR H 273 -9.70 21.24 29.87
CA THR H 273 -10.91 20.73 29.22
C THR H 273 -10.66 20.64 27.72
N ARG H 274 -11.50 19.88 27.04
CA ARG H 274 -11.29 19.59 25.63
C ARG H 274 -12.61 19.71 24.88
N LYS H 275 -12.67 20.63 23.92
CA LYS H 275 -13.80 20.73 23.03
C LYS H 275 -13.63 19.81 21.84
N SER H 276 -14.68 19.69 21.04
CA SER H 276 -14.63 18.95 19.78
C SER H 276 -15.29 19.79 18.71
N ILE H 277 -14.59 19.96 17.59
CA ILE H 277 -15.04 20.82 16.51
C ILE H 277 -15.13 19.99 15.25
N ARG H 278 -16.33 19.93 14.66
CA ARG H 278 -16.53 19.18 13.42
C ARG H 278 -16.10 20.08 12.27
N ILE H 279 -14.87 19.86 11.79
CA ILE H 279 -14.37 20.67 10.70
C ILE H 279 -14.89 20.13 9.39
N GLY H 280 -14.49 18.11 7.27
CA GLY H 280 -15.91 18.17 6.99
C GLY H 280 -16.65 17.00 7.56
N PRO H 281 -17.24 16.18 6.69
CA PRO H 281 -18.01 15.04 7.14
C PRO H 281 -17.13 13.99 7.80
N GLY H 282 -17.45 13.67 9.06
CA GLY H 282 -16.75 12.60 9.74
C GLY H 282 -15.34 12.93 10.15
N GLN H 283 -15.06 14.19 10.48
CA GLN H 283 -13.71 14.61 10.86
C GLN H 283 -13.80 15.64 11.96
N ALA H 284 -13.10 15.41 13.05
CA ALA H 284 -13.17 16.27 14.23
C ALA H 284 -11.79 16.79 14.59
N PHE H 285 -11.78 18.00 15.14
CA PHE H 285 -10.57 18.65 15.62
C PHE H 285 -10.74 18.94 17.10
N TYR H 286 -9.76 18.55 17.90
CA TYR H 286 -9.86 18.62 19.36
C TYR H 286 -9.15 19.86 19.85
N ALA H 287 -9.91 20.91 20.11
CA ALA H 287 -9.36 22.17 20.59
C ALA H 287 -9.17 22.10 22.11
N THR H 288 -8.87 23.24 22.72
CA THR H 288 -8.71 23.34 24.16
C THR H 288 -9.68 24.38 24.68
N GLY H 289 -10.55 23.96 25.59
CA GLY H 289 -11.48 24.88 26.22
C GLY H 289 -10.83 25.60 27.38
N ASP H 290 -11.67 26.31 28.14
CA ASP H 290 -11.16 27.07 29.27
C ASP H 290 -10.63 26.13 30.35
N ILE H 291 -9.99 26.72 31.36
CA ILE H 291 -9.32 25.99 32.43
C ILE H 291 -10.07 26.24 33.72
N ILE H 292 -10.24 25.18 34.51
CA ILE H 292 -10.99 25.22 35.75
C ILE H 292 -10.01 25.47 36.89
N GLY H 293 -9.94 26.71 37.36
CA GLY H 293 -9.08 27.07 38.47
C GLY H 293 -8.09 28.16 38.07
N ASP H 294 -6.86 28.03 38.57
CA ASP H 294 -5.79 28.97 38.27
C ASP H 294 -4.76 28.32 37.37
N ILE H 295 -3.98 29.18 36.72
CA ILE H 295 -2.97 28.76 35.76
C ILE H 295 -1.61 28.79 36.44
N ARG H 296 -0.96 27.63 36.54
CA ARG H 296 0.36 27.54 37.13
C ARG H 296 1.29 26.79 36.18
N GLN H 297 2.58 26.84 36.50
CA GLN H 297 3.62 26.32 35.63
C GLN H 297 3.86 24.84 35.88
N ALA H 298 4.27 24.14 34.82
CA ALA H 298 4.67 22.75 34.94
C ALA H 298 6.12 22.67 35.40
N HIS H 299 6.44 21.58 36.11
CA HIS H 299 7.75 21.49 36.74
C HIS H 299 8.05 20.04 37.09
N CYS H 300 9.27 19.81 37.56
CA CYS H 300 9.72 18.52 38.05
C CYS H 300 10.53 18.74 39.32
N ASN H 301 10.29 17.90 40.32
CA ASN H 301 10.98 18.01 41.61
C ASN H 301 11.93 16.83 41.78
N VAL H 302 13.13 17.11 42.26
CA VAL H 302 14.16 16.10 42.47
C VAL H 302 14.72 16.27 43.87
N SER H 303 15.01 15.17 44.55
CA SER H 303 15.58 15.23 45.89
C SER H 303 17.01 15.71 45.85
N LYS H 304 17.31 16.74 46.65
CA LYS H 304 18.58 17.42 46.53
C LYS H 304 19.73 16.61 47.11
N ALA H 305 19.44 15.77 48.11
CA ALA H 305 20.50 15.00 48.73
C ALA H 305 20.92 13.82 47.85
N THR H 306 19.96 13.07 47.33
CA THR H 306 20.28 11.90 46.53
C THR H 306 21.00 12.28 45.25
N TRP H 307 20.62 13.41 44.65
CA TRP H 307 21.27 13.81 43.41
C TRP H 307 22.73 14.17 43.64
N ASN H 308 22.99 15.03 44.62
CA ASN H 308 24.36 15.46 44.89
C ASN H 308 25.24 14.29 45.31
N GLU H 309 24.65 13.22 45.81
CA GLU H 309 25.45 12.06 46.21
C GLU H 309 25.92 11.27 45.00
N THR H 310 25.00 10.93 44.09
CA THR H 310 25.39 10.18 42.90
C THR H 310 26.32 10.97 42.01
N LEU H 311 26.19 12.29 41.99
CA LEU H 311 27.15 13.11 41.26
C LEU H 311 28.55 12.96 41.83
N GLY H 312 28.66 12.62 43.12
CA GLY H 312 29.96 12.34 43.67
C GLY H 312 30.53 11.02 43.17
N LYS H 313 29.68 10.00 43.05
CA LYS H 313 30.13 8.71 42.55
C LYS H 313 30.48 8.74 41.08
N VAL H 314 30.11 9.78 40.35
CA VAL H 314 30.46 9.87 38.95
C VAL H 314 31.85 10.48 38.75
N VAL H 315 32.27 11.39 39.64
CA VAL H 315 33.58 12.01 39.45
C VAL H 315 34.72 11.09 39.86
N LYS H 316 34.46 10.06 40.66
CA LYS H 316 35.51 9.08 40.95
C LYS H 316 35.85 8.29 39.69
N GLN H 317 34.85 7.73 39.02
CA GLN H 317 35.10 7.00 37.79
C GLN H 317 35.60 7.93 36.68
N LEU H 318 35.15 9.19 36.67
CA LEU H 318 35.62 10.11 35.66
C LEU H 318 37.08 10.48 35.85
N ARG H 319 37.65 10.19 37.02
CA ARG H 319 39.05 10.55 37.27
C ARG H 319 40.00 9.47 36.80
N LYS H 320 39.52 8.23 36.62
CA LYS H 320 40.39 7.16 36.15
C LYS H 320 40.96 7.49 34.77
N HIS H 321 40.18 8.16 33.93
CA HIS H 321 40.62 8.46 32.58
C HIS H 321 41.45 9.73 32.50
N PHE H 322 41.49 10.53 33.55
CA PHE H 322 42.28 11.76 33.55
C PHE H 322 43.21 11.75 34.75
N GLY H 323 43.86 12.89 35.01
CA GLY H 323 44.78 12.95 36.13
C GLY H 323 44.11 12.66 37.46
N ASN H 324 44.95 12.49 38.49
CA ASN H 324 44.45 12.26 39.83
C ASN H 324 44.17 13.55 40.58
N ASN H 325 44.51 14.70 40.00
CA ASN H 325 44.32 15.99 40.66
C ASN H 325 43.71 17.01 39.71
N THR H 326 42.91 16.55 38.76
CA THR H 326 42.24 17.46 37.84
C THR H 326 40.95 17.98 38.47
N ILE H 327 40.64 19.24 38.18
CA ILE H 327 39.36 19.81 38.57
C ILE H 327 38.30 19.34 37.58
N ILE H 328 37.12 19.01 38.10
CA ILE H 328 36.03 18.50 37.27
C ILE H 328 34.81 19.39 37.49
N ARG H 329 34.30 19.97 36.41
CA ARG H 329 33.19 20.91 36.48
C ARG H 329 32.01 20.40 35.68
N PHE H 330 30.81 20.79 36.09
CA PHE H 330 29.60 20.58 35.33
C PHE H 330 28.97 21.93 35.01
N ALA H 331 28.51 22.09 33.77
CA ALA H 331 27.88 23.31 33.34
C ALA H 331 26.64 22.97 32.52
N ASN H 332 25.79 23.97 32.32
CA ASN H 332 24.57 23.71 31.58
C ASN H 332 24.84 23.78 30.07
N SER H 333 23.84 23.34 29.30
CA SER H 333 24.01 23.23 27.85
C SER H 333 24.37 24.58 27.25
N SER H 334 25.07 24.54 26.12
CA SER H 334 25.64 25.73 25.52
C SER H 334 24.83 26.29 24.36
N GLY H 335 23.88 25.55 23.82
CA GLY H 335 23.06 26.06 22.75
C GLY H 335 22.54 24.93 21.88
N GLY H 336 21.83 25.32 20.82
CA GLY H 336 21.26 24.39 19.89
C GLY H 336 19.76 24.56 19.77
N ASP H 337 19.09 23.49 19.38
CA ASP H 337 17.65 23.49 19.28
C ASP H 337 17.03 23.26 20.66
N LEU H 338 15.72 23.50 20.74
CA LEU H 338 15.04 23.33 22.01
C LEU H 338 15.07 21.89 22.49
N GLU H 339 15.18 20.94 21.56
CA GLU H 339 15.15 19.54 21.95
C GLU H 339 16.42 19.13 22.69
N VAL H 340 17.58 19.60 22.23
CA VAL H 340 18.85 19.18 22.79
C VAL H 340 19.37 20.14 23.85
N THR H 341 18.76 21.30 24.02
CA THR H 341 19.18 22.24 25.04
C THR H 341 18.41 22.08 26.34
N THR H 342 17.43 21.18 26.38
CA THR H 342 16.65 20.91 27.57
C THR H 342 16.42 19.41 27.67
N HIS H 343 15.96 18.97 28.84
CA HIS H 343 15.57 17.58 29.00
C HIS H 343 14.14 17.42 28.51
N SER H 344 13.97 16.81 27.36
CA SER H 344 12.67 16.67 26.72
C SER H 344 12.21 15.23 26.82
N PHE H 345 10.96 15.03 27.23
CA PHE H 345 10.39 13.70 27.37
C PHE H 345 8.89 13.80 27.14
N ASN H 346 8.18 12.72 27.40
CA ASN H 346 6.75 12.64 27.14
C ASN H 346 6.08 11.89 28.28
N CYS H 347 5.14 12.54 28.95
CA CYS H 347 4.50 11.99 30.14
C CYS H 347 2.98 12.08 29.97
N GLY H 348 2.33 10.95 29.76
CA GLY H 348 0.88 10.94 29.70
C GLY H 348 0.28 11.53 28.46
N GLY H 349 1.07 11.69 27.40
CA GLY H 349 0.57 12.25 26.17
C GLY H 349 0.92 13.70 25.93
N GLU H 350 1.59 14.36 26.87
CA GLU H 350 2.06 15.72 26.69
C GLU H 350 3.58 15.72 26.62
N PHE H 351 4.13 16.69 25.89
CA PHE H 351 5.56 16.76 25.64
C PHE H 351 6.16 17.90 26.43
N PHE H 352 7.10 17.58 27.31
CA PHE H 352 7.71 18.53 28.22
C PHE H 352 9.08 18.97 27.71
N TYR H 353 9.54 20.11 28.19
CA TYR H 353 10.89 20.60 27.89
C TYR H 353 11.39 21.33 29.12
N CYS H 354 12.14 20.62 29.96
CA CYS H 354 12.50 21.12 31.28
C CYS H 354 13.91 21.70 31.30
N ASN H 355 14.07 22.79 32.04
CA ASN H 355 15.33 23.51 32.13
C ASN H 355 16.17 22.88 33.25
N THR H 356 17.25 22.21 32.87
CA THR H 356 18.09 21.48 33.82
C THR H 356 19.30 22.28 34.29
N SER H 357 19.23 23.61 34.26
CA SER H 357 20.37 24.40 34.68
C SER H 357 20.67 24.26 36.17
N GLY H 358 19.76 23.71 36.95
CA GLY H 358 19.97 23.55 38.37
C GLY H 358 20.63 22.27 38.77
N LEU H 359 20.76 21.31 37.87
CA LEU H 359 21.41 20.05 38.19
C LEU H 359 22.90 20.07 37.89
N PHE H 360 23.29 20.65 36.76
CA PHE H 360 24.68 20.68 36.33
C PHE H 360 25.26 22.05 36.68
N ASN H 361 25.55 22.24 37.96
CA ASN H 361 26.12 23.51 38.44
C ASN H 361 26.92 23.19 39.70
N SER H 362 28.22 22.97 39.52
CA SER H 362 29.06 22.54 40.63
C SER H 362 30.51 22.43 40.15
N THR H 363 31.41 22.25 41.12
CA THR H 363 32.84 22.13 40.84
C THR H 363 33.46 21.22 41.89
N TRP H 364 34.16 20.18 41.46
CA TRP H 364 34.69 19.15 42.35
C TRP H 364 36.20 19.14 42.26
N ILE H 365 36.87 19.43 43.37
CA ILE H 365 38.31 19.40 43.45
C ILE H 365 38.74 18.16 44.23
N SER H 366 40.02 17.83 44.12
CA SER H 366 40.57 16.66 44.79
C SER H 366 40.59 16.90 46.30
N ASN H 367 40.97 15.86 47.04
CA ASN H 367 41.06 15.90 48.50
C ASN H 367 39.81 16.51 49.14
N SER H 378 19.53 21.68 52.93
CA SER H 378 20.35 20.65 52.30
C SER H 378 19.57 19.34 52.19
N ASN H 379 18.43 19.28 52.87
CA ASN H 379 17.51 18.15 52.78
C ASN H 379 16.25 18.52 52.01
N ASP H 380 16.35 19.51 51.14
CA ASP H 380 15.23 20.04 50.40
C ASP H 380 15.11 19.31 49.06
N SER H 381 14.30 19.85 48.16
CA SER H 381 14.19 19.40 46.79
C SER H 381 14.59 20.52 45.85
N ILE H 382 14.77 20.17 44.58
CA ILE H 382 15.05 21.13 43.53
C ILE H 382 13.85 21.16 42.60
N THR H 383 13.53 22.34 42.07
CA THR H 383 12.41 22.50 41.16
C THR H 383 12.95 22.93 39.80
N LEU H 384 12.61 22.18 38.76
CA LEU H 384 13.00 22.51 37.40
C LEU H 384 11.78 22.95 36.63
N PRO H 385 11.75 24.17 36.08
CA PRO H 385 10.57 24.62 35.34
C PRO H 385 10.56 24.11 33.91
N CYS H 386 9.39 23.65 33.47
CA CYS H 386 9.22 23.07 32.15
C CYS H 386 8.22 23.85 31.32
N ARG H 387 8.37 23.75 30.00
CA ARG H 387 7.42 24.28 29.04
C ARG H 387 6.72 23.13 28.34
N ILE H 388 5.70 23.45 27.57
CA ILE H 388 4.93 22.45 26.85
C ILE H 388 4.71 22.90 25.42
N LYS H 389 4.73 21.94 24.50
CA LYS H 389 4.49 22.20 23.09
C LYS H 389 3.46 21.21 22.58
N GLN H 390 2.84 21.54 21.44
CA GLN H 390 1.87 20.68 20.81
C GLN H 390 2.19 20.33 19.36
N ILE H 391 2.95 21.15 18.65
CA ILE H 391 3.42 20.82 17.31
C ILE H 391 4.77 20.13 17.45
N ILE H 392 4.84 18.86 17.07
CA ILE H 392 6.00 18.01 17.34
C ILE H 392 6.61 17.56 16.02
N ASN H 393 7.94 17.52 15.97
CA ASN H 393 8.69 16.99 14.83
C ASN H 393 9.66 15.97 15.42
N MET H 394 9.20 14.74 15.59
CA MET H 394 9.91 13.78 16.43
C MET H 394 11.30 13.46 15.89
N TRP H 395 11.38 12.85 14.72
CA TRP H 395 12.64 12.60 14.07
C TRP H 395 12.76 13.57 12.90
N GLN H 396 13.96 14.10 12.69
CA GLN H 396 14.08 15.34 11.93
C GLN H 396 13.79 15.12 10.46
N ARG H 397 12.55 14.72 10.16
CA ARG H 397 12.05 14.61 8.79
C ARG H 397 11.18 15.83 8.55
N ILE H 398 11.83 16.96 8.31
CA ILE H 398 11.22 18.29 8.44
C ILE H 398 9.89 18.39 7.72
N GLY H 399 9.68 17.62 6.67
CA GLY H 399 8.47 17.77 5.88
C GLY H 399 7.20 17.19 6.44
N GLN H 400 7.16 16.79 7.71
CA GLN H 400 5.98 16.14 8.26
C GLN H 400 5.95 16.37 9.77
N ALA H 401 5.10 17.29 10.22
CA ALA H 401 4.94 17.55 11.63
C ALA H 401 3.78 16.75 12.19
N MET H 402 3.42 17.00 13.44
CA MET H 402 2.33 16.26 14.09
C MET H 402 1.73 17.12 15.18
N TYR H 403 0.41 17.21 15.21
CA TYR H 403 -0.30 17.85 16.31
C TYR H 403 -0.45 16.85 17.44
N ALA H 404 -0.90 17.33 18.59
CA ALA H 404 -1.05 16.44 19.73
C ALA H 404 -2.24 16.90 20.56
N PRO H 405 -3.32 16.13 20.63
CA PRO H 405 -4.54 16.62 21.22
C PRO H 405 -4.35 16.85 22.70
N PRO H 406 -5.12 17.76 23.30
CA PRO H 406 -5.00 18.00 24.73
C PRO H 406 -5.50 16.82 25.54
N ILE H 407 -5.07 16.77 26.79
CA ILE H 407 -5.43 15.70 27.72
C ILE H 407 -6.34 16.28 28.79
N GLN H 408 -7.38 15.53 29.15
CA GLN H 408 -8.35 15.99 30.12
C GLN H 408 -7.86 15.74 31.53
N GLY H 409 -7.89 16.77 32.36
CA GLY H 409 -7.63 16.62 33.78
C GLY H 409 -6.25 17.12 34.18
N VAL H 410 -5.55 16.32 34.97
CA VAL H 410 -4.24 16.68 35.52
C VAL H 410 -3.28 15.54 35.26
N ILE H 411 -2.04 15.89 34.91
CA ILE H 411 -1.01 14.91 34.56
C ILE H 411 -0.08 14.72 35.76
N ARG H 412 0.53 13.54 35.84
CA ARG H 412 1.49 13.25 36.89
C ARG H 412 2.28 12.01 36.51
N CYS H 413 3.60 12.07 36.68
CA CYS H 413 4.47 10.94 36.38
C CYS H 413 5.53 10.82 37.46
N VAL H 414 6.08 9.61 37.59
CA VAL H 414 7.20 9.34 38.48
C VAL H 414 8.15 8.39 37.76
N SER H 415 9.38 8.82 37.53
CA SER H 415 10.33 8.07 36.72
C SER H 415 11.65 7.88 37.45
N ASN H 416 12.43 6.94 36.95
CA ASN H 416 13.77 6.67 37.44
C ASN H 416 14.78 7.29 36.47
N ILE H 417 15.69 8.09 37.00
CA ILE H 417 16.84 8.52 36.21
C ILE H 417 17.93 7.46 36.34
N THR H 418 18.34 6.89 35.22
CA THR H 418 19.31 5.80 35.25
C THR H 418 20.47 6.01 34.30
N GLY H 419 20.87 7.25 34.06
CA GLY H 419 21.99 7.48 33.19
C GLY H 419 22.02 8.90 32.68
N LEU H 420 23.15 9.25 32.05
CA LEU H 420 23.39 10.57 31.49
C LEU H 420 23.99 10.44 30.11
N ILE H 421 24.04 11.56 29.40
CA ILE H 421 24.76 11.68 28.14
C ILE H 421 25.55 12.97 28.21
N LEU H 422 26.87 12.87 28.26
CA LEU H 422 27.73 14.01 28.50
C LEU H 422 28.55 14.35 27.26
N THR H 423 29.31 15.43 27.37
CA THR H 423 30.14 15.90 26.26
C THR H 423 31.22 16.80 26.83
N ARG H 424 32.48 16.47 26.57
CA ARG H 424 33.60 17.17 27.18
C ARG H 424 34.05 18.34 26.30
N ASP H 425 34.47 19.42 26.95
CA ASP H 425 34.93 20.60 26.25
C ASP H 425 36.34 20.38 25.72
N GLY H 426 36.56 20.74 24.46
CA GLY H 426 37.84 20.54 23.83
C GLY H 426 38.87 21.58 24.21
N GLY H 427 40.03 21.48 23.58
CA GLY H 427 41.09 22.44 23.81
C GLY H 427 41.71 22.41 25.18
N SER H 428 41.63 21.28 25.88
CA SER H 428 42.15 21.19 27.24
C SER H 428 43.65 20.93 27.22
N THR H 429 44.42 21.94 27.55
CA THR H 429 45.86 21.81 27.74
C THR H 429 46.19 21.93 29.22
N ASN H 430 47.46 21.70 29.54
CA ASN H 430 48.02 21.79 30.89
C ASN H 430 47.47 20.72 31.81
N SER H 431 46.54 19.88 31.35
CA SER H 431 46.04 18.72 32.10
C SER H 431 45.40 19.14 33.42
N THR H 432 44.35 19.94 33.31
CA THR H 432 43.60 20.37 34.49
C THR H 432 42.27 20.96 34.03
N THR H 433 41.27 20.90 34.92
CA THR H 433 39.99 21.56 34.74
C THR H 433 39.27 21.08 33.47
N GLU H 434 38.87 19.82 33.50
CA GLU H 434 37.96 19.31 32.48
C GLU H 434 36.52 19.74 32.79
N THR H 435 35.77 20.03 31.73
CA THR H 435 34.40 20.52 31.86
C THR H 435 33.45 19.63 31.04
N PHE H 436 32.32 19.28 31.63
CA PHE H 436 31.33 18.42 30.98
C PHE H 436 29.98 19.12 30.94
N ARG H 437 29.24 18.88 29.87
CA ARG H 437 27.91 19.46 29.66
C ARG H 437 26.99 18.38 29.12
N PRO H 438 25.68 18.50 29.37
CA PRO H 438 24.75 17.48 28.89
C PRO H 438 24.50 17.59 27.39
N GLY H 439 24.36 16.43 26.75
CA GLY H 439 24.14 16.38 25.32
C GLY H 439 22.96 15.50 24.93
N GLY H 440 22.96 15.02 23.70
CA GLY H 440 21.87 14.18 23.24
C GLY H 440 21.46 14.46 21.81
N GLY H 441 20.21 14.16 21.47
CA GLY H 441 19.66 14.47 20.17
C GLY H 441 19.56 13.28 19.23
N ASP H 442 20.51 12.35 19.31
CA ASP H 442 20.49 11.16 18.47
C ASP H 442 19.96 10.00 19.30
N MET H 443 18.83 9.43 18.88
CA MET H 443 18.20 8.39 19.68
C MET H 443 18.98 7.08 19.64
N ARG H 444 19.92 6.92 18.71
CA ARG H 444 20.70 5.69 18.68
C ARG H 444 21.50 5.51 19.96
N ASP H 445 21.96 6.60 20.56
CA ASP H 445 22.63 6.49 21.85
C ASP H 445 21.71 5.99 22.94
N ASN H 446 20.39 6.15 22.77
CA ASN H 446 19.46 5.63 23.76
C ASN H 446 19.30 4.13 23.63
N TRP H 447 19.45 3.58 22.43
CA TRP H 447 19.35 2.14 22.28
C TRP H 447 20.66 1.44 22.66
N ARG H 448 21.80 2.08 22.42
CA ARG H 448 23.07 1.47 22.79
C ARG H 448 23.21 1.27 24.29
N SER H 449 22.47 2.03 25.08
CA SER H 449 22.50 1.87 26.52
C SER H 449 21.70 0.66 26.99
N GLU H 450 21.04 -0.04 26.08
CA GLU H 450 20.30 -1.25 26.41
C GLU H 450 20.75 -2.47 25.63
N LEU H 451 21.36 -2.29 24.47
CA LEU H 451 21.78 -3.41 23.64
C LEU H 451 23.30 -3.56 23.62
N TYR H 452 23.97 -3.13 24.68
CA TYR H 452 25.42 -3.26 24.72
C TYR H 452 25.87 -4.65 25.14
N LYS H 453 24.95 -5.53 25.51
CA LYS H 453 25.30 -6.85 26.01
C LYS H 453 25.13 -7.96 24.98
N TYR H 454 24.44 -7.71 23.87
CA TYR H 454 24.03 -8.75 22.95
C TYR H 454 24.79 -8.65 21.64
N LYS H 455 24.84 -9.78 20.94
CA LYS H 455 25.36 -9.82 19.58
C LYS H 455 24.74 -11.02 18.87
N VAL H 456 24.73 -10.96 17.55
CA VAL H 456 24.06 -11.96 16.70
C VAL H 456 25.11 -12.73 15.93
N VAL H 457 25.04 -14.05 16.00
CA VAL H 457 25.96 -14.94 15.30
C VAL H 457 25.15 -15.92 14.46
N LYS H 458 25.81 -16.49 13.46
CA LYS H 458 25.20 -17.45 12.55
C LYS H 458 25.83 -18.82 12.75
N ILE H 459 25.01 -19.85 12.77
CA ILE H 459 25.49 -21.21 13.03
C ILE H 459 26.00 -21.84 11.74
N GLU H 460 27.13 -22.53 11.84
CA GLU H 460 27.74 -23.22 10.70
C GLU H 460 27.94 -24.67 11.09
N PRO H 461 26.97 -25.53 10.81
CA PRO H 461 26.95 -26.86 11.41
C PRO H 461 27.67 -27.95 10.63
N LEU H 462 28.52 -27.60 9.67
CA LEU H 462 29.20 -28.60 8.84
C LEU H 462 30.69 -28.54 9.10
N GLY H 463 31.28 -29.68 9.45
CA GLY H 463 32.71 -29.75 9.72
C GLY H 463 33.32 -31.03 9.19
N VAL H 464 34.63 -30.99 9.00
CA VAL H 464 35.40 -32.13 8.54
C VAL H 464 36.62 -32.27 9.45
N ALA H 465 37.12 -33.49 9.59
CA ALA H 465 38.23 -33.75 10.49
C ALA H 465 38.86 -35.08 10.12
N PRO H 466 40.09 -35.34 10.55
CA PRO H 466 40.72 -36.64 10.26
C PRO H 466 40.42 -37.69 11.33
N THR H 467 40.15 -38.90 10.87
CA THR H 467 39.97 -40.03 11.78
C THR H 467 40.45 -41.29 11.05
N ARG H 468 40.14 -42.45 11.62
CA ARG H 468 40.68 -43.72 11.15
C ARG H 468 39.68 -44.57 10.38
N CYS H 469 38.40 -44.54 10.74
CA CYS H 469 37.42 -45.33 10.01
C CYS H 469 37.36 -44.89 8.56
N LYS H 470 37.36 -45.86 7.65
CA LYS H 470 37.21 -45.58 6.23
C LYS H 470 35.96 -46.28 5.73
N ARG H 471 35.33 -45.70 4.72
CA ARG H 471 34.07 -46.21 4.23
C ARG H 471 34.23 -47.60 3.67
N ARG H 472 33.30 -48.49 4.02
CA ARG H 472 33.38 -49.89 3.64
C ARG H 472 32.89 -50.08 2.21
N VAL H 473 33.80 -50.43 1.31
CA VAL H 473 33.41 -50.75 -0.05
C VAL H 473 32.64 -52.07 -0.04
N VAL H 474 31.57 -52.13 -0.83
CA VAL H 474 30.77 -53.34 -0.91
C VAL H 474 30.53 -53.72 -2.37
N GLU I 2 10.97 -62.24 21.12
CA GLU I 2 9.52 -62.11 20.97
C GLU I 2 9.07 -60.71 21.34
N ASN I 3 9.64 -60.18 22.41
CA ASN I 3 9.25 -58.90 22.96
C ASN I 3 9.12 -57.85 21.85
N LEU I 4 7.92 -57.32 21.70
CA LEU I 4 7.62 -56.42 20.60
C LEU I 4 8.52 -55.20 20.63
N TRP I 5 8.77 -54.64 19.44
CA TRP I 5 9.59 -53.46 19.29
C TRP I 5 8.77 -52.35 18.63
N VAL I 6 9.30 -51.15 18.68
CA VAL I 6 8.65 -49.99 18.08
C VAL I 6 8.94 -49.98 16.59
N THR I 7 7.89 -49.76 15.79
CA THR I 7 8.06 -49.55 14.36
C THR I 7 7.40 -48.23 13.98
N VAL I 8 7.91 -47.61 12.92
CA VAL I 8 7.53 -46.25 12.56
C VAL I 8 6.85 -46.30 11.19
N TYR I 9 5.71 -45.63 11.09
CA TYR I 9 4.93 -45.57 9.86
C TYR I 9 4.78 -44.11 9.43
N TYR I 10 4.98 -43.85 8.15
CA TYR I 10 4.82 -42.50 7.61
C TYR I 10 3.75 -42.52 6.54
N GLY I 11 2.64 -41.83 6.79
CA GLY I 11 1.56 -41.76 5.83
C GLY I 11 0.30 -42.49 6.28
N VAL I 12 0.03 -42.47 7.57
CA VAL I 12 -1.15 -43.14 8.12
C VAL I 12 -2.34 -42.19 8.03
N PRO I 13 -3.56 -42.69 7.84
CA PRO I 13 -4.72 -41.79 7.79
C PRO I 13 -5.17 -41.35 9.17
N VAL I 14 -4.84 -40.11 9.54
CA VAL I 14 -5.13 -39.57 10.86
C VAL I 14 -5.23 -38.06 10.73
N TRP I 15 -6.15 -37.45 11.47
CA TRP I 15 -6.29 -36.00 11.39
C TRP I 15 -6.88 -35.46 12.67
N LYS I 16 -6.55 -34.20 12.96
CA LYS I 16 -7.11 -33.43 14.06
C LYS I 16 -7.76 -32.17 13.50
N ASP I 17 -8.38 -31.38 14.37
CA ASP I 17 -9.01 -30.15 13.96
C ASP I 17 -8.02 -29.00 13.98
N ALA I 18 -8.23 -28.02 13.11
CA ALA I 18 -7.28 -26.93 12.97
C ALA I 18 -7.95 -25.76 12.28
N GLU I 19 -7.19 -24.68 12.14
CA GLU I 19 -7.59 -23.48 11.41
C GLU I 19 -6.46 -23.08 10.47
N THR I 20 -6.82 -22.61 9.29
CA THR I 20 -5.84 -22.13 8.32
C THR I 20 -6.48 -21.03 7.49
N THR I 21 -5.84 -20.70 6.37
CA THR I 21 -6.37 -19.76 5.39
C THR I 21 -6.64 -20.53 4.12
N LEU I 22 -7.91 -20.75 3.82
CA LEU I 22 -8.29 -21.33 2.55
C LEU I 22 -8.12 -20.31 1.45
N PHE I 23 -7.80 -20.78 0.28
CA PHE I 23 -7.72 -19.91 -0.85
C PHE I 23 -8.94 -20.19 -1.70
N CYS I 24 -9.32 -19.29 -2.58
CA CYS I 24 -10.53 -19.52 -3.32
C CYS I 24 -10.32 -19.78 -4.77
N ALA I 25 -11.21 -20.51 -5.40
CA ALA I 25 -11.08 -20.82 -6.80
C ALA I 25 -12.36 -20.52 -7.49
N SER I 26 -12.32 -20.11 -8.74
CA SER I 26 -13.52 -19.77 -9.49
C SER I 26 -13.42 -20.35 -10.89
N ASP I 27 -14.43 -20.05 -11.70
CA ASP I 27 -14.55 -20.57 -13.05
C ASP I 27 -14.09 -19.56 -14.07
N ALA I 28 -13.60 -20.07 -15.20
CA ALA I 28 -13.14 -19.25 -16.33
C ALA I 28 -12.10 -18.21 -15.90
N HIS I 36 -15.60 -7.33 -14.97
CA HIS I 36 -15.00 -7.06 -13.68
C HIS I 36 -16.03 -6.94 -12.65
N ASN I 37 -15.80 -7.48 -11.47
CA ASN I 37 -16.80 -7.36 -10.46
C ASN I 37 -16.26 -7.32 -9.10
N VAL I 38 -17.01 -6.66 -8.25
CA VAL I 38 -16.60 -6.43 -6.90
C VAL I 38 -15.94 -7.53 -6.21
N TRP I 39 -16.38 -8.74 -6.37
CA TRP I 39 -15.72 -9.73 -5.54
C TRP I 39 -14.36 -10.15 -6.01
N ALA I 40 -13.85 -9.46 -7.02
CA ALA I 40 -12.55 -9.64 -7.58
C ALA I 40 -12.29 -11.06 -7.81
N THR I 41 -13.13 -11.69 -8.58
CA THR I 41 -12.86 -13.07 -8.82
C THR I 41 -11.99 -13.20 -10.02
N HIS I 42 -11.18 -12.20 -10.27
CA HIS I 42 -10.25 -12.27 -11.35
C HIS I 42 -8.87 -12.33 -10.74
N ALA I 43 -8.78 -12.95 -9.57
CA ALA I 43 -7.59 -13.09 -8.80
C ALA I 43 -7.89 -14.28 -7.96
N CYS I 44 -8.29 -15.35 -8.61
CA CYS I 44 -8.66 -16.59 -8.01
C CYS I 44 -8.18 -17.59 -8.99
N VAL I 45 -7.58 -18.63 -8.50
CA VAL I 45 -7.05 -19.64 -9.38
C VAL I 45 -8.20 -20.29 -10.10
N PRO I 46 -8.05 -20.60 -11.36
CA PRO I 46 -9.17 -21.21 -12.07
C PRO I 46 -9.44 -22.60 -11.59
N THR I 47 -10.70 -22.94 -11.45
CA THR I 47 -11.11 -24.23 -10.95
C THR I 47 -10.76 -25.34 -11.94
N ASP I 48 -10.87 -26.57 -11.49
CA ASP I 48 -10.53 -27.71 -12.33
C ASP I 48 -11.78 -28.47 -12.75
N PRO I 49 -11.78 -29.06 -13.94
CA PRO I 49 -12.95 -29.81 -14.44
C PRO I 49 -13.02 -31.24 -13.92
N ASN I 50 -12.83 -31.40 -12.63
CA ASN I 50 -12.86 -32.73 -12.02
C ASN I 50 -13.09 -32.61 -10.52
N PRO I 51 -14.32 -32.45 -10.08
CA PRO I 51 -14.59 -32.38 -8.64
C PRO I 51 -14.48 -33.76 -7.99
N GLN I 52 -13.26 -34.16 -7.65
CA GLN I 52 -13.05 -35.47 -7.07
C GLN I 52 -13.60 -35.54 -5.65
N GLU I 53 -14.31 -36.62 -5.35
CA GLU I 53 -14.90 -36.81 -4.02
C GLU I 53 -14.74 -38.26 -3.63
N ILE I 54 -14.28 -38.50 -2.40
CA ILE I 54 -14.00 -39.83 -1.90
C ILE I 54 -14.91 -40.11 -0.72
N HIS I 55 -15.54 -41.28 -0.72
CA HIS I 55 -16.40 -41.70 0.38
C HIS I 55 -15.57 -42.48 1.40
N LEU I 56 -15.88 -42.27 2.67
CA LEU I 56 -15.14 -42.88 3.77
C LEU I 56 -16.09 -43.77 4.56
N GLU I 57 -16.00 -45.08 4.37
CA GLU I 57 -16.88 -45.99 5.08
C GLU I 57 -16.46 -46.12 6.54
N ASN I 58 -17.40 -46.56 7.37
CA ASN I 58 -17.19 -46.99 8.74
C ASN I 58 -16.72 -45.88 9.68
N VAL I 59 -16.70 -44.62 9.25
CA VAL I 59 -16.16 -43.53 10.07
C VAL I 59 -17.25 -42.50 10.32
N THR I 60 -17.39 -42.09 11.58
CA THR I 60 -18.34 -41.07 11.99
C THR I 60 -17.59 -39.95 12.70
N GLU I 61 -17.80 -38.71 12.25
CA GLU I 61 -17.11 -37.55 12.78
C GLU I 61 -18.09 -36.69 13.59
N GLU I 62 -17.59 -35.58 14.13
CA GLU I 62 -18.37 -34.69 14.98
C GLU I 62 -18.32 -33.29 14.41
N PHE I 63 -19.44 -32.81 13.88
CA PHE I 63 -19.55 -31.47 13.34
C PHE I 63 -20.17 -30.53 14.37
N ASN I 64 -19.90 -29.23 14.21
CA ASN I 64 -20.53 -28.23 15.08
C ASN I 64 -20.49 -26.89 14.36
N MET I 65 -21.61 -26.48 13.79
CA MET I 65 -21.71 -25.12 13.30
C MET I 65 -21.80 -24.16 14.49
N TRP I 66 -21.86 -22.87 14.21
CA TRP I 66 -21.80 -21.79 15.19
C TRP I 66 -20.44 -21.72 15.87
N LYS I 67 -19.54 -22.65 15.58
CA LYS I 67 -18.13 -22.55 15.93
C LYS I 67 -17.24 -22.86 14.75
N ASN I 68 -17.82 -23.12 13.58
CA ASN I 68 -17.04 -23.38 12.38
C ASN I 68 -16.23 -22.16 12.01
N ASN I 69 -14.94 -22.35 11.77
CA ASN I 69 -14.05 -21.25 11.47
C ASN I 69 -14.03 -20.87 9.99
N MET I 70 -14.63 -21.68 9.13
CA MET I 70 -14.77 -21.26 7.74
C MET I 70 -15.72 -20.09 7.58
N VAL I 71 -16.55 -19.82 8.59
CA VAL I 71 -17.50 -18.71 8.52
C VAL I 71 -16.86 -17.41 8.93
N GLU I 72 -15.97 -17.43 9.94
CA GLU I 72 -15.29 -16.22 10.35
C GLU I 72 -14.27 -15.76 9.34
N GLN I 73 -13.93 -16.57 8.34
CA GLN I 73 -13.01 -16.15 7.30
C GLN I 73 -13.70 -15.72 6.03
N MET I 74 -14.86 -16.31 5.71
CA MET I 74 -15.65 -15.79 4.61
C MET I 74 -16.16 -14.40 4.91
N HIS I 75 -16.38 -14.08 6.19
CA HIS I 75 -16.85 -12.75 6.54
C HIS I 75 -15.77 -11.71 6.30
N THR I 76 -14.62 -11.85 6.94
CA THR I 76 -13.57 -10.85 6.83
C THR I 76 -12.97 -10.76 5.43
N ASP I 77 -13.22 -11.75 4.57
CA ASP I 77 -12.62 -11.69 3.25
C ASP I 77 -13.46 -10.89 2.27
N ILE I 78 -14.78 -10.92 2.38
CA ILE I 78 -15.60 -10.10 1.50
C ILE I 78 -15.84 -8.71 2.05
N ILE I 79 -15.50 -8.47 3.32
CA ILE I 79 -15.43 -7.09 3.79
C ILE I 79 -14.17 -6.42 3.28
N SER I 80 -13.11 -7.21 3.04
CA SER I 80 -11.87 -6.64 2.54
C SER I 80 -11.90 -6.43 1.04
N LEU I 81 -12.59 -7.29 0.29
CA LEU I 81 -12.70 -7.08 -1.14
C LEU I 81 -13.61 -5.91 -1.47
N TRP I 82 -14.60 -5.66 -0.62
CA TRP I 82 -15.51 -4.53 -0.84
C TRP I 82 -14.76 -3.21 -0.74
N ASP I 83 -13.84 -3.09 0.21
CA ASP I 83 -13.09 -1.85 0.35
C ASP I 83 -12.04 -1.72 -0.74
N GLN I 84 -11.47 -2.83 -1.18
CA GLN I 84 -10.46 -2.78 -2.23
C GLN I 84 -11.03 -2.23 -3.53
N SER I 85 -12.33 -2.36 -3.75
CA SER I 85 -12.94 -1.87 -4.98
C SER I 85 -13.41 -0.42 -4.88
N LEU I 86 -13.37 0.17 -3.70
CA LEU I 86 -13.73 1.57 -3.54
C LEU I 86 -12.52 2.48 -3.42
N LYS I 87 -11.33 1.93 -3.23
CA LYS I 87 -10.14 2.77 -3.12
C LYS I 87 -9.89 3.63 -4.37
N PRO I 88 -10.05 3.15 -5.60
CA PRO I 88 -9.73 3.97 -6.76
C PRO I 88 -10.87 4.78 -7.35
N CYS I 89 -12.04 4.86 -6.72
CA CYS I 89 -13.15 5.56 -7.33
C CYS I 89 -13.20 7.02 -6.85
N VAL I 90 -14.20 7.76 -7.30
CA VAL I 90 -14.24 9.21 -7.15
C VAL I 90 -14.70 9.57 -5.74
N LYS I 91 -13.99 10.50 -5.11
CA LYS I 91 -14.44 11.07 -3.84
C LYS I 91 -15.42 12.19 -4.12
N LEU I 92 -16.57 12.15 -3.45
CA LEU I 92 -17.65 13.10 -3.69
C LEU I 92 -17.71 14.17 -2.62
N THR I 93 -16.55 14.65 -2.17
CA THR I 93 -16.52 15.69 -1.15
C THR I 93 -17.25 16.97 -1.52
N PRO I 94 -17.28 17.43 -2.78
CA PRO I 94 -18.02 18.68 -3.07
C PRO I 94 -19.53 18.52 -3.02
N LEU I 95 -20.05 17.33 -2.72
CA LEU I 95 -21.48 17.12 -2.79
C LEU I 95 -22.22 17.52 -1.53
N CYS I 96 -21.53 17.61 -0.39
CA CYS I 96 -22.15 18.22 0.78
C CYS I 96 -22.17 19.72 0.61
N VAL I 97 -23.25 20.21 0.02
CA VAL I 97 -23.59 21.61 -0.06
C VAL I 97 -25.07 21.76 0.28
N THR I 98 -25.56 22.98 0.19
CA THR I 98 -26.97 23.22 0.41
C THR I 98 -27.74 23.00 -0.89
N LEU I 99 -28.77 22.16 -0.84
CA LEU I 99 -29.60 21.89 -1.99
C LEU I 99 -30.91 22.67 -1.89
N GLN I 100 -31.55 22.89 -3.04
CA GLN I 100 -32.84 23.56 -3.11
C GLN I 100 -33.79 22.67 -3.88
N CYS I 101 -34.68 22.00 -3.16
CA CYS I 101 -35.46 20.91 -3.73
C CYS I 101 -36.91 21.32 -3.92
N THR I 102 -37.62 20.49 -4.69
CA THR I 102 -39.00 20.75 -5.08
C THR I 102 -39.66 19.41 -5.40
N ASN I 103 -40.94 19.29 -5.09
CA ASN I 103 -41.67 18.06 -5.31
C ASN I 103 -41.78 17.75 -6.81
N VAL I 104 -41.74 16.47 -7.13
CA VAL I 104 -41.97 15.98 -8.48
C VAL I 104 -43.42 15.58 -8.59
N THR I 105 -44.15 16.17 -9.55
CA THR I 105 -45.57 15.92 -9.69
C THR I 105 -45.99 15.75 -11.14
N ASN I 106 -45.10 15.20 -11.96
CA ASN I 106 -45.34 15.09 -13.41
C ASN I 106 -45.72 13.65 -13.73
N ASN I 107 -47.02 13.40 -13.82
CA ASN I 107 -47.55 12.08 -14.19
C ASN I 107 -47.18 11.01 -13.17
N ILE I 108 -47.50 11.29 -11.92
CA ILE I 108 -47.25 10.34 -10.84
C ILE I 108 -48.55 9.67 -10.45
N THR I 109 -48.44 8.51 -9.82
CA THR I 109 -49.57 7.90 -9.13
C THR I 109 -49.73 8.59 -7.78
N ASP I 110 -50.53 8.02 -6.89
CA ASP I 110 -50.79 8.66 -5.61
C ASP I 110 -50.20 7.92 -4.43
N ASP I 111 -49.62 6.75 -4.62
CA ASP I 111 -49.08 5.99 -3.50
C ASP I 111 -47.90 6.69 -2.86
N MET I 112 -46.74 7.68 -5.36
CA MET I 112 -45.38 8.17 -5.25
C MET I 112 -45.37 9.63 -4.83
N ARG I 113 -46.44 10.07 -4.18
CA ARG I 113 -46.56 11.47 -3.78
C ARG I 113 -45.59 11.75 -2.66
N GLY I 114 -44.50 12.44 -2.99
CA GLY I 114 -43.50 12.80 -2.01
C GLY I 114 -42.28 11.90 -1.96
N GLU I 115 -42.17 10.94 -2.88
CA GLU I 115 -41.05 10.02 -2.85
C GLU I 115 -39.87 10.49 -3.70
N LEU I 116 -40.05 11.49 -4.54
CA LEU I 116 -38.98 11.99 -5.39
C LEU I 116 -38.87 13.50 -5.23
N LYS I 117 -37.65 14.00 -5.24
CA LYS I 117 -37.37 15.42 -5.08
C LYS I 117 -36.48 15.89 -6.21
N ASN I 118 -36.68 17.13 -6.62
CA ASN I 118 -35.98 17.74 -7.74
C ASN I 118 -35.13 18.87 -7.20
N CYS I 119 -33.84 18.59 -6.98
CA CYS I 119 -32.95 19.49 -6.26
C CYS I 119 -31.95 20.14 -7.21
N SER I 120 -31.57 21.38 -6.88
CA SER I 120 -30.63 22.16 -7.66
C SER I 120 -29.57 22.75 -6.75
N PHE I 121 -28.33 22.81 -7.23
CA PHE I 121 -27.23 23.21 -6.38
C PHE I 121 -26.09 23.77 -7.23
N ASN I 122 -25.02 24.20 -6.54
CA ASN I 122 -23.83 24.79 -7.15
C ASN I 122 -22.69 23.80 -7.07
N MET I 123 -22.06 23.51 -8.21
CA MET I 123 -21.00 22.52 -8.26
C MET I 123 -19.71 23.15 -8.77
N THR I 124 -18.60 22.48 -8.49
CA THR I 124 -17.29 22.92 -8.95
C THR I 124 -17.03 22.38 -10.35
N THR I 125 -16.46 23.23 -11.20
CA THR I 125 -16.11 22.84 -12.55
C THR I 125 -14.66 22.36 -12.58
N GLU I 126 -14.12 22.19 -13.78
CA GLU I 126 -12.73 21.78 -13.93
C GLU I 126 -11.74 22.91 -13.69
N LEU I 127 -12.22 24.14 -13.51
CA LEU I 127 -11.37 25.28 -13.17
C LEU I 127 -11.64 25.69 -11.73
N ARG I 128 -10.58 25.88 -10.94
CA ARG I 128 -10.73 26.15 -9.53
C ARG I 128 -11.48 27.44 -9.25
N ASP I 129 -11.78 28.26 -10.25
CA ASP I 129 -12.40 29.55 -10.02
C ASP I 129 -13.73 29.72 -10.76
N LYS I 130 -14.35 28.63 -11.19
CA LYS I 130 -15.64 28.70 -11.85
C LYS I 130 -16.60 27.70 -11.22
N LYS I 131 -17.87 28.09 -11.11
CA LYS I 131 -18.91 27.22 -10.61
C LYS I 131 -19.98 27.04 -11.69
N GLN I 132 -20.78 25.99 -11.52
CA GLN I 132 -21.86 25.68 -12.44
C GLN I 132 -23.12 25.37 -11.65
N LYS I 133 -24.26 25.71 -12.22
CA LYS I 133 -25.55 25.39 -11.61
C LYS I 133 -26.10 24.13 -12.25
N VAL I 134 -26.64 23.24 -11.42
CA VAL I 134 -26.90 21.87 -11.81
C VAL I 134 -28.09 21.36 -11.02
N TYR I 135 -28.86 20.45 -11.61
CA TYR I 135 -29.98 19.81 -10.92
C TYR I 135 -29.87 18.30 -11.06
N SER I 136 -30.62 17.61 -10.22
CA SER I 136 -30.68 16.15 -10.23
C SER I 136 -31.83 15.70 -9.34
N LEU I 137 -32.30 14.48 -9.59
CA LEU I 137 -33.41 13.91 -8.82
C LEU I 137 -32.88 13.05 -7.69
N PHE I 138 -33.47 13.22 -6.51
CA PHE I 138 -33.08 12.46 -5.34
C PHE I 138 -34.31 11.80 -4.72
N TYR I 139 -34.09 10.65 -4.10
CA TYR I 139 -35.14 9.98 -3.35
C TYR I 139 -35.30 10.63 -1.98
N ARG I 140 -36.50 10.50 -1.41
CA ARG I 140 -36.76 11.17 -0.15
C ARG I 140 -35.93 10.59 0.99
N LEU I 141 -35.54 9.33 0.88
CA LEU I 141 -34.78 8.67 1.93
C LEU I 141 -33.31 9.07 1.93
N ASP I 142 -32.91 10.06 1.14
CA ASP I 142 -31.51 10.44 1.04
C ASP I 142 -31.27 11.90 1.37
N VAL I 143 -32.30 12.69 1.64
CA VAL I 143 -32.14 14.09 1.98
C VAL I 143 -32.89 14.38 3.27
N VAL I 144 -32.44 15.42 3.97
CA VAL I 144 -33.09 15.89 5.17
C VAL I 144 -33.25 17.40 5.10
N GLN I 145 -34.28 17.92 5.74
CA GLN I 145 -34.49 19.35 5.80
C GLN I 145 -33.52 19.97 6.79
N ILE I 146 -32.93 21.10 6.42
CA ILE I 146 -31.90 21.71 7.25
C ILE I 146 -32.53 22.35 8.48
N ASN I 147 -33.55 23.19 8.28
CA ASN I 147 -34.25 23.81 9.40
C ASN I 147 -35.73 23.88 9.05
N GLU I 148 -36.55 23.10 9.75
CA GLU I 148 -37.98 23.08 9.49
C GLU I 148 -38.63 24.42 9.81
N GLU I 160 -34.74 23.98 1.43
CA GLU I 160 -33.33 23.71 1.63
C GLU I 160 -33.08 22.36 2.28
N TYR I 161 -32.26 21.54 1.64
CA TYR I 161 -31.99 20.19 2.08
C TYR I 161 -30.49 19.94 2.09
N ARG I 162 -30.11 18.73 2.48
CA ARG I 162 -28.73 18.29 2.41
C ARG I 162 -28.73 16.78 2.41
N LEU I 163 -27.66 16.19 1.86
CA LEU I 163 -27.54 14.75 1.86
C LEU I 163 -27.49 14.25 3.30
N ILE I 164 -27.99 13.02 3.50
CA ILE I 164 -28.24 12.54 4.85
C ILE I 164 -26.96 12.15 5.59
N ASN I 165 -25.86 11.93 4.88
CA ASN I 165 -24.64 11.43 5.49
C ASN I 165 -23.67 12.52 5.88
N CYS I 166 -23.97 13.78 5.60
CA CYS I 166 -22.90 14.75 5.72
C CYS I 166 -22.59 15.12 7.15
N ASN I 167 -23.10 14.49 8.21
CA ASN I 167 -22.55 14.71 9.54
C ASN I 167 -22.03 13.43 10.17
N THR I 168 -21.88 12.35 9.42
CA THR I 168 -21.32 11.14 10.00
C THR I 168 -20.17 10.57 9.17
N SER I 169 -20.21 10.75 7.86
CA SER I 169 -19.21 10.11 7.02
C SER I 169 -19.12 10.81 5.67
N ALA I 170 -18.13 10.40 4.89
CA ALA I 170 -17.90 10.91 3.55
C ALA I 170 -18.32 9.85 2.53
N ILE I 171 -18.90 10.30 1.43
CA ILE I 171 -19.40 9.40 0.41
C ILE I 171 -18.34 9.23 -0.67
N THR I 172 -18.48 8.16 -1.44
CA THR I 172 -17.50 7.80 -2.46
C THR I 172 -18.19 6.87 -3.43
N GLN I 173 -18.32 7.28 -4.69
CA GLN I 173 -18.64 6.29 -5.70
C GLN I 173 -18.39 6.70 -7.13
N ALA I 174 -17.63 5.86 -7.82
CA ALA I 174 -17.40 5.89 -9.25
C ALA I 174 -17.23 4.45 -9.69
N CYS I 175 -16.62 4.25 -10.85
CA CYS I 175 -16.39 2.91 -11.36
C CYS I 175 -17.74 2.23 -11.58
N PRO I 176 -18.59 2.77 -12.46
CA PRO I 176 -19.84 2.07 -12.80
C PRO I 176 -19.66 0.91 -13.77
N LYS I 177 -18.42 0.54 -14.08
CA LYS I 177 -18.13 -0.66 -14.86
C LYS I 177 -17.87 -1.87 -13.98
N VAL I 178 -18.05 -1.73 -12.68
CA VAL I 178 -17.95 -2.84 -11.74
C VAL I 178 -19.35 -3.26 -11.35
N SER I 179 -19.66 -4.55 -11.50
CA SER I 179 -21.00 -5.04 -11.26
C SER I 179 -21.11 -5.67 -9.87
N PHE I 180 -22.34 -5.72 -9.38
CA PHE I 180 -22.64 -6.29 -8.08
C PHE I 180 -23.20 -7.72 -8.19
N GLU I 181 -23.10 -8.32 -9.36
CA GLU I 181 -23.63 -9.66 -9.54
C GLU I 181 -22.80 -10.67 -8.76
N PRO I 182 -23.42 -11.53 -7.95
CA PRO I 182 -22.66 -12.55 -7.24
C PRO I 182 -22.21 -13.66 -8.16
N ILE I 183 -21.03 -14.20 -7.85
CA ILE I 183 -20.40 -15.24 -8.66
C ILE I 183 -20.10 -16.42 -7.76
N PRO I 184 -20.40 -17.66 -8.16
CA PRO I 184 -20.09 -18.81 -7.32
C PRO I 184 -18.60 -18.90 -7.03
N ILE I 185 -18.28 -19.31 -5.81
CA ILE I 185 -16.90 -19.28 -5.32
C ILE I 185 -16.63 -20.59 -4.57
N HIS I 186 -15.53 -21.24 -4.91
CA HIS I 186 -15.11 -22.47 -4.24
C HIS I 186 -13.96 -22.16 -3.29
N TYR I 187 -14.03 -22.73 -2.09
CA TYR I 187 -13.02 -22.51 -1.06
C TYR I 187 -12.18 -23.78 -0.93
N CYS I 188 -10.94 -23.73 -1.39
CA CYS I 188 -10.07 -24.90 -1.36
C CYS I 188 -9.08 -24.81 -0.20
N ALA I 189 -8.56 -25.97 0.18
CA ALA I 189 -7.67 -26.12 1.31
C ALA I 189 -6.23 -26.35 0.85
N PRO I 190 -5.25 -25.87 1.60
CA PRO I 190 -3.85 -26.03 1.18
C PRO I 190 -3.37 -27.46 1.33
N ALA I 191 -2.09 -27.70 1.07
CA ALA I 191 -1.55 -29.04 1.22
C ALA I 191 -1.38 -29.37 2.70
N GLY I 192 -1.54 -30.64 3.03
CA GLY I 192 -1.50 -31.09 4.40
C GLY I 192 -2.80 -30.93 5.16
N PHE I 193 -3.84 -30.42 4.53
CA PHE I 193 -5.15 -30.25 5.15
C PHE I 193 -6.20 -30.91 4.27
N ALA I 194 -7.39 -31.07 4.82
CA ALA I 194 -8.49 -31.66 4.08
C ALA I 194 -9.80 -31.06 4.56
N ILE I 195 -10.83 -31.22 3.74
CA ILE I 195 -12.17 -30.72 4.04
C ILE I 195 -13.11 -31.91 4.09
N LEU I 196 -13.67 -32.17 5.27
CA LEU I 196 -14.66 -33.22 5.43
C LEU I 196 -16.04 -32.68 5.12
N LYS I 197 -16.94 -33.57 4.71
CA LYS I 197 -18.27 -33.19 4.28
C LYS I 197 -19.28 -34.21 4.75
N CYS I 198 -20.34 -33.74 5.40
CA CYS I 198 -21.38 -34.62 5.92
C CYS I 198 -22.45 -34.84 4.87
N LYS I 199 -22.74 -36.11 4.59
CA LYS I 199 -23.72 -36.46 3.57
C LYS I 199 -25.04 -36.95 4.16
N ASP I 200 -25.23 -36.82 5.47
CA ASP I 200 -26.50 -37.16 6.08
C ASP I 200 -27.56 -36.16 5.65
N LYS I 201 -28.74 -36.67 5.33
CA LYS I 201 -29.80 -35.83 4.77
C LYS I 201 -30.67 -35.16 5.82
N LYS I 202 -30.76 -35.73 7.02
CA LYS I 202 -31.53 -35.15 8.11
C LYS I 202 -30.60 -34.56 9.16
N PHE I 203 -29.50 -33.96 8.71
CA PHE I 203 -28.46 -33.53 9.63
C PHE I 203 -28.90 -32.33 10.45
N ASN I 204 -28.56 -32.37 11.73
CA ASN I 204 -28.77 -31.26 12.65
C ASN I 204 -27.68 -30.22 12.41
N GLY I 205 -27.58 -29.27 13.32
CA GLY I 205 -26.40 -28.43 13.33
C GLY I 205 -25.19 -29.20 13.79
N THR I 206 -25.21 -29.62 15.06
CA THR I 206 -24.08 -30.32 15.66
C THR I 206 -24.39 -31.80 15.80
N GLY I 207 -23.47 -32.52 16.43
CA GLY I 207 -23.63 -33.93 16.67
C GLY I 207 -22.83 -34.79 15.70
N PRO I 208 -22.93 -36.11 15.87
CA PRO I 208 -22.13 -37.03 15.04
C PRO I 208 -22.79 -37.30 13.71
N CYS I 209 -22.05 -37.05 12.62
CA CYS I 209 -22.51 -37.38 11.28
C CYS I 209 -21.93 -38.71 10.86
N PRO I 210 -22.74 -39.74 10.63
CA PRO I 210 -22.20 -41.08 10.34
C PRO I 210 -21.95 -41.40 8.87
N SER I 211 -21.99 -40.43 7.96
CA SER I 211 -21.83 -40.71 6.54
C SER I 211 -20.85 -39.71 5.91
N VAL I 212 -19.69 -39.54 6.54
CA VAL I 212 -18.71 -38.52 6.16
C VAL I 212 -18.13 -38.80 4.78
N SER I 213 -17.47 -37.80 4.20
CA SER I 213 -16.82 -37.88 2.90
C SER I 213 -15.88 -36.69 2.79
N THR I 214 -14.88 -36.81 1.93
CA THR I 214 -13.86 -35.78 1.79
C THR I 214 -13.84 -35.22 0.38
N VAL I 215 -13.55 -33.92 0.28
CA VAL I 215 -13.48 -33.20 -0.99
C VAL I 215 -12.24 -32.33 -0.96
N GLN I 216 -11.89 -31.78 -2.13
CA GLN I 216 -10.78 -30.85 -2.23
C GLN I 216 -11.21 -29.39 -2.08
N CYS I 217 -12.40 -29.04 -2.55
CA CYS I 217 -13.04 -27.79 -2.15
C CYS I 217 -14.54 -27.84 -2.36
N THR I 218 -15.21 -26.91 -1.68
CA THR I 218 -16.66 -26.87 -1.55
C THR I 218 -17.36 -26.63 -2.87
N HIS I 219 -18.69 -26.66 -2.84
CA HIS I 219 -19.48 -26.34 -4.03
C HIS I 219 -19.48 -24.83 -4.24
N GLY I 220 -20.16 -24.39 -5.31
CA GLY I 220 -20.20 -22.98 -5.64
C GLY I 220 -21.13 -22.19 -4.74
N ILE I 221 -20.56 -21.32 -3.92
CA ILE I 221 -21.32 -20.51 -2.97
C ILE I 221 -21.48 -19.12 -3.54
N LYS I 222 -22.69 -18.61 -3.50
CA LYS I 222 -22.93 -17.24 -3.95
C LYS I 222 -22.96 -16.31 -2.76
N PRO I 223 -22.22 -15.22 -2.80
CA PRO I 223 -22.14 -14.31 -1.65
C PRO I 223 -23.31 -13.35 -1.51
N VAL I 224 -24.46 -13.66 -2.12
CA VAL I 224 -25.62 -12.78 -2.08
C VAL I 224 -25.95 -12.37 -0.65
N VAL I 225 -26.24 -11.07 -0.47
CA VAL I 225 -26.59 -10.51 0.83
C VAL I 225 -28.07 -10.19 0.86
N SER I 226 -28.71 -10.43 2.00
CA SER I 226 -30.12 -10.15 2.20
C SER I 226 -30.39 -10.14 3.70
N THR I 227 -31.62 -9.78 4.08
CA THR I 227 -31.91 -9.56 5.49
C THR I 227 -32.92 -10.54 6.06
N GLN I 228 -34.12 -10.65 5.50
CA GLN I 228 -35.14 -11.48 6.15
C GLN I 228 -35.38 -12.80 5.46
N LEU I 229 -35.22 -12.86 4.14
CA LEU I 229 -35.30 -14.10 3.40
C LEU I 229 -33.95 -14.40 2.78
N LEU I 230 -33.61 -15.69 2.72
CA LEU I 230 -32.38 -16.12 2.08
C LEU I 230 -32.67 -16.40 0.62
N LEU I 231 -31.86 -15.85 -0.27
CA LEU I 231 -32.16 -15.86 -1.70
C LEU I 231 -31.10 -16.64 -2.46
N ASN I 232 -31.53 -17.30 -3.53
CA ASN I 232 -30.64 -17.96 -4.48
C ASN I 232 -29.69 -18.93 -3.79
N GLY I 233 -30.15 -19.59 -2.73
CA GLY I 233 -29.35 -20.54 -1.98
C GLY I 233 -29.62 -21.97 -2.39
N SER I 234 -29.27 -22.90 -1.51
CA SER I 234 -29.44 -24.32 -1.76
C SER I 234 -30.60 -24.86 -0.93
N LEU I 235 -31.22 -25.91 -1.45
CA LEU I 235 -32.41 -26.50 -0.83
C LEU I 235 -32.06 -27.78 -0.08
N ALA I 236 -32.97 -28.18 0.81
CA ALA I 236 -32.86 -29.46 1.47
C ALA I 236 -33.44 -30.55 0.58
N GLU I 237 -33.05 -31.80 0.86
CA GLU I 237 -33.46 -32.90 -0.01
C GLU I 237 -34.64 -33.68 0.53
N GLU I 238 -34.79 -33.80 1.85
CA GLU I 238 -35.86 -34.61 2.39
C GLU I 238 -37.08 -33.78 2.78
N GLU I 239 -36.89 -32.79 3.63
CA GLU I 239 -38.00 -31.99 4.15
C GLU I 239 -37.44 -30.67 4.67
N VAL I 240 -38.28 -29.92 5.37
CA VAL I 240 -37.87 -28.63 5.93
C VAL I 240 -37.06 -28.85 7.18
N MET I 241 -35.93 -28.16 7.29
CA MET I 241 -35.03 -28.28 8.43
C MET I 241 -35.08 -27.02 9.27
N ILE I 242 -34.84 -27.19 10.57
CA ILE I 242 -34.90 -26.09 11.53
C ILE I 242 -33.69 -26.22 12.44
N ARG I 243 -32.77 -25.27 12.34
CA ARG I 243 -31.50 -25.32 13.07
C ARG I 243 -31.35 -24.08 13.93
N SER I 244 -30.84 -24.30 15.14
CA SER I 244 -30.59 -23.22 16.09
C SER I 244 -29.78 -23.80 17.24
N GLU I 245 -28.93 -22.98 17.83
CA GLU I 245 -28.19 -23.39 19.00
C GLU I 245 -28.98 -22.98 20.24
N ASN I 246 -29.43 -23.97 21.01
CA ASN I 246 -30.21 -23.75 22.22
C ASN I 246 -31.50 -22.99 21.91
N ILE I 247 -32.39 -23.70 21.22
CA ILE I 247 -33.69 -23.18 20.85
C ILE I 247 -34.52 -22.68 22.03
N THR I 248 -34.11 -22.98 23.26
CA THR I 248 -34.81 -22.43 24.42
C THR I 248 -34.28 -21.08 24.84
N ASN I 249 -33.18 -20.62 24.24
CA ASN I 249 -32.65 -19.29 24.49
C ASN I 249 -33.22 -18.36 23.43
N ASN I 250 -34.05 -17.41 23.86
CA ASN I 250 -34.77 -16.58 22.89
C ASN I 250 -33.93 -15.42 22.37
N ALA I 251 -32.64 -15.38 22.67
CA ALA I 251 -31.75 -14.40 22.07
C ALA I 251 -30.97 -14.98 20.92
N LYS I 252 -31.35 -16.16 20.44
CA LYS I 252 -30.70 -16.82 19.32
C LYS I 252 -31.67 -16.89 18.15
N ASN I 253 -31.18 -16.58 16.96
CA ASN I 253 -32.04 -16.67 15.79
C ASN I 253 -32.32 -18.12 15.45
N ILE I 254 -33.27 -18.31 14.54
CA ILE I 254 -33.65 -19.62 14.05
C ILE I 254 -33.48 -19.61 12.53
N LEU I 255 -32.90 -20.67 12.00
CA LEU I 255 -32.61 -20.77 10.57
C LEU I 255 -33.51 -21.85 9.96
N VAL I 256 -34.44 -21.43 9.14
CA VAL I 256 -35.31 -22.36 8.42
C VAL I 256 -34.76 -22.53 7.02
N GLN I 257 -34.94 -23.73 6.47
CA GLN I 257 -34.43 -24.06 5.14
C GLN I 257 -35.49 -24.84 4.40
N PHE I 258 -36.00 -24.27 3.32
CA PHE I 258 -37.05 -24.92 2.56
C PHE I 258 -36.48 -26.10 1.78
N ASN I 259 -37.38 -26.89 1.21
CA ASN I 259 -36.99 -27.94 0.28
C ASN I 259 -37.58 -27.76 -1.10
N THR I 260 -38.35 -26.69 -1.31
CA THR I 260 -38.91 -26.34 -2.60
C THR I 260 -38.85 -24.82 -2.65
N PRO I 261 -38.31 -24.24 -3.71
CA PRO I 261 -38.16 -22.78 -3.75
C PRO I 261 -39.49 -22.08 -3.94
N VAL I 262 -39.52 -20.80 -3.56
CA VAL I 262 -40.64 -19.92 -3.81
C VAL I 262 -40.14 -18.76 -4.64
N GLN I 263 -40.81 -18.48 -5.75
CA GLN I 263 -40.36 -17.42 -6.65
C GLN I 263 -40.82 -16.05 -6.17
N ILE I 264 -40.04 -15.04 -6.49
CA ILE I 264 -40.40 -13.66 -6.18
C ILE I 264 -39.89 -12.74 -7.28
N ASN I 265 -40.80 -12.11 -8.02
CA ASN I 265 -40.44 -11.27 -9.15
C ASN I 265 -40.50 -9.81 -8.72
N CYS I 266 -39.40 -9.09 -8.87
CA CYS I 266 -39.31 -7.69 -8.47
C CYS I 266 -38.94 -6.82 -9.66
N THR I 267 -39.30 -5.54 -9.58
CA THR I 267 -39.11 -4.65 -10.71
C THR I 267 -39.05 -3.21 -10.26
N ARG I 268 -38.43 -2.38 -11.09
CA ARG I 268 -38.37 -0.92 -10.93
C ARG I 268 -38.95 -0.33 -12.20
N PRO I 269 -40.26 -0.07 -12.24
CA PRO I 269 -40.93 0.16 -13.52
C PRO I 269 -40.64 1.51 -14.17
N ASN I 270 -39.84 2.38 -13.56
CA ASN I 270 -39.57 3.67 -14.17
C ASN I 270 -38.46 3.58 -15.19
N ASN I 271 -38.55 4.42 -16.21
CA ASN I 271 -37.56 4.49 -17.28
C ASN I 271 -36.59 5.61 -16.95
N ASN I 272 -35.44 5.25 -16.40
CA ASN I 272 -34.49 6.23 -15.88
C ASN I 272 -33.48 6.64 -16.93
N THR I 273 -33.07 7.90 -16.87
CA THR I 273 -31.96 8.41 -17.67
C THR I 273 -30.84 8.84 -16.74
N ARG I 274 -29.65 9.00 -17.30
CA ARG I 274 -28.46 9.27 -16.51
C ARG I 274 -27.64 10.38 -17.15
N LYS I 275 -27.53 11.51 -16.47
CA LYS I 275 -26.64 12.58 -16.90
C LYS I 275 -25.20 12.25 -16.52
N SER I 276 -24.30 13.18 -16.79
CA SER I 276 -22.92 13.04 -16.39
C SER I 276 -22.33 14.42 -16.25
N ILE I 277 -21.85 14.74 -15.06
CA ILE I 277 -21.40 16.08 -14.70
C ILE I 277 -19.90 16.02 -14.41
N ARG I 278 -19.14 16.84 -15.12
CA ARG I 278 -17.70 16.93 -14.87
C ARG I 278 -17.48 17.88 -13.71
N ILE I 279 -17.26 17.31 -12.52
CA ILE I 279 -17.07 18.13 -11.34
C ILE I 279 -15.63 18.58 -11.29
N GLY I 280 -12.93 17.79 -10.44
CA GLY I 280 -12.37 18.65 -11.47
C GLY I 280 -11.93 17.86 -12.66
N PRO I 281 -10.62 17.92 -12.95
CA PRO I 281 -10.08 17.22 -14.13
C PRO I 281 -10.13 15.71 -13.93
N GLY I 282 -10.81 15.02 -14.83
CA GLY I 282 -10.88 13.58 -14.78
C GLY I 282 -11.82 13.02 -13.76
N GLN I 283 -12.78 13.81 -13.28
CA GLN I 283 -13.75 13.37 -12.29
C GLN I 283 -15.15 13.56 -12.85
N ALA I 284 -15.98 12.53 -12.76
CA ALA I 284 -17.34 12.59 -13.27
C ALA I 284 -18.32 12.17 -12.18
N PHE I 285 -19.43 12.89 -12.10
CA PHE I 285 -20.51 12.58 -11.18
C PHE I 285 -21.74 12.21 -12.01
N TYR I 286 -22.38 11.10 -11.66
CA TYR I 286 -23.47 10.54 -12.45
C TYR I 286 -24.80 10.88 -11.77
N ALA I 287 -25.43 11.95 -12.23
CA ALA I 287 -26.69 12.39 -11.66
C ALA I 287 -27.84 11.60 -12.29
N THR I 288 -29.07 12.01 -12.02
CA THR I 288 -30.25 11.38 -12.56
C THR I 288 -31.05 12.42 -13.33
N GLY I 289 -31.30 12.17 -14.61
CA GLY I 289 -32.07 13.06 -15.43
C GLY I 289 -33.56 12.80 -15.29
N ASP I 290 -34.32 13.35 -16.24
CA ASP I 290 -35.76 13.18 -16.22
C ASP I 290 -36.14 11.73 -16.47
N ILE I 291 -37.41 11.43 -16.25
CA ILE I 291 -37.96 10.09 -16.42
C ILE I 291 -38.89 10.09 -17.63
N ILE I 292 -38.77 9.06 -18.45
CA ILE I 292 -39.53 8.98 -19.70
C ILE I 292 -40.81 8.20 -19.41
N GLY I 293 -41.88 8.92 -19.09
CA GLY I 293 -43.17 8.29 -18.92
C GLY I 293 -43.86 8.61 -17.61
N ASP I 294 -44.38 7.59 -16.94
CA ASP I 294 -45.08 7.73 -15.68
C ASP I 294 -44.19 7.30 -14.52
N ILE I 295 -44.48 7.85 -13.35
CA ILE I 295 -43.74 7.53 -12.13
C ILE I 295 -44.58 6.56 -11.32
N ARG I 296 -44.16 5.31 -11.24
CA ARG I 296 -44.85 4.29 -10.47
C ARG I 296 -43.90 3.68 -9.46
N GLN I 297 -44.47 2.91 -8.54
CA GLN I 297 -43.75 2.40 -7.39
C GLN I 297 -43.15 1.02 -7.68
N ALA I 298 -42.02 0.75 -7.04
CA ALA I 298 -41.38 -0.55 -7.16
C ALA I 298 -42.04 -1.55 -6.22
N HIS I 299 -42.00 -2.83 -6.58
CA HIS I 299 -42.73 -3.84 -5.83
C HIS I 299 -42.16 -5.21 -6.15
N CYS I 300 -42.71 -6.22 -5.46
CA CYS I 300 -42.38 -7.63 -5.70
C CYS I 300 -43.67 -8.43 -5.59
N ASN I 301 -43.89 -9.33 -6.53
CA ASN I 301 -45.09 -10.16 -6.57
C ASN I 301 -44.73 -11.59 -6.21
N VAL I 302 -45.53 -12.21 -5.34
CA VAL I 302 -45.34 -13.58 -4.90
C VAL I 302 -46.66 -14.33 -5.06
N SER I 303 -46.57 -15.59 -5.44
CA SER I 303 -47.75 -16.41 -5.63
C SER I 303 -48.36 -16.79 -4.28
N LYS I 304 -49.65 -16.48 -4.11
CA LYS I 304 -50.28 -16.61 -2.80
C LYS I 304 -50.52 -18.06 -2.42
N ALA I 305 -50.70 -18.95 -3.40
CA ALA I 305 -50.97 -20.34 -3.08
C ALA I 305 -49.70 -21.05 -2.62
N THR I 306 -48.61 -20.89 -3.37
CA THR I 306 -47.37 -21.58 -3.03
C THR I 306 -46.83 -21.12 -1.69
N TRP I 307 -46.90 -19.82 -1.41
CA TRP I 307 -46.39 -19.31 -0.14
C TRP I 307 -47.17 -19.89 1.03
N ASN I 308 -48.49 -19.81 0.98
CA ASN I 308 -49.29 -20.28 2.10
C ASN I 308 -49.11 -21.78 2.33
N GLU I 309 -48.71 -22.52 1.31
CA GLU I 309 -48.49 -23.95 1.47
C GLU I 309 -47.21 -24.24 2.24
N THR I 310 -46.09 -23.66 1.81
CA THR I 310 -44.83 -23.91 2.50
C THR I 310 -44.85 -23.39 3.92
N LEU I 311 -45.62 -22.34 4.19
CA LEU I 311 -45.79 -21.91 5.58
C LEU I 311 -46.48 -22.98 6.40
N GLY I 312 -47.28 -23.82 5.76
CA GLY I 312 -47.87 -24.94 6.47
C GLY I 312 -46.83 -26.01 6.82
N LYS I 313 -45.93 -26.28 5.88
CA LYS I 313 -44.88 -27.27 6.12
C LYS I 313 -43.85 -26.80 7.13
N VAL I 314 -43.85 -25.52 7.50
CA VAL I 314 -42.92 -25.04 8.50
C VAL I 314 -43.47 -25.22 9.92
N VAL I 315 -44.80 -25.16 10.09
CA VAL I 315 -45.36 -25.27 11.43
C VAL I 315 -45.39 -26.71 11.91
N LYS I 316 -45.34 -27.69 11.03
CA LYS I 316 -45.22 -29.07 11.48
C LYS I 316 -43.88 -29.30 12.17
N GLN I 317 -42.80 -28.89 11.53
CA GLN I 317 -41.48 -29.01 12.14
C GLN I 317 -41.34 -28.10 13.35
N LEU I 318 -41.95 -26.92 13.32
CA LEU I 318 -41.88 -26.03 14.46
C LEU I 318 -42.63 -26.57 15.66
N ARG I 319 -43.57 -27.49 15.45
CA ARG I 319 -44.34 -28.05 16.53
C ARG I 319 -43.58 -29.12 17.31
N LYS I 320 -42.63 -29.77 16.66
CA LYS I 320 -41.89 -30.79 17.30
C LYS I 320 -41.08 -30.28 18.42
N HIS I 321 -40.74 -29.02 18.45
CA HIS I 321 -39.93 -28.54 19.54
C HIS I 321 -40.77 -28.00 20.64
N PHE I 322 -42.02 -27.72 20.36
CA PHE I 322 -42.92 -27.24 21.38
C PHE I 322 -44.06 -28.23 21.49
N GLY I 323 -44.96 -28.04 22.43
CA GLY I 323 -46.04 -28.97 22.63
C GLY I 323 -46.90 -29.31 21.44
N ASN I 324 -47.56 -30.44 21.47
CA ASN I 324 -48.36 -30.83 20.33
C ASN I 324 -49.64 -30.11 20.01
N ASN I 325 -50.07 -29.20 20.87
CA ASN I 325 -51.30 -28.49 20.65
C ASN I 325 -51.02 -27.05 20.98
N THR I 326 -49.98 -26.50 20.41
CA THR I 326 -49.67 -25.12 20.66
C THR I 326 -50.11 -24.31 19.52
N ILE I 327 -50.48 -23.08 19.83
CA ILE I 327 -50.83 -22.09 18.82
C ILE I 327 -49.57 -21.42 18.31
N ILE I 328 -49.47 -21.27 17.00
CA ILE I 328 -48.27 -20.73 16.37
C ILE I 328 -48.68 -19.56 15.50
N ARG I 329 -48.11 -18.39 15.77
CA ARG I 329 -48.45 -17.16 15.09
C ARG I 329 -47.25 -16.60 14.35
N PHE I 330 -47.52 -15.86 13.28
CA PHE I 330 -46.51 -15.09 12.58
C PHE I 330 -46.92 -13.63 12.58
N ALA I 331 -46.00 -12.75 12.94
CA ALA I 331 -46.25 -11.31 12.95
C ALA I 331 -45.13 -10.60 12.19
N ASN I 332 -45.32 -9.32 11.95
CA ASN I 332 -44.31 -8.55 11.24
C ASN I 332 -43.28 -7.99 12.21
N SER I 333 -42.19 -7.48 11.65
CA SER I 333 -41.08 -7.01 12.47
C SER I 333 -41.53 -5.93 13.45
N SER I 334 -40.84 -5.86 14.58
CA SER I 334 -41.28 -5.01 15.69
C SER I 334 -40.55 -3.68 15.77
N GLY I 335 -39.48 -3.50 15.03
CA GLY I 335 -38.77 -2.23 15.04
C GLY I 335 -37.31 -2.44 14.70
N GLY I 336 -36.58 -1.33 14.74
CA GLY I 336 -35.16 -1.36 14.46
C GLY I 336 -34.76 -0.41 13.35
N ASP I 337 -33.63 -0.68 12.71
CA ASP I 337 -33.20 0.12 11.58
C ASP I 337 -33.94 -0.32 10.33
N LEU I 338 -33.82 0.49 9.27
CA LEU I 338 -34.50 0.17 8.03
C LEU I 338 -33.97 -1.10 7.40
N GLU I 339 -32.71 -1.44 7.65
CA GLU I 339 -32.13 -2.61 7.01
C GLU I 339 -32.72 -3.90 7.56
N VAL I 340 -33.07 -3.93 8.85
CA VAL I 340 -33.53 -5.15 9.49
C VAL I 340 -35.03 -5.20 9.67
N THR I 341 -35.73 -4.10 9.51
CA THR I 341 -37.18 -4.09 9.61
C THR I 341 -37.86 -4.38 8.28
N THR I 342 -37.10 -4.56 7.21
CA THR I 342 -37.62 -4.86 5.89
C THR I 342 -36.76 -5.93 5.25
N HIS I 343 -37.22 -6.46 4.13
CA HIS I 343 -36.40 -7.38 3.34
C HIS I 343 -35.58 -6.57 2.37
N SER I 344 -34.30 -6.42 2.66
CA SER I 344 -33.40 -5.60 1.86
C SER I 344 -32.49 -6.49 1.03
N PHE I 345 -32.33 -6.14 -0.24
CA PHE I 345 -31.50 -6.90 -1.16
C PHE I 345 -31.03 -5.95 -2.26
N ASN I 346 -30.36 -6.50 -3.26
CA ASN I 346 -29.80 -5.71 -4.35
C ASN I 346 -30.07 -6.43 -5.66
N CYS I 347 -30.79 -5.76 -6.56
CA CYS I 347 -31.22 -6.36 -7.83
C CYS I 347 -30.73 -5.50 -8.99
N GLY I 348 -29.61 -5.87 -9.56
CA GLY I 348 -29.12 -5.20 -10.75
C GLY I 348 -28.49 -3.85 -10.51
N GLY I 349 -27.91 -3.64 -9.33
CA GLY I 349 -27.26 -2.38 -9.03
C GLY I 349 -28.09 -1.40 -8.23
N GLU I 350 -29.37 -1.69 -8.00
CA GLU I 350 -30.21 -0.86 -7.15
C GLU I 350 -30.48 -1.61 -5.86
N PHE I 351 -30.69 -0.87 -4.78
CA PHE I 351 -30.89 -1.44 -3.45
C PHE I 351 -32.34 -1.23 -3.05
N PHE I 352 -33.04 -2.33 -2.78
CA PHE I 352 -34.45 -2.32 -2.46
C PHE I 352 -34.66 -2.49 -0.96
N TYR I 353 -35.84 -2.07 -0.48
CA TYR I 353 -36.22 -2.26 0.91
C TYR I 353 -37.73 -2.51 0.92
N CYS I 354 -38.13 -3.77 0.94
CA CYS I 354 -39.51 -4.16 0.71
C CYS I 354 -40.23 -4.47 2.01
N ASN I 355 -41.52 -4.11 2.04
CA ASN I 355 -42.35 -4.25 3.23
C ASN I 355 -42.99 -5.64 3.21
N THR I 356 -42.47 -6.55 4.03
CA THR I 356 -42.94 -7.92 4.07
C THR I 356 -44.08 -8.12 5.05
N SER I 357 -44.79 -7.07 5.42
CA SER I 357 -45.81 -7.23 6.45
C SER I 357 -47.04 -7.98 5.95
N GLY I 358 -47.05 -8.44 4.71
CA GLY I 358 -48.18 -9.18 4.19
C GLY I 358 -47.90 -10.65 4.08
N LEU I 359 -46.66 -11.05 4.31
CA LEU I 359 -46.29 -12.46 4.30
C LEU I 359 -46.44 -13.09 5.67
N PHE I 360 -46.03 -12.39 6.72
CA PHE I 360 -46.08 -12.92 8.09
C PHE I 360 -47.32 -12.33 8.78
N ASN I 361 -48.48 -12.89 8.43
CA ASN I 361 -49.74 -12.44 9.02
C ASN I 361 -50.69 -13.62 8.99
N SER I 362 -50.73 -14.38 10.09
CA SER I 362 -51.52 -15.60 10.12
C SER I 362 -51.45 -16.20 11.52
N THR I 363 -52.28 -17.22 11.73
CA THR I 363 -52.36 -17.92 13.03
C THR I 363 -52.78 -19.35 12.76
N TRP I 364 -51.95 -20.30 13.17
CA TRP I 364 -52.18 -21.72 12.88
C TRP I 364 -52.48 -22.47 14.17
N ILE I 365 -53.65 -23.08 14.23
CA ILE I 365 -54.05 -23.89 15.37
C ILE I 365 -53.95 -25.36 14.97
N SER I 366 -54.11 -26.23 15.96
CA SER I 366 -53.93 -27.66 15.76
C SER I 366 -55.13 -28.27 15.04
N ASN I 367 -55.16 -29.59 14.96
CA ASN I 367 -56.24 -30.33 14.30
C ASN I 367 -56.34 -29.95 12.83
N SER I 378 -56.89 -17.73 -2.38
CA SER I 378 -57.30 -17.79 -3.78
C SER I 378 -56.16 -18.27 -4.66
N ASN I 379 -56.18 -17.89 -5.92
CA ASN I 379 -55.18 -18.30 -6.90
C ASN I 379 -54.48 -17.09 -7.52
N ASP I 380 -54.35 -16.01 -6.76
CA ASP I 380 -53.76 -14.77 -7.22
C ASP I 380 -52.42 -14.55 -6.52
N SER I 381 -51.85 -13.38 -6.73
CA SER I 381 -50.55 -13.03 -6.18
C SER I 381 -50.69 -12.01 -5.04
N ILE I 382 -49.59 -11.81 -4.32
CA ILE I 382 -49.48 -10.76 -3.33
C ILE I 382 -48.49 -9.73 -3.84
N THR I 383 -48.68 -8.48 -3.44
CA THR I 383 -47.81 -7.38 -3.86
C THR I 383 -47.19 -6.74 -2.63
N LEU I 384 -45.86 -6.68 -2.60
CA LEU I 384 -45.13 -6.04 -1.52
C LEU I 384 -44.52 -4.74 -2.02
N PRO I 385 -44.86 -3.59 -1.45
CA PRO I 385 -44.27 -2.34 -1.91
C PRO I 385 -42.85 -2.15 -1.39
N CYS I 386 -41.98 -1.61 -2.23
CA CYS I 386 -40.58 -1.42 -1.89
C CYS I 386 -40.17 0.04 -2.06
N ARG I 387 -39.10 0.41 -1.38
CA ARG I 387 -38.45 1.70 -1.51
C ARG I 387 -37.06 1.51 -2.08
N ILE I 388 -36.41 2.62 -2.40
CA ILE I 388 -35.07 2.60 -2.98
C ILE I 388 -34.23 3.65 -2.31
N LYS I 389 -32.95 3.34 -2.12
CA LYS I 389 -31.98 4.26 -1.55
C LYS I 389 -30.73 4.28 -2.42
N GLN I 390 -29.94 5.34 -2.26
CA GLN I 390 -28.69 5.46 -2.98
C GLN I 390 -27.48 5.67 -2.10
N ILE I 391 -27.64 6.17 -0.88
CA ILE I 391 -26.54 6.29 0.07
C ILE I 391 -26.56 5.05 0.93
N ILE I 392 -25.57 4.18 0.75
CA ILE I 392 -25.56 2.85 1.37
C ILE I 392 -24.43 2.79 2.39
N ASN I 393 -24.74 2.28 3.57
CA ASN I 393 -23.74 1.99 4.60
C ASN I 393 -23.78 0.48 4.82
N MET I 394 -23.01 -0.23 4.00
CA MET I 394 -23.22 -1.67 3.80
C MET I 394 -23.05 -2.47 5.08
N TRP I 395 -21.86 -2.49 5.64
CA TRP I 395 -21.62 -3.19 6.90
C TRP I 395 -21.56 -2.15 8.01
N GLN I 396 -21.98 -2.54 9.21
CA GLN I 396 -22.38 -1.59 10.25
C GLN I 396 -21.36 -0.50 10.51
N ARG I 397 -20.14 -0.67 10.01
CA ARG I 397 -19.16 0.39 10.03
C ARG I 397 -19.80 1.72 9.60
N ILE I 398 -19.44 2.80 10.28
CA ILE I 398 -20.17 4.05 10.09
C ILE I 398 -19.36 5.13 9.39
N GLY I 399 -18.03 5.10 9.49
CA GLY I 399 -17.23 6.20 9.00
C GLY I 399 -17.05 6.32 7.50
N GLN I 400 -17.71 5.47 6.71
CA GLN I 400 -17.51 5.50 5.26
C GLN I 400 -18.75 4.95 4.58
N ALA I 401 -19.50 5.82 3.91
CA ALA I 401 -20.67 5.43 3.15
C ALA I 401 -20.27 5.29 1.69
N MET I 402 -21.25 5.02 0.83
CA MET I 402 -20.99 4.96 -0.60
C MET I 402 -22.25 5.38 -1.35
N TYR I 403 -22.04 6.00 -2.51
CA TYR I 403 -23.11 6.38 -3.41
C TYR I 403 -23.31 5.25 -4.41
N ALA I 404 -24.44 5.26 -5.09
CA ALA I 404 -24.74 4.21 -6.07
C ALA I 404 -25.30 4.85 -7.33
N PRO I 405 -24.57 4.81 -8.44
CA PRO I 405 -25.02 5.55 -9.62
C PRO I 405 -26.32 4.98 -10.16
N PRO I 406 -27.13 5.80 -10.80
CA PRO I 406 -28.39 5.30 -11.34
C PRO I 406 -28.16 4.33 -12.50
N ILE I 407 -29.16 3.50 -12.75
CA ILE I 407 -29.12 2.50 -13.81
C ILE I 407 -30.04 2.95 -14.93
N GLN I 408 -29.61 2.74 -16.17
CA GLN I 408 -30.37 3.17 -17.32
C GLN I 408 -31.42 2.13 -17.69
N GLY I 409 -32.65 2.56 -17.88
CA GLY I 409 -33.69 1.70 -18.42
C GLY I 409 -34.65 1.21 -17.34
N VAL I 410 -34.91 -0.09 -17.34
CA VAL I 410 -35.88 -0.70 -16.44
C VAL I 410 -35.24 -1.94 -15.81
N ILE I 411 -35.45 -2.12 -14.52
CA ILE I 411 -34.85 -3.20 -13.75
C ILE I 411 -35.86 -4.32 -13.59
N ARG I 412 -35.36 -5.56 -13.56
CA ARG I 412 -36.21 -6.72 -13.37
C ARG I 412 -35.40 -7.95 -13.02
N CYS I 413 -35.80 -8.68 -11.99
CA CYS I 413 -35.10 -9.90 -11.61
C CYS I 413 -36.08 -10.89 -11.02
N VAL I 414 -35.69 -12.17 -11.05
CA VAL I 414 -36.49 -13.26 -10.51
C VAL I 414 -35.57 -14.12 -9.66
N SER I 415 -35.99 -14.39 -8.42
CA SER I 415 -35.15 -15.09 -7.46
C SER I 415 -35.93 -16.20 -6.78
N ASN I 416 -35.18 -17.11 -6.17
CA ASN I 416 -35.73 -18.19 -5.36
C ASN I 416 -35.63 -17.81 -3.89
N ILE I 417 -36.71 -17.98 -3.15
CA ILE I 417 -36.67 -17.89 -1.69
C ILE I 417 -36.39 -19.28 -1.17
N THR I 418 -35.29 -19.45 -0.43
CA THR I 418 -34.90 -20.77 0.04
C THR I 418 -34.63 -20.80 1.53
N GLY I 419 -35.24 -19.93 2.30
CA GLY I 419 -35.03 -19.98 3.74
C GLY I 419 -35.51 -18.72 4.42
N LEU I 420 -35.52 -18.78 5.75
CA LEU I 420 -35.96 -17.68 6.59
C LEU I 420 -34.99 -17.49 7.73
N ILE I 421 -35.15 -16.37 8.44
CA ILE I 421 -34.45 -16.10 9.68
C ILE I 421 -35.49 -15.58 10.66
N LEU I 422 -35.79 -16.35 11.70
CA LEU I 422 -36.87 -16.04 12.61
C LEU I 422 -36.33 -15.67 13.98
N THR I 423 -37.25 -15.30 14.88
CA THR I 423 -36.90 -14.91 16.24
C THR I 423 -38.15 -15.02 17.09
N ARG I 424 -38.07 -15.80 18.17
CA ARG I 424 -39.24 -16.13 18.98
C ARG I 424 -39.42 -15.11 20.09
N ASP I 425 -40.67 -14.79 20.39
CA ASP I 425 -40.99 -13.86 21.47
C ASP I 425 -40.79 -14.54 22.81
N GLY I 426 -40.11 -13.85 23.72
CA GLY I 426 -39.79 -14.41 25.02
C GLY I 426 -40.95 -14.30 26.00
N GLY I 427 -40.67 -14.71 27.23
CA GLY I 427 -41.63 -14.61 28.30
C GLY I 427 -42.88 -15.45 28.13
N SER I 428 -42.83 -16.47 27.29
CA SER I 428 -43.99 -17.29 26.99
C SER I 428 -44.09 -18.42 28.01
N THR I 429 -44.96 -18.26 29.00
CA THR I 429 -45.28 -19.31 29.95
C THR I 429 -46.66 -19.90 29.62
N ASN I 430 -47.09 -20.84 30.45
CA ASN I 430 -48.32 -21.62 30.29
C ASN I 430 -48.27 -22.56 29.10
N SER I 431 -47.19 -22.55 28.31
CA SER I 431 -46.96 -23.52 27.24
C SER I 431 -48.04 -23.42 26.16
N THR I 432 -48.19 -22.23 25.60
CA THR I 432 -49.15 -22.01 24.53
C THR I 432 -48.84 -20.69 23.83
N THR I 433 -49.23 -20.61 22.56
CA THR I 433 -49.17 -19.37 21.76
C THR I 433 -47.74 -18.83 21.67
N GLU I 434 -46.90 -19.58 20.96
CA GLU I 434 -45.60 -19.07 20.56
C GLU I 434 -45.74 -18.16 19.34
N THR I 435 -44.95 -17.09 19.32
CA THR I 435 -45.01 -16.08 18.28
C THR I 435 -43.63 -15.90 17.65
N PHE I 436 -43.58 -15.84 16.33
CA PHE I 436 -42.33 -15.69 15.60
C PHE I 436 -42.38 -14.45 14.71
N ARG I 437 -41.25 -13.79 14.56
CA ARG I 437 -41.12 -12.58 13.77
C ARG I 437 -39.84 -12.66 12.95
N PRO I 438 -39.82 -12.04 11.77
CA PRO I 438 -38.63 -12.11 10.94
C PRO I 438 -37.49 -11.27 11.49
N GLY I 439 -36.28 -11.76 11.35
CA GLY I 439 -35.11 -11.07 11.86
C GLY I 439 -33.99 -10.99 10.85
N GLY I 440 -32.75 -10.82 11.32
CA GLY I 440 -31.60 -10.74 10.45
C GLY I 440 -30.66 -9.65 10.93
N GLY I 441 -29.82 -9.18 10.01
CA GLY I 441 -28.93 -8.10 10.33
C GLY I 441 -27.46 -8.48 10.33
N ASP I 442 -27.15 -9.66 10.86
CA ASP I 442 -25.79 -10.16 10.90
C ASP I 442 -25.58 -11.08 9.71
N MET I 443 -24.63 -10.74 8.84
CA MET I 443 -24.44 -11.51 7.62
C MET I 443 -23.81 -12.87 7.88
N ARG I 444 -23.24 -13.09 9.07
CA ARG I 444 -22.66 -14.39 9.36
C ARG I 444 -23.71 -15.50 9.32
N ASP I 445 -24.95 -15.19 9.71
CA ASP I 445 -26.02 -16.17 9.59
C ASP I 445 -26.30 -16.52 8.15
N ASN I 446 -25.98 -15.65 7.21
CA ASN I 446 -26.16 -15.98 5.80
C ASN I 446 -25.11 -16.97 5.33
N TRP I 447 -23.91 -16.94 5.90
CA TRP I 447 -22.90 -17.89 5.50
C TRP I 447 -23.08 -19.23 6.18
N ARG I 448 -23.57 -19.25 7.42
CA ARG I 448 -23.79 -20.51 8.12
C ARG I 448 -24.84 -21.36 7.44
N SER I 449 -25.69 -20.76 6.62
CA SER I 449 -26.70 -21.52 5.89
C SER I 449 -26.13 -22.23 4.68
N GLU I 450 -24.86 -22.01 4.38
CA GLU I 450 -24.19 -22.69 3.28
C GLU I 450 -23.01 -23.54 3.71
N LEU I 451 -22.33 -23.18 4.80
CA LEU I 451 -21.15 -23.88 5.27
C LEU I 451 -21.43 -24.76 6.47
N TYR I 452 -22.67 -25.23 6.63
CA TYR I 452 -22.98 -26.09 7.76
C TYR I 452 -22.58 -27.54 7.52
N LYS I 453 -22.09 -27.88 6.33
CA LYS I 453 -21.75 -29.24 5.98
C LYS I 453 -20.26 -29.54 6.04
N TYR I 454 -19.41 -28.53 6.16
CA TYR I 454 -17.98 -28.70 5.98
C TYR I 454 -17.23 -28.45 7.27
N LYS I 455 -16.02 -29.01 7.35
CA LYS I 455 -15.10 -28.73 8.43
C LYS I 455 -13.69 -29.01 7.92
N VAL I 456 -12.72 -28.39 8.59
CA VAL I 456 -11.31 -28.42 8.16
C VAL I 456 -10.51 -29.20 9.19
N VAL I 457 -9.73 -30.17 8.72
CA VAL I 457 -8.88 -30.99 9.56
C VAL I 457 -7.45 -30.94 9.05
N LYS I 458 -6.52 -31.26 9.94
CA LYS I 458 -5.10 -31.25 9.63
C LYS I 458 -4.53 -32.66 9.72
N ILE I 459 -3.74 -33.05 8.73
CA ILE I 459 -3.25 -34.42 8.64
C ILE I 459 -2.04 -34.61 9.54
N GLU I 460 -1.99 -35.73 10.25
CA GLU I 460 -0.87 -36.12 11.10
C GLU I 460 -0.31 -37.44 10.58
N PRO I 461 0.68 -37.40 9.70
CA PRO I 461 1.05 -38.60 8.97
C PRO I 461 2.11 -39.47 9.64
N LEU I 462 2.38 -39.27 10.92
CA LEU I 462 3.45 -40.00 11.61
C LEU I 462 2.87 -40.78 12.76
N GLY I 463 3.12 -42.08 12.79
CA GLY I 463 2.60 -42.94 13.83
C GLY I 463 3.56 -44.04 14.18
N VAL I 464 3.45 -44.52 15.42
CA VAL I 464 4.28 -45.61 15.93
C VAL I 464 3.36 -46.71 16.43
N ALA I 465 3.89 -47.93 16.49
CA ALA I 465 3.10 -49.10 16.86
C ALA I 465 4.05 -50.23 17.18
N PRO I 466 3.61 -51.23 17.94
CA PRO I 466 4.47 -52.37 18.24
C PRO I 466 4.34 -53.48 17.22
N THR I 467 5.47 -54.14 16.96
CA THR I 467 5.49 -55.29 16.08
C THR I 467 6.70 -56.15 16.42
N ARG I 468 6.90 -57.20 15.64
CA ARG I 468 7.90 -58.23 15.97
C ARG I 468 9.23 -58.04 15.26
N CYS I 469 9.25 -57.43 14.08
CA CYS I 469 10.50 -57.17 13.40
C CYS I 469 11.41 -56.31 14.25
N LYS I 470 12.71 -56.51 14.10
CA LYS I 470 13.69 -55.67 14.77
C LYS I 470 14.82 -55.36 13.79
N ARG I 471 15.41 -54.18 13.94
CA ARG I 471 16.40 -53.71 12.99
C ARG I 471 17.64 -54.59 13.02
N ARG I 472 18.17 -54.88 11.84
CA ARG I 472 19.31 -55.78 11.71
C ARG I 472 20.59 -55.01 11.99
N VAL I 473 21.23 -55.34 13.12
CA VAL I 473 22.52 -54.74 13.43
C VAL I 473 23.58 -55.29 12.48
N VAL I 474 24.40 -54.40 11.95
CA VAL I 474 25.48 -54.80 11.06
C VAL I 474 26.79 -54.13 11.49
N LEU J 9 34.22 -28.89 -18.71
CA LEU J 9 33.02 -28.22 -19.18
C LEU J 9 32.35 -27.44 -18.06
N GLY J 10 31.09 -27.08 -18.28
CA GLY J 10 30.33 -26.34 -17.28
C GLY J 10 28.86 -26.65 -17.32
N PHE J 11 28.04 -25.75 -16.80
CA PHE J 11 26.59 -25.94 -16.73
C PHE J 11 26.00 -26.16 -18.11
N LEU J 12 25.47 -27.36 -18.36
CA LEU J 12 24.76 -27.76 -19.57
C LEU J 12 25.66 -27.99 -20.77
N GLY J 13 26.97 -28.19 -20.59
CA GLY J 13 27.82 -28.49 -21.73
C GLY J 13 27.48 -29.82 -22.36
N ALA J 14 27.43 -30.87 -21.54
CA ALA J 14 27.14 -32.21 -22.03
C ALA J 14 25.83 -32.29 -22.79
N ALA J 15 25.02 -31.23 -22.79
CA ALA J 15 23.81 -31.22 -23.60
C ALA J 15 24.12 -31.53 -25.05
N GLY J 16 25.35 -31.28 -25.50
CA GLY J 16 25.70 -31.64 -26.86
C GLY J 16 26.04 -33.10 -27.04
N SER J 17 26.57 -33.74 -26.00
CA SER J 17 27.17 -35.06 -26.13
C SER J 17 26.11 -36.16 -26.10
N THR J 18 26.56 -37.39 -26.27
CA THR J 18 25.69 -38.56 -26.20
C THR J 18 25.41 -38.93 -24.76
N MET J 19 24.37 -39.75 -24.57
CA MET J 19 23.95 -40.11 -23.22
C MET J 19 25.09 -40.72 -22.42
N GLY J 20 25.86 -41.61 -23.05
CA GLY J 20 26.95 -42.26 -22.36
C GLY J 20 27.94 -41.29 -21.78
N ALA J 21 28.38 -40.33 -22.60
CA ALA J 21 29.36 -39.34 -22.13
C ALA J 21 28.72 -38.20 -21.36
N ALA J 22 27.42 -37.95 -21.54
CA ALA J 22 26.75 -36.90 -20.80
C ALA J 22 26.34 -37.33 -19.40
N SER J 23 26.30 -38.62 -19.12
CA SER J 23 25.94 -39.12 -17.79
C SER J 23 27.16 -39.25 -16.89
N MET J 24 28.22 -38.50 -17.14
CA MET J 24 29.35 -38.39 -16.23
C MET J 24 29.38 -37.06 -15.50
N THR J 25 28.47 -36.15 -15.81
CA THR J 25 28.48 -34.79 -15.28
C THR J 25 27.17 -34.42 -14.61
N LEU J 26 26.58 -35.34 -13.85
CA LEU J 26 25.26 -35.09 -13.28
C LEU J 26 25.34 -34.05 -12.17
N THR J 27 26.43 -34.04 -11.41
CA THR J 27 26.53 -33.13 -10.28
C THR J 27 26.51 -31.67 -10.72
N VAL J 28 26.99 -31.39 -11.93
CA VAL J 28 27.01 -30.02 -12.43
C VAL J 28 25.58 -29.51 -12.59
N GLN J 29 24.73 -30.31 -13.23
CA GLN J 29 23.33 -29.91 -13.37
C GLN J 29 22.62 -29.92 -12.03
N ALA J 30 23.01 -30.81 -11.11
CA ALA J 30 22.32 -30.92 -9.85
C ALA J 30 22.62 -29.77 -8.90
N ARG J 31 23.84 -29.21 -8.96
CA ARG J 31 24.20 -28.16 -8.02
C ARG J 31 23.49 -26.85 -8.30
N ASN J 32 23.11 -26.61 -9.55
CA ASN J 32 22.52 -25.34 -9.95
C ASN J 32 21.01 -25.33 -9.89
N LEU J 33 20.42 -26.14 -9.02
CA LEU J 33 18.96 -26.22 -8.91
C LEU J 33 18.41 -25.50 -7.70
N LEU J 34 19.25 -24.88 -6.89
CA LEU J 34 18.80 -24.30 -5.62
C LEU J 34 18.94 -22.78 -5.57
N SER J 35 20.12 -22.25 -5.86
CA SER J 35 20.31 -20.80 -5.74
C SER J 35 21.40 -20.36 -6.73
N GLY J 36 22.01 -19.21 -6.46
CA GLY J 36 22.78 -18.49 -7.46
C GLY J 36 22.52 -17.00 -7.38
N ILE J 37 21.78 -16.60 -6.35
CA ILE J 37 21.46 -15.21 -6.05
C ILE J 37 22.16 -14.87 -4.73
N VAL J 38 23.39 -15.38 -4.58
CA VAL J 38 24.03 -15.71 -3.30
C VAL J 38 23.72 -14.70 -2.20
N GLN J 39 23.91 -13.41 -2.47
CA GLN J 39 23.58 -12.39 -1.48
C GLN J 39 22.83 -11.26 -2.17
N GLN J 40 21.81 -10.75 -1.50
CA GLN J 40 20.91 -9.78 -2.08
C GLN J 40 20.80 -8.52 -1.23
N LEU J 57 6.03 -2.84 -0.43
CA LEU J 57 6.33 -2.79 -1.86
C LEU J 57 5.93 -4.09 -2.52
N THR J 58 5.74 -4.06 -3.83
CA THR J 58 5.42 -5.26 -4.59
C THR J 58 6.38 -5.51 -5.75
N VAL J 59 6.81 -4.48 -6.46
CA VAL J 59 7.67 -4.65 -7.63
C VAL J 59 9.10 -4.87 -7.16
N TRP J 60 9.70 -5.96 -7.63
CA TRP J 60 11.02 -6.41 -7.17
C TRP J 60 10.99 -6.78 -5.69
N GLY J 61 9.83 -6.67 -5.06
CA GLY J 61 9.68 -7.08 -3.67
C GLY J 61 8.83 -8.31 -3.48
N ILE J 62 7.77 -8.44 -4.27
CA ILE J 62 6.85 -9.57 -4.12
C ILE J 62 6.94 -10.53 -5.29
N LYS J 63 7.53 -10.13 -6.42
CA LYS J 63 7.76 -11.08 -7.49
C LYS J 63 8.92 -11.99 -7.16
N GLN J 64 10.06 -11.40 -6.76
CA GLN J 64 11.20 -12.21 -6.38
C GLN J 64 10.85 -13.15 -5.23
N LEU J 65 10.09 -12.66 -4.26
CA LEU J 65 9.70 -13.51 -3.13
C LEU J 65 8.85 -14.68 -3.59
N GLN J 66 8.14 -14.54 -4.70
CA GLN J 66 7.40 -15.66 -5.26
C GLN J 66 8.26 -16.53 -6.14
N ALA J 67 9.43 -16.03 -6.56
CA ALA J 67 10.35 -16.86 -7.32
C ALA J 67 11.08 -17.84 -6.42
N ARG J 68 11.55 -17.36 -5.26
CA ARG J 68 12.28 -18.23 -4.34
C ARG J 68 11.40 -19.29 -3.72
N VAL J 69 10.10 -19.08 -3.64
CA VAL J 69 9.24 -20.12 -3.08
C VAL J 69 8.93 -21.18 -4.12
N LEU J 70 8.82 -20.80 -5.39
CA LEU J 70 8.56 -21.79 -6.43
C LEU J 70 9.77 -22.70 -6.66
N ALA J 71 10.98 -22.16 -6.50
CA ALA J 71 12.18 -22.99 -6.68
C ALA J 71 12.25 -24.06 -5.62
N VAL J 72 11.83 -23.76 -4.39
CA VAL J 72 11.86 -24.75 -3.32
C VAL J 72 10.78 -25.80 -3.53
N GLU J 73 9.58 -25.36 -3.92
CA GLU J 73 8.50 -26.31 -4.13
C GLU J 73 8.78 -27.25 -5.29
N ARG J 74 9.53 -26.79 -6.29
CA ARG J 74 9.85 -27.65 -7.42
C ARG J 74 10.99 -28.60 -7.09
N TYR J 75 11.89 -28.20 -6.20
CA TYR J 75 13.00 -29.06 -5.82
C TYR J 75 12.58 -30.15 -4.85
N LEU J 76 11.49 -29.96 -4.11
CA LEU J 76 11.03 -30.95 -3.17
C LEU J 76 10.08 -31.97 -3.78
N ARG J 77 9.42 -31.61 -4.89
CA ARG J 77 8.59 -32.57 -5.58
C ARG J 77 9.42 -33.65 -6.26
N ASP J 78 10.69 -33.39 -6.52
CA ASP J 78 11.56 -34.37 -7.14
C ASP J 78 12.24 -35.27 -6.11
N GLN J 79 12.66 -34.70 -4.99
CA GLN J 79 13.24 -35.53 -3.93
C GLN J 79 12.20 -36.46 -3.33
N GLN J 80 10.95 -36.04 -3.30
CA GLN J 80 9.90 -36.94 -2.82
C GLN J 80 9.73 -38.12 -3.74
N LEU J 81 9.76 -37.89 -5.06
CA LEU J 81 9.60 -38.99 -6.00
C LEU J 81 10.75 -39.98 -5.89
N LEU J 82 11.99 -39.48 -5.79
CA LEU J 82 13.12 -40.38 -5.70
C LEU J 82 13.08 -41.23 -4.44
N GLY J 83 12.57 -40.68 -3.35
CA GLY J 83 12.48 -41.46 -2.13
C GLY J 83 11.42 -42.53 -2.19
N ILE J 84 10.34 -42.28 -2.93
CA ILE J 84 9.27 -43.25 -3.03
C ILE J 84 9.70 -44.46 -3.85
N TRP J 85 10.61 -44.26 -4.79
CA TRP J 85 11.10 -45.35 -5.63
C TRP J 85 12.29 -46.08 -5.02
N GLY J 86 12.77 -45.64 -3.86
CA GLY J 86 13.91 -46.27 -3.23
C GLY J 86 15.25 -45.75 -3.67
N CYS J 87 15.32 -44.52 -4.15
CA CYS J 87 16.53 -43.97 -4.75
C CYS J 87 17.08 -42.76 -4.01
N SER J 88 16.59 -42.48 -2.81
CA SER J 88 16.95 -41.25 -2.12
C SER J 88 18.45 -41.22 -1.82
N GLY J 89 19.06 -40.07 -2.09
CA GLY J 89 20.48 -39.89 -1.85
C GLY J 89 21.37 -40.41 -2.94
N LYS J 90 20.84 -40.63 -4.14
CA LYS J 90 21.60 -41.22 -5.23
C LYS J 90 21.34 -40.43 -6.50
N LEU J 91 22.26 -40.56 -7.46
CA LEU J 91 22.10 -39.99 -8.78
C LEU J 91 21.85 -41.03 -9.86
N ILE J 92 22.35 -42.25 -9.68
CA ILE J 92 22.02 -43.39 -10.52
C ILE J 92 21.52 -44.49 -9.62
N CYS J 93 20.38 -45.08 -9.98
CA CYS J 93 19.67 -45.98 -9.07
C CYS J 93 19.06 -47.12 -9.87
N CYS J 94 19.70 -48.29 -9.81
CA CYS J 94 19.18 -49.46 -10.50
C CYS J 94 17.91 -49.94 -9.83
N THR J 95 16.86 -50.12 -10.61
CA THR J 95 15.56 -50.54 -10.09
C THR J 95 15.33 -52.01 -10.37
N ASN J 96 14.10 -52.47 -10.11
CA ASN J 96 13.74 -53.87 -10.27
C ASN J 96 12.52 -54.01 -11.19
N VAL J 97 12.38 -53.13 -12.15
CA VAL J 97 11.28 -53.15 -13.11
C VAL J 97 11.84 -53.57 -14.47
N PRO J 98 11.26 -54.54 -15.15
CA PRO J 98 11.76 -54.93 -16.47
C PRO J 98 11.28 -53.98 -17.54
N TRP J 99 12.10 -53.85 -18.59
CA TRP J 99 11.85 -52.88 -19.66
C TRP J 99 10.97 -53.51 -20.72
N ASN J 100 9.68 -53.18 -20.70
CA ASN J 100 8.76 -53.61 -21.74
C ASN J 100 9.17 -53.01 -23.07
N SER J 101 9.39 -53.86 -24.07
CA SER J 101 9.85 -53.36 -25.36
C SER J 101 8.79 -52.57 -26.11
N SER J 102 7.53 -52.65 -25.68
CA SER J 102 6.49 -51.84 -26.28
C SER J 102 6.70 -50.34 -26.08
N TRP J 103 7.59 -49.95 -25.16
CA TRP J 103 7.93 -48.55 -24.99
C TRP J 103 8.93 -48.11 -26.04
N SER J 104 9.93 -48.93 -26.31
CA SER J 104 10.89 -48.72 -27.39
C SER J 104 11.67 -50.00 -27.59
N ASN J 105 12.31 -50.12 -28.75
CA ASN J 105 13.13 -51.30 -29.03
C ASN J 105 14.29 -50.85 -29.92
N ARG J 106 15.42 -50.54 -29.30
CA ARG J 106 16.63 -50.18 -30.01
C ARG J 106 17.80 -50.84 -29.30
N ASN J 107 18.81 -51.22 -30.09
CA ASN J 107 19.99 -51.85 -29.51
C ASN J 107 20.62 -50.94 -28.48
N LEU J 108 21.16 -51.55 -27.42
CA LEU J 108 21.72 -50.78 -26.32
C LEU J 108 22.77 -49.80 -26.80
N SER J 109 23.62 -50.22 -27.74
CA SER J 109 24.64 -49.32 -28.27
C SER J 109 24.03 -48.19 -29.09
N GLU J 110 22.89 -48.45 -29.72
CA GLU J 110 22.17 -47.43 -30.47
C GLU J 110 21.44 -46.46 -29.58
N ILE J 111 21.69 -46.50 -28.27
CA ILE J 111 21.09 -45.59 -27.31
C ILE J 111 22.14 -44.82 -26.52
N TRP J 112 23.17 -45.52 -26.04
CA TRP J 112 24.16 -44.90 -25.18
C TRP J 112 25.35 -44.34 -25.95
N ASP J 113 25.38 -44.45 -27.27
CA ASP J 113 26.54 -44.02 -28.02
C ASP J 113 26.25 -43.21 -29.27
N ASN J 114 24.98 -43.05 -29.67
CA ASN J 114 24.72 -42.25 -30.87
C ASN J 114 23.48 -41.38 -30.76
N MET J 115 23.02 -41.05 -29.56
CA MET J 115 21.93 -40.11 -29.41
C MET J 115 22.07 -39.39 -28.08
N THR J 116 21.22 -38.40 -27.85
CA THR J 116 21.36 -37.50 -26.72
C THR J 116 20.11 -37.53 -25.84
N TRP J 117 20.24 -36.97 -24.65
CA TRP J 117 19.11 -36.90 -23.73
C TRP J 117 17.98 -36.05 -24.29
N LEU J 118 18.30 -35.02 -25.06
CA LEU J 118 17.26 -34.22 -25.70
C LEU J 118 16.49 -35.04 -26.72
N GLN J 119 17.19 -35.84 -27.52
CA GLN J 119 16.51 -36.67 -28.51
C GLN J 119 15.67 -37.75 -27.84
N TRP J 120 16.22 -38.40 -26.82
CA TRP J 120 15.53 -39.55 -26.24
C TRP J 120 14.30 -39.13 -25.45
N ASP J 121 14.31 -37.93 -24.87
CA ASP J 121 13.16 -37.50 -24.08
C ASP J 121 11.91 -37.38 -24.93
N LYS J 122 12.06 -36.93 -26.17
CA LYS J 122 10.90 -36.77 -27.03
C LYS J 122 10.38 -38.12 -27.51
N GLU J 123 11.26 -39.11 -27.66
CA GLU J 123 10.87 -40.43 -28.11
C GLU J 123 10.21 -41.25 -27.02
N ILE J 124 10.15 -40.76 -25.79
CA ILE J 124 9.67 -41.54 -24.65
C ILE J 124 8.63 -40.81 -23.82
N SER J 125 8.32 -39.55 -24.13
CA SER J 125 7.46 -38.75 -23.27
C SER J 125 6.05 -39.28 -23.15
N ASN J 126 5.69 -40.30 -23.92
CA ASN J 126 4.32 -40.83 -23.86
C ASN J 126 4.13 -41.90 -22.80
N TYR J 127 5.21 -42.47 -22.28
CA TYR J 127 5.12 -43.62 -21.40
C TYR J 127 5.61 -43.35 -19.98
N THR J 128 6.17 -42.18 -19.72
CA THR J 128 6.71 -41.90 -18.39
C THR J 128 5.66 -42.06 -17.31
N GLN J 129 4.43 -41.59 -17.58
CA GLN J 129 3.38 -41.75 -16.60
C GLN J 129 3.03 -43.22 -16.38
N ILE J 130 3.19 -44.05 -17.41
CA ILE J 130 3.03 -45.49 -17.24
C ILE J 130 4.16 -46.05 -16.40
N ILE J 131 5.39 -45.65 -16.70
CA ILE J 131 6.55 -46.16 -15.97
C ILE J 131 6.50 -45.70 -14.52
N TYR J 132 6.23 -44.42 -14.30
CA TYR J 132 6.23 -43.87 -12.95
C TYR J 132 5.31 -44.65 -12.01
N GLY J 133 4.22 -45.20 -12.54
CA GLY J 133 3.34 -45.99 -11.71
C GLY J 133 3.93 -47.33 -11.33
N LEU J 134 4.75 -47.90 -12.21
CA LEU J 134 5.36 -49.19 -11.90
C LEU J 134 6.45 -49.05 -10.85
N LEU J 135 7.20 -47.96 -10.88
CA LEU J 135 8.26 -47.76 -9.91
C LEU J 135 7.69 -47.52 -8.52
N GLU J 136 6.60 -46.75 -8.43
CA GLU J 136 6.14 -46.23 -7.14
C GLU J 136 5.76 -47.34 -6.19
N GLU J 137 4.74 -48.11 -6.53
CA GLU J 137 4.25 -49.18 -5.69
C GLU J 137 4.61 -50.54 -6.24
N SER J 138 4.38 -50.77 -7.53
CA SER J 138 4.49 -52.10 -8.10
C SER J 138 5.91 -52.65 -8.01
N GLN J 139 6.86 -51.84 -7.54
CA GLN J 139 8.17 -52.37 -7.23
C GLN J 139 8.59 -52.16 -5.79
N ASN J 140 8.47 -50.94 -5.25
CA ASN J 140 9.09 -50.68 -3.96
C ASN J 140 8.18 -51.03 -2.79
N GLN J 141 6.93 -50.57 -2.82
CA GLN J 141 6.03 -50.93 -1.73
C GLN J 141 5.81 -52.43 -1.68
N GLN J 142 5.86 -53.09 -2.83
CA GLN J 142 5.88 -54.54 -2.84
C GLN J 142 7.12 -55.09 -2.14
N GLU J 143 8.25 -54.40 -2.30
CA GLU J 143 9.50 -54.83 -1.70
C GLU J 143 9.66 -54.38 -0.27
N LYS J 144 9.02 -53.27 0.12
CA LYS J 144 9.18 -52.75 1.46
C LYS J 144 8.55 -53.67 2.51
N ASN J 145 7.46 -54.34 2.18
CA ASN J 145 6.80 -55.20 3.16
C ASN J 145 7.49 -56.55 3.27
N GLU J 146 8.16 -57.01 2.21
CA GLU J 146 8.81 -58.31 2.26
C GLU J 146 9.96 -58.32 3.25
N GLN J 147 10.72 -57.24 3.31
CA GLN J 147 11.75 -57.13 4.35
C GLN J 147 11.11 -57.11 5.73
N ASP J 148 9.94 -56.49 5.85
CA ASP J 148 9.21 -56.52 7.11
C ASP J 148 8.86 -57.95 7.51
N LEU J 149 8.33 -58.72 6.56
CA LEU J 149 7.99 -60.11 6.86
C LEU J 149 9.21 -60.99 7.03
N LEU J 150 10.38 -60.54 6.61
CA LEU J 150 11.59 -61.36 6.70
C LEU J 150 12.35 -61.10 7.99
N ALA J 151 12.41 -59.84 8.44
CA ALA J 151 13.17 -59.50 9.63
C ALA J 151 12.50 -59.93 10.92
N LEU J 152 11.32 -60.55 10.86
CA LEU J 152 10.61 -60.99 12.05
C LEU J 152 10.88 -62.45 12.41
N ASP J 153 11.80 -63.10 11.70
CA ASP J 153 12.13 -64.49 12.01
C ASP J 153 13.12 -64.57 13.15
N LEU K 9 -8.90 -47.37 -4.27
CA LEU K 9 -9.40 -46.28 -3.44
C LEU K 9 -8.71 -44.97 -3.76
N GLY K 10 -8.79 -44.02 -2.84
CA GLY K 10 -8.16 -42.72 -3.03
C GLY K 10 -7.72 -42.10 -1.73
N PHE K 11 -7.51 -40.79 -1.74
CA PHE K 11 -7.04 -40.06 -0.56
C PHE K 11 -7.93 -40.31 0.65
N LEU K 12 -7.36 -40.90 1.70
CA LEU K 12 -7.98 -41.10 3.00
C LEU K 12 -9.06 -42.17 3.01
N GLY K 13 -9.15 -43.04 2.00
CA GLY K 13 -10.15 -44.09 2.04
C GLY K 13 -9.90 -45.07 3.17
N ALA K 14 -8.68 -45.58 3.26
CA ALA K 14 -8.33 -46.57 4.27
C ALA K 14 -8.59 -46.08 5.69
N ALA K 15 -8.93 -44.80 5.87
CA ALA K 15 -9.33 -44.32 7.18
C ALA K 15 -10.46 -45.14 7.78
N GLY K 16 -11.24 -45.81 6.94
CA GLY K 16 -12.26 -46.68 7.49
C GLY K 16 -11.73 -48.01 7.98
N SER K 17 -10.74 -48.55 7.27
CA SER K 17 -10.29 -49.92 7.48
C SER K 17 -9.45 -50.05 8.74
N THR K 18 -9.01 -51.27 9.02
CA THR K 18 -8.18 -51.55 10.17
C THR K 18 -6.71 -51.26 9.86
N MET K 19 -5.89 -51.24 10.90
CA MET K 19 -4.48 -50.87 10.75
C MET K 19 -3.79 -51.77 9.74
N GLY K 20 -4.03 -53.08 9.83
CA GLY K 20 -3.35 -54.01 8.93
C GLY K 20 -3.65 -53.73 7.47
N ALA K 21 -4.91 -53.50 7.15
CA ALA K 21 -5.30 -53.25 5.77
C ALA K 21 -5.08 -51.80 5.36
N ALA K 22 -5.05 -50.87 6.31
CA ALA K 22 -4.81 -49.47 5.98
C ALA K 22 -3.33 -49.16 5.79
N SER K 23 -2.44 -50.01 6.30
CA SER K 23 -1.01 -49.78 6.17
C SER K 23 -0.44 -50.37 4.89
N MET K 24 -1.27 -50.55 3.86
CA MET K 24 -0.80 -50.92 2.54
C MET K 24 -1.03 -49.81 1.53
N THR K 25 -1.52 -48.65 1.97
CA THR K 25 -1.81 -47.52 1.09
C THR K 25 -1.15 -46.26 1.62
N LEU K 26 0.10 -46.34 2.04
CA LEU K 26 0.75 -45.16 2.62
C LEU K 26 1.12 -44.14 1.55
N THR K 27 1.39 -44.60 0.33
CA THR K 27 1.89 -43.69 -0.70
C THR K 27 0.85 -42.66 -1.09
N VAL K 28 -0.43 -43.02 -1.04
CA VAL K 28 -1.46 -42.07 -1.46
C VAL K 28 -1.62 -40.97 -0.42
N GLN K 29 -1.45 -41.28 0.86
CA GLN K 29 -1.45 -40.23 1.86
C GLN K 29 -0.18 -39.40 1.80
N ALA K 30 0.94 -40.02 1.43
CA ALA K 30 2.21 -39.31 1.38
C ALA K 30 2.31 -38.37 0.19
N ARG K 31 1.70 -38.71 -0.94
CA ARG K 31 1.85 -37.90 -2.14
C ARG K 31 1.10 -36.57 -2.05
N ASN K 32 0.06 -36.48 -1.23
CA ASN K 32 -0.77 -35.29 -1.15
C ASN K 32 -0.36 -34.38 0.00
N LEU K 33 0.91 -34.36 0.36
CA LEU K 33 1.39 -33.53 1.45
C LEU K 33 2.18 -32.33 0.98
N LEU K 34 2.35 -32.15 -0.33
CA LEU K 34 3.19 -31.08 -0.85
C LEU K 34 2.41 -30.03 -1.64
N SER K 35 1.64 -30.43 -2.64
CA SER K 35 0.96 -29.45 -3.49
C SER K 35 -0.23 -30.12 -4.15
N GLY K 36 -0.72 -29.52 -5.23
CA GLY K 36 -2.04 -29.79 -5.75
C GLY K 36 -2.68 -28.53 -6.29
N ILE K 37 -1.91 -27.44 -6.23
CA ILE K 37 -2.27 -26.15 -6.82
C ILE K 37 -1.30 -25.94 -7.97
N VAL K 38 -0.99 -27.03 -8.69
CA VAL K 38 0.17 -27.19 -9.56
C VAL K 38 0.49 -25.93 -10.36
N GLN K 39 -0.52 -25.32 -10.97
CA GLN K 39 -0.33 -24.08 -11.70
C GLN K 39 -1.39 -23.08 -11.29
N GLN K 40 -0.98 -21.83 -11.10
CA GLN K 40 -1.88 -20.80 -10.62
C GLN K 40 -1.34 -19.42 -10.97
N LEU K 57 -0.74 -5.77 -3.18
CA LEU K 57 -1.95 -6.46 -2.77
C LEU K 57 -1.62 -7.50 -1.72
N THR K 58 -2.56 -7.76 -0.81
CA THR K 58 -2.39 -8.79 0.20
C THR K 58 -3.47 -9.86 0.15
N VAL K 59 -4.73 -9.47 -0.06
CA VAL K 59 -5.84 -10.41 -0.04
C VAL K 59 -5.77 -11.26 -1.30
N TRP K 60 -5.70 -12.58 -1.11
CA TRP K 60 -5.49 -13.54 -2.19
C TRP K 60 -4.12 -13.35 -2.83
N GLY K 61 -3.38 -12.34 -2.40
CA GLY K 61 -2.00 -12.17 -2.81
C GLY K 61 -1.02 -12.67 -1.77
N ILE K 62 -1.24 -12.28 -0.52
CA ILE K 62 -0.43 -12.76 0.59
C ILE K 62 -1.15 -13.80 1.42
N LYS K 63 -2.45 -14.00 1.19
CA LYS K 63 -3.14 -15.15 1.77
C LYS K 63 -2.47 -16.44 1.34
N GLN K 64 -2.44 -16.68 0.03
CA GLN K 64 -1.81 -17.88 -0.50
C GLN K 64 -0.34 -17.96 -0.10
N LEU K 65 0.40 -16.87 -0.29
CA LEU K 65 1.83 -16.89 -0.03
C LEU K 65 2.16 -17.26 1.41
N GLN K 66 1.25 -17.00 2.35
CA GLN K 66 1.49 -17.41 3.73
C GLN K 66 1.22 -18.89 3.91
N ALA K 67 0.40 -19.48 3.05
CA ALA K 67 0.09 -20.91 3.17
C ALA K 67 1.21 -21.77 2.61
N ARG K 68 1.73 -21.40 1.43
CA ARG K 68 2.75 -22.21 0.78
C ARG K 68 4.03 -22.29 1.57
N VAL K 69 4.30 -21.32 2.45
CA VAL K 69 5.49 -21.40 3.28
C VAL K 69 5.27 -22.28 4.50
N LEU K 70 4.03 -22.36 4.99
CA LEU K 70 3.74 -23.24 6.12
C LEU K 70 3.69 -24.69 5.69
N ALA K 71 3.25 -24.98 4.46
CA ALA K 71 3.22 -26.36 3.99
C ALA K 71 4.63 -26.92 3.87
N VAL K 72 5.60 -26.09 3.49
CA VAL K 72 6.97 -26.56 3.37
C VAL K 72 7.60 -26.75 4.74
N GLU K 73 7.34 -25.82 5.66
CA GLU K 73 7.92 -25.94 7.00
C GLU K 73 7.38 -27.14 7.74
N ARG K 74 6.11 -27.48 7.54
CA ARG K 74 5.53 -28.64 8.21
C ARG K 74 6.01 -29.94 7.57
N TYR K 75 6.39 -29.91 6.30
CA TYR K 75 6.87 -31.11 5.64
C TYR K 75 8.32 -31.40 5.98
N LEU K 76 9.13 -30.37 6.21
CA LEU K 76 10.53 -30.58 6.53
C LEU K 76 10.76 -30.93 8.00
N ARG K 77 9.81 -30.61 8.87
CA ARG K 77 9.95 -30.99 10.27
C ARG K 77 9.78 -32.48 10.48
N ASP K 78 9.14 -33.17 9.54
CA ASP K 78 8.95 -34.61 9.65
C ASP K 78 10.01 -35.41 8.93
N GLN K 79 10.56 -34.88 7.84
CA GLN K 79 11.71 -35.54 7.23
C GLN K 79 12.94 -35.44 8.12
N GLN K 80 13.04 -34.37 8.90
CA GLN K 80 14.15 -34.25 9.84
C GLN K 80 14.06 -35.29 10.92
N LEU K 81 12.86 -35.52 11.46
CA LEU K 81 12.68 -36.51 12.50
C LEU K 81 13.02 -37.91 12.00
N LEU K 82 12.50 -38.26 10.82
CA LEU K 82 12.75 -39.60 10.29
C LEU K 82 14.24 -39.84 10.05
N GLY K 83 14.99 -38.79 9.73
CA GLY K 83 16.42 -38.96 9.55
C GLY K 83 17.17 -39.15 10.85
N ILE K 84 16.72 -38.49 11.92
CA ILE K 84 17.39 -38.60 13.20
C ILE K 84 17.23 -40.00 13.78
N TRP K 85 16.13 -40.68 13.46
CA TRP K 85 15.88 -42.01 13.96
C TRP K 85 16.45 -43.10 13.08
N GLY K 86 17.06 -42.75 11.96
CA GLY K 86 17.62 -43.74 11.07
C GLY K 86 16.67 -44.29 10.03
N CYS K 87 15.59 -43.56 9.73
CA CYS K 87 14.53 -44.06 8.87
C CYS K 87 14.40 -43.27 7.58
N SER K 88 15.41 -42.49 7.21
CA SER K 88 15.29 -41.61 6.05
C SER K 88 15.07 -42.41 4.78
N GLY K 89 14.14 -41.93 3.95
CA GLY K 89 13.86 -42.56 2.68
C GLY K 89 13.00 -43.80 2.76
N LYS K 90 12.28 -43.99 3.86
CA LYS K 90 11.48 -45.19 4.06
C LYS K 90 10.09 -44.81 4.54
N LEU K 91 9.15 -45.73 4.37
CA LEU K 91 7.81 -45.58 4.89
C LEU K 91 7.51 -46.51 6.05
N ILE K 92 8.13 -47.68 6.10
CA ILE K 92 8.09 -48.56 7.26
C ILE K 92 9.52 -48.83 7.67
N CYS K 93 9.80 -48.70 8.97
CA CYS K 93 11.18 -48.66 9.44
C CYS K 93 11.26 -49.38 10.77
N CYS K 94 11.66 -50.65 10.75
CA CYS K 94 11.84 -51.41 11.97
C CYS K 94 12.96 -50.81 12.80
N THR K 95 12.66 -50.42 14.02
CA THR K 95 13.64 -49.84 14.91
C THR K 95 14.20 -50.90 15.84
N ASN K 96 14.94 -50.47 16.86
CA ASN K 96 15.57 -51.36 17.81
C ASN K 96 15.31 -50.89 19.24
N VAL K 97 14.09 -50.48 19.51
CA VAL K 97 13.65 -50.07 20.84
C VAL K 97 12.58 -51.05 21.31
N PRO K 98 12.69 -51.60 22.51
CA PRO K 98 11.69 -52.56 22.97
C PRO K 98 10.43 -51.88 23.46
N TRP K 99 9.30 -52.56 23.28
CA TRP K 99 7.99 -51.98 23.57
C TRP K 99 7.65 -52.22 25.03
N ASN K 100 7.78 -51.16 25.84
CA ASN K 100 7.38 -51.23 27.23
C ASN K 100 5.87 -51.43 27.33
N SER K 101 5.46 -52.45 28.10
CA SER K 101 4.04 -52.75 28.21
C SER K 101 3.28 -51.71 29.01
N SER K 102 3.99 -50.86 29.74
CA SER K 102 3.33 -49.78 30.48
C SER K 102 2.66 -48.79 29.55
N TRP K 103 3.03 -48.78 28.27
CA TRP K 103 2.36 -47.90 27.30
C TRP K 103 1.02 -48.49 26.87
N SER K 104 0.97 -49.79 26.65
CA SER K 104 -0.26 -50.50 26.34
C SER K 104 0.03 -52.00 26.44
N ASN K 105 -1.04 -52.79 26.56
CA ASN K 105 -0.89 -54.23 26.61
C ASN K 105 -2.13 -54.84 25.95
N ARG K 106 -2.04 -55.12 24.66
CA ARG K 106 -3.10 -55.77 23.91
C ARG K 106 -2.46 -56.79 22.98
N ASN K 107 -3.16 -57.90 22.75
CA ASN K 107 -2.65 -58.92 21.86
C ASN K 107 -2.41 -58.34 20.47
N LEU K 108 -1.40 -58.85 19.80
CA LEU K 108 -1.02 -58.31 18.49
C LEU K 108 -2.18 -58.34 17.52
N SER K 109 -2.95 -59.44 17.51
CA SER K 109 -4.10 -59.53 16.62
C SER K 109 -5.20 -58.56 17.03
N GLU K 110 -5.30 -58.25 18.32
CA GLU K 110 -6.26 -57.27 18.80
C GLU K 110 -5.85 -55.84 18.49
N ILE K 111 -4.81 -55.65 17.67
CA ILE K 111 -4.35 -54.34 17.28
C ILE K 111 -4.34 -54.19 15.76
N TRP K 112 -3.85 -55.18 15.04
CA TRP K 112 -3.71 -55.07 13.60
C TRP K 112 -4.92 -55.60 12.84
N ASP K 113 -5.96 -56.07 13.53
CA ASP K 113 -7.09 -56.68 12.85
C ASP K 113 -8.46 -56.22 13.33
N ASN K 114 -8.56 -55.46 14.42
CA ASN K 114 -9.88 -55.03 14.86
C ASN K 114 -9.90 -53.61 15.40
N MET K 115 -9.00 -52.75 14.92
CA MET K 115 -9.07 -51.33 15.27
C MET K 115 -8.37 -50.52 14.19
N THR K 116 -8.49 -49.20 14.30
CA THR K 116 -8.04 -48.29 13.25
C THR K 116 -7.00 -47.33 13.80
N TRP K 117 -6.32 -46.65 12.86
CA TRP K 117 -5.33 -45.66 13.25
C TRP K 117 -5.94 -44.50 14.01
N LEU K 118 -7.20 -44.17 13.73
CA LEU K 118 -7.87 -43.12 14.48
C LEU K 118 -8.12 -43.54 15.92
N GLN K 119 -8.55 -44.79 16.14
CA GLN K 119 -8.75 -45.26 17.50
C GLN K 119 -7.44 -45.36 18.26
N TRP K 120 -6.42 -45.92 17.62
CA TRP K 120 -5.17 -46.19 18.32
C TRP K 120 -4.43 -44.90 18.65
N ASP K 121 -4.64 -43.85 17.87
CA ASP K 121 -3.95 -42.59 18.15
C ASP K 121 -4.37 -42.01 19.49
N LYS K 122 -5.64 -42.15 19.84
CA LYS K 122 -6.11 -41.58 21.10
C LYS K 122 -5.65 -42.38 22.30
N GLU K 123 -5.47 -43.68 22.14
CA GLU K 123 -5.03 -44.55 23.22
C GLU K 123 -3.54 -44.45 23.49
N ILE K 124 -2.79 -43.66 22.70
CA ILE K 124 -1.34 -43.62 22.80
C ILE K 124 -0.80 -42.20 22.87
N SER K 125 -1.65 -41.18 22.76
CA SER K 125 -1.18 -39.81 22.65
C SER K 125 -0.41 -39.33 23.88
N ASN K 126 -0.45 -40.06 24.98
CA ASN K 126 0.21 -39.64 26.20
C ASN K 126 1.66 -40.09 26.29
N TYR K 127 2.12 -40.93 25.38
CA TYR K 127 3.45 -41.52 25.49
C TYR K 127 4.36 -41.21 24.32
N THR K 128 3.85 -40.62 23.24
CA THR K 128 4.68 -40.38 22.06
C THR K 128 5.91 -39.54 22.41
N GLN K 129 5.74 -38.53 23.26
CA GLN K 129 6.89 -37.73 23.65
C GLN K 129 7.90 -38.54 24.44
N ILE K 130 7.44 -39.53 25.20
CA ILE K 130 8.36 -40.45 25.86
C ILE K 130 9.08 -41.32 24.84
N ILE K 131 8.32 -41.84 23.86
CA ILE K 131 8.92 -42.71 22.85
C ILE K 131 9.87 -41.93 21.97
N TYR K 132 9.44 -40.74 21.51
CA TYR K 132 10.26 -39.95 20.60
C TYR K 132 11.65 -39.69 21.17
N GLY K 133 11.76 -39.57 22.49
CA GLY K 133 13.07 -39.37 23.08
C GLY K 133 13.93 -40.61 23.00
N LEU K 134 13.32 -41.79 23.06
CA LEU K 134 14.08 -43.02 22.96
C LEU K 134 14.62 -43.23 21.55
N LEU K 135 13.74 -43.15 20.55
CA LEU K 135 14.16 -43.32 19.17
C LEU K 135 15.33 -42.41 18.82
N GLU K 136 15.33 -41.19 19.34
CA GLU K 136 16.35 -40.22 18.96
C GLU K 136 17.73 -40.63 19.43
N GLU K 137 17.84 -41.23 20.59
CA GLU K 137 19.16 -41.62 21.06
C GLU K 137 19.25 -43.09 21.40
N SER K 138 18.22 -43.67 22.01
CA SER K 138 18.33 -45.02 22.53
C SER K 138 18.64 -46.03 21.43
N GLN K 139 18.54 -45.65 20.16
CA GLN K 139 19.13 -46.46 19.12
C GLN K 139 20.19 -45.71 18.32
N ASN K 140 19.86 -44.57 17.72
CA ASN K 140 20.71 -44.11 16.63
C ASN K 140 22.01 -43.49 17.13
N GLN K 141 21.93 -42.52 18.04
CA GLN K 141 23.15 -41.96 18.59
C GLN K 141 23.98 -43.03 19.29
N GLN K 142 23.33 -44.03 19.87
CA GLN K 142 24.06 -45.14 20.45
C GLN K 142 24.70 -46.00 19.38
N GLU K 143 24.04 -46.15 18.23
CA GLU K 143 24.57 -47.00 17.17
C GLU K 143 25.45 -46.24 16.19
N LYS K 144 25.23 -44.94 16.02
CA LYS K 144 26.04 -44.18 15.06
C LYS K 144 27.50 -44.12 15.46
N ASN K 145 27.80 -44.20 16.76
CA ASN K 145 29.20 -44.16 17.19
C ASN K 145 29.84 -45.53 17.16
N GLU K 146 29.06 -46.60 17.26
CA GLU K 146 29.65 -47.94 17.31
C GLU K 146 30.23 -48.34 15.97
N GLN K 147 29.49 -48.13 14.89
CA GLN K 147 30.06 -48.37 13.56
C GLN K 147 31.28 -47.50 13.31
N ASP K 148 31.31 -46.30 13.89
CA ASP K 148 32.47 -45.44 13.79
C ASP K 148 33.70 -46.12 14.38
N LEU K 149 33.57 -46.63 15.61
CA LEU K 149 34.67 -47.31 16.26
C LEU K 149 34.82 -48.77 15.85
N LEU K 150 33.99 -49.24 14.92
CA LEU K 150 34.14 -50.59 14.38
C LEU K 150 34.82 -50.61 13.02
N ALA K 151 34.55 -49.61 12.17
CA ALA K 151 35.19 -49.53 10.87
C ALA K 151 36.64 -49.10 10.96
N LEU K 152 37.16 -48.79 12.15
CA LEU K 152 38.56 -48.41 12.29
C LEU K 152 39.50 -49.60 12.28
N ASP K 153 38.99 -50.82 12.39
CA ASP K 153 39.83 -52.00 12.38
C ASP K 153 40.13 -52.46 10.96
N LEU L 9 23.07 -30.95 29.30
CA LEU L 9 23.34 -29.63 28.74
C LEU L 9 22.20 -29.18 27.83
N GLY L 10 22.47 -28.17 27.01
CA GLY L 10 21.47 -27.64 26.11
C GLY L 10 22.09 -27.10 24.83
N PHE L 11 21.34 -26.26 24.13
CA PHE L 11 21.79 -25.69 22.86
C PHE L 11 23.11 -24.97 23.03
N LEU L 12 24.14 -25.47 22.35
CA LEU L 12 25.48 -24.87 22.27
C LEU L 12 26.30 -25.00 23.54
N GLY L 13 25.95 -25.90 24.46
CA GLY L 13 26.78 -26.06 25.65
C GLY L 13 28.16 -26.61 25.32
N ALA L 14 28.19 -27.72 24.58
CA ALA L 14 29.44 -28.36 24.22
C ALA L 14 30.41 -27.43 23.51
N ALA L 15 29.98 -26.23 23.14
CA ALA L 15 30.90 -25.24 22.57
C ALA L 15 32.10 -25.01 23.46
N GLY L 16 31.96 -25.27 24.75
CA GLY L 16 33.10 -25.13 25.63
C GLY L 16 34.07 -26.30 25.57
N SER L 17 33.52 -27.51 25.39
CA SER L 17 34.28 -28.74 25.55
C SER L 17 35.18 -29.00 24.34
N THR L 18 35.96 -30.08 24.43
CA THR L 18 36.83 -30.50 23.36
C THR L 18 36.03 -31.24 22.28
N MET L 19 36.67 -31.42 21.12
CA MET L 19 35.97 -32.04 20.00
C MET L 19 35.46 -33.43 20.35
N GLY L 20 36.28 -34.22 21.04
CA GLY L 20 35.87 -35.57 21.38
C GLY L 20 34.60 -35.60 22.21
N ALA L 21 34.53 -34.76 23.24
CA ALA L 21 33.36 -34.73 24.10
C ALA L 21 32.22 -33.92 23.51
N ALA L 22 32.51 -32.99 22.61
CA ALA L 22 31.46 -32.20 21.98
C ALA L 22 30.78 -32.94 20.84
N SER L 23 31.40 -33.98 20.29
CA SER L 23 30.80 -34.75 19.20
C SER L 23 29.85 -35.83 19.71
N MET L 24 29.36 -35.69 20.93
CA MET L 24 28.32 -36.57 21.46
C MET L 24 26.95 -35.91 21.49
N THR L 25 26.85 -34.63 21.12
CA THR L 25 25.63 -33.87 21.25
C THR L 25 25.22 -33.21 19.94
N LEU L 26 25.40 -33.91 18.82
CA LEU L 26 25.12 -33.29 17.53
C LEU L 26 23.63 -33.03 17.35
N THR L 27 22.78 -33.91 17.89
CA THR L 27 21.34 -33.78 17.66
C THR L 27 20.80 -32.48 18.26
N VAL L 28 21.41 -32.01 19.34
CA VAL L 28 20.94 -30.79 19.98
C VAL L 28 21.09 -29.60 19.04
N GLN L 29 22.26 -29.46 18.44
CA GLN L 29 22.47 -28.40 17.47
C GLN L 29 21.67 -28.62 16.20
N ALA L 30 21.46 -29.88 15.82
CA ALA L 30 20.75 -30.17 14.58
C ALA L 30 19.26 -29.90 14.67
N ARG L 31 18.66 -30.06 15.85
CA ARG L 31 17.21 -29.87 15.95
C ARG L 31 16.79 -28.41 15.89
N ASN L 32 17.67 -27.48 16.27
CA ASN L 32 17.34 -26.06 16.35
C ASN L 32 17.68 -25.30 15.08
N LEU L 33 17.66 -25.97 13.93
CA LEU L 33 18.01 -25.33 12.67
C LEU L 33 16.81 -25.06 11.79
N LEU L 34 15.60 -25.38 12.23
CA LEU L 34 14.44 -25.32 11.36
C LEU L 34 13.42 -24.26 11.78
N SER L 35 12.94 -24.27 13.01
CA SER L 35 11.86 -23.37 13.41
C SER L 35 12.10 -22.88 14.82
N GLY L 36 11.05 -22.34 15.44
CA GLY L 36 11.15 -21.57 16.66
C GLY L 36 10.15 -20.44 16.67
N ILE L 37 9.50 -20.25 15.52
CA ILE L 37 8.39 -19.31 15.35
C ILE L 37 7.14 -20.15 15.16
N VAL L 38 7.10 -21.29 15.85
CA VAL L 38 6.15 -22.39 15.65
C VAL L 38 4.74 -21.91 15.35
N GLN L 39 4.27 -20.90 16.07
CA GLN L 39 2.92 -20.39 15.90
C GLN L 39 2.95 -18.98 15.33
N GLN L 40 1.77 -18.48 14.98
CA GLN L 40 1.62 -17.13 14.45
C GLN L 40 2.13 -16.09 15.43
N LEU L 57 0.67 -4.69 4.40
CA LEU L 57 1.61 -4.38 5.47
C LEU L 57 2.94 -5.07 5.23
N THR L 58 4.02 -4.43 5.60
CA THR L 58 5.36 -5.00 5.47
C THR L 58 6.07 -5.18 6.80
N VAL L 59 6.08 -4.17 7.66
CA VAL L 59 6.82 -4.22 8.92
C VAL L 59 6.15 -5.22 9.84
N TRP L 60 6.93 -6.22 10.28
CA TRP L 60 6.46 -7.35 11.06
C TRP L 60 5.48 -8.20 10.25
N GLY L 61 5.19 -7.78 9.02
CA GLY L 61 4.41 -8.59 8.10
C GLY L 61 5.29 -9.27 7.09
N ILE L 62 6.21 -8.51 6.48
CA ILE L 62 7.17 -9.06 5.53
C ILE L 62 8.55 -9.21 6.13
N LYS L 63 8.77 -8.70 7.34
CA LYS L 63 9.99 -9.01 8.07
C LYS L 63 10.09 -10.52 8.30
N GLN L 64 9.10 -11.08 8.99
CA GLN L 64 9.05 -12.52 9.22
C GLN L 64 9.13 -13.29 7.91
N LEU L 65 8.23 -12.99 6.97
CA LEU L 65 8.14 -13.76 5.74
C LEU L 65 9.45 -13.78 4.96
N GLN L 66 10.31 -12.78 5.16
CA GLN L 66 11.62 -12.81 4.53
C GLN L 66 12.61 -13.68 5.29
N ALA L 67 12.36 -13.91 6.57
CA ALA L 67 13.26 -14.73 7.37
C ALA L 67 12.96 -16.22 7.19
N ARG L 68 11.68 -16.59 7.20
CA ARG L 68 11.31 -17.99 7.10
C ARG L 68 11.69 -18.60 5.77
N VAL L 69 11.89 -17.80 4.74
CA VAL L 69 12.33 -18.35 3.46
C VAL L 69 13.84 -18.50 3.42
N LEU L 70 14.58 -17.67 4.16
CA LEU L 70 16.02 -17.83 4.21
C LEU L 70 16.44 -19.03 5.04
N ALA L 71 15.68 -19.36 6.08
CA ALA L 71 16.02 -20.52 6.90
C ALA L 71 15.83 -21.81 6.11
N VAL L 72 14.78 -21.89 5.30
CA VAL L 72 14.55 -23.07 4.49
C VAL L 72 15.60 -23.18 3.40
N GLU L 73 16.01 -22.06 2.83
CA GLU L 73 17.01 -22.09 1.77
C GLU L 73 18.38 -22.46 2.28
N ARG L 74 18.72 -22.02 3.50
CA ARG L 74 20.01 -22.37 4.06
C ARG L 74 20.04 -23.80 4.57
N TYR L 75 18.88 -24.36 4.94
CA TYR L 75 18.83 -25.72 5.42
C TYR L 75 18.92 -26.73 4.29
N LEU L 76 18.40 -26.39 3.11
CA LEU L 76 18.43 -27.31 1.98
C LEU L 76 19.76 -27.28 1.24
N ARG L 77 20.55 -26.23 1.41
CA ARG L 77 21.85 -26.18 0.77
C ARG L 77 22.84 -27.15 1.40
N ASP L 78 22.61 -27.55 2.64
CA ASP L 78 23.51 -28.49 3.31
C ASP L 78 23.02 -29.92 3.24
N GLN L 79 21.71 -30.15 3.17
CA GLN L 79 21.23 -31.50 2.90
C GLN L 79 21.59 -31.92 1.49
N GLN L 80 21.68 -30.97 0.56
CA GLN L 80 22.11 -31.31 -0.79
C GLN L 80 23.57 -31.72 -0.82
N LEU L 81 24.42 -30.99 -0.09
CA LEU L 81 25.84 -31.32 -0.05
C LEU L 81 26.06 -32.71 0.53
N LEU L 82 25.40 -33.01 1.65
CA LEU L 82 25.61 -34.31 2.29
C LEU L 82 25.18 -35.44 1.39
N GLY L 83 24.13 -35.24 0.60
CA GLY L 83 23.71 -36.29 -0.31
C GLY L 83 24.68 -36.51 -1.45
N ILE L 84 25.37 -35.46 -1.86
CA ILE L 84 26.31 -35.57 -2.98
C ILE L 84 27.56 -36.33 -2.55
N TRP L 85 27.94 -36.23 -1.28
CA TRP L 85 29.11 -36.94 -0.78
C TRP L 85 28.80 -38.34 -0.30
N GLY L 86 27.54 -38.76 -0.36
CA GLY L 86 27.17 -40.10 0.07
C GLY L 86 26.84 -40.24 1.53
N CYS L 87 26.54 -39.13 2.22
CA CYS L 87 26.31 -39.15 3.66
C CYS L 87 24.87 -38.78 4.00
N SER L 88 23.92 -39.09 3.14
CA SER L 88 22.55 -38.65 3.34
C SER L 88 21.92 -39.38 4.53
N GLY L 89 21.28 -38.63 5.41
CA GLY L 89 20.60 -39.21 6.55
C GLY L 89 21.52 -39.63 7.68
N LYS L 90 22.67 -39.00 7.83
CA LYS L 90 23.64 -39.38 8.84
C LYS L 90 24.19 -38.12 9.50
N LEU L 91 24.79 -38.31 10.67
CA LEU L 91 25.49 -37.25 11.37
C LEU L 91 26.99 -37.46 11.41
N ILE L 92 27.46 -38.70 11.41
CA ILE L 92 28.87 -39.03 11.25
C ILE L 92 28.97 -40.02 10.11
N CYS L 93 29.87 -39.74 9.17
CA CYS L 93 29.93 -40.51 7.93
C CYS L 93 31.36 -40.43 7.41
N CYS L 94 32.17 -41.46 7.69
CA CYS L 94 33.54 -41.42 7.20
C CYS L 94 33.62 -41.87 5.75
N THR L 95 34.45 -41.18 5.00
CA THR L 95 34.53 -41.24 3.56
C THR L 95 35.74 -42.05 3.11
N ASN L 96 36.03 -42.00 1.81
CA ASN L 96 37.13 -42.74 1.21
C ASN L 96 38.20 -41.79 0.67
N VAL L 97 38.38 -40.64 1.30
CA VAL L 97 39.39 -39.66 0.90
C VAL L 97 40.50 -39.66 1.94
N PRO L 98 41.75 -39.77 1.54
CA PRO L 98 42.84 -39.75 2.52
C PRO L 98 43.23 -38.34 2.91
N TRP L 99 43.71 -38.21 4.15
CA TRP L 99 44.00 -36.90 4.73
C TRP L 99 45.41 -36.49 4.36
N ASN L 100 45.51 -35.53 3.42
CA ASN L 100 46.80 -34.96 3.05
C ASN L 100 47.37 -34.16 4.22
N SER L 101 48.62 -34.46 4.59
CA SER L 101 49.23 -33.77 5.71
C SER L 101 49.55 -32.32 5.43
N SER L 102 49.53 -31.91 4.16
CA SER L 102 49.74 -30.51 3.83
C SER L 102 48.62 -29.61 4.37
N TRP L 103 47.47 -30.20 4.71
CA TRP L 103 46.39 -29.42 5.32
C TRP L 103 46.68 -29.15 6.79
N SER L 104 47.16 -30.15 7.52
CA SER L 104 47.60 -30.01 8.89
C SER L 104 48.37 -31.26 9.26
N ASN L 105 49.11 -31.18 10.37
CA ASN L 105 49.85 -32.34 10.86
C ASN L 105 49.91 -32.24 12.38
N ARG L 106 49.00 -32.92 13.05
CA ARG L 106 48.97 -32.92 14.50
C ARG L 106 48.56 -34.32 14.95
N ASN L 107 49.14 -34.77 16.06
CA ASN L 107 48.80 -36.07 16.60
C ASN L 107 47.31 -36.17 16.87
N LEU L 108 46.75 -37.35 16.62
CA LEU L 108 45.31 -37.54 16.77
C LEU L 108 44.83 -37.16 18.15
N SER L 109 45.63 -37.47 19.17
CA SER L 109 45.25 -37.08 20.53
C SER L 109 45.33 -35.57 20.74
N GLU L 110 46.25 -34.92 20.04
CA GLU L 110 46.37 -33.46 20.09
C GLU L 110 45.29 -32.77 19.33
N ILE L 111 44.27 -33.50 18.87
CA ILE L 111 43.14 -32.92 18.15
C ILE L 111 41.82 -33.23 18.83
N TRP L 112 41.62 -34.47 19.25
CA TRP L 112 40.34 -34.89 19.80
C TRP L 112 40.25 -34.74 21.31
N ASP L 113 41.31 -34.28 21.98
CA ASP L 113 41.27 -34.19 23.43
C ASP L 113 41.79 -32.89 24.02
N ASN L 114 42.36 -31.98 23.23
CA ASN L 114 42.84 -30.74 23.83
C ASN L 114 42.57 -29.52 22.94
N MET L 115 41.50 -29.55 22.15
CA MET L 115 41.10 -28.35 21.42
C MET L 115 39.62 -28.48 21.06
N THR L 116 39.08 -27.41 20.51
CA THR L 116 37.64 -27.29 20.29
C THR L 116 37.34 -27.05 18.82
N TRP L 117 36.06 -27.20 18.47
CA TRP L 117 35.64 -26.95 17.09
C TRP L 117 35.85 -25.50 16.70
N LEU L 118 35.70 -24.57 17.64
CA LEU L 118 35.97 -23.17 17.34
C LEU L 118 37.44 -22.94 17.02
N GLN L 119 38.34 -23.52 17.83
CA GLN L 119 39.76 -23.38 17.55
C GLN L 119 40.13 -24.04 16.24
N TRP L 120 39.59 -25.23 15.99
CA TRP L 120 40.02 -25.99 14.82
C TRP L 120 39.49 -25.40 13.53
N ASP L 121 38.31 -24.78 13.57
CA ASP L 121 37.74 -24.23 12.35
C ASP L 121 38.60 -23.12 11.78
N LYS L 122 39.20 -22.31 12.66
CA LYS L 122 40.02 -21.20 12.20
C LYS L 122 41.34 -21.67 11.59
N GLU L 123 41.77 -22.88 11.91
CA GLU L 123 43.01 -23.43 11.38
C GLU L 123 42.83 -24.10 10.02
N ILE L 124 41.60 -24.23 9.53
CA ILE L 124 41.32 -25.02 8.33
C ILE L 124 40.54 -24.26 7.27
N SER L 125 40.05 -23.04 7.55
CA SER L 125 39.17 -22.34 6.62
C SER L 125 39.78 -22.13 5.25
N ASN L 126 41.08 -22.38 5.08
CA ASN L 126 41.74 -22.18 3.79
C ASN L 126 41.65 -23.40 2.89
N TYR L 127 41.35 -24.58 3.43
CA TYR L 127 41.41 -25.80 2.67
C TYR L 127 40.06 -26.46 2.43
N THR L 128 39.01 -26.00 3.10
CA THR L 128 37.71 -26.67 2.97
C THR L 128 37.24 -26.70 1.53
N GLN L 129 37.44 -25.60 0.79
CA GLN L 129 37.04 -25.59 -0.61
C GLN L 129 37.84 -26.58 -1.43
N ILE L 130 39.09 -26.83 -1.03
CA ILE L 130 39.88 -27.87 -1.68
C ILE L 130 39.33 -29.25 -1.35
N ILE L 131 39.01 -29.47 -0.08
CA ILE L 131 38.49 -30.77 0.35
C ILE L 131 37.13 -31.04 -0.27
N TYR L 132 36.25 -30.03 -0.27
CA TYR L 132 34.90 -30.23 -0.78
C TYR L 132 34.89 -30.75 -2.20
N GLY L 133 35.87 -30.37 -3.01
CA GLY L 133 35.95 -30.88 -4.37
C GLY L 133 36.32 -32.35 -4.41
N LEU L 134 37.14 -32.80 -3.47
CA LEU L 134 37.54 -34.20 -3.46
C LEU L 134 36.39 -35.10 -3.05
N LEU L 135 35.59 -34.67 -2.08
CA LEU L 135 34.46 -35.47 -1.64
C LEU L 135 33.41 -35.60 -2.73
N GLU L 136 33.13 -34.51 -3.44
CA GLU L 136 31.98 -34.42 -4.33
C GLU L 136 32.02 -35.44 -5.44
N GLU L 137 33.03 -35.34 -6.31
CA GLU L 137 33.16 -36.23 -7.45
C GLU L 137 34.29 -37.21 -7.28
N SER L 138 35.46 -36.73 -6.87
CA SER L 138 36.67 -37.55 -6.87
C SER L 138 36.55 -38.73 -5.90
N GLN L 139 35.47 -38.81 -5.14
CA GLN L 139 35.22 -40.00 -4.35
C GLN L 139 33.89 -40.68 -4.67
N ASN L 140 32.79 -39.92 -4.71
CA ASN L 140 31.50 -40.60 -4.78
C ASN L 140 31.11 -40.90 -6.22
N GLN L 141 31.20 -39.93 -7.13
CA GLN L 141 30.87 -40.22 -8.52
C GLN L 141 31.83 -41.24 -9.10
N GLN L 142 33.06 -41.27 -8.61
CA GLN L 142 33.97 -42.34 -8.98
C GLN L 142 33.46 -43.68 -8.45
N GLU L 143 32.72 -43.67 -7.35
CA GLU L 143 32.20 -44.90 -6.76
C GLU L 143 30.79 -45.25 -7.22
N LYS L 144 29.98 -44.24 -7.55
CA LYS L 144 28.61 -44.50 -7.98
C LYS L 144 28.53 -45.22 -9.32
N ASN L 145 29.54 -45.08 -10.17
CA ASN L 145 29.53 -45.77 -11.45
C ASN L 145 30.06 -47.18 -11.36
N GLU L 146 30.81 -47.50 -10.31
CA GLU L 146 31.40 -48.83 -10.21
C GLU L 146 30.40 -49.87 -9.75
N GLN L 147 29.46 -49.51 -8.88
CA GLN L 147 28.39 -50.44 -8.55
C GLN L 147 27.56 -50.77 -9.78
N ASP L 148 27.43 -49.83 -10.71
CA ASP L 148 26.84 -50.13 -12.01
C ASP L 148 27.61 -51.23 -12.70
N LEU L 149 28.91 -51.03 -12.90
CA LEU L 149 29.74 -52.02 -13.58
C LEU L 149 29.77 -53.35 -12.86
N LEU L 150 29.48 -53.36 -11.56
CA LEU L 150 29.45 -54.60 -10.80
C LEU L 150 28.10 -55.29 -10.85
N ALA L 151 27.02 -54.52 -10.73
CA ALA L 151 25.69 -55.11 -10.65
C ALA L 151 25.18 -55.66 -11.97
N LEU L 152 25.90 -55.45 -13.07
CA LEU L 152 25.49 -55.95 -14.37
C LEU L 152 26.01 -57.36 -14.66
N ASP L 153 26.59 -58.02 -13.67
CA ASP L 153 27.07 -59.38 -13.85
C ASP L 153 25.98 -60.39 -13.55
N GLN M 1 -23.19 -6.85 -28.04
CA GLN M 1 -23.20 -6.39 -29.42
C GLN M 1 -21.97 -5.52 -29.70
N VAL M 2 -21.43 -5.65 -30.91
CA VAL M 2 -20.20 -4.96 -31.29
C VAL M 2 -20.47 -4.09 -32.52
N GLN M 3 -21.68 -3.55 -32.60
CA GLN M 3 -22.12 -2.82 -33.78
C GLN M 3 -21.14 -1.72 -34.18
N LEU M 4 -21.15 -1.41 -35.47
CA LEU M 4 -20.38 -0.31 -36.05
C LEU M 4 -21.39 0.59 -36.76
N LEU M 5 -21.87 1.61 -36.05
CA LEU M 5 -22.88 2.50 -36.62
C LEU M 5 -22.27 3.37 -37.70
N GLN M 6 -23.12 3.81 -38.64
CA GLN M 6 -22.67 4.65 -39.74
C GLN M 6 -23.69 5.76 -39.97
N SER M 7 -23.31 6.74 -40.78
CA SER M 7 -24.13 7.92 -41.03
C SER M 7 -24.79 7.82 -42.40
N GLY M 8 -25.77 8.71 -42.62
CA GLY M 8 -26.60 8.66 -43.80
C GLY M 8 -25.86 9.05 -45.06
N ALA M 9 -26.62 9.10 -46.15
CA ALA M 9 -26.06 9.37 -47.47
C ALA M 9 -25.79 10.87 -47.66
N ALA M 10 -25.08 11.18 -48.73
CA ALA M 10 -24.74 12.56 -49.05
C ALA M 10 -24.37 12.65 -50.51
N VAL M 11 -24.40 13.87 -51.04
CA VAL M 11 -24.11 14.12 -52.45
C VAL M 11 -23.73 15.59 -52.58
N THR M 12 -22.82 15.87 -53.50
CA THR M 12 -22.34 17.24 -53.68
C THR M 12 -21.72 17.38 -55.06
N LYS M 13 -21.38 18.61 -55.41
CA LYS M 13 -20.82 18.94 -56.71
C LYS M 13 -19.35 18.52 -56.78
N PRO M 14 -18.80 18.38 -57.99
CA PRO M 14 -17.38 18.06 -58.11
C PRO M 14 -16.50 19.15 -57.53
N GLY M 15 -15.25 18.78 -57.26
CA GLY M 15 -14.30 19.72 -56.70
C GLY M 15 -14.52 20.07 -55.25
N ALA M 16 -15.40 19.38 -54.55
CA ALA M 16 -15.68 19.63 -53.15
C ALA M 16 -15.22 18.45 -52.30
N SER M 17 -15.28 18.64 -50.99
CA SER M 17 -14.89 17.64 -50.02
C SER M 17 -16.12 16.99 -49.40
N VAL M 18 -15.90 15.89 -48.70
CA VAL M 18 -17.00 15.19 -48.03
C VAL M 18 -16.42 14.41 -46.86
N ARG M 19 -17.22 14.28 -45.80
CA ARG M 19 -16.81 13.58 -44.59
C ARG M 19 -17.82 12.49 -44.27
N VAL M 20 -17.33 11.29 -43.99
CA VAL M 20 -18.17 10.15 -43.63
C VAL M 20 -17.75 9.67 -42.25
N SER M 21 -18.73 9.32 -41.42
CA SER M 21 -18.48 8.94 -40.03
C SER M 21 -18.77 7.46 -39.81
N CYS M 22 -18.23 6.95 -38.71
CA CYS M 22 -18.43 5.57 -38.28
C CYS M 22 -18.23 5.57 -36.77
N GLU M 23 -18.98 4.73 -36.07
CA GLU M 23 -19.02 4.78 -34.61
C GLU M 23 -18.89 3.40 -34.02
N ALA M 24 -17.91 3.22 -33.14
CA ALA M 24 -17.69 1.93 -32.48
C ALA M 24 -18.19 2.00 -31.04
N SER M 25 -18.92 0.98 -30.61
CA SER M 25 -19.64 1.06 -29.35
C SER M 25 -19.27 -0.02 -28.35
N GLY M 26 -19.24 -1.28 -28.75
CA GLY M 26 -19.35 -2.34 -27.75
C GLY M 26 -18.22 -3.34 -27.57
N TYR M 27 -16.98 -2.88 -27.57
CA TYR M 27 -15.85 -3.79 -27.36
C TYR M 27 -14.63 -2.96 -26.96
N ASN M 28 -13.46 -3.61 -26.95
CA ASN M 28 -12.19 -2.95 -26.67
C ASN M 28 -11.72 -2.29 -27.96
N ILE M 29 -12.09 -1.01 -28.13
CA ILE M 29 -11.89 -0.35 -29.42
C ILE M 29 -10.41 -0.21 -29.74
N ARG M 30 -9.57 0.02 -28.75
CA ARG M 30 -8.17 0.33 -28.99
C ARG M 30 -7.34 -0.89 -29.35
N ASP M 31 -7.95 -2.02 -29.69
CA ASP M 31 -7.20 -3.24 -29.92
C ASP M 31 -7.23 -3.75 -31.35
N TYR M 32 -8.05 -3.18 -32.22
CA TYR M 32 -8.21 -3.67 -33.58
C TYR M 32 -8.14 -2.53 -34.57
N PHE M 33 -7.38 -2.70 -35.64
CA PHE M 33 -7.32 -1.70 -36.69
C PHE M 33 -8.70 -1.51 -37.30
N ILE M 34 -8.90 -0.38 -37.98
CA ILE M 34 -10.15 -0.13 -38.67
C ILE M 34 -9.85 0.12 -40.14
N HIS M 35 -10.53 -0.59 -41.03
CA HIS M 35 -10.29 -0.45 -42.45
C HIS M 35 -11.49 0.21 -43.13
N TRP M 36 -11.21 0.92 -44.22
CA TRP M 36 -12.23 1.55 -45.04
C TRP M 36 -12.17 0.96 -46.43
N TRP M 37 -13.33 0.47 -46.90
CA TRP M 37 -13.52 -0.13 -48.20
C TRP M 37 -14.53 0.67 -49.01
N ARG M 38 -14.44 0.55 -50.33
CA ARG M 38 -15.28 1.29 -51.26
C ARG M 38 -15.79 0.36 -52.35
N GLN M 39 -17.08 0.43 -52.63
CA GLN M 39 -17.69 -0.38 -53.68
C GLN M 39 -18.41 0.50 -54.68
N ALA M 40 -18.06 0.35 -55.95
CA ALA M 40 -18.66 1.06 -57.07
C ALA M 40 -19.87 0.30 -57.59
N PRO M 41 -20.77 0.97 -58.30
CA PRO M 41 -21.95 0.27 -58.84
C PRO M 41 -21.57 -0.85 -59.79
N GLY M 42 -21.95 -2.07 -59.42
CA GLY M 42 -21.68 -3.24 -60.23
C GLY M 42 -20.23 -3.61 -60.34
N GLN M 43 -19.48 -3.48 -59.25
CA GLN M 43 -18.05 -3.81 -59.24
C GLN M 43 -17.73 -4.59 -57.97
N GLY M 44 -16.47 -4.96 -57.83
CA GLY M 44 -15.98 -5.55 -56.60
C GLY M 44 -15.57 -4.48 -55.61
N LEU M 45 -15.15 -4.95 -54.43
CA LEU M 45 -14.73 -4.02 -53.40
C LEU M 45 -13.39 -3.39 -53.77
N GLN M 46 -13.04 -2.33 -53.04
CA GLN M 46 -11.77 -1.64 -53.24
C GLN M 46 -11.29 -1.13 -51.89
N TRP M 47 -10.01 -1.34 -51.62
CA TRP M 47 -9.43 -1.01 -50.33
C TRP M 47 -9.07 0.47 -50.29
N VAL M 48 -9.68 1.21 -49.36
CA VAL M 48 -9.32 2.61 -49.19
C VAL M 48 -8.20 2.78 -48.17
N GLY M 49 -8.22 2.03 -47.09
CA GLY M 49 -7.03 1.97 -46.25
C GLY M 49 -7.37 1.80 -44.79
N TRP M 50 -6.32 1.63 -43.98
CA TRP M 50 -6.52 1.31 -42.57
C TRP M 50 -6.02 2.42 -41.66
N ILE M 51 -6.50 2.38 -40.42
CA ILE M 51 -6.09 3.32 -39.39
C ILE M 51 -5.91 2.59 -38.07
N ASN M 52 -4.82 2.94 -37.37
CA ASN M 52 -4.52 2.44 -36.04
C ASN M 52 -5.10 3.40 -35.02
N PRO M 53 -6.01 2.96 -34.16
CA PRO M 53 -6.71 3.89 -33.26
C PRO M 53 -5.97 4.25 -31.98
N LYS M 54 -4.93 3.50 -31.61
CA LYS M 54 -4.13 3.90 -30.46
C LYS M 54 -3.35 5.17 -30.77
N THR M 55 -2.50 5.12 -31.78
CA THR M 55 -1.71 6.28 -32.18
C THR M 55 -2.42 7.13 -33.21
N GLY M 56 -3.44 6.60 -33.88
CA GLY M 56 -4.11 7.34 -34.93
C GLY M 56 -3.34 7.36 -36.22
N GLN M 57 -2.71 6.27 -36.58
CA GLN M 57 -1.84 6.39 -37.74
C GLN M 57 -2.53 5.81 -38.97
N PRO M 58 -2.53 6.53 -40.09
CA PRO M 58 -3.22 6.02 -41.30
C PRO M 58 -2.32 5.29 -42.27
N ASN M 59 -2.93 4.56 -43.20
CA ASN M 59 -2.20 3.94 -44.31
C ASN M 59 -3.15 3.84 -45.49
N ASN M 60 -2.78 4.45 -46.60
CA ASN M 60 -3.56 4.54 -47.82
C ASN M 60 -2.73 4.11 -49.01
N PRO M 61 -3.37 3.64 -50.09
CA PRO M 61 -2.62 3.23 -51.28
C PRO M 61 -2.14 4.43 -52.07
N ARG M 62 -1.28 4.16 -53.04
CA ARG M 62 -0.69 5.22 -53.84
C ARG M 62 -1.72 5.94 -54.69
N GLN M 63 -2.86 5.31 -54.97
CA GLN M 63 -3.88 5.96 -55.78
C GLN M 63 -4.58 7.08 -55.04
N PHE M 64 -4.74 6.96 -53.72
CA PHE M 64 -5.48 7.92 -52.93
C PHE M 64 -4.59 8.89 -52.17
N GLN M 65 -3.29 8.90 -52.45
CA GLN M 65 -2.38 9.74 -51.69
C GLN M 65 -2.67 11.21 -51.95
N GLY M 66 -2.83 11.97 -50.87
CA GLY M 66 -3.10 13.38 -50.96
C GLY M 66 -4.56 13.77 -51.01
N ARG M 67 -5.45 12.79 -51.11
CA ARG M 67 -6.88 13.08 -51.21
C ARG M 67 -7.71 12.54 -50.06
N VAL M 68 -7.26 11.49 -49.38
CA VAL M 68 -8.01 10.90 -48.29
C VAL M 68 -7.34 11.25 -46.97
N SER M 69 -8.16 11.37 -45.93
CA SER M 69 -7.67 11.63 -44.58
C SER M 69 -8.53 10.85 -43.60
N LEU M 70 -7.92 9.88 -42.92
CA LEU M 70 -8.61 9.08 -41.92
C LEU M 70 -8.21 9.57 -40.53
N THR M 71 -9.19 9.90 -39.71
CA THR M 71 -8.92 10.35 -38.35
C THR M 71 -9.85 9.64 -37.38
N ARG M 72 -9.60 9.85 -36.09
CA ARG M 72 -10.41 9.24 -35.04
C ARG M 72 -10.51 10.22 -33.88
N HIS M 73 -11.50 9.97 -33.01
CA HIS M 73 -11.72 10.83 -31.87
C HIS M 73 -12.46 10.07 -30.78
N ALA M 74 -12.01 10.21 -29.55
CA ALA M 74 -12.63 9.59 -28.39
C ALA M 74 -13.21 10.66 -27.48
N SER M 75 -13.85 10.23 -26.40
CA SER M 75 -14.47 11.13 -25.43
C SER M 75 -13.88 10.89 -24.05
N TRP M 76 -14.17 11.81 -23.13
CA TRP M 76 -13.58 11.75 -21.79
C TRP M 76 -14.23 10.70 -20.91
N ASP M 77 -15.04 9.83 -21.50
CA ASP M 77 -15.45 8.59 -20.84
C ASP M 77 -14.85 7.36 -21.52
N PHE M 78 -14.23 7.53 -22.69
CA PHE M 78 -13.31 6.59 -23.31
C PHE M 78 -13.97 5.31 -23.81
N ASP M 79 -15.28 5.32 -23.97
CA ASP M 79 -16.00 4.17 -24.51
C ASP M 79 -16.46 4.36 -25.94
N THR M 80 -16.65 5.60 -26.38
CA THR M 80 -17.17 5.90 -27.71
C THR M 80 -16.01 6.35 -28.60
N TYR M 81 -15.89 5.73 -29.76
CA TYR M 81 -14.91 6.11 -30.76
C TYR M 81 -15.62 6.50 -32.05
N SER M 82 -15.23 7.64 -32.60
CA SER M 82 -15.75 8.11 -33.87
C SER M 82 -14.61 8.14 -34.88
N PHE M 83 -14.76 7.38 -35.95
CA PHE M 83 -13.79 7.35 -37.03
C PHE M 83 -14.33 8.13 -38.20
N TYR M 84 -13.49 9.00 -38.78
CA TYR M 84 -13.90 9.86 -39.88
C TYR M 84 -13.03 9.59 -41.09
N MET M 85 -13.66 9.65 -42.26
CA MET M 85 -12.95 9.62 -43.54
C MET M 85 -13.31 10.88 -44.32
N ASP M 86 -12.30 11.64 -44.72
CA ASP M 86 -12.49 12.87 -45.46
C ASP M 86 -11.89 12.70 -46.84
N LEU M 87 -12.67 13.05 -47.87
CA LEU M 87 -12.21 12.97 -49.25
C LEU M 87 -12.25 14.38 -49.83
N LYS M 88 -11.14 14.78 -50.48
CA LYS M 88 -10.86 16.19 -50.72
C LYS M 88 -11.33 16.68 -52.08
N ALA M 89 -10.83 16.10 -53.18
CA ALA M 89 -11.10 16.60 -54.52
C ALA M 89 -11.94 15.58 -55.26
N LEU M 90 -13.26 15.67 -55.10
CA LEU M 90 -14.15 14.68 -55.66
C LEU M 90 -14.17 14.75 -57.18
N ARG M 91 -14.57 13.63 -57.79
CA ARG M 91 -14.78 13.53 -59.23
C ARG M 91 -15.94 12.58 -59.46
N SER M 92 -16.20 12.28 -60.74
CA SER M 92 -17.32 11.39 -61.07
C SER M 92 -17.08 9.97 -60.62
N ASP M 93 -15.82 9.53 -60.61
CA ASP M 93 -15.51 8.14 -60.29
C ASP M 93 -15.70 7.81 -58.82
N ASP M 94 -15.69 8.81 -57.95
CA ASP M 94 -15.84 8.59 -56.52
C ASP M 94 -17.28 8.30 -56.11
N THR M 95 -18.18 8.15 -57.08
CA THR M 95 -19.56 7.78 -56.79
C THR M 95 -19.58 6.32 -56.38
N ALA M 96 -19.87 6.05 -55.11
CA ALA M 96 -19.75 4.68 -54.61
C ALA M 96 -20.49 4.59 -53.27
N VAL M 97 -20.29 3.46 -52.59
CA VAL M 97 -20.77 3.26 -51.24
C VAL M 97 -19.59 2.79 -50.39
N TYR M 98 -19.45 3.38 -49.20
CA TYR M 98 -18.27 3.20 -48.37
C TYR M 98 -18.63 2.44 -47.10
N PHE M 99 -17.75 1.50 -46.73
CA PHE M 99 -17.93 0.67 -45.55
C PHE M 99 -16.75 0.82 -44.61
N CYS M 100 -17.04 0.86 -43.31
CA CYS M 100 -16.02 0.74 -42.27
C CYS M 100 -16.08 -0.67 -41.70
N ALA M 101 -14.94 -1.35 -41.69
CA ALA M 101 -14.85 -2.72 -41.22
C ALA M 101 -13.82 -2.83 -40.10
N ARG M 102 -14.01 -3.80 -39.23
CA ARG M 102 -13.15 -4.01 -38.06
C ARG M 102 -12.37 -5.30 -38.24
N GLN M 103 -11.08 -5.17 -38.55
CA GLN M 103 -10.22 -6.35 -38.64
C GLN M 103 -10.22 -7.09 -37.32
N ARG M 104 -10.05 -8.40 -37.39
CA ARG M 104 -10.16 -9.25 -36.21
C ARG M 104 -8.88 -9.99 -35.84
N SER M 105 -8.05 -10.33 -36.82
CA SER M 105 -6.84 -11.09 -36.54
C SER M 105 -5.85 -10.86 -37.67
N ASP M 106 -4.81 -11.67 -37.72
CA ASP M 106 -3.77 -11.53 -38.73
C ASP M 106 -4.12 -12.22 -40.04
N TYR M 107 -5.30 -12.81 -40.15
CA TYR M 107 -5.81 -13.28 -41.42
C TYR M 107 -6.53 -12.19 -42.19
N TRP M 108 -6.69 -11.01 -41.60
CA TRP M 108 -7.50 -9.94 -42.17
C TRP M 108 -8.93 -10.43 -42.40
N ASP M 109 -9.49 -11.07 -41.38
CA ASP M 109 -10.86 -11.57 -41.46
C ASP M 109 -11.79 -10.54 -40.84
N PHE M 110 -12.54 -9.85 -41.69
CA PHE M 110 -13.42 -8.76 -41.26
C PHE M 110 -14.77 -9.35 -40.90
N ASP M 111 -14.99 -9.58 -39.62
CA ASP M 111 -16.21 -10.22 -39.16
C ASP M 111 -17.37 -9.24 -39.04
N VAL M 112 -17.10 -7.99 -38.65
CA VAL M 112 -18.13 -6.99 -38.46
C VAL M 112 -17.99 -5.94 -39.55
N TRP M 113 -19.11 -5.46 -40.05
CA TRP M 113 -19.14 -4.39 -41.04
C TRP M 113 -20.12 -3.32 -40.62
N GLY M 114 -20.06 -2.19 -41.30
CA GLY M 114 -21.03 -1.14 -41.11
C GLY M 114 -22.07 -1.16 -42.21
N SER M 115 -23.17 -0.44 -41.96
CA SER M 115 -24.28 -0.44 -42.91
C SER M 115 -23.84 0.02 -44.29
N GLY M 116 -22.87 0.91 -44.37
CA GLY M 116 -22.44 1.46 -45.65
C GLY M 116 -23.14 2.76 -45.95
N THR M 117 -22.43 3.70 -46.55
CA THR M 117 -23.01 5.00 -46.88
C THR M 117 -22.79 5.27 -48.36
N GLN M 118 -23.87 5.58 -49.07
CA GLN M 118 -23.81 5.88 -50.49
C GLN M 118 -23.54 7.36 -50.67
N VAL M 119 -22.59 7.70 -51.54
CA VAL M 119 -22.27 9.09 -51.85
C VAL M 119 -21.94 9.19 -53.33
N THR M 120 -22.48 10.21 -53.97
CA THR M 120 -22.35 10.42 -55.40
C THR M 120 -22.10 11.90 -55.67
N VAL M 121 -21.77 12.21 -56.92
CA VAL M 121 -21.54 13.59 -57.33
C VAL M 121 -22.52 13.99 -58.42
N GLN N 1 -13.88 1.33 34.16
CA GLN N 1 -15.22 1.22 34.72
C GLN N 1 -16.24 0.89 33.64
N VAL N 2 -17.26 0.13 34.00
CA VAL N 2 -18.26 -0.36 33.05
C VAL N 2 -19.62 0.15 33.50
N GLN N 3 -19.64 1.36 34.06
CA GLN N 3 -20.86 1.89 34.66
C GLN N 3 -22.00 1.97 33.65
N LEU N 4 -23.22 1.94 34.18
CA LEU N 4 -24.46 2.11 33.39
C LEU N 4 -25.27 3.19 34.09
N LEU N 5 -25.03 4.44 33.71
CA LEU N 5 -25.72 5.55 34.35
C LEU N 5 -27.21 5.54 34.02
N GLN N 6 -28.01 6.03 34.95
CA GLN N 6 -29.46 6.07 34.79
C GLN N 6 -29.97 7.43 35.22
N SER N 7 -31.17 7.77 34.76
CA SER N 7 -31.77 9.07 35.02
C SER N 7 -32.66 9.01 36.26
N GLY N 8 -33.07 10.19 36.71
CA GLY N 8 -33.79 10.34 37.95
C GLY N 8 -35.21 9.80 37.89
N ALA N 9 -35.95 10.06 38.95
CA ALA N 9 -37.31 9.56 39.09
C ALA N 9 -38.30 10.45 38.36
N ALA N 10 -39.53 9.96 38.23
CA ALA N 10 -40.59 10.69 37.56
C ALA N 10 -41.93 10.10 37.97
N VAL N 11 -42.98 10.90 37.81
CA VAL N 11 -44.33 10.52 38.18
C VAL N 11 -45.29 11.30 37.30
N THR N 12 -46.40 10.67 36.91
CA THR N 12 -47.33 11.32 36.01
C THR N 12 -48.71 10.69 36.16
N LYS N 13 -49.68 11.28 35.46
CA LYS N 13 -51.06 10.87 35.51
C LYS N 13 -51.28 9.60 34.70
N PRO N 14 -52.40 8.89 34.94
CA PRO N 14 -52.72 7.74 34.09
C PRO N 14 -52.99 8.17 32.66
N GLY N 15 -52.91 7.20 31.76
CA GLY N 15 -53.14 7.46 30.36
C GLY N 15 -52.08 8.27 29.66
N ALA N 16 -50.95 8.52 30.30
CA ALA N 16 -49.86 9.28 29.70
C ALA N 16 -48.66 8.38 29.46
N SER N 17 -47.68 8.92 28.76
CA SER N 17 -46.46 8.21 28.43
C SER N 17 -45.33 8.63 29.35
N VAL N 18 -44.22 7.92 29.26
CA VAL N 18 -43.05 8.23 30.08
C VAL N 18 -41.83 7.60 29.42
N ARG N 19 -40.71 8.31 29.49
CA ARG N 19 -39.45 7.88 28.89
C ARG N 19 -38.37 7.85 29.96
N VAL N 20 -37.59 6.77 30.00
CA VAL N 20 -36.48 6.65 30.94
C VAL N 20 -35.23 6.23 30.19
N SER N 21 -34.11 6.85 30.52
CA SER N 21 -32.85 6.72 29.79
C SER N 21 -31.85 5.89 30.57
N CYS N 22 -30.77 5.51 29.89
CA CYS N 22 -29.72 4.71 30.49
C CYS N 22 -28.47 4.83 29.61
N GLU N 23 -27.37 5.31 30.18
CA GLU N 23 -26.14 5.54 29.43
C GLU N 23 -25.18 4.38 29.58
N ALA N 24 -24.39 4.15 28.53
CA ALA N 24 -23.31 3.16 28.58
C ALA N 24 -22.01 3.86 28.25
N SER N 25 -20.98 3.62 29.04
CA SER N 25 -19.79 4.47 28.98
C SER N 25 -18.49 3.74 28.68
N GLY N 26 -18.21 2.62 29.35
CA GLY N 26 -16.83 2.18 29.41
C GLY N 26 -16.44 0.83 28.87
N TYR N 27 -16.97 0.42 27.71
CA TYR N 27 -16.61 -0.87 27.15
C TYR N 27 -17.00 -0.88 25.67
N ASN N 28 -16.93 -2.06 25.06
CA ASN N 28 -17.39 -2.27 23.69
C ASN N 28 -18.90 -2.39 23.70
N ILE N 29 -19.60 -1.29 23.41
CA ILE N 29 -21.04 -1.24 23.61
C ILE N 29 -21.74 -2.20 22.65
N ARG N 30 -21.26 -2.30 21.42
CA ARG N 30 -22.01 -2.97 20.37
C ARG N 30 -21.93 -4.49 20.43
N ASP N 31 -21.46 -5.08 21.53
CA ASP N 31 -21.29 -6.53 21.57
C ASP N 31 -22.10 -7.22 22.66
N TYR N 32 -22.97 -6.50 23.36
CA TYR N 32 -23.75 -7.09 24.43
C TYR N 32 -25.17 -6.57 24.38
N PHE N 33 -26.13 -7.49 24.40
CA PHE N 33 -27.53 -7.09 24.44
C PHE N 33 -27.80 -6.30 25.71
N ILE N 34 -28.87 -5.50 25.69
CA ILE N 34 -29.24 -4.73 26.86
C ILE N 34 -30.65 -5.12 27.26
N HIS N 35 -30.84 -5.48 28.52
CA HIS N 35 -32.15 -5.91 29.00
C HIS N 35 -32.74 -4.87 29.94
N TRP N 36 -34.06 -4.85 30.00
CA TRP N 36 -34.82 -3.98 30.90
C TRP N 36 -35.66 -4.86 31.80
N TRP N 37 -35.49 -4.65 33.12
CA TRP N 37 -36.22 -5.35 34.18
C TRP N 37 -37.07 -4.37 34.96
N ARG N 38 -38.05 -4.91 35.68
CA ARG N 38 -39.00 -4.12 36.44
C ARG N 38 -39.28 -4.78 37.77
N GLN N 39 -39.26 -4.00 38.85
CA GLN N 39 -39.56 -4.51 40.18
C GLN N 39 -40.67 -3.70 40.82
N ALA N 40 -41.71 -4.39 41.25
CA ALA N 40 -42.85 -3.83 41.95
C ALA N 40 -42.63 -3.85 43.45
N PRO N 41 -43.30 -2.98 44.20
CA PRO N 41 -43.12 -2.96 45.66
C PRO N 41 -43.46 -4.30 46.30
N GLY N 42 -42.46 -4.93 46.90
CA GLY N 42 -42.65 -6.19 47.59
C GLY N 42 -42.86 -7.38 46.67
N GLN N 43 -42.20 -7.39 45.51
CA GLN N 43 -42.34 -8.48 44.56
C GLN N 43 -40.96 -8.86 44.03
N GLY N 44 -40.93 -9.88 43.19
CA GLY N 44 -39.71 -10.23 42.49
C GLY N 44 -39.54 -9.40 41.23
N LEU N 45 -38.47 -9.68 40.50
CA LEU N 45 -38.21 -8.96 39.27
C LEU N 45 -39.17 -9.40 38.19
N GLN N 46 -39.19 -8.63 37.10
CA GLN N 46 -40.03 -8.95 35.95
C GLN N 46 -39.31 -8.51 34.69
N TRP N 47 -39.26 -9.38 33.71
CA TRP N 47 -38.53 -9.13 32.48
C TRP N 47 -39.35 -8.22 31.57
N VAL N 48 -38.82 -7.05 31.26
CA VAL N 48 -39.49 -6.16 30.32
C VAL N 48 -39.01 -6.41 28.90
N GLY N 49 -37.73 -6.66 28.69
CA GLY N 49 -37.31 -7.20 27.41
C GLY N 49 -35.95 -6.71 27.00
N TRP N 50 -35.46 -7.24 25.88
CA TRP N 50 -34.09 -6.96 25.46
C TRP N 50 -34.04 -6.20 24.16
N ILE N 51 -32.89 -5.57 23.93
CA ILE N 51 -32.62 -4.85 22.69
C ILE N 51 -31.21 -5.16 22.22
N ASN N 52 -31.09 -5.39 20.91
CA ASN N 52 -29.82 -5.56 20.23
C ASN N 52 -29.33 -4.20 19.76
N PRO N 53 -28.17 -3.73 20.22
CA PRO N 53 -27.73 -2.36 19.92
C PRO N 53 -27.01 -2.18 18.60
N LYS N 54 -26.64 -3.25 17.91
CA LYS N 54 -26.02 -3.10 16.61
C LYS N 54 -27.07 -2.76 15.56
N THR N 55 -28.07 -3.62 15.40
CA THR N 55 -29.16 -3.34 14.49
C THR N 55 -30.24 -2.50 15.15
N GLY N 56 -30.37 -2.59 16.47
CA GLY N 56 -31.43 -1.89 17.16
C GLY N 56 -32.70 -2.66 17.28
N GLN N 57 -32.63 -3.96 17.46
CA GLN N 57 -33.88 -4.71 17.33
C GLN N 57 -34.42 -5.06 18.71
N PRO N 58 -35.71 -4.84 18.97
CA PRO N 58 -36.26 -5.13 20.30
C PRO N 58 -36.92 -6.50 20.40
N ASN N 59 -37.16 -6.93 21.65
CA ASN N 59 -37.92 -8.15 21.92
C ASN N 59 -38.60 -7.97 23.26
N ASN N 60 -39.93 -8.07 23.27
CA ASN N 60 -40.80 -7.85 24.42
C ASN N 60 -41.76 -9.01 24.58
N PRO N 61 -42.22 -9.27 25.80
CA PRO N 61 -43.19 -10.36 26.03
C PRO N 61 -44.58 -9.97 25.54
N ARG N 62 -45.46 -10.96 25.52
CA ARG N 62 -46.81 -10.75 25.03
C ARG N 62 -47.61 -9.82 25.91
N GLN N 63 -47.22 -9.65 27.17
CA GLN N 63 -47.95 -8.78 28.07
C GLN N 63 -47.76 -7.31 27.70
N PHE N 64 -46.59 -6.94 27.19
CA PHE N 64 -46.26 -5.55 26.92
C PHE N 64 -46.36 -5.19 25.45
N GLN N 65 -46.89 -6.06 24.61
CA GLN N 65 -46.92 -5.79 23.18
C GLN N 65 -47.82 -4.61 22.88
N GLY N 66 -47.30 -3.62 22.16
CA GLY N 66 -48.05 -2.44 21.80
C GLY N 66 -47.95 -1.30 22.78
N ARG N 67 -47.23 -1.47 23.88
CA ARG N 67 -47.11 -0.42 24.89
C ARG N 67 -45.69 0.01 25.16
N VAL N 68 -44.71 -0.87 25.02
CA VAL N 68 -43.32 -0.53 25.30
C VAL N 68 -42.59 -0.29 23.99
N SER N 69 -41.62 0.61 24.04
CA SER N 69 -40.75 0.87 22.90
C SER N 69 -39.33 1.06 23.40
N LEU N 70 -38.43 0.17 23.00
CA LEU N 70 -37.03 0.25 23.36
C LEU N 70 -36.24 0.76 22.17
N THR N 71 -35.48 1.83 22.38
CA THR N 71 -34.67 2.39 21.31
C THR N 71 -33.27 2.68 21.83
N ARG N 72 -32.38 3.04 20.90
CA ARG N 72 -31.01 3.37 21.25
C ARG N 72 -30.52 4.48 20.33
N HIS N 73 -29.47 5.17 20.77
CA HIS N 73 -28.91 6.25 19.97
C HIS N 73 -27.45 6.44 20.33
N ALA N 74 -26.60 6.59 19.31
CA ALA N 74 -25.19 6.84 19.48
C ALA N 74 -24.83 8.23 18.97
N SER N 75 -23.60 8.64 19.22
CA SER N 75 -23.12 9.96 18.83
C SER N 75 -22.02 9.83 17.79
N TRP N 76 -21.70 10.94 17.13
CA TRP N 76 -20.76 10.92 16.01
C TRP N 76 -19.31 10.81 16.47
N ASP N 77 -19.09 10.49 17.75
CA ASP N 77 -17.81 10.01 18.22
C ASP N 77 -17.89 8.57 18.67
N PHE N 78 -19.08 7.96 18.66
CA PHE N 78 -19.33 6.53 18.76
C PHE N 78 -18.89 5.93 20.08
N ASP N 79 -18.56 6.74 21.08
CA ASP N 79 -18.15 6.24 22.38
C ASP N 79 -19.32 6.05 23.33
N THR N 80 -20.34 6.90 23.25
CA THR N 80 -21.45 6.91 24.18
C THR N 80 -22.69 6.35 23.53
N TYR N 81 -23.42 5.53 24.27
CA TYR N 81 -24.70 5.01 23.84
C TYR N 81 -25.77 5.38 24.86
N SER N 82 -26.94 5.77 24.35
CA SER N 82 -28.08 6.11 25.19
C SER N 82 -29.22 5.18 24.82
N PHE N 83 -29.68 4.39 25.77
CA PHE N 83 -30.81 3.49 25.58
C PHE N 83 -32.03 4.10 26.23
N TYR N 84 -33.17 4.05 25.54
CA TYR N 84 -34.41 4.63 26.02
C TYR N 84 -35.49 3.58 26.09
N MET N 85 -36.30 3.66 27.14
CA MET N 85 -37.52 2.88 27.27
C MET N 85 -38.70 3.83 27.35
N ASP N 86 -39.70 3.61 26.51
CA ASP N 86 -40.90 4.43 26.47
C ASP N 86 -42.11 3.57 26.79
N LEU N 87 -42.94 4.03 27.72
CA LEU N 87 -44.18 3.37 28.08
C LEU N 87 -45.34 4.29 27.74
N LYS N 88 -46.38 3.73 27.11
CA LYS N 88 -47.39 4.53 26.43
C LYS N 88 -48.67 4.71 27.23
N ALA N 89 -49.34 3.63 27.60
CA ALA N 89 -50.66 3.71 28.24
C ALA N 89 -50.50 3.29 29.70
N LEU N 90 -50.17 4.25 30.55
CA LEU N 90 -49.87 3.93 31.94
C LEU N 90 -51.14 3.58 32.71
N ARG N 91 -50.95 2.80 33.77
CA ARG N 91 -52.01 2.44 34.71
C ARG N 91 -51.41 2.38 36.10
N SER N 92 -52.21 1.96 37.07
CA SER N 92 -51.74 1.88 38.45
C SER N 92 -50.70 0.79 38.64
N ASP N 93 -50.79 -0.29 37.85
CA ASP N 93 -49.89 -1.42 38.05
C ASP N 93 -48.47 -1.10 37.60
N ASP N 94 -48.31 -0.12 36.72
CA ASP N 94 -46.98 0.23 36.24
C ASP N 94 -46.16 0.97 37.25
N THR N 95 -46.66 1.16 38.46
CA THR N 95 -45.88 1.77 39.53
C THR N 95 -44.78 0.81 39.95
N ALA N 96 -43.54 1.16 39.67
CA ALA N 96 -42.45 0.22 39.93
C ALA N 96 -41.13 0.98 39.87
N VAL N 97 -40.03 0.22 39.89
CA VAL N 97 -38.70 0.74 39.67
C VAL N 97 -38.05 -0.08 38.56
N TYR N 98 -37.46 0.59 37.59
CA TYR N 98 -36.98 -0.03 36.37
C TYR N 98 -35.46 -0.07 36.34
N PHE N 99 -34.92 -1.16 35.81
CA PHE N 99 -33.50 -1.47 35.88
C PHE N 99 -32.94 -1.72 34.48
N CYS N 100 -31.94 -0.94 34.10
CA CYS N 100 -31.09 -1.25 32.97
C CYS N 100 -30.12 -2.34 33.36
N ALA N 101 -29.87 -3.29 32.44
CA ALA N 101 -28.93 -4.35 32.74
C ALA N 101 -28.21 -4.78 31.48
N ARG N 102 -26.98 -5.25 31.65
CA ARG N 102 -26.11 -5.61 30.53
C ARG N 102 -25.78 -7.09 30.60
N GLN N 103 -26.32 -7.87 29.67
CA GLN N 103 -25.98 -9.28 29.57
C GLN N 103 -24.50 -9.43 29.30
N ARG N 104 -23.95 -10.60 29.63
CA ARG N 104 -22.52 -10.81 29.54
C ARG N 104 -22.15 -12.03 28.72
N SER N 105 -23.00 -13.04 28.71
CA SER N 105 -22.69 -14.28 28.04
C SER N 105 -23.99 -15.04 27.78
N ASP N 106 -23.87 -16.28 27.34
CA ASP N 106 -25.02 -17.10 27.00
C ASP N 106 -25.65 -17.77 28.22
N TYR N 107 -25.14 -17.52 29.41
CA TYR N 107 -25.82 -17.92 30.63
C TYR N 107 -26.84 -16.89 31.08
N TRP N 108 -26.94 -15.77 30.38
CA TRP N 108 -27.75 -14.64 30.80
C TRP N 108 -27.36 -14.21 32.21
N ASP N 109 -26.06 -14.06 32.43
CA ASP N 109 -25.52 -13.62 33.70
C ASP N 109 -25.29 -12.12 33.64
N PHE N 110 -26.11 -11.36 34.36
CA PHE N 110 -26.06 -9.91 34.32
C PHE N 110 -25.12 -9.43 35.41
N ASP N 111 -23.91 -9.06 35.02
CA ASP N 111 -22.90 -8.67 36.00
C ASP N 111 -23.01 -7.20 36.40
N VAL N 112 -23.41 -6.32 35.48
CA VAL N 112 -23.52 -4.90 35.75
C VAL N 112 -25.00 -4.53 35.72
N TRP N 113 -25.39 -3.65 36.63
CA TRP N 113 -26.76 -3.13 36.67
C TRP N 113 -26.72 -1.62 36.77
N GLY N 114 -27.88 -1.01 36.54
CA GLY N 114 -28.03 0.41 36.70
C GLY N 114 -28.65 0.73 38.05
N SER N 115 -28.55 2.01 38.43
CA SER N 115 -29.04 2.42 39.75
C SER N 115 -30.52 2.09 39.92
N GLY N 116 -31.28 2.15 38.86
CA GLY N 116 -32.72 1.95 38.95
C GLY N 116 -33.45 3.26 39.06
N THR N 117 -34.63 3.33 38.44
CA THR N 117 -35.42 4.55 38.46
C THR N 117 -36.84 4.22 38.91
N GLN N 118 -37.29 4.90 39.96
CA GLN N 118 -38.63 4.71 40.48
C GLN N 118 -39.60 5.61 39.74
N VAL N 119 -40.71 5.04 39.28
CA VAL N 119 -41.76 5.80 38.61
C VAL N 119 -43.11 5.25 39.03
N THR N 120 -44.04 6.16 39.31
CA THR N 120 -45.35 5.82 39.83
C THR N 120 -46.40 6.70 39.17
N VAL N 121 -47.66 6.34 39.35
CA VAL N 121 -48.76 7.12 38.79
C VAL N 121 -49.63 7.67 39.91
N GLN O 1 30.82 19.03 -7.11
CA GLN O 1 31.68 19.88 -6.31
C GLN O 1 31.20 19.94 -4.87
N VAL O 2 32.14 20.07 -3.94
CA VAL O 2 31.85 20.01 -2.52
C VAL O 2 32.32 21.34 -1.91
N GLN O 3 32.19 22.41 -2.68
CA GLN O 3 32.73 23.70 -2.27
C GLN O 3 32.12 24.18 -0.96
N LEU O 4 32.86 25.05 -0.27
CA LEU O 4 32.45 25.70 0.96
C LEU O 4 32.66 27.20 0.74
N LEU O 5 31.62 27.89 0.30
CA LEU O 5 31.76 29.31 0.00
C LEU O 5 31.91 30.11 1.28
N GLN O 6 32.55 31.28 1.17
CA GLN O 6 32.78 32.12 2.33
C GLN O 6 32.61 33.58 1.94
N SER O 7 32.35 34.42 2.93
CA SER O 7 32.06 35.83 2.71
C SER O 7 33.33 36.67 2.77
N GLY O 8 33.20 37.93 2.38
CA GLY O 8 34.32 38.82 2.25
C GLY O 8 34.88 39.27 3.60
N ALA O 9 35.79 40.24 3.53
CA ALA O 9 36.50 40.74 4.69
C ALA O 9 35.69 41.81 5.41
N ALA O 10 36.13 42.15 6.61
CA ALA O 10 35.47 43.15 7.42
C ALA O 10 36.42 43.61 8.52
N VAL O 11 36.19 44.83 9.01
CA VAL O 11 37.02 45.44 10.04
C VAL O 11 36.14 46.40 10.83
N THR O 12 36.40 46.49 12.13
CA THR O 12 35.58 47.33 12.99
C THR O 12 36.37 47.71 14.23
N LYS O 13 35.77 48.57 15.05
CA LYS O 13 36.39 49.10 16.24
C LYS O 13 36.35 48.08 17.37
N PRO O 14 37.20 48.24 18.39
CA PRO O 14 37.14 47.34 19.54
C PRO O 14 35.80 47.44 20.26
N GLY O 15 35.48 46.39 21.00
CA GLY O 15 34.24 46.34 21.74
C GLY O 15 33.00 46.08 20.90
N ALA O 16 33.16 45.76 19.62
CA ALA O 16 32.04 45.50 18.73
C ALA O 16 31.96 44.02 18.44
N SER O 17 30.94 43.63 17.68
CA SER O 17 30.69 42.25 17.34
C SER O 17 30.75 42.06 15.82
N VAL O 18 31.19 40.88 15.41
CA VAL O 18 31.32 40.56 13.99
C VAL O 18 30.62 39.23 13.72
N ARG O 19 30.12 39.08 12.50
CA ARG O 19 29.50 37.85 12.04
C ARG O 19 30.15 37.42 10.74
N VAL O 20 30.59 36.17 10.68
CA VAL O 20 31.22 35.60 9.50
C VAL O 20 30.38 34.42 9.03
N SER O 21 30.21 34.29 7.72
CA SER O 21 29.33 33.30 7.13
C SER O 21 30.12 32.25 6.36
N CYS O 22 29.45 31.13 6.08
CA CYS O 22 30.02 30.05 5.30
C CYS O 22 28.86 29.26 4.72
N GLU O 23 28.97 28.84 3.47
CA GLU O 23 27.87 28.20 2.76
C GLU O 23 28.28 26.82 2.28
N ALA O 24 27.49 25.81 2.63
CA ALA O 24 27.71 24.45 2.16
C ALA O 24 26.69 24.14 1.07
N SER O 25 27.16 23.56 -0.03
CA SER O 25 26.25 23.46 -1.17
C SER O 25 26.12 22.08 -1.79
N GLY O 26 27.20 21.31 -1.85
CA GLY O 26 27.20 20.19 -2.77
C GLY O 26 27.38 18.79 -2.24
N TYR O 27 26.76 18.44 -1.12
CA TYR O 27 26.87 17.10 -0.57
C TYR O 27 25.78 16.90 0.47
N ASN O 28 25.85 15.79 1.20
CA ASN O 28 24.95 15.52 2.32
C ASN O 28 25.40 16.35 3.51
N ILE O 29 24.79 17.52 3.68
CA ILE O 29 25.29 18.48 4.64
C ILE O 29 25.20 17.95 6.06
N ARG O 30 24.13 17.22 6.37
CA ARG O 30 23.82 16.88 7.75
C ARG O 30 24.59 15.69 8.27
N ASP O 31 25.68 15.27 7.62
CA ASP O 31 26.41 14.10 8.07
C ASP O 31 27.82 14.38 8.55
N TYR O 32 28.29 15.61 8.48
CA TYR O 32 29.66 15.93 8.87
C TYR O 32 29.67 17.18 9.74
N PHE O 33 30.40 17.13 10.85
CA PHE O 33 30.55 18.29 11.69
C PHE O 33 31.23 19.41 10.91
N ILE O 34 31.11 20.64 11.42
CA ILE O 34 31.79 21.76 10.79
C ILE O 34 32.66 22.44 11.83
N HIS O 35 33.94 22.64 11.50
CA HIS O 35 34.87 23.25 12.44
C HIS O 35 35.26 24.64 11.97
N TRP O 36 35.61 25.48 12.94
CA TRP O 36 36.09 26.84 12.69
C TRP O 36 37.50 26.95 13.26
N TRP O 37 38.42 27.40 12.40
CA TRP O 37 39.82 27.61 12.71
C TRP O 37 40.20 29.06 12.49
N ARG O 38 41.26 29.49 13.19
CA ARG O 38 41.71 30.87 13.16
C ARG O 38 43.22 30.90 12.98
N GLN O 39 43.71 31.77 12.11
CA GLN O 39 45.15 31.93 11.90
C GLN O 39 45.53 33.39 12.08
N ALA O 40 46.50 33.63 12.95
CA ALA O 40 47.08 34.95 13.22
C ALA O 40 48.24 35.22 12.28
N PRO O 41 48.58 36.49 12.06
CA PRO O 41 49.71 36.81 11.18
C PRO O 41 51.01 36.18 11.65
N GLY O 42 51.55 35.29 10.83
CA GLY O 42 52.81 34.64 11.14
C GLY O 42 52.73 33.66 12.30
N GLN O 43 51.65 32.88 12.38
CA GLN O 43 51.48 31.91 13.46
C GLN O 43 50.90 30.63 12.88
N GLY O 44 50.74 29.63 13.74
CA GLY O 44 50.04 28.43 13.37
C GLY O 44 48.54 28.58 13.51
N LEU O 45 47.83 27.51 13.15
CA LEU O 45 46.38 27.55 13.24
C LEU O 45 45.94 27.49 14.69
N GLN O 46 44.66 27.79 14.92
CA GLN O 46 44.07 27.75 16.24
C GLN O 46 42.63 27.29 16.13
N TRP O 47 42.26 26.31 16.95
CA TRP O 47 40.93 25.73 16.90
C TRP O 47 39.94 26.65 17.59
N VAL O 48 38.92 27.09 16.87
CA VAL O 48 37.85 27.90 17.45
C VAL O 48 36.69 27.02 17.90
N GLY O 49 36.34 26.00 17.13
CA GLY O 49 35.45 24.98 17.67
C GLY O 49 34.53 24.40 16.62
N TRP O 50 33.75 23.40 17.05
CA TRP O 50 32.94 22.66 16.09
C TRP O 50 31.46 22.82 16.37
N ILE O 51 30.66 22.53 15.34
CA ILE O 51 29.22 22.57 15.43
C ILE O 51 28.63 21.34 14.75
N ASN O 52 27.64 20.74 15.40
CA ASN O 52 26.85 19.65 14.86
C ASN O 52 25.64 20.22 14.14
N PRO O 53 25.49 19.99 12.84
CA PRO O 53 24.43 20.67 12.07
C PRO O 53 23.08 19.99 12.12
N LYS O 54 23.00 18.75 12.58
CA LYS O 54 21.70 18.10 12.70
C LYS O 54 20.91 18.70 13.85
N THR O 55 21.51 18.76 15.03
CA THR O 55 20.89 19.38 16.18
C THR O 55 21.30 20.82 16.40
N GLY O 56 22.41 21.25 15.81
CA GLY O 56 22.88 22.60 16.00
C GLY O 56 23.69 22.79 17.25
N GLN O 57 24.44 21.80 17.67
CA GLN O 57 25.03 21.95 18.99
C GLN O 57 26.48 22.40 18.87
N PRO O 58 26.91 23.42 19.62
CA PRO O 58 28.28 23.91 19.51
C PRO O 58 29.25 23.32 20.52
N ASN O 59 30.54 23.52 20.28
CA ASN O 59 31.58 23.16 21.24
C ASN O 59 32.77 24.08 21.00
N ASN O 60 33.15 24.83 22.03
CA ASN O 60 34.22 25.81 22.01
C ASN O 60 35.17 25.59 23.17
N PRO O 61 36.43 25.99 23.04
CA PRO O 61 37.38 25.82 24.14
C PRO O 61 37.13 26.83 25.25
N ARG O 62 37.85 26.63 26.35
CA ARG O 62 37.68 27.47 27.52
C ARG O 62 38.13 28.92 27.28
N GLN O 63 38.86 29.17 26.20
CA GLN O 63 39.34 30.52 25.94
C GLN O 63 38.23 31.40 25.38
N PHE O 64 37.36 30.85 24.54
CA PHE O 64 36.31 31.62 23.89
C PHE O 64 34.96 31.46 24.55
N GLN O 65 34.90 30.90 25.74
CA GLN O 65 33.61 30.69 26.40
C GLN O 65 32.97 32.03 26.73
N GLY O 66 31.76 32.23 26.22
CA GLY O 66 31.03 33.46 26.45
C GLY O 66 31.25 34.54 25.42
N ARG O 67 32.23 34.38 24.53
CA ARG O 67 32.52 35.37 23.51
C ARG O 67 32.09 34.95 22.11
N VAL O 68 32.25 33.67 21.78
CA VAL O 68 31.95 33.19 20.45
C VAL O 68 30.60 32.47 20.47
N SER O 69 29.95 32.44 19.32
CA SER O 69 28.68 31.72 19.19
C SER O 69 28.53 31.22 17.76
N LEU O 70 28.36 29.91 17.61
CA LEU O 70 28.23 29.28 16.30
C LEU O 70 26.78 28.87 16.08
N THR O 71 26.23 29.22 14.92
CA THR O 71 24.86 28.85 14.59
C THR O 71 24.80 28.35 13.16
N ARG O 72 23.64 27.79 12.79
CA ARG O 72 23.43 27.29 11.44
C ARG O 72 21.98 27.56 11.04
N HIS O 73 21.73 27.56 9.74
CA HIS O 73 20.38 27.80 9.23
C HIS O 73 20.23 27.16 7.87
N ALA O 74 19.11 26.48 7.65
CA ALA O 74 18.77 25.87 6.38
C ALA O 74 17.53 26.54 5.80
N SER O 75 17.23 26.20 4.53
CA SER O 75 16.11 26.76 3.82
C SER O 75 15.04 25.71 3.57
N TRP O 76 13.84 26.17 3.22
CA TRP O 76 12.69 25.29 3.08
C TRP O 76 12.75 24.42 1.85
N ASP O 77 13.88 24.41 1.14
CA ASP O 77 14.18 23.38 0.17
C ASP O 77 15.29 22.45 0.63
N PHE O 78 15.93 22.75 1.76
CA PHE O 78 16.75 21.82 2.55
C PHE O 78 18.03 21.39 1.85
N ASP O 79 18.51 22.17 0.88
CA ASP O 79 19.74 21.87 0.19
C ASP O 79 20.89 22.81 0.55
N THR O 80 20.59 24.02 0.99
CA THR O 80 21.61 25.00 1.35
C THR O 80 21.72 25.09 2.86
N TYR O 81 22.95 25.22 3.34
CA TYR O 81 23.20 25.46 4.75
C TYR O 81 24.12 26.65 4.90
N SER O 82 23.76 27.56 5.81
CA SER O 82 24.57 28.71 6.14
C SER O 82 25.02 28.58 7.58
N PHE O 83 26.33 28.56 7.78
CA PHE O 83 26.93 28.49 9.11
C PHE O 83 27.47 29.86 9.45
N TYR O 84 27.21 30.32 10.67
CA TYR O 84 27.62 31.64 11.12
C TYR O 84 28.47 31.52 12.37
N MET O 85 29.50 32.36 12.44
CA MET O 85 30.27 32.56 13.66
C MET O 85 30.14 34.01 14.08
N ASP O 86 29.75 34.22 15.33
CA ASP O 86 29.58 35.56 15.89
C ASP O 86 30.59 35.74 17.00
N LEU O 87 31.33 36.84 16.96
CA LEU O 87 32.30 37.17 17.99
C LEU O 87 31.86 38.47 18.65
N LYS O 88 31.84 38.48 19.99
CA LYS O 88 31.09 39.47 20.76
C LYS O 88 31.93 40.66 21.19
N ALA O 89 33.00 40.44 21.96
CA ALA O 89 33.77 41.54 22.55
C ALA O 89 35.19 41.48 21.99
N LEU O 90 35.40 42.17 20.88
CA LEU O 90 36.68 42.09 20.20
C LEU O 90 37.78 42.80 20.98
N ARG O 91 39.02 42.45 20.65
CA ARG O 91 40.21 43.12 21.13
C ARG O 91 41.23 43.14 20.00
N SER O 92 42.44 43.61 20.29
CA SER O 92 43.47 43.69 19.27
C SER O 92 43.94 42.30 18.84
N ASP O 93 43.90 41.33 19.74
CA ASP O 93 44.43 40.00 19.44
C ASP O 93 43.53 39.22 18.49
N ASP O 94 42.27 39.60 18.36
CA ASP O 94 41.34 38.90 17.49
C ASP O 94 41.55 39.23 16.02
N THR O 95 42.61 39.95 15.68
CA THR O 95 42.93 40.22 14.29
C THR O 95 43.51 38.96 13.66
N ALA O 96 42.79 38.39 12.70
CA ALA O 96 43.21 37.10 12.16
C ALA O 96 42.46 36.84 10.86
N VAL O 97 42.59 35.63 10.35
CA VAL O 97 41.82 35.15 9.21
C VAL O 97 41.18 33.82 9.62
N TYR O 98 39.90 33.66 9.31
CA TYR O 98 39.10 32.56 9.81
C TYR O 98 38.70 31.63 8.68
N PHE O 99 38.75 30.32 8.96
CA PHE O 99 38.41 29.29 8.00
C PHE O 99 37.31 28.39 8.56
N CYS O 100 36.36 28.04 7.70
CA CYS O 100 35.41 26.98 7.97
C CYS O 100 35.87 25.72 7.25
N ALA O 101 35.93 24.61 7.98
CA ALA O 101 36.40 23.35 7.44
C ALA O 101 35.38 22.26 7.71
N ARG O 102 35.38 21.24 6.86
CA ARG O 102 34.41 20.15 6.93
C ARG O 102 35.14 18.87 7.30
N GLN O 103 34.98 18.43 8.55
CA GLN O 103 35.54 17.16 8.97
C GLN O 103 34.99 16.02 8.11
N ARG O 104 35.80 14.99 7.92
CA ARG O 104 35.44 13.92 7.01
C ARG O 104 35.30 12.56 7.68
N SER O 105 36.03 12.30 8.75
CA SER O 105 35.98 11.00 9.39
C SER O 105 36.49 11.15 10.82
N ASP O 106 36.70 10.02 11.49
CA ASP O 106 37.13 10.03 12.88
C ASP O 106 38.63 10.25 13.04
N TYR O 107 39.35 10.45 11.95
CA TYR O 107 40.73 10.91 12.03
C TYR O 107 40.84 12.42 12.13
N TRP O 108 39.72 13.13 12.04
CA TRP O 108 39.71 14.59 11.95
C TRP O 108 40.54 15.05 10.76
N ASP O 109 40.31 14.43 9.61
CA ASP O 109 40.99 14.80 8.38
C ASP O 109 40.12 15.79 7.60
N PHE O 110 40.52 17.04 7.60
CA PHE O 110 39.74 18.10 6.97
C PHE O 110 40.16 18.20 5.51
N ASP O 111 39.35 17.62 4.62
CA ASP O 111 39.72 17.57 3.22
C ASP O 111 39.30 18.82 2.45
N VAL O 112 38.23 19.48 2.87
CA VAL O 112 37.74 20.68 2.21
C VAL O 112 37.91 21.86 3.15
N TRP O 113 38.26 23.01 2.61
CA TRP O 113 38.38 24.24 3.38
C TRP O 113 37.69 25.36 2.63
N GLY O 114 37.42 26.44 3.35
CA GLY O 114 36.91 27.66 2.75
C GLY O 114 38.05 28.62 2.47
N SER O 115 37.76 29.61 1.61
CA SER O 115 38.79 30.54 1.19
C SER O 115 39.40 31.28 2.37
N GLY O 116 38.64 31.50 3.42
CA GLY O 116 39.11 32.25 4.56
C GLY O 116 38.69 33.70 4.48
N THR O 117 38.44 34.30 5.64
CA THR O 117 38.04 35.69 5.72
C THR O 117 38.95 36.43 6.69
N GLN O 118 39.56 37.51 6.23
CA GLN O 118 40.43 38.31 7.06
C GLN O 118 39.61 39.37 7.78
N VAL O 119 39.81 39.49 9.09
CA VAL O 119 39.13 40.49 9.89
C VAL O 119 40.09 41.01 10.94
N THR O 120 40.10 42.33 11.10
CA THR O 120 41.02 43.02 12.00
C THR O 120 40.27 44.10 12.76
N VAL O 121 40.94 44.71 13.72
CA VAL O 121 40.33 45.77 14.50
C VAL O 121 41.11 47.07 14.32
N ASP P 1 4.61 -10.97 -54.32
CA ASP P 1 3.38 -10.47 -54.89
C ASP P 1 2.19 -11.34 -54.48
N ILE P 2 1.05 -11.10 -55.12
CA ILE P 2 -0.19 -11.81 -54.78
C ILE P 2 -0.94 -12.08 -56.08
N GLN P 3 -1.36 -13.32 -56.28
CA GLN P 3 -2.19 -13.70 -57.41
C GLN P 3 -3.54 -14.20 -56.90
N MET P 4 -4.57 -14.03 -57.72
CA MET P 4 -5.91 -14.46 -57.31
C MET P 4 -6.82 -14.51 -58.53
N THR P 5 -7.48 -15.65 -58.72
CA THR P 5 -8.46 -15.85 -59.78
C THR P 5 -9.54 -16.78 -59.25
N GLN P 6 -10.71 -16.73 -59.90
CA GLN P 6 -11.78 -17.68 -59.60
C GLN P 6 -12.47 -18.05 -60.91
N SER P 7 -12.79 -19.33 -61.05
CA SER P 7 -13.33 -19.88 -62.30
C SER P 7 -14.80 -19.56 -62.54
N PRO P 8 -15.73 -19.95 -61.65
CA PRO P 8 -17.15 -19.88 -62.02
C PRO P 8 -17.70 -18.47 -62.00
N SER P 9 -17.54 -17.74 -63.12
CA SER P 9 -18.05 -16.37 -63.21
C SER P 9 -19.50 -16.28 -62.77
N SER P 10 -20.35 -17.19 -63.24
CA SER P 10 -21.75 -17.22 -62.81
C SER P 10 -22.34 -18.57 -63.20
N LEU P 11 -22.95 -19.24 -62.23
CA LEU P 11 -23.60 -20.52 -62.46
C LEU P 11 -25.06 -20.45 -62.01
N SER P 12 -25.84 -21.43 -62.43
CA SER P 12 -27.30 -21.40 -62.32
C SER P 12 -27.83 -22.68 -61.69
N ALA P 13 -27.27 -23.07 -60.56
CA ALA P 13 -27.80 -24.20 -59.82
C ALA P 13 -29.23 -23.91 -59.35
N SER P 14 -29.95 -24.98 -59.02
CA SER P 14 -31.32 -24.90 -58.55
C SER P 14 -31.43 -25.45 -57.13
N VAL P 15 -32.65 -25.43 -56.59
CA VAL P 15 -32.87 -25.76 -55.19
C VAL P 15 -32.58 -27.24 -54.94
N GLY P 16 -31.86 -27.52 -53.87
CA GLY P 16 -31.60 -28.88 -53.45
C GLY P 16 -30.23 -29.40 -53.84
N ASP P 17 -29.73 -28.98 -54.99
CA ASP P 17 -28.46 -29.48 -55.50
C ASP P 17 -27.30 -28.97 -54.65
N THR P 18 -26.10 -29.43 -55.00
CA THR P 18 -24.87 -28.97 -54.38
C THR P 18 -23.96 -28.37 -55.45
N VAL P 19 -23.18 -27.37 -55.05
CA VAL P 19 -22.39 -26.58 -55.98
C VAL P 19 -21.05 -26.25 -55.35
N THR P 20 -20.02 -26.19 -56.19
CA THR P 20 -18.67 -25.86 -55.74
C THR P 20 -18.19 -24.60 -56.45
N ILE P 21 -17.53 -23.73 -55.70
CA ILE P 21 -16.85 -22.56 -56.24
C ILE P 21 -15.38 -22.65 -55.87
N THR P 22 -14.51 -22.28 -56.81
CA THR P 22 -13.07 -22.44 -56.65
C THR P 22 -12.35 -21.12 -56.88
N CYS P 23 -11.57 -20.70 -55.90
CA CYS P 23 -10.64 -19.59 -56.04
C CYS P 23 -9.22 -20.13 -56.08
N GLN P 24 -8.37 -19.51 -56.89
CA GLN P 24 -6.97 -19.89 -57.00
C GLN P 24 -6.12 -18.70 -56.58
N ALA P 25 -5.41 -18.84 -55.46
CA ALA P 25 -4.69 -17.71 -54.90
C ALA P 25 -3.62 -18.20 -53.93
N ASN P 26 -2.39 -17.75 -54.14
CA ASN P 26 -1.31 -18.07 -53.21
C ASN P 26 -1.43 -17.21 -51.96
N GLY P 27 -0.44 -17.32 -51.09
CA GLY P 27 -0.46 -16.58 -49.84
C GLY P 27 -1.59 -17.04 -48.94
N TYR P 28 -3.23 -16.13 -46.71
CA TYR P 28 -4.48 -16.68 -46.22
C TYR P 28 -5.62 -16.30 -47.16
N LEU P 29 -6.81 -16.82 -46.90
CA LEU P 29 -7.93 -16.63 -47.81
C LEU P 29 -9.23 -16.71 -47.03
N ASN P 30 -10.20 -15.89 -47.41
CA ASN P 30 -11.51 -15.86 -46.77
C ASN P 30 -12.60 -15.84 -47.84
N TRP P 31 -13.82 -16.18 -47.42
CA TRP P 31 -14.98 -16.17 -48.29
C TRP P 31 -16.08 -15.33 -47.66
N TYR P 32 -16.78 -14.56 -48.48
CA TYR P 32 -17.85 -13.69 -48.01
C TYR P 32 -19.09 -13.87 -48.89
N GLN P 33 -20.24 -13.57 -48.31
CA GLN P 33 -21.51 -13.56 -49.01
C GLN P 33 -22.15 -12.19 -48.88
N GLN P 34 -22.67 -11.65 -49.99
CA GLN P 34 -23.22 -10.30 -50.00
C GLN P 34 -24.47 -10.28 -50.85
N ARG P 35 -25.62 -10.01 -50.22
CA ARG P 35 -26.83 -9.71 -50.95
C ARG P 35 -26.77 -8.29 -51.50
N ARG P 36 -27.65 -8.00 -52.45
CA ARG P 36 -27.67 -6.69 -53.08
C ARG P 36 -28.04 -5.62 -52.06
N GLY P 37 -27.31 -4.51 -52.09
CA GLY P 37 -27.59 -3.40 -51.21
C GLY P 37 -27.34 -3.66 -49.75
N LYS P 38 -26.52 -4.65 -49.41
CA LYS P 38 -26.22 -4.98 -48.03
C LYS P 38 -24.72 -5.08 -47.83
N ALA P 39 -24.31 -5.03 -46.58
CA ALA P 39 -22.92 -5.23 -46.23
C ALA P 39 -22.60 -6.72 -46.22
N PRO P 40 -21.41 -7.11 -46.69
CA PRO P 40 -21.06 -8.54 -46.75
C PRO P 40 -21.05 -9.17 -45.36
N LYS P 41 -20.86 -10.48 -45.34
CA LYS P 41 -20.72 -11.21 -44.10
C LYS P 41 -19.77 -12.38 -44.31
N LEU P 42 -18.99 -12.66 -43.28
CA LEU P 42 -17.91 -13.64 -43.36
C LEU P 42 -18.46 -15.04 -43.13
N LEU P 43 -18.10 -15.97 -44.02
CA LEU P 43 -18.47 -17.38 -43.88
C LEU P 43 -17.30 -18.21 -43.38
N ILE P 44 -16.19 -18.20 -44.11
CA ILE P 44 -15.08 -19.11 -43.88
C ILE P 44 -13.79 -18.31 -43.94
N TYR P 45 -13.01 -18.36 -42.86
CA TYR P 45 -11.74 -17.66 -42.80
C TYR P 45 -10.60 -18.67 -42.70
N ASP P 46 -9.43 -18.25 -43.16
CA ASP P 46 -8.24 -19.08 -43.28
C ASP P 46 -8.42 -20.24 -44.25
N GLY P 47 -9.49 -20.22 -45.04
CA GLY P 47 -9.71 -21.23 -46.05
C GLY P 47 -10.43 -22.48 -45.58
N SER P 48 -10.39 -22.78 -44.29
CA SER P 48 -10.98 -24.03 -43.79
C SER P 48 -11.90 -23.81 -42.60
N LYS P 49 -11.64 -22.76 -41.82
CA LYS P 49 -12.40 -22.58 -40.60
C LYS P 49 -13.82 -22.12 -40.91
N LEU P 50 -14.65 -22.12 -39.88
CA LEU P 50 -16.08 -21.83 -40.02
C LEU P 50 -16.48 -20.77 -39.00
N GLU P 51 -17.11 -19.70 -39.47
CA GLU P 51 -17.49 -18.61 -38.59
C GLU P 51 -18.61 -19.05 -37.66
N ARG P 52 -18.45 -18.73 -36.38
CA ARG P 52 -19.44 -19.13 -35.38
C ARG P 52 -20.78 -18.47 -35.64
N GLY P 53 -21.78 -19.25 -36.03
CA GLY P 53 -23.11 -18.72 -36.25
C GLY P 53 -23.59 -18.79 -37.68
N VAL P 54 -23.14 -19.80 -38.42
CA VAL P 54 -23.56 -19.97 -39.80
C VAL P 54 -24.08 -21.40 -39.96
N PRO P 55 -25.10 -21.64 -40.79
CA PRO P 55 -25.48 -23.01 -41.10
C PRO P 55 -24.29 -23.82 -41.60
N SER P 56 -24.30 -25.11 -41.30
CA SER P 56 -23.18 -25.99 -41.63
C SER P 56 -23.21 -26.44 -43.09
N ARG P 57 -24.09 -25.86 -43.91
CA ARG P 57 -24.11 -26.21 -45.32
C ARG P 57 -22.83 -25.79 -46.03
N PHE P 58 -22.11 -24.82 -45.46
CA PHE P 58 -20.90 -24.27 -46.05
C PHE P 58 -19.67 -24.93 -45.46
N SER P 59 -18.70 -25.24 -46.32
CA SER P 59 -17.44 -25.80 -45.87
C SER P 59 -16.41 -25.61 -46.98
N GLY P 60 -15.15 -25.51 -46.59
CA GLY P 60 -14.09 -25.22 -47.54
C GLY P 60 -12.94 -26.20 -47.41
N ARG P 61 -12.31 -26.46 -48.54
CA ARG P 61 -11.18 -27.38 -48.62
C ARG P 61 -10.04 -26.72 -49.36
N ARG P 62 -8.82 -27.13 -49.02
CA ARG P 62 -7.62 -26.59 -49.65
C ARG P 62 -6.68 -27.73 -50.03
N TRP P 63 -6.13 -27.64 -51.24
CA TRP P 63 -5.04 -28.52 -51.66
C TRP P 63 -4.11 -27.72 -52.54
N GLY P 64 -2.83 -27.69 -52.19
CA GLY P 64 -1.88 -26.93 -52.97
C GLY P 64 -2.16 -25.45 -52.85
N GLN P 65 -2.35 -24.79 -54.00
CA GLN P 65 -2.69 -23.38 -54.06
C GLN P 65 -4.06 -23.16 -54.67
N GLU P 66 -4.98 -24.08 -54.42
CA GLU P 66 -6.35 -23.98 -54.91
C GLU P 66 -7.30 -24.20 -53.75
N TYR P 67 -8.25 -23.29 -53.59
CA TYR P 67 -9.23 -23.37 -52.52
C TYR P 67 -10.61 -23.62 -53.11
N ASN P 68 -11.46 -24.26 -52.32
CA ASN P 68 -12.77 -24.69 -52.78
C ASN P 68 -13.84 -24.26 -51.79
N LEU P 69 -14.87 -23.58 -52.29
CA LEU P 69 -16.08 -23.33 -51.51
C LEU P 69 -17.22 -24.14 -52.11
N THR P 70 -17.94 -24.86 -51.26
CA THR P 70 -19.00 -25.74 -51.71
C THR P 70 -20.20 -25.65 -50.79
N ILE P 71 -21.39 -25.76 -51.39
CA ILE P 71 -22.65 -25.58 -50.68
C ILE P 71 -23.39 -26.91 -50.75
N ASN P 72 -23.89 -27.38 -49.61
CA ASN P 72 -24.69 -28.60 -49.55
C ASN P 72 -26.12 -28.26 -49.17
N ASN P 73 -27.07 -28.90 -49.85
CA ASN P 73 -28.51 -28.67 -49.62
C ASN P 73 -28.86 -27.20 -49.82
N LEU P 74 -28.73 -26.77 -51.08
CA LEU P 74 -29.07 -25.41 -51.46
C LEU P 74 -30.47 -25.05 -50.99
N GLN P 75 -30.68 -23.76 -50.73
CA GLN P 75 -31.92 -23.28 -50.16
C GLN P 75 -32.40 -22.04 -50.90
N PRO P 76 -33.64 -21.58 -50.65
CA PRO P 76 -34.08 -20.32 -51.27
C PRO P 76 -33.33 -19.08 -50.77
N GLU P 77 -32.58 -19.19 -49.67
CA GLU P 77 -31.86 -18.03 -49.16
C GLU P 77 -30.46 -17.91 -49.75
N ASP P 78 -29.86 -19.02 -50.18
CA ASP P 78 -28.44 -19.08 -50.49
C ASP P 78 -28.10 -18.51 -51.86
N ILE P 79 -29.01 -17.77 -52.48
CA ILE P 79 -28.74 -17.13 -53.78
C ILE P 79 -28.26 -15.71 -53.49
N ALA P 80 -26.97 -15.47 -53.69
CA ALA P 80 -26.34 -14.19 -53.47
C ALA P 80 -24.96 -14.24 -54.12
N THR P 81 -24.14 -13.22 -53.86
CA THR P 81 -22.80 -13.15 -54.44
C THR P 81 -21.78 -13.75 -53.49
N TYR P 82 -20.75 -14.38 -54.07
CA TYR P 82 -19.70 -15.03 -53.30
C TYR P 82 -18.35 -14.69 -53.90
N PHE P 83 -17.48 -14.09 -53.09
CA PHE P 83 -16.14 -13.73 -53.53
C PHE P 83 -15.13 -14.10 -52.46
N CYS P 84 -13.86 -14.16 -52.87
CA CYS P 84 -12.76 -14.52 -51.99
C CYS P 84 -11.78 -13.35 -51.90
N GLN P 85 -11.21 -13.15 -50.71
CA GLN P 85 -10.36 -12.00 -50.42
C GLN P 85 -9.06 -12.45 -49.79
N VAL P 86 -7.95 -11.88 -50.28
CA VAL P 86 -6.62 -12.16 -49.75
C VAL P 86 -6.06 -10.85 -49.22
N TYR P 87 -5.86 -10.78 -47.91
CA TYR P 87 -5.37 -9.58 -47.23
C TYR P 87 -6.25 -8.36 -47.45
N GLU P 88 -4.94 -6.95 -49.62
CA GLU P 88 -5.99 -5.95 -49.71
C GLU P 88 -6.76 -6.15 -51.00
N PHE P 89 -6.57 -7.31 -51.61
CA PHE P 89 -7.13 -7.60 -52.92
C PHE P 89 -8.37 -8.47 -52.80
N VAL P 90 -9.37 -8.17 -53.62
CA VAL P 90 -10.58 -8.95 -53.74
C VAL P 90 -10.82 -9.25 -55.21
N VAL P 91 -11.90 -9.95 -55.50
CA VAL P 91 -12.28 -10.25 -56.89
C VAL P 91 -13.77 -10.01 -57.05
N PRO P 92 -14.24 -9.68 -58.26
CA PRO P 92 -15.69 -9.63 -58.49
C PRO P 92 -16.27 -11.03 -58.39
N GLY P 93 -17.17 -11.22 -57.44
CA GLY P 93 -17.65 -12.55 -57.11
C GLY P 93 -18.51 -13.20 -58.17
N THR P 94 -19.22 -14.25 -57.78
CA THR P 94 -20.11 -14.99 -58.67
C THR P 94 -21.54 -14.89 -58.17
N ARG P 95 -22.48 -15.20 -59.04
CA ARG P 95 -23.90 -15.09 -58.73
C ARG P 95 -24.59 -16.44 -58.85
N LEU P 96 -25.72 -16.56 -58.16
CA LEU P 96 -26.56 -17.74 -58.22
C LEU P 96 -27.93 -17.37 -58.77
N ASP P 97 -28.60 -18.35 -59.37
CA ASP P 97 -29.96 -18.17 -59.85
C ASP P 97 -30.58 -19.54 -60.07
N LEU P 98 -31.75 -19.77 -59.46
CA LEU P 98 -32.45 -21.04 -59.58
C LEU P 98 -33.07 -21.21 -60.97
N ASP Q 1 -40.13 -26.01 28.06
CA ASP Q 1 -40.59 -25.11 29.12
C ASP Q 1 -39.52 -24.95 30.19
N ILE Q 2 -39.86 -24.26 31.27
CA ILE Q 2 -38.93 -23.96 32.35
C ILE Q 2 -39.66 -24.09 33.68
N GLN Q 3 -39.08 -24.83 34.62
CA GLN Q 3 -39.60 -24.94 35.97
C GLN Q 3 -38.59 -24.38 36.95
N MET Q 4 -39.08 -23.75 38.01
CA MET Q 4 -38.19 -23.13 38.98
C MET Q 4 -38.93 -22.89 40.28
N THR Q 5 -38.36 -23.38 41.37
CA THR Q 5 -38.92 -23.20 42.69
C THR Q 5 -37.79 -23.19 43.72
N GLN Q 6 -37.85 -22.25 44.65
CA GLN Q 6 -36.82 -22.19 45.68
C GLN Q 6 -37.47 -22.48 47.01
N SER Q 7 -36.71 -23.00 47.96
CA SER Q 7 -37.27 -23.42 49.26
C SER Q 7 -37.47 -23.10 50.74
N PRO Q 8 -36.65 -22.20 51.28
CA PRO Q 8 -36.94 -21.35 52.44
C PRO Q 8 -37.41 -19.96 52.07
N SER Q 9 -38.66 -19.66 52.35
CA SER Q 9 -39.20 -18.36 52.04
C SER Q 9 -38.25 -17.40 52.68
N SER Q 10 -37.98 -17.68 53.95
CA SER Q 10 -37.05 -16.86 54.70
C SER Q 10 -36.67 -17.53 56.00
N LEU Q 11 -35.38 -17.79 56.14
CA LEU Q 11 -34.87 -18.40 57.34
C LEU Q 11 -34.40 -17.28 58.26
N SER Q 12 -34.15 -17.62 59.52
CA SER Q 12 -33.76 -16.60 60.49
C SER Q 12 -32.57 -17.06 61.31
N ALA Q 13 -31.54 -17.58 60.64
CA ALA Q 13 -30.31 -17.92 61.34
C ALA Q 13 -29.60 -16.66 61.81
N SER Q 14 -28.69 -16.84 62.77
CA SER Q 14 -27.95 -15.74 63.38
C SER Q 14 -26.48 -15.78 62.97
N VAL Q 15 -25.69 -14.92 63.60
CA VAL Q 15 -24.29 -14.71 63.23
C VAL Q 15 -23.49 -16.00 63.47
N GLY Q 16 -22.45 -16.20 62.66
CA GLY Q 16 -21.52 -17.30 62.87
C GLY Q 16 -21.80 -18.57 62.09
N ASP Q 17 -22.96 -19.17 62.30
CA ASP Q 17 -23.25 -20.47 61.72
C ASP Q 17 -23.45 -20.35 60.21
N THR Q 18 -23.70 -21.49 59.57
CA THR Q 18 -23.85 -21.57 58.13
C THR Q 18 -25.22 -22.14 57.79
N VAL Q 19 -25.75 -21.74 56.63
CA VAL Q 19 -27.05 -22.18 56.15
C VAL Q 19 -26.96 -22.43 54.65
N THR Q 20 -27.99 -23.08 54.12
CA THR Q 20 -28.06 -23.42 52.70
C THR Q 20 -29.42 -23.05 52.15
N ILE Q 21 -29.45 -22.66 50.88
CA ILE Q 21 -30.68 -22.38 50.15
C ILE Q 21 -30.67 -23.24 48.88
N THR Q 22 -31.80 -23.87 48.59
CA THR Q 22 -31.91 -24.81 47.49
C THR Q 22 -32.93 -24.32 46.47
N CYS Q 23 -32.53 -24.25 45.21
CA CYS Q 23 -33.43 -23.98 44.10
C CYS Q 23 -33.54 -25.22 43.24
N GLN Q 24 -34.76 -25.59 42.86
CA GLN Q 24 -35.01 -26.62 41.87
C GLN Q 24 -35.29 -25.93 40.53
N ALA Q 25 -34.46 -26.22 39.54
CA ALA Q 25 -34.49 -25.44 38.30
C ALA Q 25 -34.12 -26.34 37.13
N ASN Q 26 -35.10 -26.59 36.25
CA ASN Q 26 -34.81 -27.24 34.99
C ASN Q 26 -33.94 -26.34 34.12
N GLY Q 27 -33.15 -26.96 33.26
CA GLY Q 27 -32.26 -26.22 32.39
C GLY Q 27 -31.19 -25.47 33.16
N TYR Q 28 -29.43 -23.14 32.56
CA TYR Q 28 -28.44 -22.62 33.48
C TYR Q 28 -29.11 -21.92 34.65
N LEU Q 29 -28.34 -21.51 35.65
CA LEU Q 29 -28.90 -20.94 36.86
C LEU Q 29 -27.89 -20.01 37.51
N ASN Q 30 -28.38 -18.89 38.04
CA ASN Q 30 -27.55 -17.90 38.70
C ASN Q 30 -28.16 -17.52 40.05
N TRP Q 31 -27.33 -16.91 40.90
CA TRP Q 31 -27.75 -16.44 42.21
C TRP Q 31 -27.39 -14.97 42.36
N TYR Q 32 -28.29 -14.20 42.96
CA TYR Q 32 -28.07 -12.77 43.16
C TYR Q 32 -28.37 -12.41 44.60
N GLN Q 33 -27.77 -11.30 45.04
CA GLN Q 33 -27.99 -10.76 46.38
C GLN Q 33 -28.38 -9.30 46.23
N GLN Q 34 -29.49 -8.91 46.87
CA GLN Q 34 -30.03 -7.57 46.71
C GLN Q 34 -30.44 -7.01 48.06
N ARG Q 35 -29.78 -5.93 48.48
CA ARG Q 35 -30.23 -5.20 49.65
C ARG Q 35 -31.46 -4.37 49.31
N ARG Q 36 -32.08 -3.82 50.35
CA ARG Q 36 -33.26 -3.00 50.15
C ARG Q 36 -32.91 -1.71 49.41
N GLY Q 37 -33.75 -1.36 48.43
CA GLY Q 37 -33.54 -0.14 47.67
C GLY Q 37 -32.24 -0.10 46.91
N LYS Q 38 -31.76 -1.24 46.42
CA LYS Q 38 -30.49 -1.30 45.70
C LYS Q 38 -30.64 -2.22 44.50
N ALA Q 39 -29.76 -2.01 43.53
CA ALA Q 39 -29.69 -2.91 42.40
C ALA Q 39 -29.00 -4.21 42.81
N PRO Q 40 -29.47 -5.35 42.32
CA PRO Q 40 -28.86 -6.63 42.71
C PRO Q 40 -27.41 -6.71 42.28
N LYS Q 41 -26.75 -7.78 42.72
CA LYS Q 41 -25.37 -8.03 42.32
C LYS Q 41 -25.16 -9.53 42.20
N LEU Q 42 -24.38 -9.93 41.21
CA LEU Q 42 -24.20 -11.33 40.87
C LEU Q 42 -23.19 -11.97 41.80
N LEU Q 43 -23.53 -13.15 42.32
CA LEU Q 43 -22.63 -13.94 43.15
C LEU Q 43 -22.10 -15.15 42.40
N ILE Q 44 -22.98 -15.99 41.89
CA ILE Q 44 -22.62 -17.30 41.34
C ILE Q 44 -23.38 -17.50 40.04
N TYR Q 45 -22.64 -17.72 38.96
CA TYR Q 45 -23.25 -17.96 37.65
C TYR Q 45 -22.93 -19.37 37.19
N ASP Q 46 -23.82 -19.92 36.38
CA ASP Q 46 -23.79 -21.30 35.90
C ASP Q 46 -23.95 -22.32 37.02
N GLY Q 47 -24.28 -21.86 38.23
CA GLY Q 47 -24.54 -22.74 39.34
C GLY Q 47 -23.31 -23.13 40.15
N SER Q 48 -22.12 -22.98 39.59
CA SER Q 48 -20.93 -23.41 40.32
C SER Q 48 -19.87 -22.32 40.43
N LYS Q 49 -19.68 -21.51 39.39
CA LYS Q 49 -18.63 -20.52 39.43
C LYS Q 49 -19.01 -19.36 40.34
N LEU Q 50 -18.06 -18.46 40.56
CA LEU Q 50 -18.31 -17.28 41.38
C LEU Q 50 -17.60 -16.08 40.75
N GLU Q 51 -18.23 -14.93 40.84
CA GLU Q 51 -17.74 -13.75 40.15
C GLU Q 51 -16.53 -13.16 40.85
N ARG Q 52 -15.55 -12.72 40.06
CA ARG Q 52 -14.33 -12.13 40.58
C ARG Q 52 -14.64 -10.90 41.42
N GLY Q 53 -14.34 -10.96 42.71
CA GLY Q 53 -14.56 -9.82 43.59
C GLY Q 53 -15.59 -10.07 44.66
N VAL Q 54 -15.81 -11.35 45.00
CA VAL Q 54 -16.77 -11.71 46.03
C VAL Q 54 -16.04 -12.50 47.11
N PRO Q 55 -16.35 -12.29 48.38
CA PRO Q 55 -15.78 -13.14 49.43
C PRO Q 55 -16.10 -14.60 49.19
N SER Q 56 -15.13 -15.46 49.50
CA SER Q 56 -15.28 -16.90 49.25
C SER Q 56 -16.21 -17.58 50.23
N ARG Q 57 -16.88 -16.83 51.09
CA ARG Q 57 -17.87 -17.42 51.98
C ARG Q 57 -19.00 -18.07 51.20
N PHE Q 58 -19.33 -17.52 50.04
CA PHE Q 58 -20.39 -18.06 49.19
C PHE Q 58 -19.83 -19.09 48.23
N SER Q 59 -20.56 -20.19 48.07
CA SER Q 59 -20.20 -21.22 47.10
C SER Q 59 -21.38 -22.14 46.91
N GLY Q 60 -21.56 -22.63 45.70
CA GLY Q 60 -22.69 -23.46 45.37
C GLY Q 60 -22.29 -24.69 44.59
N ARG Q 61 -23.15 -25.71 44.65
CA ARG Q 61 -22.92 -26.96 43.97
C ARG Q 61 -24.24 -27.50 43.44
N ARG Q 62 -24.15 -28.35 42.42
CA ARG Q 62 -25.32 -28.85 41.72
C ARG Q 62 -25.31 -30.37 41.70
N TRP Q 63 -26.50 -30.95 41.66
CA TRP Q 63 -26.65 -32.39 41.54
C TRP Q 63 -28.03 -32.68 40.97
N GLY Q 64 -28.09 -33.36 39.84
CA GLY Q 64 -29.36 -33.63 39.20
C GLY Q 64 -30.00 -32.33 38.74
N GLN Q 65 -31.21 -32.06 39.23
CA GLN Q 65 -31.93 -30.83 38.91
C GLN Q 65 -32.16 -29.98 40.15
N GLU Q 66 -31.31 -30.14 41.16
CA GLU Q 66 -31.38 -29.34 42.38
C GLU Q 66 -30.06 -28.63 42.58
N TYR Q 67 -30.12 -27.32 42.81
CA TYR Q 67 -28.96 -26.51 43.05
C TYR Q 67 -28.96 -26.02 44.49
N ASN Q 68 -27.77 -25.77 45.02
CA ASN Q 68 -27.60 -25.41 46.42
C ASN Q 68 -26.76 -24.15 46.53
N LEU Q 69 -27.25 -23.17 47.29
CA LEU Q 69 -26.45 -22.01 47.66
C LEU Q 69 -26.24 -22.04 49.17
N THR Q 70 -24.99 -21.90 49.60
CA THR Q 70 -24.67 -21.92 51.02
C THR Q 70 -23.54 -20.95 51.30
N ILE Q 71 -23.63 -20.29 52.45
CA ILE Q 71 -22.69 -19.25 52.86
C ILE Q 71 -22.08 -19.65 54.21
N ASN Q 72 -20.76 -19.62 54.29
CA ASN Q 72 -20.04 -19.98 55.51
C ASN Q 72 -19.57 -18.73 56.24
N ASN Q 73 -19.54 -18.82 57.57
CA ASN Q 73 -19.06 -17.73 58.43
C ASN Q 73 -19.85 -16.45 58.19
N LEU Q 74 -21.13 -16.51 58.55
CA LEU Q 74 -22.04 -15.38 58.41
C LEU Q 74 -21.46 -14.11 59.02
N GLN Q 75 -21.88 -12.96 58.52
CA GLN Q 75 -21.33 -11.67 58.89
C GLN Q 75 -22.46 -10.70 59.20
N PRO Q 76 -22.16 -9.58 59.87
CA PRO Q 76 -23.23 -8.63 60.22
C PRO Q 76 -23.86 -7.93 59.03
N GLU Q 77 -23.28 -8.04 57.84
CA GLU Q 77 -23.81 -7.35 56.66
C GLU Q 77 -24.35 -8.30 55.61
N ASP Q 78 -24.23 -9.61 55.81
CA ASP Q 78 -24.68 -10.59 54.82
C ASP Q 78 -26.16 -10.89 54.95
N ILE Q 79 -26.92 -10.01 55.58
CA ILE Q 79 -28.38 -10.14 55.65
C ILE Q 79 -28.96 -9.32 54.50
N ALA Q 80 -29.61 -10.00 53.57
CA ALA Q 80 -30.21 -9.39 52.38
C ALA Q 80 -31.10 -10.45 51.72
N THR Q 81 -31.57 -10.16 50.52
CA THR Q 81 -32.43 -11.07 49.77
C THR Q 81 -31.60 -11.89 48.80
N TYR Q 82 -32.02 -13.15 48.61
CA TYR Q 82 -31.31 -14.08 47.74
C TYR Q 82 -32.32 -14.81 46.87
N PHE Q 83 -32.15 -14.71 45.55
CA PHE Q 83 -33.04 -15.38 44.61
C PHE Q 83 -32.22 -15.99 43.47
N CYS Q 84 -32.85 -16.91 42.76
CA CYS Q 84 -32.22 -17.63 41.65
C CYS Q 84 -33.02 -17.39 40.38
N GLN Q 85 -32.32 -17.18 39.27
CA GLN Q 85 -32.96 -16.88 37.99
C GLN Q 85 -32.49 -17.83 36.90
N VAL Q 86 -33.38 -18.13 35.97
CA VAL Q 86 -33.09 -18.99 34.83
C VAL Q 86 -33.44 -18.19 33.58
N TYR Q 87 -32.43 -17.80 32.82
CA TYR Q 87 -32.57 -16.93 31.65
C TYR Q 87 -33.09 -15.55 32.01
N GLU Q 88 -35.95 -15.56 31.30
CA GLU Q 88 -36.78 -14.42 31.64
C GLU Q 88 -37.32 -14.57 33.04
N PHE Q 89 -37.21 -15.78 33.59
CA PHE Q 89 -37.90 -16.13 34.82
C PHE Q 89 -37.03 -15.95 36.05
N VAL Q 90 -37.62 -15.37 37.09
CA VAL Q 90 -37.01 -15.24 38.40
C VAL Q 90 -37.99 -15.77 39.43
N VAL Q 91 -37.61 -15.69 40.70
CA VAL Q 91 -38.50 -16.09 41.80
C VAL Q 91 -38.42 -15.06 42.91
N PRO Q 92 -39.52 -14.92 43.65
CA PRO Q 92 -39.46 -14.07 44.85
C PRO Q 92 -38.48 -14.67 45.85
N GLY Q 93 -37.42 -13.92 46.13
CA GLY Q 93 -36.32 -14.44 46.91
C GLY Q 93 -36.68 -14.74 48.34
N THR Q 94 -35.64 -15.06 49.11
CA THR Q 94 -35.77 -15.36 50.52
C THR Q 94 -35.10 -14.27 51.36
N ARG Q 95 -35.53 -14.17 52.61
CA ARG Q 95 -35.01 -13.19 53.55
C ARG Q 95 -34.42 -13.89 54.74
N LEU Q 96 -33.20 -13.52 55.12
CA LEU Q 96 -32.56 -14.04 56.31
C LEU Q 96 -32.28 -12.90 57.27
N ASP Q 97 -32.36 -13.20 58.57
CA ASP Q 97 -32.17 -12.20 59.60
C ASP Q 97 -31.76 -12.89 60.90
N LEU Q 98 -30.91 -12.22 61.66
CA LEU Q 98 -30.44 -12.73 62.94
C LEU Q 98 -31.58 -12.83 63.96
N ASP R 1 46.07 13.38 27.91
CA ASP R 1 47.02 14.32 27.32
C ASP R 1 47.53 13.80 25.99
N ILE R 2 48.00 14.72 25.14
CA ILE R 2 48.68 14.37 23.90
C ILE R 2 49.90 15.28 23.77
N GLN R 3 50.91 14.81 23.05
CA GLN R 3 52.12 15.58 22.81
C GLN R 3 52.37 15.69 21.31
N MET R 4 53.10 16.72 20.91
CA MET R 4 53.38 16.91 19.49
C MET R 4 54.53 17.90 19.33
N THR R 5 55.55 17.47 18.58
CA THR R 5 56.70 18.32 18.22
C THR R 5 57.13 17.97 16.81
N GLN R 6 57.89 18.88 16.20
CA GLN R 6 58.52 18.60 14.91
C GLN R 6 59.87 19.29 14.85
N SER R 7 60.88 18.56 14.38
CA SER R 7 62.27 19.00 14.46
C SER R 7 62.64 20.08 13.45
N PRO R 8 62.53 19.83 12.13
CA PRO R 8 63.16 20.74 11.17
C PRO R 8 62.42 22.05 11.03
N SER R 9 62.70 23.00 11.93
CA SER R 9 62.03 24.30 11.89
C SER R 9 62.05 24.92 10.50
N SER R 10 63.18 24.80 9.80
CA SER R 10 63.27 25.29 8.43
C SER R 10 64.50 24.67 7.77
N LEU R 11 64.30 24.09 6.59
CA LEU R 11 65.41 23.58 5.79
C LEU R 11 65.41 24.31 4.44
N SER R 12 66.53 24.17 3.73
CA SER R 12 66.78 24.99 2.55
C SER R 12 67.30 24.14 1.39
N ALA R 13 66.62 23.04 1.09
CA ALA R 13 67.00 22.21 -0.04
C ALA R 13 66.68 22.91 -1.35
N SER R 14 67.23 22.37 -2.44
CA SER R 14 67.06 22.90 -3.79
C SER R 14 66.41 21.84 -4.67
N VAL R 15 66.28 22.18 -5.96
CA VAL R 15 65.50 21.36 -6.89
C VAL R 15 66.16 20.00 -7.06
N GLY R 16 65.33 18.97 -7.17
CA GLY R 16 65.75 17.62 -7.44
C GLY R 16 66.02 16.78 -6.21
N ASP R 17 66.38 17.43 -5.09
CA ASP R 17 66.73 16.70 -3.89
C ASP R 17 65.50 16.04 -3.28
N THR R 18 65.74 15.20 -2.27
CA THR R 18 64.68 14.58 -1.48
C THR R 18 64.96 14.84 0.00
N VAL R 19 63.94 15.29 0.72
CA VAL R 19 64.10 15.68 2.12
C VAL R 19 63.06 14.95 2.97
N THR R 20 63.31 14.95 4.28
CA THR R 20 62.41 14.33 5.24
C THR R 20 62.07 15.34 6.33
N ILE R 21 60.83 15.28 6.80
CA ILE R 21 60.38 16.05 7.96
C ILE R 21 59.78 15.08 8.96
N THR R 22 60.28 15.10 10.19
CA THR R 22 59.85 14.16 11.22
C THR R 22 58.99 14.89 12.25
N CYS R 23 57.88 14.27 12.62
CA CYS R 23 56.98 14.79 13.64
C CYS R 23 56.77 13.71 14.69
N GLN R 24 56.99 14.06 15.95
CA GLN R 24 56.77 13.15 17.07
C GLN R 24 55.44 13.49 17.72
N ALA R 25 54.54 12.51 17.77
CA ALA R 25 53.20 12.76 18.29
C ALA R 25 52.55 11.44 18.67
N ASN R 26 52.15 11.31 19.93
CA ASN R 26 51.41 10.13 20.35
C ASN R 26 49.96 10.26 19.89
N GLY R 27 49.15 9.27 20.23
CA GLY R 27 47.78 9.24 19.80
C GLY R 27 47.65 9.13 18.30
N TYR R 28 45.90 9.81 16.05
CA TYR R 28 46.17 9.83 14.62
C TYR R 28 46.94 11.09 14.25
N LEU R 29 47.33 11.20 12.99
CA LEU R 29 48.18 12.31 12.56
C LEU R 29 47.96 12.56 11.08
N ASN R 30 47.98 13.85 10.71
CA ASN R 30 47.78 14.26 9.33
C ASN R 30 48.83 15.29 8.95
N TRP R 31 49.03 15.45 7.64
CA TRP R 31 49.97 16.40 7.09
C TRP R 31 49.25 17.34 6.12
N TYR R 32 49.60 18.62 6.16
CA TYR R 32 48.98 19.62 5.31
C TYR R 32 50.05 20.48 4.66
N GLN R 33 49.71 21.03 3.51
CA GLN R 33 50.56 21.98 2.79
C GLN R 33 49.78 23.26 2.55
N GLN R 34 50.41 24.39 2.81
CA GLN R 34 49.72 25.68 2.74
C GLN R 34 50.64 26.72 2.13
N ARG R 35 50.29 27.21 0.94
CA ARG R 35 50.96 28.37 0.38
C ARG R 35 50.56 29.62 1.15
N ARG R 36 51.32 30.69 0.94
CA ARG R 36 51.05 31.94 1.63
C ARG R 36 49.74 32.54 1.16
N GLY R 37 48.93 32.99 2.12
CA GLY R 37 47.65 33.60 1.80
C GLY R 37 46.65 32.66 1.17
N LYS R 38 46.72 31.37 1.48
CA LYS R 38 45.82 30.39 0.91
C LYS R 38 45.32 29.45 2.00
N ALA R 39 44.20 28.80 1.71
CA ALA R 39 43.70 27.77 2.60
C ALA R 39 44.54 26.50 2.45
N PRO R 40 44.84 25.81 3.54
CA PRO R 40 45.67 24.60 3.45
C PRO R 40 45.00 23.52 2.61
N LYS R 41 45.74 22.45 2.37
CA LYS R 41 45.21 21.31 1.65
C LYS R 41 45.82 20.04 2.21
N LEU R 42 45.01 18.98 2.26
CA LEU R 42 45.42 17.74 2.89
C LEU R 42 46.27 16.91 1.94
N LEU R 43 47.39 16.39 2.44
CA LEU R 43 48.25 15.50 1.68
C LEU R 43 48.13 14.06 2.15
N ILE R 44 48.37 13.80 3.43
CA ILE R 44 48.48 12.46 3.97
C ILE R 44 47.72 12.40 5.28
N TYR R 45 46.74 11.52 5.37
CA TYR R 45 45.95 11.34 6.57
C TYR R 45 46.22 9.97 7.19
N ASP R 46 46.06 9.89 8.51
CA ASP R 46 46.36 8.73 9.32
C ASP R 46 47.83 8.38 9.32
N GLY R 47 48.68 9.27 8.83
CA GLY R 47 50.12 9.07 8.86
C GLY R 47 50.69 8.26 7.72
N SER R 48 49.87 7.47 7.03
CA SER R 48 50.38 6.60 5.99
C SER R 48 49.60 6.74 4.69
N LYS R 49 48.30 7.04 4.79
CA LYS R 49 47.46 7.04 3.61
C LYS R 49 47.76 8.26 2.74
N LEU R 50 47.16 8.26 1.55
CA LEU R 50 47.44 9.28 0.55
C LEU R 50 46.13 9.79 -0.02
N GLU R 51 45.99 11.12 -0.05
CA GLU R 51 44.78 11.72 -0.57
C GLU R 51 44.65 11.46 -2.06
N ARG R 52 43.40 11.31 -2.52
CA ARG R 52 43.14 11.05 -3.92
C ARG R 52 43.30 12.34 -4.72
N GLY R 53 44.39 12.44 -5.47
CA GLY R 53 44.59 13.61 -6.31
C GLY R 53 45.85 14.40 -6.02
N VAL R 54 46.86 13.74 -5.45
CA VAL R 54 48.12 14.40 -5.15
C VAL R 54 49.24 13.63 -5.84
N PRO R 55 50.25 14.32 -6.39
CA PRO R 55 51.40 13.60 -6.96
C PRO R 55 52.01 12.63 -5.96
N SER R 56 52.49 11.50 -6.47
CA SER R 56 53.00 10.43 -5.63
C SER R 56 54.39 10.71 -5.07
N ARG R 57 54.88 11.95 -5.20
CA ARG R 57 56.17 12.29 -4.62
C ARG R 57 56.13 12.23 -3.09
N PHE R 58 54.95 12.40 -2.50
CA PHE R 58 54.81 12.41 -1.05
C PHE R 58 54.43 11.03 -0.54
N SER R 59 54.99 10.66 0.61
CA SER R 59 54.65 9.42 1.28
C SER R 59 55.13 9.50 2.71
N GLY R 60 54.43 8.81 3.60
CA GLY R 60 54.72 8.88 5.01
C GLY R 60 54.95 7.51 5.61
N ARG R 61 55.73 7.48 6.69
CA ARG R 61 56.08 6.25 7.38
C ARG R 61 55.94 6.47 8.88
N ARG R 62 55.55 5.41 9.58
CA ARG R 62 55.38 5.46 11.02
C ARG R 62 56.23 4.38 11.69
N TRP R 63 56.75 4.71 12.87
CA TRP R 63 57.45 3.73 13.69
C TRP R 63 57.42 4.22 15.13
N GLY R 64 56.84 3.42 16.01
CA GLY R 64 56.73 3.83 17.40
C GLY R 64 55.83 5.04 17.53
N GLN R 65 56.39 6.15 18.01
CA GLN R 65 55.68 7.41 18.14
C GLN R 65 56.34 8.51 17.33
N GLU R 66 56.96 8.14 16.21
CA GLU R 66 57.61 9.11 15.33
C GLU R 66 57.08 8.91 13.92
N TYR R 67 56.64 9.99 13.29
CA TYR R 67 56.13 9.96 11.94
C TYR R 67 57.07 10.73 11.02
N ASN R 68 57.10 10.34 9.76
CA ASN R 68 58.02 10.93 8.79
C ASN R 68 57.25 11.36 7.55
N LEU R 69 57.46 12.60 7.12
CA LEU R 69 57.02 13.06 5.83
C LEU R 69 58.23 13.28 4.95
N THR R 70 58.16 12.78 3.72
CA THR R 70 59.28 12.89 2.79
C THR R 70 58.75 13.04 1.37
N ILE R 71 59.41 13.90 0.60
CA ILE R 71 59.03 14.20 -0.77
C ILE R 71 60.26 14.06 -1.65
N ASN R 72 60.15 13.21 -2.68
CA ASN R 72 61.24 12.99 -3.61
C ASN R 72 60.96 13.70 -4.92
N ASN R 73 62.04 14.02 -5.65
CA ASN R 73 61.96 14.75 -6.91
C ASN R 73 61.26 16.10 -6.73
N LEU R 74 61.94 16.97 -5.96
CA LEU R 74 61.44 18.31 -5.68
C LEU R 74 61.10 19.06 -6.96
N GLN R 75 60.21 20.03 -6.87
CA GLN R 75 59.70 20.76 -8.02
C GLN R 75 59.72 22.25 -7.73
N PRO R 76 59.60 23.08 -8.77
CA PRO R 76 59.65 24.54 -8.54
C PRO R 76 58.46 25.07 -7.75
N GLU R 77 57.37 24.32 -7.62
CA GLU R 77 56.19 24.79 -6.93
C GLU R 77 55.97 24.11 -5.58
N ASP R 78 56.79 23.14 -5.21
CA ASP R 78 56.62 22.41 -3.97
C ASP R 78 57.24 23.13 -2.78
N ILE R 79 57.45 24.44 -2.89
CA ILE R 79 57.95 25.26 -1.79
C ILE R 79 56.73 25.91 -1.13
N ALA R 80 56.46 25.52 0.10
CA ALA R 80 55.34 26.02 0.89
C ALA R 80 55.56 25.57 2.34
N THR R 81 54.55 25.74 3.17
CA THR R 81 54.64 25.36 4.58
C THR R 81 54.06 23.97 4.78
N TYR R 82 54.62 23.25 5.76
CA TYR R 82 54.21 21.89 6.07
C TYR R 82 54.14 21.71 7.57
N PHE R 83 52.99 21.25 8.07
CA PHE R 83 52.82 21.05 9.50
C PHE R 83 51.98 19.81 9.76
N CYS R 84 52.12 19.28 10.98
CA CYS R 84 51.35 18.14 11.44
C CYS R 84 50.07 18.61 12.12
N GLN R 85 49.20 17.67 12.46
CA GLN R 85 47.95 18.00 13.13
C GLN R 85 47.41 16.76 13.81
N VAL R 86 47.24 16.81 15.13
CA VAL R 86 46.66 15.73 15.91
C VAL R 86 45.31 16.21 16.40
N TYR R 87 44.25 15.57 15.94
CA TYR R 87 42.88 16.00 16.23
C TYR R 87 42.70 17.46 15.86
N GLU R 88 42.70 19.13 18.32
CA GLU R 88 42.57 20.57 18.17
C GLU R 88 43.94 21.20 18.14
N PHE R 89 44.97 20.36 18.18
CA PHE R 89 46.35 20.82 18.31
C PHE R 89 47.07 20.75 16.97
N VAL R 90 47.76 21.83 16.63
CA VAL R 90 48.62 21.89 15.47
C VAL R 90 49.98 22.41 15.92
N VAL R 91 50.89 22.59 14.97
CA VAL R 91 52.21 23.14 15.27
C VAL R 91 52.55 24.18 14.21
N PRO R 92 53.37 25.19 14.54
CA PRO R 92 53.86 26.10 13.51
C PRO R 92 54.74 25.34 12.53
N GLY R 93 54.36 25.38 11.27
CA GLY R 93 54.98 24.53 10.26
C GLY R 93 56.43 24.88 9.99
N THR R 94 56.94 24.27 8.93
CA THR R 94 58.31 24.46 8.48
C THR R 94 58.32 25.14 7.12
N ARG R 95 59.39 25.88 6.86
CA ARG R 95 59.55 26.64 5.62
C ARG R 95 60.76 26.12 4.88
N LEU R 96 60.55 25.67 3.64
CA LEU R 96 61.64 25.26 2.77
C LEU R 96 61.77 26.24 1.62
N ASP R 97 63.01 26.42 1.14
CA ASP R 97 63.29 27.36 0.06
C ASP R 97 64.61 26.97 -0.60
N LEU R 98 64.70 27.25 -1.89
CA LEU R 98 65.90 26.94 -2.67
C LEU R 98 67.13 27.65 -2.11
#